data_6YTX
#
_entry.id   6YTX
#
_cell.length_a   1.00
_cell.length_b   1.00
_cell.length_c   1.00
_cell.angle_alpha   90.00
_cell.angle_beta   90.00
_cell.angle_gamma   90.00
#
_symmetry.space_group_name_H-M   'P 1'
#
_entity_poly.entity_id   1
_entity_poly.type   'polypeptide(L)'
_entity_poly.pdbx_seq_one_letter_code
;MEKFRAVLDLHVKHHSALGYGLVTLLTAGGERIFSAVAFQCPCSAAWNLPYGLVFLLVPALALFLLGYVLSARTWRLLTG
CCSSARASCGSALRGSLVCTQISAAAALAPLTWVAVALLGGAFYECAATGSAAFAQRLCLGRNRSCAAELPLVPCNQAKA
SDVQDLLKDLKAQSQVLGWILIAVVIIILLIFTSVTRCLSPVSFLQLKFWKIYLEQEQQILKSKATEHATELAKENIKCF
FEGSHPKEYNTPSMKEWQQISSLYTFNPKGQYYSMLHKYVNRKEKTHSIRSTEGDTVIPVLGFVDSSGINSTPEL
;
_entity_poly.pdbx_strand_id   A,B,C,D,E,F,G,H,I,J,K
#
# COMPACT_ATOMS: atom_id res chain seq x y z
N TYR A 20 2.21 -10.04 -18.91
CA TYR A 20 3.48 -9.42 -18.55
C TYR A 20 4.57 -9.77 -19.56
N GLY A 21 4.35 -10.86 -20.30
CA GLY A 21 5.34 -11.28 -21.28
C GLY A 21 5.54 -10.23 -22.36
N LEU A 22 4.44 -9.68 -22.88
CA LEU A 22 4.56 -8.65 -23.91
C LEU A 22 5.32 -7.44 -23.37
N VAL A 23 4.99 -7.02 -22.14
CA VAL A 23 5.64 -5.86 -21.53
C VAL A 23 7.14 -6.09 -21.39
N THR A 24 7.51 -7.26 -20.87
CA THR A 24 8.92 -7.56 -20.65
C THR A 24 9.66 -7.65 -21.97
N LEU A 25 9.06 -8.29 -22.97
CA LEU A 25 9.73 -8.40 -24.26
C LEU A 25 9.89 -7.03 -24.90
N LEU A 26 8.89 -6.16 -24.77
CA LEU A 26 8.99 -4.83 -25.34
C LEU A 26 10.06 -3.99 -24.65
N THR A 27 10.14 -4.03 -23.32
CA THR A 27 11.19 -3.26 -22.66
C THR A 27 12.58 -3.80 -22.99
N ALA A 28 12.72 -5.12 -23.06
CA ALA A 28 14.01 -5.70 -23.43
C ALA A 28 14.40 -5.30 -24.84
N GLY A 29 13.43 -5.35 -25.76
CA GLY A 29 13.71 -4.96 -27.13
C GLY A 29 14.08 -3.50 -27.25
N GLY A 30 13.37 -2.64 -26.52
CA GLY A 30 13.68 -1.22 -26.56
C GLY A 30 15.07 -0.94 -26.02
N GLU A 31 15.43 -1.56 -24.91
CA GLU A 31 16.76 -1.35 -24.34
C GLU A 31 17.84 -1.82 -25.31
N ARG A 32 17.64 -3.00 -25.90
CA ARG A 32 18.60 -3.51 -26.89
C ARG A 32 18.70 -2.56 -28.07
N ILE A 33 17.55 -2.09 -28.57
CA ILE A 33 17.51 -1.21 -29.73
C ILE A 33 18.30 0.06 -29.45
N PHE A 34 18.07 0.66 -28.28
CA PHE A 34 18.69 1.95 -28.00
C PHE A 34 20.17 1.77 -27.71
N SER A 35 20.54 0.69 -27.01
CA SER A 35 21.94 0.42 -26.79
C SER A 35 22.65 0.18 -28.12
N ALA A 36 21.91 -0.31 -29.13
CA ALA A 36 22.49 -0.55 -30.44
C ALA A 36 22.57 0.71 -31.29
N VAL A 37 21.69 1.68 -31.08
CA VAL A 37 21.72 2.92 -31.86
C VAL A 37 22.70 3.88 -31.22
N ALA A 38 23.48 3.38 -30.27
CA ALA A 38 24.57 4.17 -29.71
C ALA A 38 25.42 4.78 -30.82
N PHE A 39 25.69 6.07 -30.70
CA PHE A 39 26.30 6.85 -31.77
C PHE A 39 27.72 7.20 -31.36
N GLN A 40 28.69 6.51 -31.93
CA GLN A 40 30.07 6.74 -31.54
C GLN A 40 30.78 7.80 -32.37
N CYS A 41 30.27 8.11 -33.56
CA CYS A 41 30.98 8.97 -34.51
C CYS A 41 32.41 8.52 -34.66
N PRO A 42 32.66 7.40 -35.34
CA PRO A 42 34.04 6.92 -35.49
C PRO A 42 34.93 7.96 -36.14
N CYS A 43 36.03 8.28 -35.47
CA CYS A 43 36.97 9.23 -36.03
C CYS A 43 37.79 8.53 -37.11
N SER A 44 37.50 8.83 -38.36
CA SER A 44 38.19 8.25 -39.50
C SER A 44 38.43 9.34 -40.52
N ALA A 45 39.55 9.22 -41.25
CA ALA A 45 39.96 10.28 -42.16
C ALA A 45 38.96 10.47 -43.29
N ALA A 46 38.44 9.38 -43.84
CA ALA A 46 37.58 9.47 -45.02
C ALA A 46 36.25 8.74 -44.87
N TRP A 47 36.15 7.75 -43.99
CA TRP A 47 34.92 6.99 -43.88
C TRP A 47 33.94 7.59 -42.88
N ASN A 48 34.24 8.77 -42.33
CA ASN A 48 33.42 9.37 -41.28
C ASN A 48 32.31 10.21 -41.89
N LEU A 49 32.62 10.93 -42.96
CA LEU A 49 31.68 11.81 -43.63
C LEU A 49 30.43 11.00 -43.95
N PRO A 50 30.52 9.86 -44.65
CA PRO A 50 29.29 9.10 -44.91
C PRO A 50 28.63 8.63 -43.63
N TYR A 51 29.40 8.38 -42.58
CA TYR A 51 28.81 7.98 -41.30
C TYR A 51 27.82 9.03 -40.83
N GLY A 52 28.23 10.29 -40.88
CA GLY A 52 27.31 11.35 -40.50
C GLY A 52 26.21 11.53 -41.53
N LEU A 53 26.56 11.38 -42.81
CA LEU A 53 25.61 11.68 -43.87
C LEU A 53 24.43 10.72 -43.86
N VAL A 54 24.68 9.45 -43.56
CA VAL A 54 23.57 8.49 -43.55
C VAL A 54 22.68 8.76 -42.34
N PHE A 55 23.28 9.03 -41.19
CA PHE A 55 22.52 9.34 -40.00
C PHE A 55 21.75 10.63 -40.14
N LEU A 56 22.16 11.48 -41.08
CA LEU A 56 21.37 12.65 -41.41
C LEU A 56 20.22 12.32 -42.34
N LEU A 57 20.54 11.74 -43.49
CA LEU A 57 19.57 11.65 -44.57
C LEU A 57 18.61 10.48 -44.43
N VAL A 58 19.13 9.30 -44.10
CA VAL A 58 18.33 8.09 -44.21
C VAL A 58 17.11 8.09 -43.30
N PRO A 59 17.21 8.38 -42.00
CA PRO A 59 15.96 8.46 -41.22
C PRO A 59 15.04 9.57 -41.67
N ALA A 60 15.61 10.69 -42.11
CA ALA A 60 14.80 11.76 -42.67
C ALA A 60 14.08 11.31 -43.92
N LEU A 61 14.82 10.67 -44.85
CA LEU A 61 14.19 10.14 -46.04
C LEU A 61 13.13 9.11 -45.70
N ALA A 62 13.37 8.33 -44.66
CA ALA A 62 12.40 7.31 -44.28
C ALA A 62 11.10 7.93 -43.85
N LEU A 63 11.17 8.92 -42.96
CA LEU A 63 9.94 9.55 -42.49
C LEU A 63 9.27 10.32 -43.61
N PHE A 64 10.07 10.90 -44.51
CA PHE A 64 9.51 11.57 -45.69
C PHE A 64 8.72 10.58 -46.53
N LEU A 65 9.28 9.40 -46.75
CA LEU A 65 8.60 8.39 -47.53
C LEU A 65 7.33 7.93 -46.84
N LEU A 66 7.39 7.72 -45.53
CA LEU A 66 6.19 7.28 -44.82
C LEU A 66 5.09 8.32 -44.93
N GLY A 67 5.45 9.60 -44.88
CA GLY A 67 4.46 10.64 -45.13
C GLY A 67 3.92 10.61 -46.54
N TYR A 68 4.82 10.48 -47.52
CA TYR A 68 4.44 10.37 -48.92
C TYR A 68 3.52 9.18 -49.18
N VAL A 69 3.56 8.18 -48.32
CA VAL A 69 2.73 6.99 -48.47
C VAL A 69 1.39 7.16 -47.78
N LEU A 70 1.40 7.66 -46.55
CA LEU A 70 0.27 7.49 -45.65
C LEU A 70 -0.98 8.24 -46.14
N SER A 71 -0.82 9.45 -46.68
CA SER A 71 -2.00 10.26 -46.97
C SER A 71 -2.83 9.63 -48.07
N ALA A 72 -4.13 9.46 -47.81
CA ALA A 72 -5.03 8.89 -48.81
C ALA A 72 -5.35 9.84 -49.94
N ARG A 73 -5.01 11.12 -49.84
CA ARG A 73 -5.36 12.04 -50.91
C ARG A 73 -4.56 11.75 -52.16
N THR A 74 -3.29 11.34 -51.98
CA THR A 74 -2.45 11.11 -53.15
C THR A 74 -2.82 9.78 -53.78
N TRP A 75 -3.15 8.80 -52.94
CA TRP A 75 -3.52 7.49 -53.42
C TRP A 75 -4.75 7.61 -54.30
N ARG A 76 -5.67 8.50 -53.91
CA ARG A 76 -6.88 8.77 -54.68
C ARG A 76 -6.53 9.17 -56.10
N LEU A 77 -5.45 9.95 -56.27
CA LEU A 77 -4.96 10.37 -57.57
C LEU A 77 -4.20 9.26 -58.28
N LEU A 78 -3.51 8.41 -57.52
CA LEU A 78 -2.56 7.50 -58.12
C LEU A 78 -3.23 6.31 -58.76
N THR A 79 -4.25 5.75 -58.11
CA THR A 79 -4.85 4.52 -58.60
C THR A 79 -5.53 4.74 -59.95
N GLY A 80 -5.71 3.63 -60.67
CA GLY A 80 -6.34 3.66 -61.98
C GLY A 80 -5.47 4.09 -63.15
N CYS A 81 -4.40 3.36 -63.43
CA CYS A 81 -3.57 3.61 -64.60
C CYS A 81 -3.05 5.05 -64.61
N CYS A 82 -2.52 5.47 -63.46
CA CYS A 82 -2.00 6.83 -63.23
C CYS A 82 -2.80 7.91 -63.96
N ARG A 94 -2.35 20.93 -64.52
CA ARG A 94 -3.15 20.94 -63.31
C ARG A 94 -2.54 20.03 -62.26
N GLY A 95 -1.89 18.97 -62.73
CA GLY A 95 -1.31 17.98 -61.83
C GLY A 95 -0.21 18.52 -60.94
N SER A 96 0.36 19.68 -61.30
CA SER A 96 1.44 20.26 -60.51
C SER A 96 0.94 20.73 -59.15
N LEU A 97 -0.20 21.44 -59.12
CA LEU A 97 -0.64 22.07 -57.88
C LEU A 97 -0.88 21.03 -56.79
N VAL A 98 -1.66 20.01 -57.12
CA VAL A 98 -1.95 18.95 -56.15
C VAL A 98 -0.66 18.23 -55.75
N CYS A 99 0.26 18.05 -56.70
CA CYS A 99 1.48 17.31 -56.40
C CYS A 99 2.37 18.07 -55.45
N THR A 100 2.54 19.38 -55.66
CA THR A 100 3.34 20.14 -54.72
C THR A 100 2.65 20.27 -53.37
N GLN A 101 1.31 20.34 -53.38
CA GLN A 101 0.57 20.39 -52.12
C GLN A 101 0.82 19.14 -51.30
N ILE A 102 0.64 17.96 -51.90
CA ILE A 102 0.82 16.73 -51.17
C ILE A 102 2.28 16.56 -50.77
N SER A 103 3.21 16.94 -51.65
CA SER A 103 4.63 16.77 -51.32
C SER A 103 5.01 17.62 -50.12
N ALA A 104 4.50 18.85 -50.03
CA ALA A 104 4.82 19.67 -48.88
C ALA A 104 4.13 19.15 -47.63
N ALA A 105 2.85 18.79 -47.74
CA ALA A 105 2.12 18.26 -46.61
C ALA A 105 2.75 16.98 -46.06
N ALA A 106 3.45 16.23 -46.90
CA ALA A 106 4.16 15.06 -46.41
C ALA A 106 5.59 15.37 -45.97
N ALA A 107 6.22 16.38 -46.57
CA ALA A 107 7.58 16.68 -46.18
C ALA A 107 7.64 17.48 -44.90
N LEU A 108 6.48 17.90 -44.40
CA LEU A 108 6.39 18.49 -43.08
C LEU A 108 7.20 17.74 -42.03
N ALA A 109 6.92 16.44 -41.87
CA ALA A 109 7.46 15.69 -40.74
C ALA A 109 8.96 15.39 -40.88
N PRO A 110 9.44 14.96 -42.05
CA PRO A 110 10.86 14.65 -42.16
C PRO A 110 11.73 15.84 -41.84
N LEU A 111 11.26 17.02 -42.23
CA LEU A 111 11.96 18.22 -41.85
C LEU A 111 11.99 18.39 -40.34
N THR A 112 10.92 17.97 -39.65
CA THR A 112 10.95 18.03 -38.19
C THR A 112 11.99 17.07 -37.62
N TRP A 113 12.06 15.86 -38.17
CA TRP A 113 13.08 14.92 -37.71
C TRP A 113 14.48 15.45 -37.95
N VAL A 114 14.75 15.94 -39.16
CA VAL A 114 16.10 16.39 -39.47
C VAL A 114 16.44 17.62 -38.66
N ALA A 115 15.43 18.44 -38.32
CA ALA A 115 15.68 19.60 -37.50
C ALA A 115 16.04 19.18 -36.08
N VAL A 116 15.27 18.25 -35.52
CA VAL A 116 15.57 17.75 -34.19
C VAL A 116 16.96 17.14 -34.16
N ALA A 117 17.30 16.37 -35.17
CA ALA A 117 18.62 15.72 -35.20
C ALA A 117 19.72 16.76 -35.30
N LEU A 118 19.60 17.69 -36.23
CA LEU A 118 20.59 18.75 -36.39
C LEU A 118 20.72 19.58 -35.13
N LEU A 119 19.62 19.75 -34.39
CA LEU A 119 19.72 20.41 -33.11
C LEU A 119 20.37 19.50 -32.08
N GLY A 120 20.35 18.19 -32.32
CA GLY A 120 21.11 17.29 -31.47
C GLY A 120 22.59 17.57 -31.54
N GLY A 121 23.07 18.05 -32.69
CA GLY A 121 24.43 18.47 -32.84
C GLY A 121 25.42 17.37 -33.17
N ALA A 122 25.18 16.15 -32.70
CA ALA A 122 26.13 15.06 -32.88
C ALA A 122 26.34 14.73 -34.35
N PHE A 123 25.25 14.67 -35.12
CA PHE A 123 25.35 14.23 -36.50
C PHE A 123 26.22 15.18 -37.31
N TYR A 124 25.87 16.47 -37.29
CA TYR A 124 26.65 17.44 -38.05
C TYR A 124 28.05 17.57 -37.49
N GLU A 125 28.18 17.51 -36.16
CA GLU A 125 29.51 17.47 -35.56
C GLU A 125 30.34 16.36 -36.19
N CYS A 126 29.69 15.24 -36.50
CA CYS A 126 30.41 14.17 -37.18
C CYS A 126 30.64 14.54 -38.64
N ALA A 127 29.74 15.36 -39.19
CA ALA A 127 29.85 15.81 -40.58
C ALA A 127 30.86 16.93 -40.74
N ALA A 128 31.56 17.29 -39.65
CA ALA A 128 32.55 18.36 -39.68
C ALA A 128 33.51 18.20 -40.84
N THR A 129 34.12 17.02 -40.95
CA THR A 129 35.14 16.76 -41.96
C THR A 129 34.61 17.03 -43.37
N GLY A 130 33.62 16.25 -43.79
CA GLY A 130 33.05 16.40 -45.12
C GLY A 130 34.12 16.39 -46.20
N SER A 131 33.89 17.16 -47.26
CA SER A 131 34.93 17.35 -48.25
C SER A 131 36.08 18.16 -47.67
N ALA A 132 37.27 17.96 -48.23
CA ALA A 132 38.45 18.67 -47.74
C ALA A 132 38.29 20.17 -47.87
N ALA A 133 37.48 20.64 -48.82
CA ALA A 133 37.28 22.07 -48.98
C ALA A 133 36.72 22.68 -47.70
N PHE A 134 35.80 21.95 -47.05
CA PHE A 134 35.22 22.44 -45.81
C PHE A 134 36.29 22.57 -44.73
N ALA A 135 37.21 21.62 -44.68
CA ALA A 135 38.22 21.63 -43.63
C ALA A 135 39.22 22.77 -43.88
N GLN A 136 39.75 22.84 -45.09
CA GLN A 136 40.75 23.85 -45.41
C GLN A 136 40.19 25.25 -45.22
N ARG A 137 38.93 25.47 -45.64
CA ARG A 137 38.31 26.77 -45.38
C ARG A 137 37.97 26.93 -43.92
N LEU A 138 37.79 25.83 -43.19
CA LEU A 138 37.22 25.89 -41.86
C LEU A 138 38.25 26.31 -40.81
N CYS A 139 39.29 25.52 -40.63
CA CYS A 139 40.18 25.75 -39.50
C CYS A 139 41.02 27.01 -39.71
N LEU A 140 41.30 27.69 -38.61
CA LEU A 140 42.03 28.95 -38.62
C LEU A 140 43.48 28.78 -39.06
N GLY A 141 43.96 27.56 -39.28
CA GLY A 141 45.33 27.36 -39.67
C GLY A 141 46.31 27.45 -38.53
N ARG A 142 45.83 27.32 -37.30
CA ARG A 142 46.71 27.47 -36.14
C ARG A 142 47.66 26.29 -36.02
N ASN A 143 47.11 25.07 -35.88
CA ASN A 143 47.98 23.92 -35.65
C ASN A 143 48.74 23.54 -36.91
N ARG A 144 48.29 24.02 -38.07
CA ARG A 144 48.82 23.73 -39.41
C ARG A 144 48.71 22.25 -39.71
N SER A 145 48.10 21.50 -38.79
CA SER A 145 47.91 20.06 -38.93
C SER A 145 46.43 19.68 -38.88
N CYS A 146 45.55 20.58 -39.36
CA CYS A 146 44.13 20.29 -39.25
C CYS A 146 43.82 19.05 -40.07
N ALA A 147 43.96 19.15 -41.38
CA ALA A 147 43.41 18.14 -42.28
C ALA A 147 43.98 16.75 -42.01
N ALA A 148 45.18 16.69 -41.43
CA ALA A 148 45.82 15.41 -41.17
C ALA A 148 44.98 14.55 -40.25
N GLU A 149 44.68 15.06 -39.06
CA GLU A 149 43.93 14.30 -38.07
C GLU A 149 42.86 15.17 -37.42
N LEU A 150 42.24 16.04 -38.22
CA LEU A 150 41.03 16.69 -37.75
C LEU A 150 39.94 15.70 -37.36
N PRO A 151 39.66 14.63 -38.13
CA PRO A 151 38.53 13.74 -37.78
C PRO A 151 38.53 13.28 -36.33
N LEU A 152 39.66 13.43 -35.65
CA LEU A 152 39.74 13.08 -34.24
C LEU A 152 39.06 14.09 -33.34
N VAL A 153 38.56 15.19 -33.88
CA VAL A 153 38.14 16.29 -33.02
C VAL A 153 36.84 15.98 -32.28
N PRO A 154 35.82 15.31 -32.87
CA PRO A 154 34.70 14.86 -32.03
C PRO A 154 35.04 13.59 -31.30
N CYS A 155 36.12 12.93 -31.71
CA CYS A 155 36.61 11.71 -31.12
C CYS A 155 37.36 11.98 -29.84
N ASN A 156 37.68 13.25 -29.57
CA ASN A 156 38.34 13.73 -28.36
C ASN A 156 39.76 13.20 -28.21
N GLN A 157 40.28 12.55 -29.24
CA GLN A 157 41.62 11.97 -29.18
C GLN A 157 42.69 12.97 -29.56
N ALA A 158 42.38 13.89 -30.46
CA ALA A 158 43.32 14.96 -30.78
C ALA A 158 43.46 15.89 -29.58
N LYS A 159 44.68 16.38 -29.37
CA LYS A 159 44.99 17.20 -28.21
C LYS A 159 45.42 18.62 -28.56
N ALA A 160 45.38 19.00 -29.83
CA ALA A 160 45.66 20.38 -30.18
C ALA A 160 44.57 21.30 -29.64
N SER A 161 44.99 22.38 -28.97
CA SER A 161 44.04 23.26 -28.31
C SER A 161 43.05 23.85 -29.33
N ASP A 162 43.54 24.14 -30.53
CA ASP A 162 42.71 24.82 -31.52
C ASP A 162 41.48 24.00 -31.85
N VAL A 163 41.68 22.71 -32.13
CA VAL A 163 40.57 21.87 -32.52
C VAL A 163 39.71 21.49 -31.31
N GLN A 164 40.32 21.38 -30.13
CA GLN A 164 39.51 21.10 -28.95
C GLN A 164 38.52 22.23 -28.70
N ASP A 165 38.86 23.46 -29.07
CA ASP A 165 37.87 24.53 -29.07
C ASP A 165 37.02 24.54 -30.33
N LEU A 166 37.54 24.01 -31.44
CA LEU A 166 36.82 24.07 -32.70
C LEU A 166 35.64 23.11 -32.73
N LEU A 167 35.76 21.98 -32.03
CA LEU A 167 34.64 21.05 -31.94
C LEU A 167 33.42 21.75 -31.35
N LYS A 168 33.65 22.62 -30.39
CA LYS A 168 32.55 23.35 -29.76
C LYS A 168 31.87 24.25 -30.78
N ASP A 169 32.67 24.99 -31.55
CA ASP A 169 32.12 25.85 -32.59
C ASP A 169 31.36 25.04 -33.63
N LEU A 170 31.83 23.83 -33.93
CA LEU A 170 31.11 22.99 -34.88
C LEU A 170 29.77 22.55 -34.31
N LYS A 171 29.76 22.17 -33.04
CA LYS A 171 28.51 21.87 -32.36
C LYS A 171 27.56 23.06 -32.46
N ALA A 172 28.12 24.26 -32.27
CA ALA A 172 27.34 25.48 -32.39
C ALA A 172 26.74 25.61 -33.77
N GLN A 173 27.58 25.44 -34.80
CA GLN A 173 27.08 25.56 -36.17
C GLN A 173 25.98 24.56 -36.43
N SER A 174 26.07 23.38 -35.82
CA SER A 174 25.04 22.37 -36.02
C SER A 174 23.74 22.85 -35.41
N GLN A 175 23.78 23.22 -34.13
CA GLN A 175 22.56 23.61 -33.45
C GLN A 175 21.95 24.85 -34.10
N VAL A 176 22.79 25.80 -34.49
CA VAL A 176 22.32 27.04 -35.10
C VAL A 176 21.65 26.74 -36.43
N LEU A 177 22.30 25.91 -37.25
CA LEU A 177 21.72 25.57 -38.53
C LEU A 177 20.38 24.88 -38.31
N GLY A 178 20.31 24.01 -37.30
CA GLY A 178 19.06 23.35 -36.99
C GLY A 178 17.96 24.35 -36.67
N TRP A 179 18.29 25.35 -35.84
CA TRP A 179 17.30 26.33 -35.47
C TRP A 179 16.89 27.17 -36.66
N ILE A 180 17.85 27.48 -37.53
CA ILE A 180 17.55 28.22 -38.75
C ILE A 180 16.61 27.41 -39.63
N LEU A 181 16.84 26.10 -39.70
CA LEU A 181 15.97 25.26 -40.50
C LEU A 181 14.57 25.19 -39.92
N ILE A 182 14.47 25.08 -38.59
CA ILE A 182 13.15 24.97 -37.99
C ILE A 182 12.42 26.30 -38.08
N ALA A 183 13.16 27.38 -38.28
CA ALA A 183 12.50 28.65 -38.57
C ALA A 183 12.05 28.71 -40.02
N VAL A 184 12.91 28.28 -40.94
CA VAL A 184 12.57 28.33 -42.34
C VAL A 184 11.36 27.45 -42.63
N VAL A 185 11.28 26.30 -41.96
CA VAL A 185 10.17 25.39 -42.21
C VAL A 185 8.86 25.98 -41.73
N ILE A 186 8.86 26.62 -40.55
CA ILE A 186 7.61 27.22 -40.08
C ILE A 186 7.23 28.39 -40.97
N ILE A 187 8.23 29.17 -41.42
CA ILE A 187 7.95 30.28 -42.33
C ILE A 187 7.28 29.75 -43.60
N ILE A 188 7.85 28.69 -44.17
CA ILE A 188 7.29 28.12 -45.39
C ILE A 188 5.88 27.61 -45.14
N LEU A 189 5.67 26.97 -43.99
CA LEU A 189 4.33 26.51 -43.66
C LEU A 189 3.35 27.67 -43.59
N LEU A 190 3.79 28.78 -42.97
CA LEU A 190 2.98 29.98 -42.90
C LEU A 190 2.58 30.42 -44.30
N ILE A 191 3.58 30.65 -45.16
CA ILE A 191 3.30 31.21 -46.48
C ILE A 191 2.40 30.27 -47.26
N PHE A 192 2.67 28.97 -47.19
CA PHE A 192 1.88 27.98 -47.89
C PHE A 192 0.43 28.02 -47.44
N THR A 193 0.19 27.86 -46.15
CA THR A 193 -1.18 27.80 -45.66
C THR A 193 -1.89 29.14 -45.83
N SER A 194 -1.16 30.24 -45.78
CA SER A 194 -1.79 31.55 -45.93
C SER A 194 -2.23 31.77 -47.36
N VAL A 195 -1.36 31.51 -48.32
CA VAL A 195 -1.74 31.66 -49.73
C VAL A 195 -2.87 30.70 -50.07
N THR A 196 -2.78 29.45 -49.61
CA THR A 196 -3.84 28.50 -49.87
C THR A 196 -5.14 28.95 -49.22
N ARG A 197 -5.04 29.66 -48.11
CA ARG A 197 -6.20 30.24 -47.45
C ARG A 197 -6.57 31.61 -48.00
N CYS A 198 -5.72 32.23 -48.80
CA CYS A 198 -6.00 33.59 -49.24
C CYS A 198 -6.79 33.65 -50.55
N LEU A 199 -6.41 32.85 -51.52
CA LEU A 199 -6.96 32.96 -52.86
C LEU A 199 -8.15 32.05 -53.13
N SER A 200 -8.57 31.27 -52.16
CA SER A 200 -9.72 30.40 -52.40
C SER A 200 -10.99 31.24 -52.54
N PRO A 201 -11.90 30.84 -53.42
CA PRO A 201 -13.13 31.62 -53.60
C PRO A 201 -14.10 31.50 -52.43
N VAL A 202 -14.21 30.32 -51.84
CA VAL A 202 -15.16 30.09 -50.77
C VAL A 202 -14.69 30.82 -49.51
N SER A 203 -15.63 31.19 -48.66
CA SER A 203 -15.30 31.84 -47.41
C SER A 203 -14.80 30.85 -46.37
N PHE A 204 -14.48 31.40 -45.20
CA PHE A 204 -13.95 30.59 -44.10
C PHE A 204 -15.05 29.78 -43.46
N LEU A 205 -16.04 30.46 -42.89
CA LEU A 205 -17.05 29.79 -42.10
C LEU A 205 -17.77 28.72 -42.90
N GLN A 206 -17.69 28.79 -44.22
CA GLN A 206 -18.20 27.70 -45.04
C GLN A 206 -17.15 26.63 -45.25
N LEU A 207 -15.87 26.99 -45.34
CA LEU A 207 -14.85 25.98 -45.52
C LEU A 207 -14.79 25.05 -44.31
N LYS A 208 -14.93 25.62 -43.11
CA LYS A 208 -14.94 24.79 -41.91
C LYS A 208 -16.09 23.80 -41.98
N PHE A 209 -17.27 24.30 -42.30
CA PHE A 209 -18.44 23.45 -42.42
C PHE A 209 -18.25 22.38 -43.49
N TRP A 210 -17.59 22.75 -44.59
CA TRP A 210 -17.33 21.78 -45.64
C TRP A 210 -16.43 20.65 -45.15
N LYS A 211 -15.39 21.01 -44.40
CA LYS A 211 -14.49 19.97 -43.88
C LYS A 211 -15.23 19.08 -42.88
N ILE A 212 -16.08 19.67 -42.05
CA ILE A 212 -16.93 18.88 -41.16
C ILE A 212 -17.78 17.94 -41.98
N TYR A 213 -18.31 18.45 -43.09
CA TYR A 213 -19.14 17.66 -44.00
C TYR A 213 -18.37 16.45 -44.51
N LEU A 214 -17.15 16.68 -45.00
CA LEU A 214 -16.38 15.59 -45.55
C LEU A 214 -16.05 14.56 -44.46
N GLU A 215 -15.75 15.04 -43.25
CA GLU A 215 -15.52 14.12 -42.14
C GLU A 215 -16.73 13.24 -41.87
N GLN A 216 -17.91 13.87 -41.75
CA GLN A 216 -19.12 13.12 -41.49
C GLN A 216 -19.39 12.15 -42.62
N GLU A 217 -19.13 12.57 -43.85
CA GLU A 217 -19.35 11.71 -45.00
C GLU A 217 -18.45 10.50 -44.93
N GLN A 218 -17.19 10.69 -44.55
CA GLN A 218 -16.27 9.57 -44.44
C GLN A 218 -16.73 8.58 -43.38
N GLN A 219 -17.14 9.09 -42.22
CA GLN A 219 -17.56 8.19 -41.15
C GLN A 219 -18.84 7.44 -41.52
N ILE A 220 -19.81 8.14 -42.10
CA ILE A 220 -21.05 7.52 -42.52
C ILE A 220 -20.77 6.46 -43.58
N LEU A 221 -19.90 6.80 -44.52
CA LEU A 221 -19.53 5.86 -45.57
C LEU A 221 -18.92 4.60 -44.98
N LYS A 222 -17.97 4.78 -44.07
CA LYS A 222 -17.38 3.63 -43.40
C LYS A 222 -18.45 2.74 -42.81
N SER A 223 -19.32 3.31 -41.98
CA SER A 223 -20.31 2.51 -41.28
C SER A 223 -21.27 1.81 -42.23
N LYS A 224 -21.88 2.58 -43.14
CA LYS A 224 -22.95 2.00 -43.95
C LYS A 224 -22.39 1.05 -45.01
N ALA A 225 -21.24 1.39 -45.60
CA ALA A 225 -20.60 0.45 -46.51
C ALA A 225 -20.25 -0.84 -45.77
N THR A 226 -19.81 -0.72 -44.51
CA THR A 226 -19.52 -1.91 -43.73
C THR A 226 -20.74 -2.79 -43.63
N GLU A 227 -21.86 -2.21 -43.21
CA GLU A 227 -23.03 -3.05 -42.97
C GLU A 227 -23.61 -3.57 -44.28
N HIS A 228 -23.45 -2.81 -45.36
CA HIS A 228 -23.95 -3.25 -46.65
C HIS A 228 -23.13 -4.41 -47.20
N ALA A 229 -21.80 -4.33 -47.07
CA ALA A 229 -20.98 -5.47 -47.41
C ALA A 229 -21.32 -6.67 -46.52
N THR A 230 -21.64 -6.39 -45.26
CA THR A 230 -22.03 -7.47 -44.35
C THR A 230 -23.28 -8.19 -44.84
N GLU A 231 -24.30 -7.43 -45.23
CA GLU A 231 -25.53 -8.06 -45.70
C GLU A 231 -25.31 -8.79 -47.02
N LEU A 232 -24.50 -8.20 -47.90
CA LEU A 232 -24.15 -8.86 -49.15
C LEU A 232 -23.52 -10.23 -48.88
N ALA A 233 -22.51 -10.24 -48.01
CA ALA A 233 -21.82 -11.48 -47.68
C ALA A 233 -22.78 -12.48 -47.06
N LYS A 234 -23.64 -12.00 -46.16
CA LYS A 234 -24.60 -12.90 -45.51
C LYS A 234 -25.48 -13.57 -46.54
N GLU A 235 -26.05 -12.78 -47.45
CA GLU A 235 -26.93 -13.33 -48.47
C GLU A 235 -26.19 -14.35 -49.33
N ASN A 236 -24.99 -13.99 -49.79
CA ASN A 236 -24.29 -14.89 -50.70
C ASN A 236 -23.88 -16.18 -50.00
N ILE A 237 -23.43 -16.09 -48.75
CA ILE A 237 -23.01 -17.29 -48.05
C ILE A 237 -24.19 -18.16 -47.68
N LYS A 238 -25.36 -17.57 -47.45
CA LYS A 238 -26.55 -18.39 -47.24
C LYS A 238 -26.94 -19.10 -48.52
N CYS A 239 -26.90 -18.39 -49.64
CA CYS A 239 -27.16 -19.01 -50.92
C CYS A 239 -26.17 -20.12 -51.22
N PHE A 240 -24.93 -19.99 -50.72
CA PHE A 240 -23.95 -21.05 -50.94
C PHE A 240 -24.26 -22.27 -50.08
N PHE A 241 -24.54 -22.06 -48.78
CA PHE A 241 -24.88 -23.21 -47.95
C PHE A 241 -26.10 -23.93 -48.49
N GLU A 242 -27.11 -23.17 -48.92
CA GLU A 242 -28.27 -23.83 -49.50
C GLU A 242 -27.94 -24.38 -50.89
N GLY A 243 -27.21 -23.62 -51.68
CA GLY A 243 -26.93 -24.04 -53.04
C GLY A 243 -28.06 -23.62 -53.96
N SER A 244 -28.35 -22.32 -54.00
CA SER A 244 -29.44 -21.83 -54.84
C SER A 244 -29.07 -20.45 -55.39
N HIS A 245 -29.99 -19.90 -56.16
CA HIS A 245 -29.77 -18.63 -56.83
C HIS A 245 -29.74 -17.50 -55.81
N PRO A 246 -28.96 -16.46 -56.05
CA PRO A 246 -28.91 -15.32 -55.13
C PRO A 246 -30.10 -14.40 -55.38
N LYS A 247 -30.14 -13.31 -54.61
CA LYS A 247 -31.31 -12.44 -54.65
C LYS A 247 -31.23 -11.45 -55.79
N GLU A 248 -30.03 -10.95 -56.09
CA GLU A 248 -29.84 -9.86 -57.05
C GLU A 248 -30.64 -8.64 -56.58
N TYR A 249 -30.16 -8.09 -55.46
CA TYR A 249 -30.83 -6.92 -54.88
C TYR A 249 -30.46 -5.67 -55.68
N ASN A 250 -29.17 -5.42 -55.84
CA ASN A 250 -28.69 -4.23 -56.53
C ASN A 250 -27.20 -4.40 -56.79
N THR A 251 -26.67 -3.51 -57.62
CA THR A 251 -25.27 -3.57 -58.05
C THR A 251 -24.61 -2.22 -57.87
N PRO A 252 -23.67 -2.07 -56.95
CA PRO A 252 -22.85 -0.85 -56.96
C PRO A 252 -21.95 -0.86 -58.18
N SER A 253 -22.25 0.02 -59.13
CA SER A 253 -21.55 0.01 -60.41
C SER A 253 -20.09 0.42 -60.26
N MET A 254 -19.20 -0.36 -60.84
CA MET A 254 -17.78 -0.07 -60.75
C MET A 254 -17.43 1.20 -61.52
N LYS A 255 -18.02 1.37 -62.70
CA LYS A 255 -17.83 2.61 -63.44
C LYS A 255 -18.35 3.78 -62.61
N GLU A 256 -19.43 3.58 -61.88
CA GLU A 256 -19.92 4.61 -60.97
C GLU A 256 -18.89 4.89 -59.88
N TRP A 257 -18.26 3.84 -59.36
CA TRP A 257 -17.23 4.00 -58.35
C TRP A 257 -16.11 4.89 -58.88
N GLN A 258 -15.66 4.61 -60.10
CA GLN A 258 -14.63 5.44 -60.70
C GLN A 258 -15.14 6.85 -60.92
N GLN A 259 -16.41 6.98 -61.30
CA GLN A 259 -16.96 8.30 -61.56
C GLN A 259 -16.96 9.16 -60.31
N ILE A 260 -17.18 8.54 -59.15
CA ILE A 260 -17.26 9.28 -57.90
C ILE A 260 -15.91 9.41 -57.22
N SER A 261 -14.85 8.91 -57.84
CA SER A 261 -13.52 9.00 -57.28
C SER A 261 -12.78 10.27 -57.71
N SER A 262 -13.45 11.16 -58.43
CA SER A 262 -12.80 12.38 -58.90
C SER A 262 -12.26 13.20 -57.73
N LEU A 263 -11.36 14.12 -58.05
CA LEU A 263 -10.50 14.77 -57.07
C LEU A 263 -10.86 16.22 -56.81
N TYR A 264 -11.13 17.02 -57.84
CA TYR A 264 -11.10 18.47 -57.70
C TYR A 264 -12.22 18.97 -56.80
N THR A 265 -13.47 18.58 -57.09
CA THR A 265 -14.62 18.91 -56.26
C THR A 265 -14.81 20.42 -56.10
N PHE A 266 -14.75 21.14 -57.21
CA PHE A 266 -15.19 22.53 -57.16
C PHE A 266 -15.47 23.11 -58.53
N ASN A 267 -16.50 23.93 -58.58
CA ASN A 267 -16.89 24.80 -59.68
C ASN A 267 -17.74 25.90 -59.04
N PRO A 268 -17.51 27.16 -59.40
CA PRO A 268 -18.26 28.25 -58.73
C PRO A 268 -19.76 28.09 -58.81
N LYS A 269 -20.27 27.56 -59.92
CA LYS A 269 -21.72 27.44 -60.08
C LYS A 269 -22.26 26.24 -59.30
N GLY A 270 -21.84 25.04 -59.70
CA GLY A 270 -22.32 23.83 -59.07
C GLY A 270 -21.59 23.45 -57.81
N GLN A 271 -21.94 24.08 -56.69
CA GLN A 271 -21.21 23.95 -55.43
C GLN A 271 -20.80 22.50 -55.15
N TYR A 272 -21.78 21.62 -55.00
CA TYR A 272 -21.66 20.17 -55.16
C TYR A 272 -20.33 19.61 -54.65
N TYR A 273 -20.13 19.75 -53.34
CA TYR A 273 -18.93 19.20 -52.73
C TYR A 273 -18.93 17.69 -52.91
N SER A 274 -17.76 17.08 -52.69
CA SER A 274 -17.72 15.62 -52.52
C SER A 274 -18.30 14.92 -53.74
N MET A 275 -17.53 14.85 -54.82
CA MET A 275 -17.98 14.51 -56.16
C MET A 275 -19.15 13.53 -56.20
N LEU A 276 -19.16 12.57 -55.27
CA LEU A 276 -20.35 11.75 -55.10
C LEU A 276 -21.59 12.62 -55.04
N HIS A 277 -21.55 13.66 -54.21
CA HIS A 277 -22.67 14.58 -54.11
C HIS A 277 -22.87 15.37 -55.40
N LYS A 278 -21.80 15.71 -56.10
CA LYS A 278 -21.98 16.37 -57.39
C LYS A 278 -22.74 15.48 -58.35
N TYR A 279 -22.55 14.17 -58.25
CA TYR A 279 -23.22 13.18 -59.09
C TYR A 279 -24.52 12.78 -58.41
N VAL A 280 -25.45 13.74 -58.34
CA VAL A 280 -26.83 13.45 -58.00
C VAL A 280 -27.82 14.08 -58.96
N ASN A 281 -27.36 14.82 -59.96
CA ASN A 281 -28.28 15.40 -60.92
C ASN A 281 -28.71 14.37 -61.98
N ARG A 282 -27.81 13.48 -62.37
CA ARG A 282 -28.12 12.44 -63.34
C ARG A 282 -27.28 11.20 -63.09
N TYR B 20 1.41 1.74 -21.36
CA TYR B 20 2.64 2.22 -20.76
C TYR B 20 3.68 2.57 -21.83
N GLY B 21 3.49 2.02 -23.02
CA GLY B 21 4.43 2.29 -24.10
C GLY B 21 4.47 3.76 -24.47
N LEU B 22 3.29 4.39 -24.59
CA LEU B 22 3.25 5.81 -24.91
C LEU B 22 3.95 6.63 -23.83
N VAL B 23 3.69 6.30 -22.56
CA VAL B 23 4.28 7.03 -21.44
C VAL B 23 5.80 6.91 -21.49
N THR B 24 6.31 5.69 -21.68
CA THR B 24 7.75 5.47 -21.68
C THR B 24 8.40 6.17 -22.87
N LEU B 25 7.77 6.09 -24.04
CA LEU B 25 8.35 6.75 -25.19
C LEU B 25 8.36 8.26 -25.01
N LEU B 26 7.30 8.81 -24.41
CA LEU B 26 7.25 10.26 -24.19
C LEU B 26 8.31 10.71 -23.19
N THR B 27 8.49 9.97 -22.08
CA THR B 27 9.53 10.40 -21.14
C THR B 27 10.92 10.27 -21.74
N ALA B 28 11.16 9.20 -22.50
CA ALA B 28 12.46 9.04 -23.15
C ALA B 28 12.70 10.17 -24.16
N GLY B 29 11.68 10.51 -24.93
CA GLY B 29 11.82 11.58 -25.89
C GLY B 29 12.07 12.91 -25.22
N GLY B 30 11.34 13.19 -24.13
CA GLY B 30 11.56 14.44 -23.42
C GLY B 30 12.95 14.54 -22.84
N GLU B 31 13.44 13.45 -22.24
CA GLU B 31 14.79 13.48 -21.68
C GLU B 31 15.82 13.71 -22.78
N ARG B 32 15.67 13.01 -23.90
CA ARG B 32 16.59 13.19 -25.02
C ARG B 32 16.52 14.62 -25.53
N ILE B 33 15.31 15.18 -25.67
CA ILE B 33 15.11 16.52 -26.19
C ILE B 33 15.82 17.53 -25.29
N PHE B 34 15.63 17.40 -23.98
CA PHE B 34 16.17 18.39 -23.06
C PHE B 34 17.68 18.24 -22.95
N SER B 35 18.18 17.01 -22.95
CA SER B 35 19.62 16.81 -22.95
C SER B 35 20.23 17.39 -24.20
N ALA B 36 19.47 17.43 -25.29
CA ALA B 36 19.96 17.97 -26.55
C ALA B 36 19.88 19.50 -26.61
N VAL B 37 18.95 20.11 -25.88
CA VAL B 37 18.80 21.57 -25.89
C VAL B 37 19.77 22.15 -24.86
N ALA B 38 20.66 21.31 -24.34
CA ALA B 38 21.73 21.78 -23.47
C ALA B 38 22.43 22.98 -24.11
N PHE B 39 22.61 24.03 -23.32
CA PHE B 39 23.07 25.32 -23.83
C PHE B 39 24.49 25.55 -23.33
N GLN B 40 25.47 25.36 -24.21
CA GLN B 40 26.85 25.50 -23.78
C GLN B 40 27.41 26.91 -23.93
N CYS B 41 26.79 27.74 -24.77
CA CYS B 41 27.34 29.04 -25.13
C CYS B 41 28.80 28.90 -25.54
N PRO B 42 29.08 28.34 -26.70
CA PRO B 42 30.48 28.15 -27.13
C PRO B 42 31.23 29.47 -27.14
N CYS B 43 32.36 29.50 -26.44
CA CYS B 43 33.18 30.70 -26.42
C CYS B 43 33.96 30.76 -27.72
N SER B 44 33.55 31.66 -28.62
CA SER B 44 34.20 31.83 -29.91
C SER B 44 34.27 33.32 -30.20
N ALA B 45 35.33 33.71 -30.90
CA ALA B 45 35.60 35.13 -31.12
C ALA B 45 34.50 35.79 -31.95
N ALA B 46 34.03 35.11 -32.99
CA ALA B 46 33.07 35.70 -33.91
C ALA B 46 31.82 34.88 -34.15
N TRP B 47 31.86 33.57 -33.92
CA TRP B 47 30.72 32.73 -34.20
C TRP B 47 29.76 32.62 -33.02
N ASN B 48 30.02 33.34 -31.93
CA ASN B 48 29.24 33.22 -30.71
C ASN B 48 28.01 34.13 -30.74
N LEU B 49 28.19 35.32 -31.28
CA LEU B 49 27.14 36.33 -31.36
C LEU B 49 25.93 35.67 -32.02
N PRO B 50 26.06 35.10 -33.22
CA PRO B 50 24.87 34.47 -33.82
C PRO B 50 24.35 33.33 -32.97
N TYR B 51 25.22 32.63 -32.23
CA TYR B 51 24.75 31.57 -31.35
C TYR B 51 23.73 32.10 -30.37
N GLY B 52 24.04 33.22 -29.74
CA GLY B 52 23.07 33.82 -28.84
C GLY B 52 21.88 34.41 -29.60
N LEU B 53 22.15 34.98 -30.76
CA LEU B 53 21.10 35.70 -31.47
C LEU B 53 20.00 34.76 -31.95
N VAL B 54 20.36 33.56 -32.38
CA VAL B 54 19.34 32.63 -32.84
C VAL B 54 18.52 32.12 -31.67
N PHE B 55 19.20 31.81 -30.56
CA PHE B 55 18.50 31.35 -29.37
C PHE B 55 17.63 32.44 -28.79
N LEU B 56 17.89 33.70 -29.15
CA LEU B 56 16.99 34.77 -28.77
C LEU B 56 15.80 34.87 -29.71
N LEU B 57 16.08 35.02 -31.00
CA LEU B 57 15.03 35.41 -31.94
C LEU B 57 14.19 34.24 -32.42
N VAL B 58 14.82 33.13 -32.77
CA VAL B 58 14.11 32.08 -33.50
C VAL B 58 12.96 31.47 -32.71
N PRO B 59 13.14 31.05 -31.45
CA PRO B 59 11.96 30.56 -30.71
C PRO B 59 10.92 31.64 -30.48
N ALA B 60 11.36 32.88 -30.27
CA ALA B 60 10.44 34.00 -30.16
C ALA B 60 9.66 34.20 -31.44
N LEU B 61 10.36 34.23 -32.57
CA LEU B 61 9.70 34.36 -33.86
C LEU B 61 8.75 33.19 -34.10
N ALA B 62 9.13 32.00 -33.64
CA ALA B 62 8.28 30.83 -33.84
C ALA B 62 6.95 31.01 -33.10
N LEU B 63 7.02 31.37 -31.83
CA LEU B 63 5.78 31.52 -31.07
C LEU B 63 4.97 32.70 -31.59
N PHE B 64 5.65 33.74 -32.06
CA PHE B 64 4.97 34.86 -32.69
C PHE B 64 4.18 34.40 -33.90
N LEU B 65 4.82 33.58 -34.73
CA LEU B 65 4.16 33.06 -35.92
C LEU B 65 2.99 32.18 -35.55
N LEU B 66 3.15 31.31 -34.56
CA LEU B 66 2.05 30.45 -34.16
C LEU B 66 0.87 31.27 -33.68
N GLY B 67 1.13 32.35 -32.96
CA GLY B 67 0.06 33.26 -32.58
C GLY B 67 -0.59 33.92 -33.78
N TYR B 68 0.24 34.42 -34.70
CA TYR B 68 -0.24 35.02 -35.95
C TYR B 68 -1.07 34.06 -36.77
N VAL B 69 -0.89 32.77 -36.57
CA VAL B 69 -1.64 31.77 -37.31
C VAL B 69 -2.93 31.40 -36.61
N LEU B 70 -2.86 31.17 -35.30
CA LEU B 70 -3.92 30.44 -34.61
C LEU B 70 -5.25 31.19 -34.60
N SER B 71 -5.22 32.51 -34.40
CA SER B 71 -6.48 33.22 -34.19
C SER B 71 -7.34 33.19 -35.44
N ALA B 72 -8.60 32.77 -35.27
CA ALA B 72 -9.52 32.72 -36.40
C ALA B 72 -10.01 34.09 -36.85
N ARG B 73 -9.76 35.15 -36.09
CA ARG B 73 -10.27 36.45 -36.49
C ARG B 73 -9.53 36.94 -37.73
N THR B 74 -8.24 36.65 -37.83
CA THR B 74 -7.46 37.16 -38.95
C THR B 74 -7.78 36.32 -40.18
N TRP B 75 -7.97 35.02 -39.98
CA TRP B 75 -8.28 34.13 -41.08
C TRP B 75 -9.57 34.57 -41.74
N ARG B 76 -10.52 35.02 -40.92
CA ARG B 76 -11.80 35.53 -41.40
C ARG B 76 -11.59 36.66 -42.39
N LEU B 77 -10.60 37.50 -42.13
CA LEU B 77 -10.26 38.60 -43.03
C LEU B 77 -9.46 38.11 -44.24
N LEU B 78 -8.65 37.07 -44.07
CA LEU B 78 -7.68 36.73 -45.07
C LEU B 78 -8.31 35.97 -46.24
N THR B 79 -9.22 35.06 -45.96
CA THR B 79 -9.76 34.22 -47.02
C THR B 79 -10.56 35.05 -48.04
N GLY B 80 -10.71 34.48 -49.23
CA GLY B 80 -11.44 35.12 -50.30
C GLY B 80 -10.70 36.20 -51.08
N CYS B 81 -9.60 35.84 -51.74
CA CYS B 81 -8.87 36.76 -52.62
C CYS B 81 -8.47 38.02 -51.87
N CYS B 82 -7.90 37.83 -50.69
CA CYS B 82 -7.47 38.91 -49.79
C CYS B 82 -8.39 40.13 -49.79
N ARG B 94 -8.99 51.45 -43.35
CA ARG B 94 -9.70 50.73 -42.30
C ARG B 94 -8.94 49.47 -41.91
N GLY B 95 -8.24 48.89 -42.89
CA GLY B 95 -7.52 47.64 -42.67
C GLY B 95 -6.40 47.75 -41.66
N SER B 96 -5.96 48.98 -41.36
CA SER B 96 -4.86 49.16 -40.41
C SER B 96 -5.28 48.78 -38.99
N LEU B 97 -6.47 49.25 -38.56
CA LEU B 97 -6.86 49.08 -37.17
C LEU B 97 -6.95 47.61 -36.78
N VAL B 98 -7.67 46.83 -37.59
CA VAL B 98 -7.80 45.40 -37.33
C VAL B 98 -6.43 44.72 -37.41
N CYS B 99 -5.58 45.16 -38.33
CA CYS B 99 -4.28 44.51 -38.50
C CYS B 99 -3.38 44.74 -37.31
N THR B 100 -3.34 45.97 -36.79
CA THR B 100 -2.51 46.22 -35.61
C THR B 100 -3.12 45.54 -34.39
N GLN B 101 -4.46 45.45 -34.33
CA GLN B 101 -5.09 44.76 -33.21
C GLN B 101 -4.69 43.29 -33.19
N ILE B 102 -4.83 42.61 -34.32
CA ILE B 102 -4.49 41.19 -34.36
C ILE B 102 -2.99 40.99 -34.16
N SER B 103 -2.17 41.87 -34.72
CA SER B 103 -0.73 41.72 -34.57
C SER B 103 -0.32 41.83 -33.10
N ALA B 104 -0.92 42.77 -32.37
CA ALA B 104 -0.56 42.89 -30.96
C ALA B 104 -1.11 41.71 -30.16
N ALA B 105 -2.37 41.34 -30.42
CA ALA B 105 -2.98 40.21 -29.73
C ALA B 105 -2.21 38.92 -29.96
N ALA B 106 -1.51 38.81 -31.09
CA ALA B 106 -0.68 37.63 -31.31
C ALA B 106 0.74 37.81 -30.80
N ALA B 107 1.26 39.04 -30.79
CA ALA B 107 2.62 39.23 -30.34
C ALA B 107 2.71 39.24 -28.82
N LEU B 108 1.56 39.22 -28.15
CA LEU B 108 1.53 38.99 -26.71
C LEU B 108 2.47 37.88 -26.25
N ALA B 109 2.30 36.68 -26.81
CA ALA B 109 2.98 35.52 -26.26
C ALA B 109 4.49 35.50 -26.56
N PRO B 110 4.91 35.80 -27.80
CA PRO B 110 6.34 35.74 -28.10
C PRO B 110 7.13 36.67 -27.22
N LEU B 111 6.54 37.82 -26.90
CA LEU B 111 7.18 38.71 -25.95
C LEU B 111 7.31 38.05 -24.59
N THR B 112 6.34 37.22 -24.20
CA THR B 112 6.47 36.51 -22.94
C THR B 112 7.62 35.51 -22.99
N TRP B 113 7.74 34.78 -24.10
CA TRP B 113 8.86 33.86 -24.25
C TRP B 113 10.19 34.59 -24.19
N VAL B 114 10.33 35.65 -24.96
CA VAL B 114 11.61 36.34 -25.01
C VAL B 114 11.92 36.99 -23.68
N ALA B 115 10.88 37.40 -22.95
CA ALA B 115 11.11 37.97 -21.63
C ALA B 115 11.60 36.91 -20.67
N VAL B 116 10.96 35.74 -20.67
CA VAL B 116 11.39 34.65 -19.81
C VAL B 116 12.82 34.26 -20.14
N ALA B 117 13.15 34.19 -21.42
CA ALA B 117 14.50 33.80 -21.81
C ALA B 117 15.51 34.84 -21.38
N LEU B 118 15.25 36.11 -21.67
CA LEU B 118 16.13 37.18 -21.27
C LEU B 118 16.29 37.23 -19.76
N LEU B 119 15.25 36.87 -19.02
CA LEU B 119 15.38 36.76 -17.58
C LEU B 119 16.19 35.52 -17.22
N GLY B 120 16.25 34.55 -18.11
CA GLY B 120 17.13 33.42 -17.89
C GLY B 120 18.58 33.85 -17.83
N GLY B 121 18.94 34.91 -18.57
CA GLY B 121 20.26 35.48 -18.50
C GLY B 121 21.29 34.83 -19.39
N ALA B 122 21.18 33.53 -19.63
CA ALA B 122 22.20 32.82 -20.39
C ALA B 122 22.31 33.33 -21.81
N PHE B 123 21.17 33.57 -22.47
CA PHE B 123 21.21 33.94 -23.88
C PHE B 123 21.94 35.26 -24.07
N TYR B 124 21.49 36.29 -23.37
CA TYR B 124 22.13 37.59 -23.51
C TYR B 124 23.56 37.56 -23.00
N GLU B 125 23.79 36.81 -21.91
CA GLU B 125 25.16 36.61 -21.45
C GLU B 125 26.02 36.08 -22.60
N CYS B 126 25.45 35.23 -23.44
CA CYS B 126 26.19 34.78 -24.60
C CYS B 126 26.27 35.88 -25.64
N ALA B 127 25.28 36.77 -25.66
CA ALA B 127 25.25 37.90 -26.59
C ALA B 127 26.15 39.03 -26.15
N ALA B 128 26.90 38.83 -25.06
CA ALA B 128 27.80 39.85 -24.53
C ALA B 128 28.69 40.43 -25.63
N THR B 129 29.37 39.57 -26.36
CA THR B 129 30.32 39.98 -27.39
C THR B 129 29.67 40.89 -28.42
N GLY B 130 28.71 40.37 -29.17
CA GLY B 130 28.04 41.13 -30.19
C GLY B 130 29.01 41.80 -31.14
N SER B 131 28.65 42.98 -31.63
CA SER B 131 29.59 43.78 -32.38
C SER B 131 30.72 44.27 -31.48
N ALA B 132 31.87 44.53 -32.10
CA ALA B 132 33.03 44.99 -31.34
C ALA B 132 32.74 46.32 -30.64
N ALA B 133 31.83 47.12 -31.18
CA ALA B 133 31.50 48.39 -30.54
C ALA B 133 31.00 48.16 -29.13
N PHE B 134 30.20 47.11 -28.94
CA PHE B 134 29.68 46.81 -27.62
C PHE B 134 30.81 46.47 -26.67
N ALA B 135 31.81 45.73 -27.15
CA ALA B 135 32.89 45.30 -26.27
C ALA B 135 33.77 46.48 -25.90
N GLN B 136 34.20 47.25 -26.91
CA GLN B 136 35.09 48.37 -26.66
C GLN B 136 34.44 49.39 -25.74
N ARG B 137 33.15 49.67 -25.95
CA ARG B 137 32.45 50.56 -25.03
C ARG B 137 32.22 49.88 -23.68
N LEU B 138 32.17 48.56 -23.66
CA LEU B 138 31.70 47.84 -22.48
C LEU B 138 32.77 47.76 -21.40
N CYS B 139 33.88 47.09 -21.69
CA CYS B 139 34.84 46.80 -20.63
C CYS B 139 35.55 48.05 -20.17
N LEU B 140 35.87 48.08 -18.87
CA LEU B 140 36.50 49.22 -18.24
C LEU B 140 37.93 49.47 -18.73
N GLY B 141 38.46 48.60 -19.57
CA GLY B 141 39.81 48.79 -20.05
C GLY B 141 40.87 48.37 -19.06
N ARG B 142 40.50 47.55 -18.07
CA ARG B 142 41.45 47.16 -17.03
C ARG B 142 42.50 46.19 -17.58
N ASN B 143 42.06 45.04 -18.10
CA ASN B 143 43.02 44.05 -18.54
C ASN B 143 43.71 44.47 -19.83
N ARG B 144 43.13 45.45 -20.54
CA ARG B 144 43.58 45.96 -21.83
C ARG B 144 43.57 44.85 -22.88
N SER B 145 43.10 43.67 -22.49
CA SER B 145 43.00 42.52 -23.37
C SER B 145 41.57 42.02 -23.50
N CYS B 146 40.59 42.92 -23.40
CA CYS B 146 39.20 42.47 -23.42
C CYS B 146 38.92 41.82 -24.77
N ALA B 147 38.95 42.62 -25.84
CA ALA B 147 38.42 42.19 -27.12
C ALA B 147 39.11 40.93 -27.64
N ALA B 148 40.35 40.71 -27.21
CA ALA B 148 41.11 39.55 -27.70
C ALA B 148 40.41 38.24 -27.34
N GLU B 149 40.16 38.02 -26.06
CA GLU B 149 39.55 36.79 -25.61
C GLU B 149 38.47 37.07 -24.58
N LEU B 150 37.73 38.15 -24.77
CA LEU B 150 36.51 38.32 -24.00
C LEU B 150 35.53 37.17 -24.17
N PRO B 151 35.27 36.65 -25.39
CA PRO B 151 34.25 35.59 -25.54
C PRO B 151 34.39 34.43 -24.56
N LEU B 152 35.57 34.32 -23.93
CA LEU B 152 35.77 33.29 -22.92
C LEU B 152 35.08 33.59 -21.61
N VAL B 153 34.46 34.76 -21.47
CA VAL B 153 34.03 35.19 -20.14
C VAL B 153 32.81 34.39 -19.65
N PRO B 154 31.82 34.04 -20.48
CA PRO B 154 30.80 33.10 -19.99
C PRO B 154 31.29 31.68 -20.05
N CYS B 155 32.38 31.45 -20.77
CA CYS B 155 33.00 30.16 -20.94
C CYS B 155 33.83 29.79 -19.72
N ASN B 156 34.07 30.75 -18.84
CA ASN B 156 34.77 30.58 -17.57
C ASN B 156 36.24 30.22 -17.76
N GLN B 157 36.74 30.26 -18.99
CA GLN B 157 38.12 29.88 -19.27
C GLN B 157 39.07 31.04 -19.09
N ALA B 158 38.63 32.27 -19.34
CA ALA B 158 39.44 33.43 -19.08
C ALA B 158 39.61 33.60 -17.58
N LYS B 159 40.80 34.03 -17.16
CA LYS B 159 41.13 34.14 -15.76
C LYS B 159 41.42 35.55 -15.30
N ALA B 160 41.26 36.55 -16.16
CA ALA B 160 41.41 37.93 -15.73
C ALA B 160 40.29 38.31 -14.76
N SER B 161 40.68 38.91 -13.64
CA SER B 161 39.71 39.20 -12.59
C SER B 161 38.61 40.13 -13.11
N ASP B 162 38.98 41.07 -13.98
CA ASP B 162 38.03 42.07 -14.44
C ASP B 162 36.85 41.41 -15.13
N VAL B 163 37.13 40.50 -16.05
CA VAL B 163 36.05 39.88 -16.81
C VAL B 163 35.33 38.84 -15.96
N GLN B 164 36.02 38.18 -15.04
CA GLN B 164 35.33 37.24 -14.16
C GLN B 164 34.27 37.94 -13.33
N ASP B 165 34.48 39.22 -13.00
CA ASP B 165 33.44 40.03 -12.41
C ASP B 165 32.49 40.61 -13.45
N LEU B 166 32.96 40.79 -14.68
CA LEU B 166 32.14 41.44 -15.69
C LEU B 166 31.05 40.51 -16.20
N LEU B 167 31.30 39.21 -16.21
CA LEU B 167 30.27 38.26 -16.60
C LEU B 167 29.05 38.41 -15.72
N LYS B 168 29.28 38.67 -14.44
CA LYS B 168 28.19 38.83 -13.49
C LYS B 168 27.36 40.06 -13.86
N ASP B 169 28.03 41.17 -14.14
CA ASP B 169 27.34 42.38 -14.55
C ASP B 169 26.57 42.16 -15.85
N LEU B 170 27.11 41.35 -16.74
CA LEU B 170 26.38 41.08 -17.98
C LEU B 170 25.13 40.27 -17.71
N LYS B 171 25.25 39.27 -16.82
CA LYS B 171 24.08 38.53 -16.38
C LYS B 171 23.04 39.48 -15.80
N ALA B 172 23.52 40.45 -15.03
CA ALA B 172 22.64 41.46 -14.45
C ALA B 172 21.93 42.23 -15.55
N GLN B 173 22.68 42.73 -16.52
CA GLN B 173 22.08 43.49 -17.60
C GLN B 173 21.04 42.67 -18.34
N SER B 174 21.28 41.37 -18.45
CA SER B 174 20.31 40.51 -19.13
C SER B 174 19.02 40.45 -18.32
N GLN B 175 19.14 40.11 -17.04
CA GLN B 175 17.94 39.94 -16.23
C GLN B 175 17.19 41.26 -16.12
N VAL B 176 17.93 42.36 -15.94
CA VAL B 176 17.31 43.67 -15.79
C VAL B 176 16.58 44.05 -17.07
N LEU B 177 17.23 43.86 -18.22
CA LEU B 177 16.58 44.18 -19.47
C LEU B 177 15.32 43.34 -19.62
N GLY B 178 15.39 42.07 -19.23
CA GLY B 178 14.21 41.22 -19.28
C GLY B 178 13.08 41.79 -18.45
N TRP B 179 13.38 42.22 -17.24
CA TRP B 179 12.35 42.74 -16.36
C TRP B 179 11.78 44.04 -16.92
N ILE B 180 12.65 44.86 -17.51
CA ILE B 180 12.21 46.09 -18.14
C ILE B 180 11.27 45.78 -19.30
N LEU B 181 11.58 44.73 -20.05
CA LEU B 181 10.72 44.35 -21.17
C LEU B 181 9.38 43.83 -20.67
N ILE B 182 9.39 43.03 -19.61
CA ILE B 182 8.14 42.49 -19.12
C ILE B 182 7.31 43.58 -18.48
N ALA B 183 7.94 44.68 -18.09
CA ALA B 183 7.17 45.83 -17.64
C ALA B 183 6.61 46.60 -18.82
N VAL B 184 7.43 46.81 -19.85
CA VAL B 184 6.97 47.56 -21.00
C VAL B 184 5.81 46.83 -21.69
N VAL B 185 5.87 45.50 -21.73
CA VAL B 185 4.82 44.75 -22.40
C VAL B 185 3.50 44.86 -21.64
N ILE B 186 3.55 44.78 -20.31
CA ILE B 186 2.30 44.91 -19.56
C ILE B 186 1.77 46.32 -19.68
N ILE B 187 2.66 47.32 -19.68
CA ILE B 187 2.22 48.70 -19.84
C ILE B 187 1.51 48.86 -21.18
N ILE B 188 2.11 48.33 -22.24
CA ILE B 188 1.51 48.43 -23.57
C ILE B 188 0.16 47.73 -23.60
N LEU B 189 0.09 46.55 -22.96
CA LEU B 189 -1.19 45.84 -22.89
C LEU B 189 -2.23 46.68 -22.18
N LEU B 190 -1.84 47.33 -21.09
CA LEU B 190 -2.74 48.22 -20.37
C LEU B 190 -3.27 49.30 -21.30
N ILE B 191 -2.36 50.05 -21.93
CA ILE B 191 -2.78 51.18 -22.74
C ILE B 191 -3.67 50.71 -23.89
N PHE B 192 -3.29 49.61 -24.53
CA PHE B 192 -4.05 49.05 -25.62
C PHE B 192 -5.47 48.71 -25.20
N THR B 193 -5.59 47.86 -24.17
CA THR B 193 -6.91 47.41 -23.77
C THR B 193 -7.73 48.55 -23.18
N SER B 194 -7.09 49.53 -22.56
CA SER B 194 -7.82 50.65 -21.98
C SER B 194 -8.39 51.54 -23.06
N VAL B 195 -7.58 51.93 -24.04
CA VAL B 195 -8.08 52.74 -25.13
C VAL B 195 -9.15 52.01 -25.91
N THR B 196 -8.92 50.72 -26.18
CA THR B 196 -9.93 49.94 -26.88
C THR B 196 -11.21 49.83 -26.07
N ARG B 197 -11.08 49.86 -24.75
CA ARG B 197 -12.22 49.87 -23.86
C ARG B 197 -12.74 51.28 -23.58
N CYS B 198 -12.00 52.32 -23.95
CA CYS B 198 -12.43 53.67 -23.59
C CYS B 198 -13.31 54.33 -24.64
N LEU B 199 -12.95 54.20 -25.90
CA LEU B 199 -13.59 54.95 -26.97
C LEU B 199 -14.74 54.20 -27.65
N SER B 200 -15.02 52.97 -27.24
CA SER B 200 -16.10 52.26 -27.88
C SER B 200 -17.45 52.89 -27.51
N PRO B 201 -18.40 52.93 -28.45
CA PRO B 201 -19.69 53.55 -28.16
C PRO B 201 -20.55 52.74 -27.21
N VAL B 202 -20.53 51.41 -27.34
CA VAL B 202 -21.37 50.56 -26.52
C VAL B 202 -20.86 50.55 -25.09
N SER B 203 -21.77 50.31 -24.14
CA SER B 203 -21.39 50.25 -22.75
C SER B 203 -20.75 48.91 -22.41
N PHE B 204 -20.36 48.79 -21.14
CA PHE B 204 -19.70 47.60 -20.65
C PHE B 204 -20.68 46.45 -20.52
N LEU B 205 -21.67 46.61 -19.64
CA LEU B 205 -22.57 45.52 -19.31
C LEU B 205 -23.27 44.97 -20.54
N GLN B 206 -23.29 45.74 -21.62
CA GLN B 206 -23.77 45.20 -22.88
C GLN B 206 -22.66 44.52 -23.66
N LEU B 207 -21.43 45.00 -23.56
CA LEU B 207 -20.34 44.35 -24.28
C LEU B 207 -20.13 42.94 -23.75
N LYS B 208 -20.22 42.77 -22.44
CA LYS B 208 -20.07 41.44 -21.86
C LYS B 208 -21.15 40.51 -22.42
N PHE B 209 -22.39 40.99 -22.40
CA PHE B 209 -23.50 40.21 -22.93
C PHE B 209 -23.30 39.90 -24.40
N TRP B 210 -22.76 40.85 -25.16
CA TRP B 210 -22.51 40.62 -26.57
C TRP B 210 -21.49 39.50 -26.76
N LYS B 211 -20.41 39.51 -25.96
CA LYS B 211 -19.41 38.47 -26.10
C LYS B 211 -19.99 37.11 -25.72
N ILE B 212 -20.82 37.08 -24.67
CA ILE B 212 -21.53 35.85 -24.33
C ILE B 212 -22.38 35.40 -25.51
N TYR B 213 -23.03 36.36 -26.16
CA TYR B 213 -23.86 36.08 -27.32
C TYR B 213 -23.04 35.42 -28.42
N LEU B 214 -21.89 36.00 -28.73
CA LEU B 214 -21.07 35.45 -29.80
C LEU B 214 -20.58 34.06 -29.44
N GLU B 215 -20.24 33.83 -28.17
CA GLU B 215 -19.84 32.51 -27.72
C GLU B 215 -20.96 31.50 -27.94
N GLN B 216 -22.16 31.83 -27.48
CA GLN B 216 -23.29 30.94 -27.62
C GLN B 216 -23.59 30.68 -29.10
N GLU B 217 -23.45 31.72 -29.91
CA GLU B 217 -23.70 31.58 -31.33
C GLU B 217 -22.70 30.61 -31.95
N GLN B 218 -21.43 30.71 -31.54
CA GLN B 218 -20.41 29.81 -32.07
C GLN B 218 -20.73 28.37 -31.69
N GLN B 219 -21.07 28.14 -30.43
CA GLN B 219 -21.35 26.76 -30.00
C GLN B 219 -22.58 26.20 -30.68
N ILE B 220 -23.64 26.99 -30.77
CA ILE B 220 -24.87 26.56 -31.44
C ILE B 220 -24.59 26.26 -32.90
N LEU B 221 -23.81 27.12 -33.54
CA LEU B 221 -23.47 26.93 -34.94
C LEU B 221 -22.72 25.63 -35.11
N LYS B 222 -21.72 25.38 -34.27
CA LYS B 222 -20.98 24.13 -34.33
C LYS B 222 -21.94 22.95 -34.29
N SER B 223 -22.79 22.92 -33.26
CA SER B 223 -23.66 21.75 -33.06
C SER B 223 -24.63 21.57 -34.23
N LYS B 224 -25.37 22.63 -34.56
CA LYS B 224 -26.44 22.47 -35.54
C LYS B 224 -25.89 22.28 -36.95
N ALA B 225 -24.83 23.00 -37.30
CA ALA B 225 -24.19 22.75 -38.58
C ALA B 225 -23.68 21.32 -38.64
N THR B 226 -23.16 20.80 -37.53
CA THR B 226 -22.72 19.41 -37.51
C THR B 226 -23.86 18.48 -37.86
N GLU B 227 -24.98 18.62 -37.17
CA GLU B 227 -26.06 17.67 -37.39
C GLU B 227 -26.70 17.87 -38.76
N HIS B 228 -26.68 19.09 -39.28
CA HIS B 228 -27.24 19.36 -40.59
C HIS B 228 -26.38 18.76 -41.69
N ALA B 229 -25.05 18.89 -41.57
CA ALA B 229 -24.17 18.19 -42.49
C ALA B 229 -24.35 16.69 -42.37
N THR B 230 -24.61 16.20 -41.14
CA THR B 230 -24.84 14.78 -40.94
C THR B 230 -26.06 14.31 -41.70
N GLU B 231 -27.16 15.05 -41.60
CA GLU B 231 -28.38 14.63 -42.30
C GLU B 231 -28.20 14.74 -43.81
N LEU B 232 -27.50 15.79 -44.27
CA LEU B 232 -27.21 15.92 -45.69
C LEU B 232 -26.45 14.69 -46.20
N ALA B 233 -25.38 14.33 -45.49
CA ALA B 233 -24.58 13.19 -45.90
C ALA B 233 -25.40 11.91 -45.88
N LYS B 234 -26.24 11.74 -44.85
CA LYS B 234 -27.06 10.55 -44.75
C LYS B 234 -27.97 10.43 -45.97
N GLU B 235 -28.65 11.52 -46.30
CA GLU B 235 -29.57 11.50 -47.42
C GLU B 235 -28.82 11.18 -48.72
N ASN B 236 -27.70 11.84 -48.95
CA ASN B 236 -26.99 11.64 -50.21
C ASN B 236 -26.43 10.23 -50.31
N ILE B 237 -25.91 9.69 -49.21
CA ILE B 237 -25.33 8.36 -49.27
C ILE B 237 -26.42 7.31 -49.40
N LYS B 238 -27.60 7.56 -48.86
CA LYS B 238 -28.71 6.63 -49.09
C LYS B 238 -29.13 6.67 -50.54
N CYS B 239 -29.23 7.86 -51.11
CA CYS B 239 -29.55 7.98 -52.53
C CYS B 239 -28.50 7.31 -53.39
N PHE B 240 -27.24 7.29 -52.92
CA PHE B 240 -26.20 6.61 -53.70
C PHE B 240 -26.36 5.10 -53.61
N PHE B 241 -26.54 4.56 -52.40
CA PHE B 241 -26.73 3.12 -52.29
C PHE B 241 -27.94 2.67 -53.11
N GLU B 242 -29.03 3.42 -53.05
CA GLU B 242 -30.18 3.05 -53.86
C GLU B 242 -29.92 3.36 -55.33
N GLY B 243 -29.30 4.49 -55.62
CA GLY B 243 -29.11 4.90 -56.99
C GLY B 243 -30.32 5.61 -57.52
N SER B 244 -30.72 6.70 -56.86
CA SER B 244 -31.90 7.43 -57.28
C SER B 244 -31.68 8.92 -57.01
N HIS B 245 -32.71 9.70 -57.36
CA HIS B 245 -32.63 11.15 -57.25
C HIS B 245 -32.60 11.56 -55.79
N PRO B 246 -31.92 12.64 -55.46
CA PRO B 246 -31.90 13.13 -54.08
C PRO B 246 -33.18 13.90 -53.76
N LYS B 247 -33.24 14.41 -52.54
CA LYS B 247 -34.47 15.05 -52.07
C LYS B 247 -34.55 16.50 -52.51
N GLU B 248 -33.41 17.20 -52.53
CA GLU B 248 -33.38 18.64 -52.76
C GLU B 248 -34.24 19.34 -51.70
N TYR B 249 -33.73 19.27 -50.47
CA TYR B 249 -34.42 19.87 -49.34
C TYR B 249 -34.22 21.38 -49.36
N ASN B 250 -32.97 21.83 -49.39
CA ASN B 250 -32.63 23.25 -49.36
C ASN B 250 -31.16 23.39 -49.70
N THR B 251 -30.76 24.64 -49.94
CA THR B 251 -29.40 24.96 -50.38
C THR B 251 -28.84 26.08 -49.52
N PRO B 252 -27.84 25.81 -48.69
CA PRO B 252 -27.12 26.93 -48.06
C PRO B 252 -26.32 27.66 -49.12
N SER B 253 -26.75 28.87 -49.45
CA SER B 253 -26.15 29.61 -50.56
C SER B 253 -24.73 30.04 -50.24
N MET B 254 -23.82 29.77 -51.17
CA MET B 254 -22.42 30.13 -50.97
C MET B 254 -22.25 31.64 -50.95
N LYS B 255 -22.93 32.34 -51.86
CA LYS B 255 -22.89 33.79 -51.82
C LYS B 255 -23.43 34.29 -50.49
N GLU B 256 -24.44 33.62 -49.94
CA GLU B 256 -24.93 33.96 -48.61
C GLU B 256 -23.84 33.73 -47.57
N TRP B 257 -23.10 32.62 -47.70
CA TRP B 257 -22.01 32.35 -46.79
C TRP B 257 -21.01 33.49 -46.80
N GLN B 258 -20.63 33.94 -47.99
CA GLN B 258 -19.72 35.06 -48.08
C GLN B 258 -20.34 36.32 -47.49
N GLN B 259 -21.65 36.50 -47.71
CA GLN B 259 -22.32 37.70 -47.22
C GLN B 259 -22.29 37.75 -45.71
N ILE B 260 -22.37 36.60 -45.05
CA ILE B 260 -22.41 36.55 -43.59
C ILE B 260 -21.03 36.44 -42.98
N SER B 261 -19.98 36.47 -43.80
CA SER B 261 -18.62 36.39 -43.31
C SER B 261 -18.02 37.76 -43.02
N SER B 262 -18.80 38.83 -43.14
CA SER B 262 -18.30 40.17 -42.90
C SER B 262 -17.74 40.29 -41.48
N LEU B 263 -16.94 41.34 -41.29
CA LEU B 263 -16.06 41.46 -40.13
C LEU B 263 -16.50 42.51 -39.12
N TYR B 264 -16.91 43.70 -39.58
CA TYR B 264 -16.97 44.85 -38.68
C TYR B 264 -18.06 44.67 -37.63
N THR B 265 -19.29 44.38 -38.05
CA THR B 265 -20.40 44.08 -37.14
C THR B 265 -20.69 45.25 -36.21
N PHE B 266 -20.78 46.47 -36.75
CA PHE B 266 -21.32 47.55 -35.96
C PHE B 266 -21.74 48.74 -36.81
N ASN B 267 -22.84 49.35 -36.38
CA ASN B 267 -23.38 50.61 -36.84
C ASN B 267 -24.24 51.12 -35.70
N PRO B 268 -24.15 52.39 -35.32
CA PRO B 268 -24.92 52.88 -34.18
C PRO B 268 -26.41 52.63 -34.30
N LYS B 269 -26.97 52.71 -35.50
CA LYS B 269 -28.40 52.54 -35.66
C LYS B 269 -28.79 51.07 -35.63
N GLY B 270 -28.32 50.31 -36.61
CA GLY B 270 -28.65 48.91 -36.72
C GLY B 270 -27.79 47.99 -35.87
N GLN B 271 -28.12 47.89 -34.57
CA GLN B 271 -27.28 47.20 -33.60
C GLN B 271 -26.73 45.88 -34.14
N TYR B 272 -27.63 44.94 -34.45
CA TYR B 272 -27.40 43.82 -35.37
C TYR B 272 -26.00 43.22 -35.27
N TYR B 273 -25.71 42.68 -34.10
CA TYR B 273 -24.44 42.01 -33.90
C TYR B 273 -24.33 40.84 -34.86
N SER B 274 -23.11 40.33 -35.02
CA SER B 274 -22.94 39.01 -35.65
C SER B 274 -23.56 39.01 -37.05
N MET B 275 -22.87 39.61 -38.02
CA MET B 275 -23.39 39.98 -39.33
C MET B 275 -24.48 39.04 -39.85
N LEU B 276 -24.36 37.74 -39.56
CA LEU B 276 -25.47 36.83 -39.84
C LEU B 276 -26.76 37.41 -39.29
N HIS B 277 -26.74 37.84 -38.02
CA HIS B 277 -27.91 38.46 -37.43
C HIS B 277 -28.27 39.77 -38.10
N LYS B 278 -27.28 40.56 -38.53
CA LYS B 278 -27.60 41.76 -39.28
C LYS B 278 -28.37 41.45 -40.54
N TYR B 279 -28.07 40.30 -41.17
CA TYR B 279 -28.72 39.85 -42.38
C TYR B 279 -29.94 39.00 -41.99
N VAL B 280 -30.93 39.69 -41.40
CA VAL B 280 -32.26 39.11 -41.23
C VAL B 280 -33.36 40.05 -41.68
N ASN B 281 -33.03 41.25 -42.15
CA ASN B 281 -34.08 42.14 -42.63
C ASN B 281 -34.50 41.79 -44.05
N ARG B 282 -33.57 41.33 -44.88
CA ARG B 282 -33.87 40.94 -46.26
C ARG B 282 -32.92 39.86 -46.73
N TYR C 20 -0.59 12.75 -16.90
CA TYR C 20 0.65 12.97 -16.18
C TYR C 20 1.58 13.92 -16.93
N GLY C 21 1.34 14.07 -18.24
CA GLY C 21 2.17 14.95 -19.04
C GLY C 21 2.07 16.39 -18.58
N LEU C 22 0.85 16.87 -18.32
CA LEU C 22 0.67 18.24 -17.84
C LEU C 22 1.39 18.43 -16.51
N VAL C 23 1.25 17.47 -15.60
CA VAL C 23 1.88 17.56 -14.29
C VAL C 23 3.39 17.65 -14.43
N THR C 24 3.97 16.76 -15.24
CA THR C 24 5.42 16.73 -15.40
C THR C 24 5.92 18.01 -16.05
N LEU C 25 5.22 18.49 -17.07
CA LEU C 25 5.66 19.71 -17.73
C LEU C 25 5.56 20.89 -16.78
N LEU C 26 4.51 20.93 -15.95
CA LEU C 26 4.37 22.04 -15.00
C LEU C 26 5.47 22.01 -13.94
N THR C 27 5.79 20.83 -13.38
CA THR C 27 6.86 20.81 -12.39
C THR C 27 8.21 21.16 -13.01
N ALA C 28 8.48 20.67 -14.23
CA ALA C 28 9.73 21.01 -14.90
C ALA C 28 9.81 22.50 -15.16
N GLY C 29 8.70 23.11 -15.62
CA GLY C 29 8.69 24.53 -15.87
C GLY C 29 8.88 25.33 -14.61
N GLY C 30 8.24 24.92 -13.52
CA GLY C 30 8.40 25.63 -12.26
C GLY C 30 9.83 25.56 -11.75
N GLU C 31 10.45 24.38 -11.83
CA GLU C 31 11.83 24.25 -11.37
C GLU C 31 12.75 25.12 -12.21
N ARG C 32 12.57 25.11 -13.54
CA ARG C 32 13.37 25.93 -14.42
C ARG C 32 13.17 27.41 -14.09
N ILE C 33 11.91 27.81 -13.90
CA ILE C 33 11.58 29.21 -13.62
C ILE C 33 12.26 29.67 -12.34
N PHE C 34 12.19 28.85 -11.29
CA PHE C 34 12.72 29.28 -10.00
C PHE C 34 14.25 29.25 -10.03
N SER C 35 14.83 28.24 -10.69
CA SER C 35 16.28 28.23 -10.83
C SER C 35 16.75 29.44 -11.61
N ALA C 36 15.90 29.97 -12.49
CA ALA C 36 16.25 31.13 -13.30
C ALA C 36 16.06 32.44 -12.54
N VAL C 37 15.14 32.48 -11.58
CA VAL C 37 14.89 33.71 -10.82
C VAL C 37 15.89 33.77 -9.66
N ALA C 38 16.88 32.88 -9.68
CA ALA C 38 17.97 32.94 -8.72
C ALA C 38 18.53 34.35 -8.65
N PHE C 39 18.69 34.86 -7.44
CA PHE C 39 19.01 36.26 -7.21
C PHE C 39 20.45 36.33 -6.70
N GLN C 40 21.37 36.75 -7.56
CA GLN C 40 22.77 36.78 -7.16
C GLN C 40 23.21 38.12 -6.57
N CYS C 41 22.46 39.19 -6.83
CA CYS C 41 22.89 40.53 -6.47
C CYS C 41 24.32 40.77 -6.93
N PRO C 42 24.55 40.94 -8.23
CA PRO C 42 25.92 41.15 -8.72
C PRO C 42 26.56 42.34 -8.05
N CYS C 43 27.73 42.13 -7.47
CA CYS C 43 28.47 43.22 -6.84
C CYS C 43 29.14 44.03 -7.95
N SER C 44 28.59 45.20 -8.23
CA SER C 44 29.13 46.09 -9.25
C SER C 44 29.07 47.51 -8.72
N ALA C 45 30.04 48.32 -9.14
CA ALA C 45 30.18 49.66 -8.59
C ALA C 45 28.98 50.54 -8.92
N ALA C 46 28.47 50.45 -10.15
CA ALA C 46 27.41 51.34 -10.59
C ALA C 46 26.22 50.64 -11.19
N TRP C 47 26.37 49.41 -11.69
CA TRP C 47 25.27 48.73 -12.34
C TRP C 47 24.42 47.92 -11.36
N ASN C 48 24.71 48.00 -10.07
CA ASN C 48 24.03 47.17 -9.07
C ASN C 48 22.74 47.84 -8.59
N LEU C 49 22.79 49.15 -8.42
CA LEU C 49 21.67 49.93 -7.93
C LEU C 49 20.46 49.59 -8.81
N PRO C 50 20.54 49.75 -10.14
CA PRO C 50 19.37 49.39 -10.94
C PRO C 50 18.99 47.94 -10.81
N TYR C 51 19.96 47.06 -10.56
CA TYR C 51 19.65 45.64 -10.36
C TYR C 51 18.66 45.47 -9.22
N GLY C 52 18.93 46.14 -8.11
CA GLY C 52 17.99 46.08 -7.00
C GLY C 52 16.71 46.84 -7.30
N LEU C 53 16.85 47.97 -8.00
CA LEU C 53 15.70 48.83 -8.20
C LEU C 53 14.63 48.17 -9.06
N VAL C 54 15.05 47.41 -10.08
CA VAL C 54 14.07 46.77 -10.94
C VAL C 54 13.39 45.64 -10.18
N PHE C 55 14.16 44.86 -9.42
CA PHE C 55 13.59 43.79 -8.63
C PHE C 55 12.69 44.32 -7.54
N LEU C 56 12.83 45.59 -7.19
CA LEU C 56 11.89 46.21 -6.28
C LEU C 56 10.62 46.66 -7.00
N LEU C 57 10.79 47.49 -8.03
CA LEU C 57 9.66 48.19 -8.58
C LEU C 57 8.86 47.37 -9.59
N VAL C 58 9.54 46.68 -10.50
CA VAL C 58 8.86 46.10 -11.64
C VAL C 58 7.83 45.05 -11.25
N PRO C 59 8.13 44.05 -10.41
CA PRO C 59 7.05 43.14 -10.02
C PRO C 59 5.95 43.83 -9.22
N ALA C 60 6.32 44.81 -8.40
CA ALA C 60 5.32 45.60 -7.69
C ALA C 60 4.43 46.36 -8.66
N LEU C 61 5.05 47.05 -9.62
CA LEU C 61 4.27 47.75 -10.63
C LEU C 61 3.40 46.79 -11.42
N ALA C 62 3.90 45.59 -11.67
CA ALA C 62 3.13 44.60 -12.42
C ALA C 62 1.85 44.24 -11.68
N LEU C 63 1.99 43.89 -10.40
CA LEU C 63 0.81 43.49 -9.65
C LEU C 63 -0.13 44.68 -9.45
N PHE C 64 0.44 45.88 -9.31
CA PHE C 64 -0.38 47.08 -9.24
C PHE C 64 -1.21 47.24 -10.50
N LEU C 65 -0.59 47.05 -11.65
CA LEU C 65 -1.29 47.16 -12.91
C LEU C 65 -2.37 46.09 -13.04
N LEU C 66 -2.06 44.86 -12.65
CA LEU C 66 -3.06 43.80 -12.74
C LEU C 66 -4.26 44.13 -11.86
N GLY C 67 -4.02 44.70 -10.69
CA GLY C 67 -5.13 45.16 -9.86
C GLY C 67 -5.91 46.28 -10.53
N TYR C 68 -5.20 47.27 -11.07
CA TYR C 68 -5.81 48.37 -11.79
C TYR C 68 -6.64 47.90 -12.97
N VAL C 69 -6.35 46.72 -13.49
CA VAL C 69 -7.08 46.18 -14.63
C VAL C 69 -8.28 45.37 -14.19
N LEU C 70 -8.09 44.51 -13.19
CA LEU C 70 -9.03 43.42 -12.96
C LEU C 70 -10.41 43.91 -12.52
N SER C 71 -10.46 44.93 -11.66
CA SER C 71 -11.75 45.30 -11.08
C SER C 71 -12.70 45.82 -12.14
N ALA C 72 -13.91 45.25 -12.18
CA ALA C 72 -14.90 45.70 -13.14
C ALA C 72 -15.52 47.04 -12.80
N ARG C 73 -15.30 47.57 -11.59
CA ARG C 73 -15.93 48.84 -11.24
C ARG C 73 -15.33 49.97 -12.05
N THR C 74 -14.03 49.91 -12.33
CA THR C 74 -13.39 51.00 -13.04
C THR C 74 -13.73 50.90 -14.51
N TRP C 75 -13.81 49.67 -15.01
CA TRP C 75 -14.14 49.47 -16.42
C TRP C 75 -15.51 50.04 -16.71
N ARG C 76 -16.42 49.89 -15.75
CA ARG C 76 -17.77 50.44 -15.86
C ARG C 76 -17.72 51.94 -16.12
N LEU C 77 -16.78 52.63 -15.48
CA LEU C 77 -16.58 54.05 -15.68
C LEU C 77 -15.85 54.36 -16.97
N LEU C 78 -14.96 53.47 -17.40
CA LEU C 78 -14.03 53.80 -18.47
C LEU C 78 -14.70 53.71 -19.83
N THR C 79 -15.52 52.70 -20.05
CA THR C 79 -16.08 52.48 -21.38
C THR C 79 -17.01 53.61 -21.79
N GLY C 80 -17.20 53.75 -23.10
CA GLY C 80 -18.07 54.78 -23.65
C GLY C 80 -17.46 56.16 -23.76
N CYS C 81 -16.39 56.31 -24.55
CA CYS C 81 -15.82 57.63 -24.84
C CYS C 81 -15.44 58.35 -23.54
N CYS C 82 -14.77 57.64 -22.64
CA CYS C 82 -14.35 58.13 -21.32
C CYS C 82 -15.36 59.06 -20.67
N ARG C 94 -16.30 65.24 -9.23
CA ARG C 94 -16.87 64.02 -8.69
C ARG C 94 -15.99 62.82 -9.05
N GLY C 95 -15.33 62.91 -10.20
CA GLY C 95 -14.51 61.82 -10.69
C GLY C 95 -13.33 61.51 -9.80
N SER C 96 -12.95 62.43 -8.92
CA SER C 96 -11.80 62.21 -8.03
C SER C 96 -12.09 61.10 -7.02
N LEU C 97 -13.27 61.14 -6.39
CA LEU C 97 -13.54 60.24 -5.27
C LEU C 97 -13.49 58.79 -5.72
N VAL C 98 -14.21 58.47 -6.80
CA VAL C 98 -14.21 57.12 -7.31
C VAL C 98 -12.80 56.72 -7.77
N CYS C 99 -12.05 57.67 -8.35
CA CYS C 99 -10.74 57.33 -8.87
C CYS C 99 -9.76 56.99 -7.76
N THR C 100 -9.76 57.78 -6.68
CA THR C 100 -8.88 57.45 -5.58
C THR C 100 -9.34 56.18 -4.88
N GLN C 101 -10.66 55.94 -4.83
CA GLN C 101 -11.15 54.71 -4.23
C GLN C 101 -10.64 53.49 -4.99
N ILE C 102 -10.81 53.49 -6.31
CA ILE C 102 -10.38 52.34 -7.10
C ILE C 102 -8.86 52.21 -7.06
N SER C 103 -8.14 53.34 -7.11
CA SER C 103 -6.69 53.28 -7.09
C SER C 103 -6.18 52.66 -5.80
N ALA C 104 -6.79 53.02 -4.66
CA ALA C 104 -6.34 52.41 -3.41
C ALA C 104 -6.73 50.95 -3.33
N ALA C 105 -7.97 50.63 -3.73
CA ALA C 105 -8.43 49.26 -3.70
C ALA C 105 -7.60 48.36 -4.60
N ALA C 106 -6.99 48.92 -5.64
CA ALA C 106 -6.09 48.13 -6.47
C ALA C 106 -4.65 48.17 -5.98
N ALA C 107 -4.22 49.25 -5.35
CA ALA C 107 -2.85 49.33 -4.89
C ALA C 107 -2.65 48.56 -3.61
N LEU C 108 -3.74 48.06 -3.01
CA LEU C 108 -3.64 47.12 -1.90
C LEU C 108 -2.59 46.04 -2.12
N ALA C 109 -2.70 45.29 -3.21
CA ALA C 109 -1.89 44.08 -3.37
C ALA C 109 -0.43 44.39 -3.69
N PRO C 110 -0.13 45.34 -4.60
CA PRO C 110 1.28 45.59 -4.92
C PRO C 110 2.06 45.99 -3.70
N LEU C 111 1.42 46.74 -2.81
CA LEU C 111 2.07 47.07 -1.56
C LEU C 111 2.35 45.82 -0.74
N THR C 112 1.47 44.82 -0.82
CA THR C 112 1.75 43.57 -0.13
C THR C 112 2.96 42.88 -0.73
N TRP C 113 3.05 42.84 -2.05
CA TRP C 113 4.22 42.25 -2.69
C TRP C 113 5.50 42.97 -2.30
N VAL C 114 5.50 44.30 -2.40
CA VAL C 114 6.72 45.04 -2.12
C VAL C 114 7.07 44.91 -0.65
N ALA C 115 6.08 44.78 0.22
CA ALA C 115 6.35 44.60 1.63
C ALA C 115 6.99 43.25 1.88
N VAL C 116 6.43 42.20 1.28
CA VAL C 116 7.02 40.87 1.43
C VAL C 116 8.44 40.86 0.91
N ALA C 117 8.68 41.50 -0.24
CA ALA C 117 10.01 41.50 -0.81
C ALA C 117 10.99 42.27 0.09
N LEU C 118 10.60 43.47 0.50
CA LEU C 118 11.44 44.26 1.39
C LEU C 118 11.70 43.54 2.70
N LEU C 119 10.75 42.73 3.16
CA LEU C 119 11.00 41.92 4.32
C LEU C 119 11.92 40.76 3.96
N GLY C 120 12.00 40.40 2.68
CA GLY C 120 12.97 39.42 2.27
C GLY C 120 14.38 39.91 2.49
N GLY C 121 14.59 41.22 2.41
CA GLY C 121 15.87 41.82 2.74
C GLY C 121 16.88 41.83 1.62
N ALA C 122 16.85 40.84 0.73
CA ALA C 122 17.86 40.74 -0.32
C ALA C 122 17.82 41.93 -1.26
N PHE C 123 16.62 42.35 -1.66
CA PHE C 123 16.52 43.40 -2.68
C PHE C 123 17.13 44.69 -2.16
N TYR C 124 16.66 45.16 -1.01
CA TYR C 124 17.19 46.40 -0.46
C TYR C 124 18.66 46.25 -0.08
N GLU C 125 19.03 45.08 0.45
CA GLU C 125 20.44 44.81 0.69
C GLU C 125 21.25 45.05 -0.57
N CYS C 126 20.66 44.71 -1.73
CA CYS C 126 21.36 45.00 -2.98
C CYS C 126 21.27 46.49 -3.29
N ALA C 127 20.22 47.15 -2.81
CA ALA C 127 20.03 48.58 -3.00
C ALA C 127 20.89 49.41 -2.05
N ALA C 128 21.72 48.75 -1.26
CA ALA C 128 22.59 49.44 -0.30
C ALA C 128 23.34 50.59 -0.94
N THR C 129 24.03 50.31 -2.04
CA THR C 129 24.86 51.29 -2.72
C THR C 129 24.07 52.53 -3.10
N GLY C 130 23.10 52.37 -3.99
CA GLY C 130 22.29 53.49 -4.44
C GLY C 130 23.14 54.65 -4.93
N SER C 131 22.64 55.86 -4.71
CA SER C 131 23.47 57.03 -4.96
C SER C 131 24.62 57.10 -3.96
N ALA C 132 25.70 57.76 -4.39
CA ALA C 132 26.87 57.87 -3.53
C ALA C 132 26.55 58.60 -2.22
N ALA C 133 25.54 59.48 -2.23
CA ALA C 133 25.17 60.18 -1.02
C ALA C 133 24.80 59.20 0.08
N PHE C 134 24.09 58.13 -0.29
CA PHE C 134 23.70 57.13 0.69
C PHE C 134 24.92 56.46 1.29
N ALA C 135 25.93 56.19 0.46
CA ALA C 135 27.11 55.48 0.96
C ALA C 135 27.92 56.38 1.86
N GLN C 136 28.22 57.60 1.40
CA GLN C 136 29.04 58.52 2.18
C GLN C 136 28.38 58.84 3.51
N ARG C 137 27.06 59.04 3.52
CA ARG C 137 26.38 59.25 4.78
C ARG C 137 26.30 57.95 5.58
N LEU C 138 26.35 56.81 4.90
CA LEU C 138 26.02 55.55 5.54
C LEU C 138 27.18 55.02 6.39
N CYS C 139 28.32 54.73 5.76
CA CYS C 139 29.37 54.01 6.48
C CYS C 139 30.02 54.92 7.52
N LEU C 140 30.43 54.29 8.63
CA LEU C 140 31.03 55.01 9.75
C LEU C 140 32.38 55.61 9.42
N GLY C 141 32.93 55.37 8.23
CA GLY C 141 34.21 55.92 7.89
C GLY C 141 35.37 55.16 8.48
N ARG C 142 35.14 53.91 8.90
CA ARG C 142 36.19 53.14 9.56
C ARG C 142 37.26 52.71 8.55
N ASN C 143 36.87 51.96 7.53
CA ASN C 143 37.87 51.45 6.60
C ASN C 143 38.42 52.55 5.71
N ARG C 144 37.73 53.69 5.63
CA ARG C 144 38.04 54.84 4.78
C ARG C 144 38.02 54.45 3.31
N SER C 145 37.67 53.19 3.04
CA SER C 145 37.59 52.67 1.69
C SER C 145 36.19 52.15 1.36
N CYS C 146 35.16 52.77 1.94
CA CYS C 146 33.81 52.26 1.72
C CYS C 146 33.48 52.38 0.24
N ALA C 147 33.37 53.62 -0.25
CA ALA C 147 32.77 53.86 -1.56
C ALA C 147 33.51 53.14 -2.67
N ALA C 148 34.80 52.85 -2.47
CA ALA C 148 35.59 52.21 -3.50
C ALA C 148 35.02 50.84 -3.87
N GLU C 149 34.89 49.95 -2.89
CA GLU C 149 34.41 48.60 -3.14
C GLU C 149 33.40 48.20 -2.08
N LEU C 150 32.57 49.14 -1.66
CA LEU C 150 31.39 48.76 -0.87
C LEU C 150 30.49 47.78 -1.60
N PRO C 151 30.18 47.94 -2.91
CA PRO C 151 29.24 47.01 -3.56
C PRO C 151 29.54 45.54 -3.33
N LEU C 152 30.75 45.24 -2.89
CA LEU C 152 31.12 43.86 -2.59
C LEU C 152 30.52 43.37 -1.28
N VAL C 153 29.83 44.21 -0.55
CA VAL C 153 29.46 43.84 0.82
C VAL C 153 28.34 42.79 0.86
N PRO C 154 27.33 42.81 -0.01
CA PRO C 154 26.42 41.66 -0.06
C PRO C 154 27.01 40.53 -0.87
N CYS C 155 28.05 40.83 -1.63
CA CYS C 155 28.75 39.89 -2.47
C CYS C 155 29.70 39.03 -1.65
N ASN C 156 29.93 39.41 -0.40
CA ASN C 156 30.74 38.68 0.57
C ASN C 156 32.22 38.61 0.17
N GLN C 157 32.61 39.35 -0.86
CA GLN C 157 33.99 39.31 -1.33
C GLN C 157 34.86 40.30 -0.59
N ALA C 158 34.31 41.42 -0.16
CA ALA C 158 35.07 42.36 0.65
C ALA C 158 35.33 41.74 2.02
N LYS C 159 36.50 42.02 2.57
CA LYS C 159 36.94 41.40 3.82
C LYS C 159 37.17 42.40 4.94
N ALA C 160 36.85 43.68 4.73
CA ALA C 160 36.94 44.64 5.82
C ALA C 160 35.88 44.33 6.87
N SER C 161 36.30 44.30 8.13
CA SER C 161 35.39 43.91 9.21
C SER C 161 34.20 44.84 9.28
N ASP C 162 34.42 46.13 9.02
CA ASP C 162 33.36 47.13 9.18
C ASP C 162 32.18 46.80 8.28
N VAL C 163 32.46 46.53 7.01
CA VAL C 163 31.37 46.29 6.07
C VAL C 163 30.81 44.90 6.26
N GLN C 164 31.62 43.92 6.68
CA GLN C 164 31.07 42.60 6.95
C GLN C 164 30.02 42.67 8.06
N ASP C 165 30.17 43.59 9.01
CA ASP C 165 29.11 43.86 9.96
C ASP C 165 28.04 44.80 9.41
N LEU C 166 28.41 45.64 8.44
CA LEU C 166 27.46 46.63 7.94
C LEU C 166 26.40 46.00 7.05
N LEU C 167 26.75 44.92 6.36
CA LEU C 167 25.77 44.21 5.54
C LEU C 167 24.61 43.76 6.42
N LYS C 168 24.92 43.33 7.63
CA LYS C 168 23.89 42.86 8.55
C LYS C 168 22.95 44.01 8.90
N ASP C 169 23.53 45.17 9.24
CA ASP C 169 22.71 46.34 9.54
C ASP C 169 21.86 46.74 8.35
N LEU C 170 22.38 46.59 7.14
CA LEU C 170 21.59 46.92 5.96
C LEU C 170 20.42 45.95 5.80
N LYS C 171 20.68 44.66 6.02
CA LYS C 171 19.61 43.68 6.04
C LYS C 171 18.55 44.09 7.07
N ALA C 172 19.01 44.55 8.22
CA ALA C 172 18.11 45.02 9.26
C ALA C 172 17.26 46.17 8.75
N GLN C 173 17.90 47.17 8.16
CA GLN C 173 17.16 48.33 7.67
C GLN C 173 16.14 47.90 6.64
N SER C 174 16.46 46.88 5.85
CA SER C 174 15.50 46.40 4.85
C SER C 174 14.29 45.80 5.54
N GLN C 175 14.53 44.85 6.44
CA GLN C 175 13.41 44.17 7.08
C GLN C 175 12.58 45.14 7.89
N VAL C 176 13.24 46.07 8.59
CA VAL C 176 12.55 47.04 9.42
C VAL C 176 11.69 47.94 8.56
N LEU C 177 12.26 48.45 7.47
CA LEU C 177 11.49 49.30 6.58
C LEU C 177 10.29 48.54 6.05
N GLY C 178 10.49 47.27 5.72
CA GLY C 178 9.37 46.45 5.25
C GLY C 178 8.26 46.38 6.29
N TRP C 179 8.64 46.14 7.54
CA TRP C 179 7.64 46.02 8.58
C TRP C 179 6.94 47.36 8.80
N ILE C 180 7.70 48.45 8.71
CA ILE C 180 7.11 49.78 8.83
C ILE C 180 6.11 50.02 7.71
N LEU C 181 6.44 49.57 6.51
CA LEU C 181 5.54 49.73 5.38
C LEU C 181 4.28 48.90 5.57
N ILE C 182 4.43 47.66 6.06
CA ILE C 182 3.26 46.82 6.21
C ILE C 182 2.40 47.31 7.36
N ALA C 183 2.98 48.11 8.25
CA ALA C 183 2.16 48.78 9.26
C ALA C 183 1.45 49.99 8.67
N VAL C 184 2.17 50.78 7.88
CA VAL C 184 1.58 51.97 7.31
C VAL C 184 0.43 51.59 6.38
N VAL C 185 0.59 50.49 5.64
CA VAL C 185 -0.46 50.10 4.71
C VAL C 185 -1.71 49.66 5.44
N ILE C 186 -1.57 48.90 6.53
CA ILE C 186 -2.75 48.49 7.26
C ILE C 186 -3.40 49.70 7.92
N ILE C 187 -2.59 50.63 8.43
CA ILE C 187 -3.14 51.85 9.02
C ILE C 187 -3.97 52.60 7.99
N ILE C 188 -3.41 52.78 6.78
CA ILE C 188 -4.12 53.48 5.73
C ILE C 188 -5.41 52.76 5.37
N LEU C 189 -5.35 51.43 5.30
CA LEU C 189 -6.55 50.66 5.02
C LEU C 189 -7.60 50.89 6.09
N LEU C 190 -7.18 50.92 7.35
CA LEU C 190 -8.08 51.21 8.45
C LEU C 190 -8.77 52.55 8.24
N ILE C 191 -7.96 53.59 8.07
CA ILE C 191 -8.52 54.94 7.99
C ILE C 191 -9.46 55.05 6.80
N PHE C 192 -9.04 54.48 5.66
CA PHE C 192 -9.86 54.51 4.45
C PHE C 192 -11.20 53.84 4.68
N THR C 193 -11.18 52.58 5.11
CA THR C 193 -12.43 51.85 5.25
C THR C 193 -13.28 52.43 6.37
N SER C 194 -12.66 53.00 7.40
CA SER C 194 -13.43 53.57 8.49
C SER C 194 -14.15 54.83 8.06
N VAL C 195 -13.44 55.74 7.40
CA VAL C 195 -14.09 56.96 6.92
C VAL C 195 -15.16 56.63 5.90
N THR C 196 -14.86 55.70 4.99
CA THR C 196 -15.86 55.31 4.01
C THR C 196 -17.06 54.66 4.68
N ARG C 197 -16.83 54.01 5.81
CA ARG C 197 -17.90 53.44 6.62
C ARG C 197 -18.50 54.43 7.60
N CYS C 198 -17.87 55.58 7.81
CA CYS C 198 -18.36 56.49 8.83
C CYS C 198 -19.38 57.51 8.31
N LEU C 199 -19.10 58.10 7.16
CA LEU C 199 -19.88 59.22 6.66
C LEU C 199 -21.00 58.82 5.72
N SER C 200 -21.17 57.54 5.44
CA SER C 200 -22.25 57.15 4.55
C SER C 200 -23.60 57.36 5.22
N PRO C 201 -24.62 57.78 4.47
CA PRO C 201 -25.93 58.02 5.09
C PRO C 201 -26.65 56.75 5.49
N VAL C 202 -26.54 55.69 4.67
CA VAL C 202 -27.26 54.46 4.94
C VAL C 202 -26.63 53.76 6.15
N SER C 203 -27.45 52.97 6.84
CA SER C 203 -26.96 52.23 7.98
C SER C 203 -26.19 50.99 7.56
N PHE C 204 -25.71 50.26 8.57
CA PHE C 204 -24.92 49.06 8.35
C PHE C 204 -25.79 47.92 7.87
N LEU C 205 -26.72 47.50 8.73
CA LEU C 205 -27.51 46.31 8.47
C LEU C 205 -28.26 46.41 7.15
N GLN C 206 -28.42 47.62 6.63
CA GLN C 206 -28.96 47.77 5.29
C GLN C 206 -27.87 47.70 4.24
N LEU C 207 -26.67 48.20 4.54
CA LEU C 207 -25.60 48.13 3.56
C LEU C 207 -25.23 46.69 3.27
N LYS C 208 -25.21 45.85 4.29
CA LYS C 208 -24.92 44.43 4.09
C LYS C 208 -25.97 43.83 3.16
N PHE C 209 -27.24 44.09 3.45
CA PHE C 209 -28.32 43.60 2.63
C PHE C 209 -28.22 44.12 1.20
N TRP C 210 -27.80 45.37 1.04
CA TRP C 210 -27.64 45.94 -0.28
C TRP C 210 -26.57 45.20 -1.06
N LYS C 211 -25.44 44.90 -0.41
CA LYS C 211 -24.38 44.19 -1.10
C LYS C 211 -24.82 42.78 -1.47
N ILE C 212 -25.56 42.13 -0.58
CA ILE C 212 -26.15 40.83 -0.91
C ILE C 212 -27.06 40.97 -2.13
N TYR C 213 -27.82 42.06 -2.16
CA TYR C 213 -28.71 42.34 -3.27
C TYR C 213 -27.94 42.44 -4.57
N LEU C 214 -26.85 43.21 -4.57
CA LEU C 214 -26.09 43.39 -5.79
C LEU C 214 -25.46 42.06 -6.23
N GLU C 215 -25.01 41.26 -5.27
CA GLU C 215 -24.49 39.94 -5.59
C GLU C 215 -25.55 39.07 -6.29
N GLN C 216 -26.73 39.00 -5.67
CA GLN C 216 -27.80 38.20 -6.25
C GLN C 216 -28.18 38.72 -7.62
N GLU C 217 -28.18 40.04 -7.78
CA GLU C 217 -28.53 40.62 -9.05
C GLU C 217 -27.51 40.23 -10.11
N GLN C 218 -26.23 40.24 -9.75
CA GLN C 218 -25.20 39.85 -10.70
C GLN C 218 -25.36 38.40 -11.12
N GLN C 219 -25.59 37.51 -10.16
CA GLN C 219 -25.74 36.10 -10.51
C GLN C 219 -26.97 35.84 -11.36
N ILE C 220 -28.09 36.45 -10.98
CA ILE C 220 -29.32 36.30 -11.75
C ILE C 220 -29.15 36.84 -13.15
N LEU C 221 -28.48 37.99 -13.26
CA LEU C 221 -28.23 38.58 -14.56
C LEU C 221 -27.41 37.65 -15.42
N LYS C 222 -26.32 37.11 -14.85
CA LYS C 222 -25.52 36.16 -15.59
C LYS C 222 -26.37 35.03 -16.14
N SER C 223 -27.13 34.38 -15.26
CA SER C 223 -27.89 33.21 -15.68
C SER C 223 -28.93 33.56 -16.74
N LYS C 224 -29.77 34.55 -16.46
CA LYS C 224 -30.90 34.80 -17.34
C LYS C 224 -30.45 35.44 -18.65
N ALA C 225 -29.48 36.34 -18.61
CA ALA C 225 -28.92 36.86 -19.84
C ALA C 225 -28.32 35.74 -20.67
N THR C 226 -27.66 34.77 -20.01
CA THR C 226 -27.12 33.62 -20.72
C THR C 226 -28.22 32.90 -21.48
N GLU C 227 -29.30 32.56 -20.80
CA GLU C 227 -30.32 31.75 -21.45
C GLU C 227 -31.07 32.56 -22.50
N HIS C 228 -31.18 33.87 -22.29
CA HIS C 228 -31.86 34.72 -23.26
C HIS C 228 -31.03 34.87 -24.53
N ALA C 229 -29.73 35.05 -24.39
CA ALA C 229 -28.87 35.03 -25.57
C ALA C 229 -28.92 33.68 -26.24
N THR C 230 -29.05 32.61 -25.45
CA THR C 230 -29.15 31.27 -26.01
C THR C 230 -30.40 31.14 -26.89
N GLU C 231 -31.54 31.59 -26.39
CA GLU C 231 -32.76 31.49 -27.17
C GLU C 231 -32.72 32.39 -28.40
N LEU C 232 -32.14 33.58 -28.25
CA LEU C 232 -31.95 34.46 -29.40
C LEU C 232 -31.15 33.76 -30.49
N ALA C 233 -30.01 33.20 -30.11
CA ALA C 233 -29.16 32.52 -31.08
C ALA C 233 -29.88 31.34 -31.71
N LYS C 234 -30.62 30.59 -30.90
CA LYS C 234 -31.35 29.43 -31.43
C LYS C 234 -32.33 29.87 -32.49
N GLU C 235 -33.12 30.89 -32.19
CA GLU C 235 -34.11 31.38 -33.13
C GLU C 235 -33.45 31.85 -34.41
N ASN C 236 -32.40 32.65 -34.29
CA ASN C 236 -31.77 33.21 -35.49
C ASN C 236 -31.12 32.12 -36.33
N ILE C 237 -30.48 31.15 -35.70
CA ILE C 237 -29.81 30.11 -36.46
C ILE C 237 -30.82 29.17 -37.10
N LYS C 238 -31.98 28.98 -36.47
CA LYS C 238 -33.03 28.20 -37.12
C LYS C 238 -33.56 28.94 -38.33
N CYS C 239 -33.80 30.24 -38.18
CA CYS C 239 -34.23 31.04 -39.32
C CYS C 239 -33.19 31.03 -40.43
N PHE C 240 -31.91 30.91 -40.09
CA PHE C 240 -30.89 30.83 -41.12
C PHE C 240 -30.92 29.50 -41.84
N PHE C 241 -30.97 28.39 -41.09
CA PHE C 241 -31.05 27.09 -41.75
C PHE C 241 -32.27 27.01 -42.64
N GLU C 242 -33.41 27.50 -42.17
CA GLU C 242 -34.59 27.50 -43.02
C GLU C 242 -34.47 28.55 -44.12
N GLY C 243 -33.96 29.73 -43.79
CA GLY C 243 -33.90 30.80 -44.76
C GLY C 243 -35.20 31.56 -44.79
N SER C 244 -35.63 32.09 -43.65
CA SER C 244 -36.88 32.81 -43.58
C SER C 244 -36.76 33.96 -42.58
N HIS C 245 -37.87 34.68 -42.44
CA HIS C 245 -37.89 35.86 -41.59
C HIS C 245 -37.78 35.46 -40.13
N PRO C 246 -37.15 36.29 -39.30
CA PRO C 246 -37.06 35.98 -37.87
C PRO C 246 -38.36 36.33 -37.16
N LYS C 247 -38.37 36.13 -35.85
CA LYS C 247 -39.60 36.30 -35.09
C LYS C 247 -39.83 37.75 -34.70
N GLU C 248 -38.75 38.46 -34.38
CA GLU C 248 -38.85 39.81 -33.82
C GLU C 248 -39.67 39.76 -32.52
N TYR C 249 -39.06 39.11 -31.53
CA TYR C 249 -39.71 38.97 -30.23
C TYR C 249 -39.62 40.28 -29.46
N ASN C 250 -38.41 40.80 -29.29
CA ASN C 250 -38.18 42.02 -28.53
C ASN C 250 -36.75 42.47 -28.77
N THR C 251 -36.47 43.69 -28.34
CA THR C 251 -35.17 44.34 -28.58
C THR C 251 -34.63 44.89 -27.27
N PRO C 252 -33.56 44.35 -26.73
CA PRO C 252 -32.88 45.03 -25.63
C PRO C 252 -32.20 46.29 -26.18
N SER C 253 -32.75 47.45 -25.81
CA SER C 253 -32.31 48.71 -26.38
C SER C 253 -30.90 49.06 -25.91
N MET C 254 -30.05 49.41 -26.87
CA MET C 254 -28.66 49.75 -26.55
C MET C 254 -28.60 51.04 -25.75
N LYS C 255 -29.40 52.03 -26.13
CA LYS C 255 -29.47 53.25 -25.33
C LYS C 255 -29.94 52.92 -23.93
N GLU C 256 -30.85 51.96 -23.80
CA GLU C 256 -31.26 51.51 -22.47
C GLU C 256 -30.08 50.88 -21.73
N TRP C 257 -29.27 50.10 -22.44
CA TRP C 257 -28.09 49.50 -21.84
C TRP C 257 -27.19 50.57 -21.27
N GLN C 258 -26.94 51.61 -22.06
CA GLN C 258 -26.11 52.70 -21.56
C GLN C 258 -26.79 53.41 -20.39
N GLN C 259 -28.12 53.53 -20.45
CA GLN C 259 -28.83 54.23 -19.39
C GLN C 259 -28.69 53.49 -18.07
N ILE C 260 -28.64 52.16 -18.12
CA ILE C 260 -28.57 51.36 -16.90
C ILE C 260 -27.14 51.09 -16.48
N SER C 261 -26.16 51.64 -17.19
CA SER C 261 -24.75 51.47 -16.85
C SER C 261 -24.24 52.54 -15.90
N SER C 262 -25.11 53.43 -15.42
CA SER C 262 -24.68 54.48 -14.52
C SER C 262 -24.03 53.92 -13.26
N LEU C 263 -23.29 54.78 -12.58
CA LEU C 263 -22.34 54.37 -11.55
C LEU C 263 -22.78 54.69 -10.13
N TYR C 264 -23.32 55.89 -9.88
CA TYR C 264 -23.39 56.40 -8.51
C TYR C 264 -24.37 55.58 -7.67
N THR C 265 -25.61 55.43 -8.17
CA THR C 265 -26.63 54.59 -7.52
C THR C 265 -26.93 55.07 -6.09
N PHE C 266 -27.14 56.37 -5.93
CA PHE C 266 -27.70 56.82 -4.66
C PHE C 266 -28.27 58.22 -4.74
N ASN C 267 -29.38 58.41 -4.03
CA ASN C 267 -30.05 59.67 -3.74
C ASN C 267 -30.86 59.41 -2.49
N PRO C 268 -30.82 60.31 -1.50
CA PRO C 268 -31.54 60.03 -0.25
C PRO C 268 -33.01 59.73 -0.45
N LYS C 269 -33.66 60.38 -1.41
CA LYS C 269 -35.10 60.16 -1.59
C LYS C 269 -35.37 58.86 -2.34
N GLY C 270 -34.91 58.77 -3.59
CA GLY C 270 -35.15 57.60 -4.40
C GLY C 270 -34.16 56.48 -4.19
N GLN C 271 -34.38 55.69 -3.12
CA GLN C 271 -33.42 54.68 -2.68
C GLN C 271 -32.82 53.89 -3.85
N TYR C 272 -33.67 53.17 -4.59
CA TYR C 272 -33.43 52.72 -5.96
C TYR C 272 -31.99 52.30 -6.23
N TYR C 273 -31.57 51.27 -5.52
CA TYR C 273 -30.23 50.73 -5.74
C TYR C 273 -30.11 50.25 -7.17
N SER C 274 -28.87 50.02 -7.62
CA SER C 274 -28.66 49.26 -8.84
C SER C 274 -29.38 49.91 -10.02
N MET C 275 -28.82 51.00 -10.55
CA MET C 275 -29.47 51.93 -11.45
C MET C 275 -30.51 51.30 -12.35
N LEU C 276 -30.27 50.07 -12.80
CA LEU C 276 -31.33 49.33 -13.48
C LEU C 276 -32.62 49.40 -12.68
N HIS C 277 -32.52 49.11 -11.38
CA HIS C 277 -33.70 49.20 -10.52
C HIS C 277 -34.20 50.63 -10.38
N LYS C 278 -33.31 51.61 -10.37
CA LYS C 278 -33.78 52.98 -10.35
C LYS C 278 -34.62 53.31 -11.58
N TYR C 279 -34.28 52.69 -12.72
CA TYR C 279 -34.99 52.86 -13.97
C TYR C 279 -36.10 51.82 -14.05
N VAL C 280 -37.09 51.99 -13.16
CA VAL C 280 -38.35 51.27 -13.28
C VAL C 280 -39.56 52.20 -13.15
N ASN C 281 -39.36 53.49 -12.93
CA ASN C 281 -40.49 54.40 -12.84
C ASN C 281 -41.01 54.79 -14.22
N ARG C 282 -40.11 54.93 -15.20
CA ARG C 282 -40.49 55.27 -16.56
C ARG C 282 -39.49 54.71 -17.56
N TYR D 20 -2.92 19.73 -7.58
CA TYR D 20 -1.64 19.66 -6.89
C TYR D 20 -0.86 20.96 -7.03
N GLY D 21 -1.21 21.74 -8.05
CA GLY D 21 -0.52 23.00 -8.28
C GLY D 21 -0.69 23.96 -7.11
N LEU D 22 -1.92 24.08 -6.61
CA LEU D 22 -2.17 24.97 -5.47
C LEU D 22 -1.37 24.51 -4.26
N VAL D 23 -1.36 23.20 -4.00
CA VAL D 23 -0.64 22.65 -2.85
C VAL D 23 0.84 22.96 -2.96
N THR D 24 1.43 22.71 -4.14
CA THR D 24 2.86 22.92 -4.32
C THR D 24 3.20 24.39 -4.21
N LEU D 25 2.39 25.26 -4.80
CA LEU D 25 2.67 26.70 -4.71
C LEU D 25 2.56 27.17 -3.27
N LEU D 26 1.57 26.66 -2.52
CA LEU D 26 1.44 27.07 -1.13
C LEU D 26 2.61 26.60 -0.27
N THR D 27 3.06 25.35 -0.45
CA THR D 27 4.20 24.91 0.36
C THR D 27 5.47 25.69 -0.01
N ALA D 28 5.67 25.95 -1.31
CA ALA D 28 6.83 26.73 -1.72
C ALA D 28 6.78 28.13 -1.15
N GLY D 29 5.60 28.76 -1.18
CA GLY D 29 5.46 30.09 -0.64
C GLY D 29 5.68 30.12 0.86
N GLY D 30 5.15 29.12 1.58
CA GLY D 30 5.36 29.08 3.01
C GLY D 30 6.83 28.91 3.37
N GLU D 31 7.52 28.01 2.65
CA GLU D 31 8.94 27.82 2.94
C GLU D 31 9.72 29.10 2.67
N ARG D 32 9.44 29.75 1.55
CA ARG D 32 10.11 31.00 1.23
C ARG D 32 9.82 32.06 2.30
N ILE D 33 8.56 32.15 2.71
CA ILE D 33 8.13 33.14 3.69
C ILE D 33 8.88 32.93 5.01
N PHE D 34 8.95 31.69 5.46
CA PHE D 34 9.55 31.42 6.76
C PHE D 34 11.06 31.57 6.69
N SER D 35 11.67 31.14 5.58
CA SER D 35 13.10 31.36 5.42
C SER D 35 13.41 32.84 5.40
N ALA D 36 12.46 33.66 4.95
CA ALA D 36 12.65 35.10 4.89
C ALA D 36 12.41 35.79 6.23
N VAL D 37 11.57 35.22 7.09
CA VAL D 37 11.29 35.82 8.39
C VAL D 37 12.36 35.35 9.38
N ALA D 38 13.42 34.72 8.86
CA ALA D 38 14.56 34.39 9.68
C ALA D 38 15.02 35.60 10.48
N PHE D 39 15.23 35.40 11.78
CA PHE D 39 15.46 36.49 12.71
C PHE D 39 16.92 36.44 13.15
N GLN D 40 17.73 37.35 12.61
CA GLN D 40 19.16 37.31 12.94
C GLN D 40 19.53 38.17 14.13
N CYS D 41 18.68 39.14 14.51
CA CYS D 41 19.03 40.12 15.52
C CYS D 41 20.40 40.72 15.23
N PRO D 42 20.51 41.57 14.22
CA PRO D 42 21.82 42.15 13.88
C PRO D 42 22.42 42.88 15.07
N CYS D 43 23.65 42.51 15.41
CA CYS D 43 24.34 43.18 16.51
C CYS D 43 24.86 44.51 16.00
N SER D 44 24.20 45.60 16.40
CA SER D 44 24.58 46.95 16.00
C SER D 44 24.45 47.85 17.21
N ALA D 45 25.32 48.87 17.26
CA ALA D 45 25.40 49.71 18.45
C ALA D 45 24.11 50.49 18.66
N ALA D 46 23.52 51.02 17.58
CA ALA D 46 22.35 51.88 17.71
C ALA D 46 21.18 51.47 16.85
N TRP D 47 21.38 50.73 15.78
CA TRP D 47 20.29 50.39 14.89
C TRP D 47 19.59 49.09 15.30
N ASN D 48 19.97 48.50 16.43
CA ASN D 48 19.44 47.21 16.85
C ASN D 48 18.15 47.37 17.64
N LEU D 49 18.10 48.39 18.49
CA LEU D 49 16.96 48.66 19.34
C LEU D 49 15.73 48.72 18.45
N PRO D 50 15.68 49.56 17.41
CA PRO D 50 14.48 49.56 16.56
C PRO D 50 14.24 48.22 15.91
N TYR D 51 15.29 47.46 15.62
CA TYR D 51 15.11 46.13 15.04
C TYR D 51 14.23 45.28 15.94
N GLY D 52 14.54 45.28 17.23
CA GLY D 52 13.69 44.54 18.16
C GLY D 52 12.34 45.19 18.34
N LEU D 53 12.32 46.53 18.35
CA LEU D 53 11.09 47.24 18.67
C LEU D 53 10.03 47.02 17.61
N VAL D 54 10.42 46.97 16.33
CA VAL D 54 9.43 46.77 15.29
C VAL D 54 8.90 45.35 15.33
N PHE D 55 9.79 44.38 15.55
CA PHE D 55 9.36 42.99 15.66
C PHE D 55 8.51 42.76 16.88
N LEU D 56 8.59 43.67 17.86
CA LEU D 56 7.67 43.61 18.99
C LEU D 56 6.32 44.23 18.64
N LEU D 57 6.34 45.48 18.21
CA LEU D 57 5.11 46.25 18.15
C LEU D 57 4.31 46.00 16.88
N VAL D 58 4.98 45.98 15.73
CA VAL D 58 4.25 46.02 14.46
C VAL D 58 3.34 44.82 14.26
N PRO D 59 3.78 43.57 14.42
CA PRO D 59 2.81 42.47 14.30
C PRO D 59 1.72 42.51 15.36
N ALA D 60 2.07 42.95 16.57
CA ALA D 60 1.08 43.13 17.61
C ALA D 60 0.06 44.19 17.23
N LEU D 61 0.55 45.34 16.76
CA LEU D 61 -0.36 46.38 16.31
C LEU D 61 -1.22 45.89 15.15
N ALA D 62 -0.65 45.07 14.28
CA ALA D 62 -1.39 44.56 13.14
C ALA D 62 -2.57 43.72 13.61
N LEU D 63 -2.31 42.76 14.48
CA LEU D 63 -3.38 41.90 14.94
C LEU D 63 -4.39 42.69 15.77
N PHE D 64 -3.92 43.70 16.51
CA PHE D 64 -4.82 44.58 17.24
C PHE D 64 -5.76 45.29 16.28
N LEU D 65 -5.22 45.80 15.18
CA LEU D 65 -6.02 46.49 14.20
C LEU D 65 -7.02 45.53 13.55
N LEU D 66 -6.58 44.33 13.21
CA LEU D 66 -7.50 43.38 12.59
C LEU D 66 -8.65 43.06 13.53
N GLY D 67 -8.37 42.94 14.83
CA GLY D 67 -9.44 42.77 15.79
C GLY D 67 -10.35 43.98 15.85
N TYR D 68 -9.77 45.17 15.91
CA TYR D 68 -10.52 46.43 15.90
C TYR D 68 -11.40 46.57 14.67
N VAL D 69 -11.06 45.87 13.59
CA VAL D 69 -11.82 45.94 12.36
C VAL D 69 -12.93 44.90 12.33
N LEU D 70 -12.59 43.66 12.70
CA LEU D 70 -13.43 42.53 12.34
C LEU D 70 -14.79 42.56 13.01
N SER D 71 -14.87 42.96 14.28
CA SER D 71 -16.13 42.81 15.00
C SER D 71 -17.20 43.71 14.41
N ALA D 72 -18.36 43.13 14.09
CA ALA D 72 -19.46 43.91 13.54
C ALA D 72 -20.15 44.79 14.57
N ARG D 73 -19.87 44.61 15.87
CA ARG D 73 -20.57 45.42 16.85
C ARG D 73 -20.13 46.88 16.76
N THR D 74 -18.85 47.11 16.46
CA THR D 74 -18.35 48.48 16.43
C THR D 74 -18.80 49.14 15.14
N TRP D 75 -18.83 48.36 14.06
CA TRP D 75 -19.24 48.89 12.77
C TRP D 75 -20.67 49.38 12.86
N ARG D 76 -21.50 48.65 13.62
CA ARG D 76 -22.88 49.02 13.86
C ARG D 76 -22.97 50.43 14.43
N LEU D 77 -22.04 50.77 15.32
CA LEU D 77 -21.98 52.10 15.91
C LEU D 77 -21.37 53.12 14.95
N LEU D 78 -20.45 52.68 14.10
CA LEU D 78 -19.64 53.64 13.35
C LEU D 78 -20.41 54.21 12.17
N THR D 79 -21.16 53.38 11.46
CA THR D 79 -21.79 53.84 10.23
C THR D 79 -22.84 54.91 10.53
N GLY D 80 -23.15 55.69 9.49
CA GLY D 80 -24.12 56.76 9.59
C GLY D 80 -23.64 58.06 10.22
N CYS D 81 -22.65 58.71 9.61
CA CYS D 81 -22.21 60.03 10.06
C CYS D 81 -21.80 60.00 11.54
N CYS D 82 -21.01 58.99 11.89
CA CYS D 82 -20.53 58.75 13.26
C CYS D 82 -21.55 59.09 14.33
N ARG D 94 -22.08 58.13 27.33
CA ARG D 94 -22.50 56.76 27.14
C ARG D 94 -21.57 56.03 26.19
N GLY D 95 -21.01 56.78 25.24
CA GLY D 95 -20.14 56.22 24.23
C GLY D 95 -18.87 55.60 24.78
N SER D 96 -18.50 55.96 26.01
CA SER D 96 -17.28 55.43 26.61
C SER D 96 -17.40 53.93 26.89
N LEU D 97 -18.52 53.51 27.47
CA LEU D 97 -18.63 52.13 27.93
C LEU D 97 -18.50 51.15 26.78
N VAL D 98 -19.28 51.37 25.72
CA VAL D 98 -19.20 50.50 24.55
C VAL D 98 -17.82 50.56 23.92
N CYS D 99 -17.20 51.74 23.92
CA CYS D 99 -15.89 51.88 23.26
C CYS D 99 -14.82 51.12 24.01
N THR D 100 -14.80 51.20 25.34
CA THR D 100 -13.80 50.44 26.08
C THR D 100 -14.10 48.95 26.00
N GLN D 101 -15.39 48.58 25.94
CA GLN D 101 -15.74 47.18 25.80
C GLN D 101 -15.20 46.60 24.49
N ILE D 102 -15.47 47.28 23.38
CA ILE D 102 -15.00 46.78 22.09
C ILE D 102 -13.49 46.82 22.02
N SER D 103 -12.87 47.87 22.57
CA SER D 103 -11.41 47.97 22.52
C SER D 103 -10.76 46.83 23.27
N ALA D 104 -11.31 46.45 24.42
CA ALA D 104 -10.71 45.33 25.15
C ALA D 104 -10.99 44.01 24.44
N ALA D 105 -12.22 43.82 23.98
CA ALA D 105 -12.57 42.60 23.26
C ALA D 105 -11.73 42.41 22.01
N ALA D 106 -11.25 43.51 21.42
CA ALA D 106 -10.36 43.37 20.27
C ALA D 106 -8.90 43.30 20.67
N ALA D 107 -8.52 43.92 21.79
CA ALA D 107 -7.11 43.90 22.17
C ALA D 107 -6.75 42.59 22.84
N LEU D 108 -7.75 41.74 23.10
CA LEU D 108 -7.49 40.37 23.54
C LEU D 108 -6.38 39.69 22.74
N ALA D 109 -6.52 39.63 21.43
CA ALA D 109 -5.64 38.79 20.62
C ALA D 109 -4.23 39.36 20.48
N PRO D 110 -4.08 40.67 20.22
CA PRO D 110 -2.72 41.20 20.04
C PRO D 110 -1.88 40.99 21.28
N LEU D 111 -2.51 41.08 22.44
CA LEU D 111 -1.80 40.76 23.66
C LEU D 111 -1.35 39.31 23.67
N THR D 112 -2.15 38.41 23.09
CA THR D 112 -1.71 37.03 23.00
C THR D 112 -0.50 36.88 22.09
N TRP D 113 -0.52 37.57 20.95
CA TRP D 113 0.64 37.53 20.07
C TRP D 113 1.88 38.08 20.76
N VAL D 114 1.77 39.25 21.38
CA VAL D 114 2.94 39.85 22.00
C VAL D 114 3.43 39.01 23.16
N ALA D 115 2.51 38.33 23.84
CA ALA D 115 2.90 37.46 24.94
C ALA D 115 3.67 36.26 24.41
N VAL D 116 3.16 35.64 23.35
CA VAL D 116 3.85 34.50 22.76
C VAL D 116 5.23 34.92 22.27
N ALA D 117 5.32 36.10 21.64
CA ALA D 117 6.61 36.55 21.13
C ALA D 117 7.58 36.82 22.27
N LEU D 118 7.13 37.57 23.28
CA LEU D 118 7.97 37.85 24.43
C LEU D 118 8.39 36.58 25.13
N LEU D 119 7.55 35.56 25.13
CA LEU D 119 7.96 34.28 25.66
C LEU D 119 8.92 33.60 24.72
N GLY D 120 8.93 33.99 23.44
CA GLY D 120 9.94 33.48 22.54
C GLY D 120 11.33 33.93 22.95
N GLY D 121 11.43 35.10 23.60
CA GLY D 121 12.67 35.56 24.15
C GLY D 121 13.59 36.28 23.19
N ALA D 122 13.56 35.91 21.91
CA ALA D 122 14.50 36.48 20.95
C ALA D 122 14.29 37.98 20.79
N PHE D 123 13.04 38.43 20.71
CA PHE D 123 12.78 39.83 20.42
C PHE D 123 13.32 40.72 21.53
N TYR D 124 12.91 40.45 22.76
CA TYR D 124 13.38 41.26 23.87
C TYR D 124 14.87 41.09 24.07
N GLU D 125 15.38 39.86 23.89
CA GLU D 125 16.82 39.66 23.92
C GLU D 125 17.51 40.63 22.95
N CYS D 126 16.87 40.89 21.82
CA CYS D 126 17.43 41.86 20.90
C CYS D 126 17.20 43.27 21.43
N ALA D 127 16.15 43.46 22.21
CA ALA D 127 15.83 44.75 22.82
C ALA D 127 16.69 45.04 24.04
N ALA D 128 17.64 44.14 24.35
CA ALA D 128 18.51 44.31 25.50
C ALA D 128 19.11 45.71 25.56
N THR D 129 19.74 46.13 24.46
CA THR D 129 20.44 47.40 24.39
C THR D 129 19.53 48.56 24.75
N GLY D 130 18.50 48.80 23.94
CA GLY D 130 17.57 49.89 24.17
C GLY D 130 18.28 51.21 24.36
N SER D 131 17.72 52.06 25.21
CA SER D 131 18.42 53.27 25.61
C SER D 131 19.65 52.92 26.45
N ALA D 132 20.63 53.82 26.42
CA ALA D 132 21.85 53.58 27.19
C ALA D 132 21.58 53.47 28.67
N ALA D 133 20.50 54.11 29.16
CA ALA D 133 20.17 54.02 30.58
C ALA D 133 19.97 52.57 30.99
N PHE D 134 19.32 51.79 30.12
CA PHE D 134 19.09 50.39 30.42
C PHE D 134 20.40 49.64 30.54
N ALA D 135 21.36 49.96 29.67
CA ALA D 135 22.63 49.22 29.69
C ALA D 135 23.44 49.60 30.92
N GLN D 136 23.59 50.90 31.17
CA GLN D 136 24.40 51.35 32.29
C GLN D 136 23.83 50.84 33.61
N ARG D 137 22.50 50.86 33.76
CA ARG D 137 21.91 50.29 34.95
C ARG D 137 21.98 48.77 34.93
N LEU D 138 22.07 48.18 33.75
CA LEU D 138 21.90 46.74 33.62
C LEU D 138 23.16 45.97 34.03
N CYS D 139 24.26 46.18 33.32
CA CYS D 139 25.42 45.32 33.52
C CYS D 139 26.08 45.59 34.86
N LEU D 140 26.62 44.53 35.46
CA LEU D 140 27.24 44.60 36.77
C LEU D 140 28.51 45.43 36.79
N GLY D 141 28.98 45.91 35.64
CA GLY D 141 30.19 46.70 35.62
C GLY D 141 31.45 45.87 35.68
N ARG D 142 31.35 44.56 35.38
CA ARG D 142 32.51 43.69 35.49
C ARG D 142 33.52 43.97 34.39
N ASN D 143 33.12 43.84 33.14
CA ASN D 143 34.07 44.02 32.05
C ASN D 143 34.47 45.46 31.86
N ARG D 144 33.68 46.39 32.42
CA ARG D 144 33.84 47.85 32.33
C ARG D 144 33.73 48.29 30.87
N SER D 145 33.46 47.34 29.97
CA SER D 145 33.32 47.60 28.55
C SER D 145 31.94 47.20 28.03
N CYS D 146 30.91 47.30 28.88
CA CYS D 146 29.59 46.84 28.45
C CYS D 146 29.15 47.68 27.27
N ALA D 147 28.90 48.97 27.52
CA ALA D 147 28.18 49.80 26.56
C ALA D 147 28.89 49.87 25.22
N ALA D 148 30.21 49.65 25.21
CA ALA D 148 30.98 49.75 23.97
C ALA D 148 30.48 48.73 22.95
N GLU D 149 30.49 47.45 23.31
CA GLU D 149 30.10 46.39 22.38
C GLU D 149 29.22 45.38 23.08
N LEU D 150 28.34 45.87 23.96
CA LEU D 150 27.27 45.01 24.45
C LEU D 150 26.40 44.46 23.33
N PRO D 151 25.98 45.25 22.31
CA PRO D 151 25.06 44.72 21.29
C PRO D 151 25.49 43.39 20.69
N LEU D 152 26.76 43.04 20.87
CA LEU D 152 27.26 41.76 20.39
C LEU D 152 26.80 40.59 21.23
N VAL D 153 26.10 40.83 22.33
CA VAL D 153 25.87 39.76 23.30
C VAL D 153 24.85 38.73 22.79
N PRO D 154 23.76 39.10 22.09
CA PRO D 154 22.95 38.06 21.46
C PRO D 154 23.56 37.59 20.16
N CYS D 155 24.51 38.37 19.64
CA CYS D 155 25.23 38.10 18.42
C CYS D 155 26.30 37.04 18.63
N ASN D 156 26.60 36.72 19.89
CA ASN D 156 27.54 35.68 20.30
C ASN D 156 28.97 36.00 19.89
N GLN D 157 29.23 37.20 19.40
CA GLN D 157 30.56 37.58 18.95
C GLN D 157 31.42 38.10 20.08
N ALA D 158 30.80 38.77 21.06
CA ALA D 158 31.55 39.21 22.23
C ALA D 158 31.96 37.99 23.05
N LYS D 159 33.15 38.05 23.63
CA LYS D 159 33.73 36.93 24.34
C LYS D 159 33.96 37.20 25.82
N ALA D 160 33.54 38.34 26.33
CA ALA D 160 33.63 38.60 27.76
C ALA D 160 32.68 37.67 28.52
N SER D 161 33.21 37.01 29.56
CA SER D 161 32.42 36.02 30.27
C SER D 161 31.16 36.63 30.86
N ASP D 162 31.26 37.88 31.33
CA ASP D 162 30.15 38.52 32.02
C ASP D 162 28.93 38.60 31.12
N VAL D 163 29.12 39.08 29.89
CA VAL D 163 28.00 39.25 29.00
C VAL D 163 27.54 37.91 28.42
N GLN D 164 28.47 36.96 28.24
CA GLN D 164 28.04 35.65 27.77
C GLN D 164 27.09 34.99 28.77
N ASP D 165 27.24 35.29 30.05
CA ASP D 165 26.23 34.89 31.02
C ASP D 165 25.05 35.87 31.09
N LEU D 166 25.28 37.12 30.72
CA LEU D 166 24.22 38.12 30.85
C LEU D 166 23.15 37.94 29.79
N LEU D 167 23.53 37.45 28.61
CA LEU D 167 22.54 37.17 27.57
C LEU D 167 21.49 36.20 28.09
N LYS D 168 21.93 35.23 28.88
CA LYS D 168 21.01 34.24 29.44
C LYS D 168 20.02 34.92 30.37
N ASP D 169 20.52 35.77 31.25
CA ASP D 169 19.65 36.51 32.15
C ASP D 169 18.67 37.39 31.38
N LEU D 170 19.12 37.95 30.26
CA LEU D 170 18.20 38.77 29.47
C LEU D 170 17.11 37.92 28.84
N LYS D 171 17.49 36.75 28.34
CA LYS D 171 16.49 35.79 27.86
C LYS D 171 15.50 35.48 28.96
N ALA D 172 16.01 35.31 30.18
CA ALA D 172 15.15 35.05 31.32
C ALA D 172 14.18 36.20 31.54
N GLN D 173 14.69 37.42 31.55
CA GLN D 173 13.83 38.58 31.76
C GLN D 173 12.76 38.65 30.70
N SER D 174 13.10 38.24 29.47
CA SER D 174 12.12 38.27 28.40
C SER D 174 11.01 37.27 28.68
N GLN D 175 11.39 36.02 28.94
CA GLN D 175 10.39 34.98 29.14
C GLN D 175 9.54 35.29 30.36
N VAL D 176 10.19 35.76 31.44
CA VAL D 176 9.48 36.07 32.67
C VAL D 176 8.50 37.19 32.44
N LEU D 177 8.93 38.25 31.77
CA LEU D 177 8.02 39.36 31.51
C LEU D 177 6.85 38.87 30.68
N GLY D 178 7.12 37.99 29.72
CA GLY D 178 6.05 37.44 28.91
C GLY D 178 5.04 36.71 29.77
N TRP D 179 5.52 35.88 30.70
CA TRP D 179 4.62 35.12 31.54
C TRP D 179 3.83 36.06 32.45
N ILE D 180 4.49 37.10 32.94
CA ILE D 180 3.81 38.10 33.76
C ILE D 180 2.71 38.78 32.98
N LEU D 181 2.98 39.06 31.71
CA LEU D 181 1.98 39.70 30.87
C LEU D 181 0.82 38.76 30.60
N ILE D 182 1.10 37.49 30.35
CA ILE D 182 0.02 36.57 30.07
C ILE D 182 -0.78 36.29 31.32
N ALA D 183 -0.21 36.55 32.48
CA ALA D 183 -0.99 36.49 33.71
C ALA D 183 -1.84 37.74 33.88
N VAL D 184 -1.25 38.90 33.62
CA VAL D 184 -1.98 40.15 33.79
C VAL D 184 -3.17 40.19 32.83
N VAL D 185 -2.98 39.67 31.62
CA VAL D 185 -4.06 39.73 30.63
C VAL D 185 -5.21 38.83 31.05
N ILE D 186 -4.93 37.63 31.56
CA ILE D 186 -6.00 36.77 31.98
C ILE D 186 -6.70 37.37 33.20
N ILE D 187 -5.93 37.97 34.11
CA ILE D 187 -6.52 38.63 35.27
C ILE D 187 -7.48 39.72 34.83
N ILE D 188 -7.03 40.55 33.88
CA ILE D 188 -7.88 41.64 33.39
C ILE D 188 -9.13 41.07 32.73
N LEU D 189 -8.97 40.00 31.96
CA LEU D 189 -10.13 39.37 31.34
C LEU D 189 -11.11 38.88 32.39
N LEU D 190 -10.59 38.28 33.46
CA LEU D 190 -11.42 37.85 34.57
C LEU D 190 -12.22 39.01 35.12
N ILE D 191 -11.52 40.08 35.52
CA ILE D 191 -12.20 41.19 36.18
C ILE D 191 -13.23 41.81 35.25
N PHE D 192 -12.86 41.97 33.99
CA PHE D 192 -13.76 42.54 33.00
C PHE D 192 -15.03 41.73 32.86
N THR D 193 -14.88 40.44 32.55
CA THR D 193 -16.05 39.61 32.31
C THR D 193 -16.85 39.41 33.59
N SER D 194 -16.21 39.41 34.75
CA SER D 194 -16.92 39.23 36.00
C SER D 194 -17.78 40.44 36.33
N VAL D 195 -17.20 41.64 36.24
CA VAL D 195 -17.97 42.85 36.50
C VAL D 195 -19.08 42.99 35.48
N THR D 196 -18.79 42.74 34.20
CA THR D 196 -19.83 42.81 33.19
C THR D 196 -20.92 41.77 33.44
N ARG D 197 -20.55 40.66 34.05
CA ARG D 197 -21.51 39.63 34.44
C ARG D 197 -22.10 39.89 35.81
N CYS D 198 -21.55 40.81 36.60
CA CYS D 198 -22.03 40.98 37.96
C CYS D 198 -23.16 42.00 38.09
N LEU D 199 -23.02 43.14 37.42
CA LEU D 199 -23.92 44.26 37.62
C LEU D 199 -25.08 44.30 36.64
N SER D 200 -25.17 43.35 35.71
CA SER D 200 -26.28 43.37 34.78
C SER D 200 -27.59 43.05 35.50
N PRO D 201 -28.70 43.69 35.11
CA PRO D 201 -29.97 43.43 35.79
C PRO D 201 -30.55 42.06 35.46
N VAL D 202 -30.42 41.62 34.22
CA VAL D 202 -31.01 40.36 33.80
C VAL D 202 -30.24 39.21 34.43
N SER D 203 -30.94 38.09 34.62
CA SER D 203 -30.31 36.91 35.18
C SER D 203 -29.47 36.18 34.13
N PHE D 204 -28.86 35.08 34.59
CA PHE D 204 -27.99 34.28 33.73
C PHE D 204 -28.81 33.47 32.74
N LEU D 205 -29.64 32.57 33.28
CA LEU D 205 -30.35 31.62 32.42
C LEU D 205 -31.21 32.32 31.39
N GLN D 206 -31.50 33.59 31.60
CA GLN D 206 -32.15 34.37 30.56
C GLN D 206 -31.14 34.99 29.61
N LEU D 207 -29.97 35.38 30.10
CA LEU D 207 -28.97 35.95 29.21
C LEU D 207 -28.51 34.93 28.17
N LYS D 208 -28.35 33.68 28.60
CA LYS D 208 -27.97 32.64 27.66
C LYS D 208 -29.03 32.51 26.58
N PHE D 209 -30.29 32.43 26.99
CA PHE D 209 -31.39 32.34 26.06
C PHE D 209 -31.44 33.54 25.13
N TRP D 210 -31.14 34.72 25.66
CA TRP D 210 -31.13 35.92 24.83
C TRP D 210 -30.06 35.83 23.76
N LYS D 211 -28.88 35.36 24.13
CA LYS D 211 -27.81 35.24 23.13
C LYS D 211 -28.17 34.19 22.08
N ILE D 212 -28.79 33.09 22.50
CA ILE D 212 -29.29 32.11 21.54
C ILE D 212 -30.30 32.78 20.61
N TYR D 213 -31.14 33.63 21.18
CA TYR D 213 -32.14 34.36 20.41
C TYR D 213 -31.48 35.21 19.35
N LEU D 214 -30.47 35.98 19.74
CA LEU D 214 -29.81 36.85 18.78
C LEU D 214 -29.13 36.05 17.69
N GLU D 215 -28.54 34.91 18.06
CA GLU D 215 -27.94 34.03 17.06
C GLU D 215 -28.97 33.54 16.05
N GLN D 216 -30.09 33.03 16.55
CA GLN D 216 -31.13 32.54 15.66
C GLN D 216 -31.66 33.67 14.79
N GLU D 217 -31.78 34.86 15.36
CA GLU D 217 -32.27 36.00 14.60
C GLU D 217 -31.31 36.34 13.48
N GLN D 218 -30.01 36.29 13.76
CA GLN D 218 -29.02 36.58 12.72
C GLN D 218 -29.11 35.56 11.59
N GLN D 219 -29.19 34.28 11.94
CA GLN D 219 -29.25 33.26 10.90
C GLN D 219 -30.53 33.35 10.07
N ILE D 220 -31.66 33.55 10.74
CA ILE D 220 -32.93 33.69 10.04
C ILE D 220 -32.90 34.92 9.14
N LEU D 221 -32.35 36.01 9.64
CA LEU D 221 -32.24 37.23 8.85
C LEU D 221 -31.41 36.98 7.61
N LYS D 222 -30.26 36.35 7.77
CA LYS D 222 -29.43 36.02 6.62
C LYS D 222 -30.24 35.27 5.58
N SER D 223 -30.88 34.18 5.99
CA SER D 223 -31.57 33.33 5.03
C SER D 223 -32.71 34.08 4.34
N LYS D 224 -33.60 34.67 5.13
CA LYS D 224 -34.82 35.23 4.55
C LYS D 224 -34.53 36.50 3.77
N ALA D 225 -33.62 37.34 4.27
CA ALA D 225 -33.20 38.50 3.49
C ALA D 225 -32.58 38.05 2.19
N THR D 226 -31.80 36.96 2.21
CA THR D 226 -31.23 36.44 0.98
C THR D 226 -32.32 36.11 -0.03
N GLU D 227 -33.32 35.33 0.40
CA GLU D 227 -34.32 34.89 -0.56
C GLU D 227 -35.21 36.05 -1.00
N HIS D 228 -35.40 37.03 -0.12
CA HIS D 228 -36.22 38.19 -0.47
C HIS D 228 -35.51 39.07 -1.48
N ALA D 229 -34.22 39.30 -1.30
CA ALA D 229 -33.45 39.99 -2.31
C ALA D 229 -33.45 39.20 -3.61
N THR D 230 -33.43 37.87 -3.51
CA THR D 230 -33.48 37.03 -4.70
C THR D 230 -34.76 37.25 -5.48
N GLU D 231 -35.90 37.25 -4.79
CA GLU D 231 -37.17 37.43 -5.47
C GLU D 231 -37.28 38.84 -6.04
N LEU D 232 -36.80 39.84 -5.29
CA LEU D 232 -36.77 41.21 -5.80
C LEU D 232 -36.01 41.29 -7.11
N ALA D 233 -34.80 40.74 -7.12
CA ALA D 233 -33.97 40.77 -8.31
C ALA D 233 -34.65 40.03 -9.46
N LYS D 234 -35.26 38.88 -9.17
CA LYS D 234 -35.93 38.11 -10.21
C LYS D 234 -37.03 38.94 -10.85
N GLU D 235 -37.87 39.55 -10.02
CA GLU D 235 -38.97 40.36 -10.54
C GLU D 235 -38.44 41.50 -11.40
N ASN D 236 -37.45 42.22 -10.89
CA ASN D 236 -36.97 43.39 -11.61
C ASN D 236 -36.31 43.00 -12.93
N ILE D 237 -35.54 41.91 -12.92
CA ILE D 237 -34.85 41.51 -14.13
C ILE D 237 -35.83 40.95 -15.16
N LYS D 238 -36.92 40.34 -14.69
CA LYS D 238 -37.94 39.90 -15.64
C LYS D 238 -38.64 41.11 -16.26
N CYS D 239 -38.96 42.10 -15.43
CA CYS D 239 -39.54 43.33 -15.95
C CYS D 239 -38.60 44.02 -16.92
N PHE D 240 -37.29 43.87 -16.72
CA PHE D 240 -36.35 44.47 -17.66
C PHE D 240 -36.32 43.72 -18.98
N PHE D 241 -36.23 42.39 -18.94
CA PHE D 241 -36.25 41.64 -20.19
C PHE D 241 -37.54 41.91 -20.96
N GLU D 242 -38.67 41.95 -20.26
CA GLU D 242 -39.91 42.27 -20.97
C GLU D 242 -39.96 43.74 -21.33
N GLY D 243 -39.52 44.62 -20.43
CA GLY D 243 -39.61 46.04 -20.68
C GLY D 243 -40.97 46.56 -20.27
N SER D 244 -41.35 46.35 -19.01
CA SER D 244 -42.65 46.79 -18.55
C SER D 244 -42.55 47.25 -17.09
N HIS D 245 -43.68 47.66 -16.55
CA HIS D 245 -43.73 48.20 -15.20
C HIS D 245 -43.48 47.10 -14.19
N PRO D 246 -42.86 47.42 -13.06
CA PRO D 246 -42.64 46.41 -12.02
C PRO D 246 -43.90 46.20 -11.20
N LYS D 247 -43.78 45.32 -10.20
CA LYS D 247 -44.97 44.94 -9.44
C LYS D 247 -45.28 45.93 -8.33
N GLU D 248 -44.24 46.47 -7.70
CA GLU D 248 -44.39 47.29 -6.50
C GLU D 248 -45.10 46.48 -5.41
N TYR D 249 -44.37 45.48 -4.93
CA TYR D 249 -44.91 44.60 -3.91
C TYR D 249 -44.86 45.31 -2.55
N ASN D 250 -43.68 45.78 -2.15
CA ASN D 250 -43.50 46.43 -0.87
C ASN D 250 -42.12 47.09 -0.87
N THR D 251 -41.90 47.92 0.14
CA THR D 251 -40.69 48.73 0.26
C THR D 251 -40.08 48.57 1.64
N PRO D 252 -38.93 47.94 1.78
CA PRO D 252 -38.24 48.01 3.07
C PRO D 252 -37.72 49.42 3.26
N SER D 253 -38.32 50.14 4.20
CA SER D 253 -38.01 51.55 4.39
C SER D 253 -36.60 51.76 4.92
N MET D 254 -35.86 52.65 4.28
CA MET D 254 -34.49 52.92 4.71
C MET D 254 -34.46 53.59 6.07
N LYS D 255 -35.37 54.54 6.30
CA LYS D 255 -35.48 55.13 7.63
C LYS D 255 -35.80 54.05 8.65
N GLU D 256 -36.62 53.08 8.28
CA GLU D 256 -36.90 51.96 9.15
C GLU D 256 -35.62 51.16 9.42
N TRP D 257 -34.81 50.97 8.38
CA TRP D 257 -33.53 50.28 8.53
C TRP D 257 -32.68 50.98 9.57
N GLN D 258 -32.58 52.29 9.46
CA GLN D 258 -31.80 53.05 10.44
C GLN D 258 -32.44 52.94 11.81
N GLN D 259 -33.77 52.94 11.87
CA GLN D 259 -34.46 52.88 13.15
C GLN D 259 -34.16 51.58 13.87
N ILE D 260 -34.00 50.49 13.11
CA ILE D 260 -33.77 49.18 13.71
C ILE D 260 -32.29 48.88 13.90
N SER D 261 -31.42 49.83 13.56
CA SER D 261 -29.98 49.65 13.73
C SER D 261 -29.49 50.10 15.09
N SER D 262 -30.39 50.50 15.99
CA SER D 262 -29.97 50.96 17.31
C SER D 262 -29.17 49.89 18.05
N LEU D 263 -28.46 50.34 19.08
CA LEU D 263 -27.40 49.56 19.70
C LEU D 263 -27.76 49.02 21.08
N TYR D 264 -28.36 49.84 21.94
CA TYR D 264 -28.38 49.53 23.37
C TYR D 264 -29.22 48.31 23.67
N THR D 265 -30.48 48.29 23.20
CA THR D 265 -31.36 47.14 23.33
C THR D 265 -31.60 46.76 24.79
N PHE D 266 -31.89 47.74 25.64
CA PHE D 266 -32.39 47.39 26.96
C PHE D 266 -33.08 48.55 27.65
N ASN D 267 -34.13 48.21 28.37
CA ASN D 267 -34.87 49.04 29.30
C ASN D 267 -35.56 48.08 30.25
N PRO D 268 -35.52 48.31 31.56
CA PRO D 268 -36.12 47.34 32.49
C PRO D 268 -37.57 47.03 32.20
N LYS D 269 -38.34 48.01 31.74
CA LYS D 269 -39.76 47.77 31.51
C LYS D 269 -39.98 47.04 30.19
N GLY D 270 -39.63 47.68 29.09
CA GLY D 270 -39.83 47.10 27.77
C GLY D 270 -38.75 46.15 27.33
N GLN D 271 -38.82 44.90 27.81
CA GLN D 271 -37.74 43.92 27.62
C GLN D 271 -37.18 43.95 26.20
N TYR D 272 -38.02 43.63 25.21
CA TYR D 272 -37.87 44.00 23.81
C TYR D 272 -36.42 43.96 23.32
N TYR D 273 -35.86 42.75 23.36
CA TYR D 273 -34.51 42.56 22.86
C TYR D 273 -34.46 42.92 21.38
N SER D 274 -33.24 43.10 20.85
CA SER D 274 -33.07 43.14 19.41
C SER D 274 -33.93 44.22 18.77
N MET D 275 -33.49 45.48 18.90
CA MET D 275 -34.28 46.68 18.65
C MET D 275 -35.34 46.51 17.57
N LEU D 276 -35.05 45.73 16.53
CA LEU D 276 -36.09 45.36 15.58
C LEU D 276 -37.31 44.85 16.34
N HIS D 277 -37.10 43.93 17.28
CA HIS D 277 -38.21 43.42 18.08
C HIS D 277 -38.81 44.50 18.96
N LYS D 278 -37.99 45.42 19.48
CA LYS D 278 -38.57 46.52 20.24
C LYS D 278 -39.52 47.34 19.39
N TYR D 279 -39.22 47.46 18.11
CA TYR D 279 -40.05 48.19 17.15
C TYR D 279 -41.08 47.24 16.55
N VAL D 280 -42.00 46.81 17.41
CA VAL D 280 -43.21 46.13 16.97
C VAL D 280 -44.47 46.70 17.59
N ASN D 281 -44.35 47.69 18.47
CA ASN D 281 -45.55 48.29 19.05
C ASN D 281 -46.19 49.29 18.10
N ARG D 282 -45.39 50.02 17.34
CA ARG D 282 -45.90 50.99 16.38
C ARG D 282 -44.95 51.15 15.20
N TYR E 20 -4.91 20.52 4.13
CA TYR E 20 -3.59 20.23 4.65
C TYR E 20 -2.93 21.48 5.21
N GLY E 21 -3.42 22.65 4.77
CA GLY E 21 -2.85 23.90 5.24
C GLY E 21 -2.99 24.08 6.74
N LEU E 22 -4.19 23.77 7.26
CA LEU E 22 -4.40 23.89 8.70
C LEU E 22 -3.48 22.94 9.46
N VAL E 23 -3.35 21.71 8.97
CA VAL E 23 -2.50 20.72 9.62
C VAL E 23 -1.05 21.20 9.66
N THR E 24 -0.55 21.67 8.52
CA THR E 24 0.84 22.11 8.43
C THR E 24 1.08 23.32 9.32
N LEU E 25 0.15 24.27 9.32
CA LEU E 25 0.33 25.46 10.14
C LEU E 25 0.30 25.08 11.62
N LEU E 26 -0.57 24.15 12.00
CA LEU E 26 -0.64 23.73 13.40
C LEU E 26 0.63 23.02 13.84
N THR E 27 1.16 22.11 13.01
CA THR E 27 2.39 21.44 13.43
C THR E 27 3.56 22.42 13.49
N ALA E 28 3.64 23.35 12.53
CA ALA E 28 4.71 24.35 12.57
C ALA E 28 4.58 25.23 13.81
N GLY E 29 3.36 25.64 14.15
CA GLY E 29 3.16 26.46 15.32
C GLY E 29 3.51 25.71 16.60
N GLY E 30 3.11 24.43 16.68
CA GLY E 30 3.44 23.66 17.86
C GLY E 30 4.93 23.47 18.03
N GLU E 31 5.64 23.19 16.94
CA GLU E 31 7.09 23.03 17.03
C GLU E 31 7.75 24.33 17.47
N ARG E 32 7.32 25.45 16.89
CA ARG E 32 7.86 26.74 17.27
C ARG E 32 7.58 27.02 18.74
N ILE E 33 6.35 26.75 19.18
CA ILE E 33 5.93 27.01 20.55
C ILE E 33 6.79 26.21 21.52
N PHE E 34 7.00 24.94 21.23
CA PHE E 34 7.73 24.08 22.17
C PHE E 34 9.21 24.42 22.15
N SER E 35 9.76 24.71 20.97
CA SER E 35 11.14 25.13 20.91
C SER E 35 11.34 26.43 21.68
N ALA E 36 10.29 27.25 21.77
CA ALA E 36 10.36 28.52 22.49
C ALA E 36 10.19 28.35 23.99
N VAL E 37 9.46 27.32 24.43
CA VAL E 37 9.25 27.10 25.86
C VAL E 37 10.42 26.31 26.41
N ALA E 38 11.47 26.17 25.61
CA ALA E 38 12.71 25.58 26.10
C ALA E 38 13.13 26.23 27.41
N PHE E 39 13.47 25.39 28.38
CA PHE E 39 13.68 25.84 29.76
C PHE E 39 15.17 25.72 30.06
N GLN E 40 15.87 26.85 30.07
CA GLN E 40 17.31 26.82 30.29
C GLN E 40 17.71 26.93 31.74
N CYS E 41 16.83 27.45 32.60
CA CYS E 41 17.18 27.78 33.98
C CYS E 41 18.47 28.59 34.02
N PRO E 42 18.43 29.86 33.62
CA PRO E 42 19.66 30.66 33.60
C PRO E 42 20.29 30.71 34.99
N CYS E 43 21.57 30.35 35.05
CA CYS E 43 22.29 30.41 36.31
C CYS E 43 22.66 31.86 36.58
N SER E 44 21.95 32.48 37.52
CA SER E 44 22.19 33.87 37.89
C SER E 44 22.09 33.97 39.40
N ALA E 45 22.88 34.88 39.97
CA ALA E 45 22.99 34.98 41.42
C ALA E 45 21.67 35.39 42.06
N ALA E 46 20.95 36.33 41.45
CA ALA E 46 19.74 36.86 42.05
C ALA E 46 18.53 36.84 41.14
N TRP E 47 18.71 36.82 39.83
CA TRP E 47 17.57 36.87 38.92
C TRP E 47 17.01 35.50 38.59
N ASN E 48 17.53 34.44 39.22
CA ASN E 48 17.14 33.08 38.88
C ASN E 48 15.90 32.65 39.68
N LEU E 49 15.84 33.06 40.94
CA LEU E 49 14.76 32.70 41.83
C LEU E 49 13.45 33.09 41.16
N PRO E 50 13.26 34.34 40.72
CA PRO E 50 12.00 34.67 40.05
C PRO E 50 11.81 33.85 38.78
N TYR E 51 12.89 33.49 38.10
CA TYR E 51 12.76 32.66 36.90
C TYR E 51 12.03 31.37 37.22
N GLY E 52 12.44 30.71 38.31
CA GLY E 52 11.74 29.51 38.71
C GLY E 52 10.36 29.82 39.26
N LEU E 53 10.24 30.93 39.98
CA LEU E 53 8.98 31.22 40.67
C LEU E 53 7.86 31.48 39.68
N VAL E 54 8.15 32.16 38.57
CA VAL E 54 7.10 32.44 37.61
C VAL E 54 6.68 31.16 36.90
N PHE E 55 7.66 30.33 36.53
CA PHE E 55 7.36 29.06 35.89
C PHE E 55 6.63 28.12 36.83
N LEU E 56 6.70 28.38 38.13
CA LEU E 56 5.89 27.63 39.07
C LEU E 56 4.48 28.19 39.15
N LEU E 57 4.37 29.47 39.46
CA LEU E 57 3.07 30.02 39.85
C LEU E 57 2.20 30.39 38.68
N VAL E 58 2.77 31.05 37.67
CA VAL E 58 1.94 31.69 36.65
C VAL E 58 1.11 30.68 35.85
N PRO E 59 1.66 29.60 35.31
CA PRO E 59 0.77 28.63 34.64
C PRO E 59 -0.22 27.99 35.59
N ALA E 60 0.19 27.74 36.83
CA ALA E 60 -0.73 27.24 37.84
C ALA E 60 -1.85 28.22 38.10
N LEU E 61 -1.50 29.49 38.32
CA LEU E 61 -2.52 30.51 38.51
C LEU E 61 -3.42 30.61 37.31
N ALA E 62 -2.86 30.45 36.11
CA ALA E 62 -3.66 30.54 34.89
C ALA E 62 -4.72 29.46 34.86
N LEU E 63 -4.32 28.22 35.09
CA LEU E 63 -5.28 27.13 35.04
C LEU E 63 -6.28 27.25 36.20
N PHE E 64 -5.83 27.75 37.34
CA PHE E 64 -6.73 28.01 38.45
C PHE E 64 -7.80 29.01 38.05
N LEU E 65 -7.39 30.08 37.38
CA LEU E 65 -8.33 31.10 36.93
C LEU E 65 -9.29 30.54 35.91
N LEU E 66 -8.79 29.75 34.97
CA LEU E 66 -9.68 29.17 33.96
C LEU E 66 -10.73 28.28 34.61
N GLY E 67 -10.33 27.52 35.63
CA GLY E 67 -11.30 26.75 36.39
C GLY E 67 -12.31 27.64 37.11
N TYR E 68 -11.80 28.67 37.78
CA TYR E 68 -12.65 29.64 38.47
C TYR E 68 -13.63 30.33 37.53
N VAL E 69 -13.32 30.35 36.24
CA VAL E 69 -14.19 30.98 35.25
C VAL E 69 -15.21 30.00 34.70
N LEU E 70 -14.75 28.80 34.34
CA LEU E 70 -15.52 27.95 33.45
C LEU E 70 -16.82 27.48 34.07
N SER E 71 -16.83 27.12 35.35
CA SER E 71 -18.01 26.47 35.91
C SER E 71 -19.19 27.43 35.92
N ALA E 72 -20.33 26.98 35.38
CA ALA E 72 -21.53 27.80 35.36
C ALA E 72 -22.20 27.92 36.72
N ARG E 73 -21.80 27.12 37.72
CA ARG E 73 -22.48 27.20 39.00
C ARG E 73 -22.16 28.52 39.69
N THR E 74 -20.94 29.02 39.52
CA THR E 74 -20.56 30.22 40.22
C THR E 74 -21.15 31.43 39.50
N TRP E 75 -21.21 31.34 38.18
CA TRP E 75 -21.76 32.43 37.37
C TRP E 75 -23.21 32.64 37.76
N ARG E 76 -23.91 31.53 38.03
CA ARG E 76 -25.30 31.56 38.47
C ARG E 76 -25.46 32.42 39.70
N LEU E 77 -24.49 32.35 40.62
CA LEU E 77 -24.47 33.15 41.83
C LEU E 77 -24.03 34.59 41.55
N LEU E 78 -23.15 34.77 40.58
CA LEU E 78 -22.49 36.06 40.43
C LEU E 78 -23.38 37.08 39.76
N THR E 79 -24.12 36.69 38.73
CA THR E 79 -24.89 37.65 37.97
C THR E 79 -26.00 38.28 38.82
N GLY E 80 -26.44 39.46 38.37
CA GLY E 80 -27.48 40.20 39.06
C GLY E 80 -27.07 41.00 40.26
N CYS E 81 -26.18 41.98 40.08
CA CYS E 81 -25.80 42.90 41.16
C CYS E 81 -25.27 42.13 42.37
N CYS E 82 -24.38 41.18 42.11
CA CYS E 82 -23.76 40.32 43.12
C CYS E 82 -24.73 39.91 44.24
N ARG E 94 -24.13 32.15 54.70
CA ARG E 94 -24.46 31.05 53.81
C ARG E 94 -23.54 31.04 52.59
N GLY E 95 -23.12 32.24 52.18
CA GLY E 95 -22.30 32.39 51.00
C GLY E 95 -20.95 31.73 51.11
N SER E 96 -20.50 31.41 52.33
CA SER E 96 -19.20 30.78 52.51
C SER E 96 -19.18 29.36 51.94
N LEU E 97 -20.22 28.57 52.23
CA LEU E 97 -20.18 27.15 51.89
C LEU E 97 -20.06 26.96 50.39
N VAL E 98 -20.94 27.63 49.63
CA VAL E 98 -20.90 27.52 48.18
C VAL E 98 -19.57 28.06 47.64
N CYS E 99 -19.05 29.12 48.27
CA CYS E 99 -17.82 29.73 47.75
C CYS E 99 -16.63 28.81 47.94
N THR E 100 -16.51 28.18 49.10
CA THR E 100 -15.41 27.25 49.29
C THR E 100 -15.59 26.01 48.44
N GLN E 101 -16.84 25.59 48.22
CA GLN E 101 -17.09 24.45 47.36
C GLN E 101 -16.61 24.72 45.93
N ILE E 102 -17.03 25.86 45.37
CA ILE E 102 -16.64 26.16 44.00
C ILE E 102 -15.13 26.40 43.92
N SER E 103 -14.55 27.07 44.94
CA SER E 103 -13.12 27.33 44.90
C SER E 103 -12.32 26.04 44.90
N ALA E 104 -12.74 25.05 45.69
CA ALA E 104 -12.00 23.79 45.69
C ALA E 104 -12.23 23.03 44.38
N ALA E 105 -13.48 22.99 43.93
CA ALA E 105 -13.79 22.30 42.68
C ALA E 105 -13.05 22.89 41.50
N ALA E 106 -12.71 24.18 41.57
CA ALA E 106 -11.91 24.78 40.51
C ALA E 106 -10.41 24.67 40.76
N ALA E 107 -9.99 24.64 42.03
CA ALA E 107 -8.57 24.56 42.30
C ALA E 107 -8.05 23.15 42.16
N LEU E 108 -8.95 22.19 41.95
CA LEU E 108 -8.55 20.84 41.58
C LEU E 108 -7.46 20.80 40.51
N ALA E 109 -7.70 21.43 39.37
CA ALA E 109 -6.82 21.25 38.23
C ALA E 109 -5.48 21.97 38.37
N PRO E 110 -5.45 23.22 38.85
CA PRO E 110 -4.16 23.91 38.96
C PRO E 110 -3.20 23.17 39.85
N LEU E 111 -3.74 22.55 40.91
CA LEU E 111 -2.92 21.72 41.74
C LEU E 111 -2.36 20.54 40.96
N THR E 112 -3.13 20.01 40.01
CA THR E 112 -2.60 18.93 39.18
C THR E 112 -1.45 19.44 38.30
N TRP E 113 -1.61 20.62 37.72
CA TRP E 113 -0.53 21.18 36.92
C TRP E 113 0.72 21.41 37.75
N VAL E 114 0.57 22.05 38.92
CA VAL E 114 1.73 22.36 39.72
C VAL E 114 2.37 21.09 40.23
N ALA E 115 1.57 20.04 40.48
CA ALA E 115 2.12 18.78 40.92
C ALA E 115 2.93 18.14 39.81
N VAL E 116 2.39 18.12 38.60
CA VAL E 116 3.12 17.56 37.47
C VAL E 116 4.42 18.33 37.25
N ALA E 117 4.36 19.66 37.34
CA ALA E 117 5.56 20.45 37.12
C ALA E 117 6.60 20.17 38.20
N LEU E 118 6.17 20.21 39.46
CA LEU E 118 7.08 19.93 40.58
C LEU E 118 7.66 18.53 40.47
N LEU E 119 6.90 17.60 39.94
CA LEU E 119 7.45 16.27 39.69
C LEU E 119 8.39 16.30 38.50
N GLY E 120 8.25 17.31 37.63
CA GLY E 120 9.23 17.49 36.58
C GLY E 120 10.61 17.78 37.14
N GLY E 121 10.67 18.44 38.30
CA GLY E 121 11.91 18.67 38.98
C GLY E 121 12.70 19.89 38.53
N ALA E 122 12.59 20.26 37.25
CA ALA E 122 13.39 21.35 36.72
C ALA E 122 13.05 22.67 37.40
N PHE E 123 11.77 22.95 37.60
CA PHE E 123 11.38 24.26 38.12
C PHE E 123 11.94 24.47 39.52
N TYR E 124 11.65 23.54 40.42
CA TYR E 124 12.15 23.67 41.79
C TYR E 124 13.66 23.60 41.83
N GLU E 125 14.24 22.73 41.00
CA GLU E 125 15.70 22.70 40.87
C GLU E 125 16.21 24.08 40.56
N CYS E 126 15.47 24.84 39.75
CA CYS E 126 15.88 26.22 39.49
C CYS E 126 15.59 27.09 40.70
N ALA E 127 14.59 26.72 41.50
CA ALA E 127 14.22 27.44 42.71
C ALA E 127 15.16 27.13 43.87
N ALA E 128 16.18 26.32 43.62
CA ALA E 128 17.15 25.94 44.66
C ALA E 128 17.63 27.15 45.44
N THR E 129 18.14 28.16 44.73
CA THR E 129 18.72 29.34 45.33
C THR E 129 17.76 30.02 46.28
N GLY E 130 16.65 30.54 45.75
CA GLY E 130 15.66 31.23 46.55
C GLY E 130 16.28 32.32 47.40
N SER E 131 15.72 32.52 48.60
CA SER E 131 16.36 33.40 49.56
C SER E 131 17.67 32.79 50.05
N ALA E 132 18.58 33.67 50.48
CA ALA E 132 19.87 33.20 50.97
C ALA E 132 19.72 32.29 52.17
N ALA E 133 18.65 32.44 52.94
CA ALA E 133 18.44 31.58 54.11
C ALA E 133 18.39 30.12 53.68
N PHE E 134 17.74 29.86 52.55
CA PHE E 134 17.63 28.49 52.05
C PHE E 134 19.01 27.95 51.72
N ALA E 135 19.87 28.78 51.13
CA ALA E 135 21.18 28.30 50.71
C ALA E 135 22.06 28.04 51.93
N GLN E 136 22.13 29.02 52.84
CA GLN E 136 22.99 28.89 54.01
C GLN E 136 22.57 27.70 54.86
N ARG E 137 21.27 27.49 55.03
CA ARG E 137 20.81 26.32 55.74
C ARG E 137 21.01 25.06 54.91
N LEU E 138 21.05 25.19 53.59
CA LEU E 138 20.98 24.03 52.72
C LEU E 138 22.31 23.32 52.61
N CYS E 139 23.34 23.99 52.10
CA CYS E 139 24.57 23.28 51.77
C CYS E 139 25.31 22.88 53.03
N LEU E 140 25.99 21.72 52.95
CA LEU E 140 26.71 21.15 54.08
C LEU E 140 27.91 21.98 54.50
N GLY E 141 28.23 23.05 53.79
CA GLY E 141 29.37 23.85 54.15
C GLY E 141 30.70 23.25 53.73
N ARG E 142 30.68 22.31 52.77
CA ARG E 142 31.90 21.64 52.37
C ARG E 142 32.80 22.57 51.57
N ASN E 143 32.30 23.09 50.45
CA ASN E 143 33.16 23.92 49.60
C ASN E 143 33.43 25.28 50.23
N ARG E 144 32.62 25.68 51.21
CA ARG E 144 32.64 26.96 51.89
C ARG E 144 32.39 28.10 50.91
N SER E 145 32.12 27.74 49.65
CA SER E 145 31.84 28.71 48.60
C SER E 145 30.47 28.49 47.99
N CYS E 146 29.50 28.01 48.78
CA CYS E 146 28.19 27.70 48.21
C CYS E 146 27.59 29.00 47.68
N ALA E 147 27.26 29.92 48.59
CA ALA E 147 26.41 31.04 48.25
C ALA E 147 27.00 31.89 47.13
N ALA E 148 28.32 31.87 46.97
CA ALA E 148 28.97 32.69 45.95
C ALA E 148 28.48 32.32 44.56
N GLU E 149 28.62 31.06 44.17
CA GLU E 149 28.24 30.63 42.84
C GLU E 149 27.50 29.30 42.90
N LEU E 150 26.67 29.14 43.93
CA LEU E 150 25.70 28.05 43.90
C LEU E 150 24.79 28.09 42.69
N PRO E 151 24.22 29.24 42.28
CA PRO E 151 23.28 29.24 41.15
C PRO E 151 23.76 28.49 39.92
N LEU E 152 25.06 28.23 39.85
CA LEU E 152 25.61 27.47 38.74
C LEU E 152 25.31 25.99 38.84
N VAL E 153 24.69 25.52 39.92
CA VAL E 153 24.62 24.09 40.16
C VAL E 153 23.65 23.39 39.21
N PRO E 154 22.49 23.95 38.84
CA PRO E 154 21.72 23.32 37.77
C PRO E 154 22.25 23.69 36.41
N CYS E 155 23.09 24.71 36.37
CA CYS E 155 23.72 25.22 35.17
C CYS E 155 24.89 24.33 34.75
N ASN E 156 25.31 23.43 35.63
CA ASN E 156 26.36 22.45 35.40
C ASN E 156 27.72 23.08 35.18
N GLN E 157 27.84 24.38 35.41
CA GLN E 157 29.10 25.08 35.19
C GLN E 157 30.01 25.02 36.42
N ALA E 158 29.43 24.99 37.61
CA ALA E 158 30.22 24.81 38.81
C ALA E 158 30.80 23.40 38.83
N LYS E 159 32.02 23.29 39.33
CA LYS E 159 32.75 22.02 39.32
C LYS E 159 33.08 21.49 40.70
N ALA E 160 32.60 22.13 41.76
CA ALA E 160 32.79 21.59 43.10
C ALA E 160 31.99 20.31 43.26
N SER E 161 32.63 19.26 43.77
CA SER E 161 31.99 17.96 43.85
C SER E 161 30.75 18.03 44.72
N ASP E 162 30.78 18.84 45.78
CA ASP E 162 29.68 18.89 46.74
C ASP E 162 28.39 19.30 46.06
N VAL E 163 28.45 20.37 45.27
CA VAL E 163 27.24 20.87 44.63
C VAL E 163 26.85 20.00 43.45
N GLN E 164 27.83 19.41 42.76
CA GLN E 164 27.46 18.49 41.68
C GLN E 164 26.66 17.32 42.19
N ASP E 165 26.88 16.90 43.43
CA ASP E 165 25.99 15.93 44.06
C ASP E 165 24.76 16.59 44.67
N LEU E 166 24.85 17.87 45.02
CA LEU E 166 23.73 18.52 45.69
C LEU E 166 22.59 18.83 44.73
N LEU E 167 22.92 19.07 43.46
CA LEU E 167 21.86 19.28 42.47
C LEU E 167 20.95 18.08 42.40
N LYS E 168 21.52 16.89 42.55
CA LYS E 168 20.73 15.67 42.50
C LYS E 168 19.76 15.62 43.68
N ASP E 169 20.27 15.93 44.87
CA ASP E 169 19.41 15.98 46.05
C ASP E 169 18.31 17.02 45.90
N LEU E 170 18.62 18.14 45.24
CA LEU E 170 17.59 19.15 45.03
C LEU E 170 16.52 18.64 44.08
N LYS E 171 16.94 17.96 43.02
CA LYS E 171 15.99 17.31 42.12
C LYS E 171 15.11 16.36 42.91
N ALA E 172 15.73 15.62 43.83
CA ALA E 172 15.00 14.70 44.69
C ALA E 172 13.96 15.45 45.50
N GLN E 173 14.37 16.53 46.16
CA GLN E 173 13.44 17.29 46.98
C GLN E 173 12.29 17.80 46.15
N SER E 174 12.55 18.14 44.89
CA SER E 174 11.49 18.62 44.03
C SER E 174 10.49 17.51 43.76
N GLN E 175 10.99 16.37 43.30
CA GLN E 175 10.09 15.28 42.93
C GLN E 175 9.32 14.80 44.15
N VAL E 176 10.01 14.70 45.29
CA VAL E 176 9.39 14.22 46.52
C VAL E 176 8.30 15.17 46.96
N LEU E 177 8.60 16.47 46.96
CA LEU E 177 7.60 17.44 47.35
C LEU E 177 6.39 17.34 46.42
N GLY E 178 6.66 17.16 45.12
CA GLY E 178 5.56 16.99 44.17
C GLY E 178 4.69 15.81 44.54
N TRP E 179 5.31 14.68 44.87
CA TRP E 179 4.53 13.49 45.19
C TRP E 179 3.76 13.72 46.48
N ILE E 180 4.37 14.40 47.44
CA ILE E 180 3.68 14.72 48.69
C ILE E 180 2.48 15.59 48.41
N LEU E 181 2.63 16.54 47.49
CA LEU E 181 1.51 17.41 47.15
C LEU E 181 0.40 16.64 46.46
N ILE E 182 0.76 15.73 45.55
CA ILE E 182 -0.27 15.00 44.84
C ILE E 182 -0.94 14.01 45.77
N ALA E 183 -0.30 13.66 46.88
CA ALA E 183 -0.96 12.87 47.90
C ALA E 183 -1.89 13.75 48.73
N VAL E 184 -1.41 14.93 49.13
CA VAL E 184 -2.23 15.80 49.95
C VAL E 184 -3.48 16.23 49.20
N VAL E 185 -3.36 16.46 47.89
CA VAL E 185 -4.51 16.89 47.13
C VAL E 185 -5.56 15.80 47.02
N ILE E 186 -5.13 14.55 46.81
CA ILE E 186 -6.11 13.48 46.73
C ILE E 186 -6.75 13.26 48.10
N ILE E 187 -5.95 13.37 49.17
CA ILE E 187 -6.50 13.24 50.52
C ILE E 187 -7.57 14.29 50.75
N ILE E 188 -7.28 15.54 50.39
CA ILE E 188 -8.23 16.62 50.58
C ILE E 188 -9.48 16.36 49.75
N LEU E 189 -9.31 15.89 48.52
CA LEU E 189 -10.46 15.56 47.68
C LEU E 189 -11.31 14.49 48.35
N LEU E 190 -10.66 13.47 48.90
CA LEU E 190 -11.36 12.43 49.63
C LEU E 190 -12.21 13.01 50.74
N ILE E 191 -11.57 13.77 51.63
CA ILE E 191 -12.26 14.28 52.80
C ILE E 191 -13.41 15.19 52.39
N PHE E 192 -13.16 16.04 51.39
CA PHE E 192 -14.18 16.95 50.88
C PHE E 192 -15.38 16.19 50.37
N THR E 193 -15.16 15.29 49.41
CA THR E 193 -16.29 14.60 48.80
C THR E 193 -16.97 13.67 49.79
N SER E 194 -16.23 13.13 50.76
CA SER E 194 -16.83 12.22 51.73
C SER E 194 -17.75 12.98 52.68
N VAL E 195 -17.26 14.10 53.23
CA VAL E 195 -18.10 14.88 54.11
C VAL E 195 -19.31 15.43 53.35
N THR E 196 -19.10 15.92 52.14
CA THR E 196 -20.21 16.41 51.36
C THR E 196 -21.19 15.29 51.04
N ARG E 197 -20.69 14.06 50.94
CA ARG E 197 -21.54 12.89 50.75
C ARG E 197 -22.04 12.30 52.06
N CYS E 198 -21.49 12.73 53.20
CA CYS E 198 -21.87 12.10 54.46
C CYS E 198 -23.07 12.76 55.14
N LEU E 199 -23.07 14.09 55.18
CA LEU E 199 -24.04 14.82 55.98
C LEU E 199 -25.28 15.25 55.20
N SER E 200 -25.36 14.94 53.91
CA SER E 200 -26.54 15.33 53.17
C SER E 200 -27.75 14.54 53.64
N PRO E 201 -28.94 15.16 53.69
CA PRO E 201 -30.13 14.44 54.15
C PRO E 201 -30.63 13.41 53.16
N VAL E 202 -30.57 13.71 51.86
CA VAL E 202 -31.09 12.80 50.85
C VAL E 202 -30.18 11.58 50.74
N SER E 203 -30.77 10.47 50.32
CA SER E 203 -30.00 9.25 50.14
C SER E 203 -29.21 9.28 48.84
N PHE E 204 -28.48 8.19 48.62
CA PHE E 204 -27.62 8.06 47.45
C PHE E 204 -28.45 7.81 46.21
N LEU E 205 -29.17 6.68 46.19
CA LEU E 205 -29.85 6.26 44.99
C LEU E 205 -30.84 7.31 44.51
N GLN E 206 -31.23 8.23 45.38
CA GLN E 206 -32.02 9.37 44.93
C GLN E 206 -31.14 10.50 44.44
N LEU E 207 -29.96 10.70 45.03
CA LEU E 207 -29.09 11.75 44.56
C LEU E 207 -28.65 11.50 43.13
N LYS E 208 -28.35 10.24 42.82
CA LYS E 208 -27.96 9.91 41.45
C LYS E 208 -29.09 10.26 40.49
N PHE E 209 -30.31 9.83 40.84
CA PHE E 209 -31.47 10.13 40.03
C PHE E 209 -31.69 11.63 39.90
N TRP E 210 -31.44 12.38 40.96
CA TRP E 210 -31.59 13.82 40.91
C TRP E 210 -30.60 14.44 39.92
N LYS E 211 -29.36 13.97 39.94
CA LYS E 211 -28.38 14.51 39.02
C LYS E 211 -28.74 14.16 37.58
N ILE E 212 -29.23 12.94 37.37
CA ILE E 212 -29.73 12.57 36.04
C ILE E 212 -30.86 13.52 35.64
N TYR E 213 -31.71 13.84 36.60
CA TYR E 213 -32.83 14.75 36.37
C TYR E 213 -32.32 16.10 35.92
N LEU E 214 -31.35 16.65 36.63
CA LEU E 214 -30.84 17.96 36.27
C LEU E 214 -30.18 17.94 34.90
N GLU E 215 -29.48 16.85 34.58
CA GLU E 215 -28.89 16.71 33.25
C GLU E 215 -29.96 16.73 32.17
N GLN E 216 -31.00 15.92 32.35
CA GLN E 216 -32.07 15.86 31.36
C GLN E 216 -32.75 17.20 31.25
N GLU E 217 -32.92 17.89 32.38
CA GLU E 217 -33.55 19.19 32.36
C GLU E 217 -32.72 20.18 31.57
N GLN E 218 -31.40 20.14 31.74
CA GLN E 218 -30.53 21.04 30.99
C GLN E 218 -30.62 20.77 29.50
N GLN E 219 -30.58 19.51 29.10
CA GLN E 219 -30.64 19.20 27.68
C GLN E 219 -31.98 19.58 27.07
N ILE E 220 -33.08 19.26 27.76
CA ILE E 220 -34.41 19.61 27.29
C ILE E 220 -34.54 21.12 27.18
N LEU E 221 -34.04 21.83 28.18
CA LEU E 221 -34.09 23.28 28.16
C LEU E 221 -33.34 23.83 26.96
N LYS E 222 -32.13 23.34 26.73
CA LYS E 222 -31.38 23.77 25.56
C LYS E 222 -32.21 23.60 24.30
N SER E 223 -32.72 22.40 24.08
CA SER E 223 -33.43 22.13 22.83
C SER E 223 -34.68 22.98 22.68
N LYS E 224 -35.55 22.97 23.69
CA LYS E 224 -36.84 23.62 23.54
C LYS E 224 -36.71 25.13 23.55
N ALA E 225 -35.84 25.67 24.40
CA ALA E 225 -35.57 27.09 24.35
C ALA E 225 -35.03 27.49 22.99
N THR E 226 -34.17 26.64 22.40
CA THR E 226 -33.66 26.92 21.07
C THR E 226 -34.80 27.06 20.08
N GLU E 227 -35.69 26.08 20.05
CA GLU E 227 -36.73 26.11 19.02
C GLU E 227 -37.74 27.21 19.30
N HIS E 228 -37.94 27.55 20.58
CA HIS E 228 -38.87 28.61 20.92
C HIS E 228 -38.32 29.97 20.53
N ALA E 229 -37.03 30.20 20.77
CA ALA E 229 -36.41 31.41 20.26
C ALA E 229 -36.46 31.44 18.74
N THR E 230 -36.32 30.26 18.11
CA THR E 230 -36.39 30.20 16.66
C THR E 230 -37.76 30.65 16.16
N GLU E 231 -38.82 30.15 16.77
CA GLU E 231 -40.16 30.53 16.32
C GLU E 231 -40.43 32.00 16.61
N LEU E 232 -39.96 32.50 17.75
CA LEU E 232 -40.09 33.91 18.07
C LEU E 232 -39.44 34.77 16.99
N ALA E 233 -38.20 34.44 16.65
CA ALA E 233 -37.48 35.19 15.63
C ALA E 233 -38.18 35.11 14.29
N LYS E 234 -38.68 33.92 13.93
CA LYS E 234 -39.37 33.75 12.67
C LYS E 234 -40.57 34.68 12.60
N GLU E 235 -41.39 34.66 13.64
CA GLU E 235 -42.59 35.48 13.67
C GLU E 235 -42.23 36.96 13.55
N ASN E 236 -41.25 37.40 14.34
CA ASN E 236 -40.93 38.82 14.34
C ASN E 236 -40.34 39.26 13.01
N ILE E 237 -39.49 38.43 12.40
CA ILE E 237 -38.88 38.82 11.15
C ILE E 237 -39.89 38.78 10.01
N LYS E 238 -40.89 37.90 10.09
CA LYS E 238 -41.95 37.93 9.09
C LYS E 238 -42.77 39.19 9.25
N CYS E 239 -43.10 39.55 10.48
CA CYS E 239 -43.82 40.80 10.72
C CYS E 239 -43.02 42.00 10.24
N PHE E 240 -41.69 41.90 10.29
CA PHE E 240 -40.88 43.02 9.81
C PHE E 240 -40.90 43.09 8.29
N PHE E 241 -40.70 41.95 7.61
CA PHE E 241 -40.77 41.98 6.16
C PHE E 241 -42.13 42.48 5.68
N GLU E 242 -43.20 42.02 6.31
CA GLU E 242 -44.51 42.52 5.93
C GLU E 242 -44.70 43.96 6.41
N GLY E 243 -44.27 44.26 7.63
CA GLY E 243 -44.49 45.57 8.19
C GLY E 243 -45.85 45.64 8.84
N SER E 244 -46.10 44.76 9.81
CA SER E 244 -47.40 44.74 10.48
C SER E 244 -47.21 44.37 11.93
N HIS E 245 -48.32 44.30 12.65
CA HIS E 245 -48.31 44.03 14.07
C HIS E 245 -47.89 42.59 14.33
N PRO E 246 -47.20 42.32 15.44
CA PRO E 246 -46.82 40.95 15.77
C PRO E 246 -48.00 40.20 16.37
N LYS E 247 -47.73 38.95 16.75
CA LYS E 247 -48.81 38.08 17.21
C LYS E 247 -49.11 38.29 18.69
N GLU E 248 -48.07 38.53 19.49
CA GLU E 248 -48.19 38.58 20.94
C GLU E 248 -48.75 37.24 21.44
N TYR E 249 -47.90 36.22 21.29
CA TYR E 249 -48.28 34.88 21.70
C TYR E 249 -48.17 34.75 23.21
N ASN E 250 -47.02 35.07 23.78
CA ASN E 250 -46.78 34.95 25.21
C ASN E 250 -45.46 35.66 25.52
N THR E 251 -45.24 35.85 26.82
CA THR E 251 -44.08 36.59 27.31
C THR E 251 -43.35 35.80 28.38
N PRO E 252 -42.15 35.31 28.12
CA PRO E 252 -41.36 34.77 29.23
C PRO E 252 -40.93 35.91 30.14
N SER E 253 -41.51 35.94 31.34
CA SER E 253 -41.30 37.07 32.25
C SER E 253 -39.87 37.10 32.76
N MET E 254 -39.26 38.28 32.68
CA MET E 254 -37.88 38.43 33.15
C MET E 254 -37.80 38.27 34.65
N LYS E 255 -38.75 38.85 35.38
CA LYS E 255 -38.80 38.63 36.83
C LYS E 255 -38.95 37.15 37.13
N GLU E 256 -39.72 36.44 36.30
CA GLU E 256 -39.83 34.99 36.45
C GLU E 256 -38.48 34.34 36.21
N TRP E 257 -37.74 34.81 35.21
CA TRP E 257 -36.42 34.28 34.93
C TRP E 257 -35.53 34.41 36.16
N GLN E 258 -35.54 35.60 36.77
CA GLN E 258 -34.76 35.79 37.98
C GLN E 258 -35.26 34.89 39.10
N GLN E 259 -36.59 34.72 39.18
CA GLN E 259 -37.16 33.91 40.25
C GLN E 259 -36.70 32.47 40.14
N ILE E 260 -36.52 31.97 38.92
CA ILE E 260 -36.15 30.58 38.72
C ILE E 260 -34.64 30.40 38.68
N SER E 261 -33.88 31.46 38.88
CA SER E 261 -32.42 31.38 38.88
C SER E 261 -31.85 31.09 40.26
N SER E 262 -32.70 30.86 41.25
CA SER E 262 -32.22 30.59 42.61
C SER E 262 -31.28 29.38 42.64
N LEU E 263 -30.52 29.29 43.72
CA LEU E 263 -29.37 28.42 43.80
C LEU E 263 -29.56 27.19 44.69
N TYR E 264 -30.16 27.35 45.88
CA TYR E 264 -30.03 26.34 46.91
C TYR E 264 -30.75 25.05 46.52
N THR E 265 -32.03 25.16 46.16
CA THR E 265 -32.81 24.02 45.67
C THR E 265 -32.90 22.90 46.70
N PHE E 266 -33.21 23.24 47.95
CA PHE E 266 -33.56 22.19 48.89
C PHE E 266 -34.28 22.72 50.12
N ASN E 267 -35.24 21.94 50.57
CA ASN E 267 -35.96 22.06 51.83
C ASN E 267 -36.50 20.67 52.12
N PRO E 268 -36.38 20.18 53.35
CA PRO E 268 -36.81 18.80 53.63
C PRO E 268 -38.25 18.54 53.25
N LYS E 269 -39.14 19.52 53.42
CA LYS E 269 -40.55 19.29 53.13
C LYS E 269 -40.83 19.35 51.63
N GLY E 270 -40.60 20.52 51.03
CA GLY E 270 -40.87 20.70 49.62
C GLY E 270 -39.76 20.25 48.71
N GLN E 271 -39.68 18.94 48.45
CA GLN E 271 -38.56 18.34 47.73
C GLN E 271 -38.11 19.18 46.53
N TYR E 272 -39.01 19.34 45.55
CA TYR E 272 -38.99 20.42 44.56
C TYR E 272 -37.59 20.79 44.09
N TYR E 273 -36.94 19.83 43.46
CA TYR E 273 -35.62 20.08 42.89
C TYR E 273 -35.72 21.18 41.84
N SER E 274 -34.57 21.74 41.47
CA SER E 274 -34.52 22.55 40.26
C SER E 274 -35.50 23.71 40.34
N MET E 275 -35.15 24.75 41.10
CA MET E 275 -36.06 25.80 41.56
C MET E 275 -37.19 26.11 40.58
N LEU E 276 -36.92 26.05 39.28
CA LEU E 276 -38.00 26.12 38.31
C LEU E 276 -39.11 25.16 38.70
N HIS E 277 -38.76 23.91 38.99
CA HIS E 277 -39.74 22.94 39.43
C HIS E 277 -40.36 23.31 40.77
N LYS E 278 -39.58 23.89 41.68
CA LYS E 278 -40.17 24.35 42.93
C LYS E 278 -41.26 25.39 42.67
N TYR E 279 -41.07 26.21 41.64
CA TYR E 279 -42.03 27.25 41.26
C TYR E 279 -43.03 26.64 40.27
N VAL E 280 -43.84 25.72 40.79
CA VAL E 280 -45.02 25.26 40.07
C VAL E 280 -46.26 25.27 40.95
N ASN E 281 -46.16 25.65 42.21
CA ASN E 281 -47.35 25.70 43.05
C ASN E 281 -48.14 26.99 42.82
N ARG E 282 -47.46 28.09 42.54
CA ARG E 282 -48.12 29.37 42.27
C ARG E 282 -47.28 30.23 41.33
N TYR F 20 -6.13 14.62 14.69
CA TYR F 20 -4.74 14.24 14.94
C TYR F 20 -4.14 15.08 16.07
N GLY F 21 -4.75 16.24 16.33
CA GLY F 21 -4.24 17.10 17.39
C GLY F 21 -4.29 16.44 18.76
N LEU F 22 -5.41 15.79 19.07
CA LEU F 22 -5.53 15.09 20.34
C LEU F 22 -4.48 14.00 20.46
N VAL F 23 -4.29 13.22 19.39
CA VAL F 23 -3.32 12.14 19.39
C VAL F 23 -1.92 12.67 19.64
N THR F 24 -1.54 13.74 18.91
CA THR F 24 -0.20 14.28 19.05
C THR F 24 0.01 14.87 20.43
N LEU F 25 -0.99 15.58 20.96
CA LEU F 25 -0.84 16.15 22.29
C LEU F 25 -0.73 15.05 23.33
N LEU F 26 -1.49 13.97 23.18
CA LEU F 26 -1.42 12.88 24.14
C LEU F 26 -0.06 12.17 24.11
N THR F 27 0.47 11.90 22.90
CA THR F 27 1.78 11.25 22.87
C THR F 27 2.87 12.17 23.41
N ALA F 28 2.80 13.47 23.11
CA ALA F 28 3.79 14.39 23.65
C ALA F 28 3.70 14.46 25.16
N GLY F 29 2.47 14.51 25.70
CA GLY F 29 2.30 14.54 27.13
C GLY F 29 2.80 13.29 27.80
N GLY F 30 2.52 12.13 27.19
CA GLY F 30 2.99 10.88 27.77
C GLY F 30 4.50 10.80 27.78
N GLU F 31 5.14 11.21 26.69
CA GLU F 31 6.60 11.18 26.65
C GLU F 31 7.20 12.10 27.69
N ARG F 32 6.64 13.31 27.81
CA ARG F 32 7.10 14.26 28.82
C ARG F 32 6.91 13.68 30.22
N ILE F 33 5.74 13.09 30.46
CA ILE F 33 5.42 12.54 31.78
C ILE F 33 6.41 11.45 32.15
N PHE F 34 6.69 10.55 31.22
CA PHE F 34 7.54 9.42 31.53
C PHE F 34 8.99 9.86 31.67
N SER F 35 9.43 10.78 30.81
CA SER F 35 10.78 11.32 30.95
C SER F 35 10.92 12.03 32.29
N ALA F 36 9.82 12.56 32.83
CA ALA F 36 9.86 13.26 34.10
C ALA F 36 9.81 12.30 35.29
N VAL F 37 9.20 11.12 35.13
CA VAL F 37 9.10 10.16 36.24
C VAL F 37 10.39 9.32 36.25
N ALA F 38 11.38 9.75 35.47
CA ALA F 38 12.69 9.12 35.53
C ALA F 38 13.17 9.01 36.98
N PHE F 39 13.63 7.83 37.34
CA PHE F 39 13.92 7.50 38.74
C PHE F 39 15.43 7.40 38.90
N GLN F 40 16.03 8.42 39.49
CA GLN F 40 17.49 8.42 39.63
C GLN F 40 17.99 7.80 40.92
N CYS F 41 17.14 7.69 41.94
CA CYS F 41 17.56 7.27 43.26
C CYS F 41 18.79 8.06 43.70
N PRO F 42 18.62 9.34 44.03
CA PRO F 42 19.78 10.15 44.43
C PRO F 42 20.51 9.54 45.60
N CYS F 43 21.82 9.34 45.44
CA CYS F 43 22.62 8.79 46.51
C CYS F 43 22.90 9.91 47.51
N SER F 44 22.23 9.86 48.65
CA SER F 44 22.39 10.86 49.70
C SER F 44 22.39 10.13 51.04
N ALA F 45 23.15 10.69 51.98
CA ALA F 45 23.35 10.01 53.27
C ALA F 45 22.06 9.87 54.05
N ALA F 46 21.23 10.91 54.05
CA ALA F 46 20.04 10.92 54.87
C ALA F 46 18.77 11.25 54.13
N TRP F 47 18.84 11.95 52.99
CA TRP F 47 17.64 12.36 52.29
C TRP F 47 17.16 11.31 51.28
N ASN F 48 17.81 10.15 51.24
CA ASN F 48 17.50 9.13 50.24
C ASN F 48 16.37 8.22 50.70
N LEU F 49 16.37 7.89 51.99
CA LEU F 49 15.39 7.00 52.59
C LEU F 49 14.00 7.55 52.25
N PRO F 50 13.69 8.82 52.55
CA PRO F 50 12.36 9.31 52.19
C PRO F 50 12.13 9.27 50.69
N TYR F 51 13.18 9.44 49.90
CA TYR F 51 13.02 9.36 48.45
C TYR F 51 12.43 8.02 48.05
N GLY F 52 12.96 6.95 48.60
CA GLY F 52 12.39 5.65 48.31
C GLY F 52 11.04 5.47 48.97
N LEU F 53 10.88 6.01 50.18
CA LEU F 53 9.68 5.77 50.95
C LEU F 53 8.45 6.38 50.29
N VAL F 54 8.61 7.58 49.71
CA VAL F 54 7.46 8.21 49.07
C VAL F 54 7.10 7.46 47.79
N PHE F 55 8.11 7.06 47.01
CA PHE F 55 7.85 6.30 45.81
C PHE F 55 7.27 4.93 46.11
N LEU F 56 7.43 4.47 47.34
CA LEU F 56 6.75 3.25 47.76
C LEU F 56 5.31 3.54 48.16
N LEU F 57 5.12 4.44 49.11
CA LEU F 57 3.82 4.55 49.76
C LEU F 57 2.83 5.40 48.99
N VAL F 58 3.27 6.55 48.48
CA VAL F 58 2.33 7.53 47.97
C VAL F 58 1.51 7.03 46.78
N PRO F 59 2.11 6.45 45.73
CA PRO F 59 1.24 5.90 44.67
C PRO F 59 0.38 4.75 45.15
N ALA F 60 0.90 3.94 46.06
CA ALA F 60 0.11 2.88 46.66
C ALA F 60 -1.07 3.44 47.43
N LEU F 61 -0.80 4.44 48.29
CA LEU F 61 -1.88 5.09 49.03
C LEU F 61 -2.88 5.72 48.08
N ALA F 62 -2.39 6.27 46.97
CA ALA F 62 -3.29 6.92 46.02
C ALA F 62 -4.26 5.90 45.44
N LEU F 63 -3.75 4.78 44.95
CA LEU F 63 -4.63 3.79 44.36
C LEU F 63 -5.55 3.17 45.41
N PHE F 64 -5.04 3.04 46.64
CA PHE F 64 -5.88 2.57 47.74
C PHE F 64 -7.05 3.51 47.96
N LEU F 65 -6.77 4.80 47.96
CA LEU F 65 -7.81 5.80 48.15
C LEU F 65 -8.81 5.77 47.01
N LEU F 66 -8.32 5.66 45.77
CA LEU F 66 -9.23 5.61 44.64
C LEU F 66 -10.16 4.41 44.74
N GLY F 67 -9.63 3.27 45.19
CA GLY F 67 -10.49 2.13 45.44
C GLY F 67 -11.50 2.37 46.54
N TYR F 68 -11.02 2.96 47.65
CA TYR F 68 -11.88 3.31 48.77
C TYR F 68 -12.99 4.28 48.36
N VAL F 69 -12.78 5.02 47.28
CA VAL F 69 -13.77 5.98 46.81
C VAL F 69 -14.75 5.33 45.83
N LEU F 70 -14.22 4.56 44.88
CA LEU F 70 -14.99 4.24 43.68
C LEU F 70 -16.21 3.37 43.99
N SER F 71 -16.09 2.40 44.89
CA SER F 71 -17.17 1.43 45.05
C SER F 71 -18.41 2.10 45.61
N ALA F 72 -19.55 1.89 44.92
CA ALA F 72 -20.81 2.47 45.38
C ALA F 72 -21.38 1.78 46.60
N ARG F 73 -20.84 0.62 47.00
CA ARG F 73 -21.43 -0.06 48.15
C ARG F 73 -21.16 0.71 49.43
N THR F 74 -20.00 1.34 49.52
CA THR F 74 -19.66 2.04 50.76
C THR F 74 -20.40 3.36 50.80
N TRP F 75 -20.54 3.99 49.64
CA TRP F 75 -21.24 5.27 49.56
C TRP F 75 -22.67 5.09 50.03
N ARG F 76 -23.26 3.94 49.68
CA ARG F 76 -24.61 3.59 50.09
C ARG F 76 -24.73 3.64 51.61
N LEU F 77 -23.69 3.20 52.31
CA LEU F 77 -23.65 3.24 53.77
C LEU F 77 -23.35 4.63 54.29
N LEU F 78 -22.55 5.40 53.55
CA LEU F 78 -22.00 6.63 54.09
C LEU F 78 -23.02 7.76 54.10
N THR F 79 -23.81 7.88 53.04
CA THR F 79 -24.70 9.02 52.92
C THR F 79 -25.78 8.99 54.00
N GLY F 80 -26.36 10.17 54.26
CA GLY F 80 -27.39 10.31 55.25
C GLY F 80 -26.95 10.39 56.70
N CYS F 81 -26.16 11.41 57.06
CA CYS F 81 -25.76 11.66 58.44
C CYS F 81 -25.09 10.42 59.04
N CYS F 82 -24.14 9.86 58.29
CA CYS F 82 -23.39 8.65 58.67
C CYS F 82 -24.24 7.63 59.42
N ARG F 94 -22.24 -4.38 64.09
CA ARG F 94 -22.55 -4.88 62.76
C ARG F 94 -21.74 -4.13 61.71
N GLY F 95 -21.44 -2.86 62.00
CA GLY F 95 -20.73 -2.02 61.06
C GLY F 95 -19.32 -2.50 60.76
N SER F 96 -18.76 -3.37 61.60
CA SER F 96 -17.40 -3.85 61.40
C SER F 96 -17.32 -4.75 60.17
N LEU F 97 -18.27 -5.67 60.01
CA LEU F 97 -18.15 -6.68 58.96
C LEU F 97 -18.14 -6.04 57.58
N VAL F 98 -19.11 -5.17 57.32
CA VAL F 98 -19.18 -4.48 56.04
C VAL F 98 -17.95 -3.61 55.85
N CYS F 99 -17.45 -2.98 56.92
CA CYS F 99 -16.32 -2.08 56.78
C CYS F 99 -15.04 -2.82 56.42
N THR F 100 -14.80 -3.96 57.06
CA THR F 100 -13.61 -4.72 56.70
C THR F 100 -13.77 -5.34 55.33
N GLN F 101 -14.99 -5.70 54.94
CA GLN F 101 -15.22 -6.24 53.61
C GLN F 101 -14.87 -5.20 52.55
N ILE F 102 -15.41 -3.99 52.68
CA ILE F 102 -15.15 -2.96 51.68
C ILE F 102 -13.68 -2.57 51.71
N SER F 103 -13.08 -2.49 52.90
CA SER F 103 -11.69 -2.09 52.97
C SER F 103 -10.79 -3.09 52.27
N ALA F 104 -11.07 -4.38 52.42
CA ALA F 104 -10.25 -5.37 51.73
C ALA F 104 -10.51 -5.34 50.22
N ALA F 105 -11.79 -5.27 49.84
CA ALA F 105 -12.14 -5.22 48.42
C ALA F 105 -11.53 -4.02 47.73
N ALA F 106 -11.28 -2.93 48.47
CA ALA F 106 -10.61 -1.79 47.88
C ALA F 106 -9.10 -1.86 48.01
N ALA F 107 -8.58 -2.51 49.04
CA ALA F 107 -7.14 -2.56 49.20
C ALA F 107 -6.53 -3.63 48.31
N LEU F 108 -7.37 -4.42 47.63
CA LEU F 108 -6.90 -5.32 46.59
C LEU F 108 -5.88 -4.66 45.66
N ALA F 109 -6.26 -3.56 45.03
CA ALA F 109 -5.47 -3.00 43.94
C ALA F 109 -4.18 -2.33 44.42
N PRO F 110 -4.21 -1.53 45.49
CA PRO F 110 -2.97 -0.87 45.92
C PRO F 110 -1.90 -1.88 46.25
N LEU F 111 -2.30 -3.01 46.83
CA LEU F 111 -1.34 -4.07 47.07
C LEU F 111 -0.77 -4.59 45.76
N THR F 112 -1.56 -4.61 44.69
CA THR F 112 -1.01 -5.02 43.40
C THR F 112 0.01 -4.02 42.91
N TRP F 113 -0.28 -2.72 43.04
CA TRP F 113 0.70 -1.71 42.64
C TRP F 113 1.99 -1.83 43.44
N VAL F 114 1.87 -1.92 44.77
CA VAL F 114 3.07 -1.95 45.59
C VAL F 114 3.84 -3.24 45.33
N ALA F 115 3.14 -4.33 45.00
CA ALA F 115 3.83 -5.57 44.68
C ALA F 115 4.59 -5.43 43.38
N VAL F 116 3.95 -4.87 42.36
CA VAL F 116 4.63 -4.67 41.09
C VAL F 116 5.85 -3.77 41.28
N ALA F 117 5.71 -2.70 42.06
CA ALA F 117 6.82 -1.79 42.28
C ALA F 117 7.96 -2.49 43.02
N LEU F 118 7.63 -3.16 44.13
CA LEU F 118 8.63 -3.89 44.88
C LEU F 118 9.31 -4.96 44.04
N LEU F 119 8.58 -5.54 43.10
CA LEU F 119 9.21 -6.46 42.17
C LEU F 119 10.06 -5.71 41.17
N GLY F 120 9.78 -4.42 40.97
CA GLY F 120 10.66 -3.61 40.15
C GLY F 120 12.04 -3.50 40.75
N GLY F 121 12.14 -3.57 42.07
CA GLY F 121 13.41 -3.60 42.74
C GLY F 121 14.06 -2.25 43.00
N ALA F 122 13.83 -1.28 42.12
CA ALA F 122 14.51 0.00 42.24
C ALA F 122 14.12 0.72 43.52
N PHE F 123 12.84 0.72 43.87
CA PHE F 123 12.39 1.51 45.01
C PHE F 123 13.03 1.00 46.29
N TYR F 124 12.89 -0.29 46.57
CA TYR F 124 13.48 -0.84 47.79
C TYR F 124 14.99 -0.77 47.73
N GLU F 125 15.57 -1.01 46.56
CA GLU F 125 17.01 -0.81 46.40
C GLU F 125 17.40 0.58 46.87
N CYS F 126 16.54 1.57 46.61
CA CYS F 126 16.82 2.90 47.11
C CYS F 126 16.56 2.97 48.61
N ALA F 127 15.65 2.12 49.11
CA ALA F 127 15.33 2.05 50.52
C ALA F 127 16.36 1.28 51.32
N ALA F 128 17.43 0.83 50.66
CA ALA F 128 18.49 0.07 51.30
C ALA F 128 18.94 0.72 52.60
N THR F 129 19.31 2.00 52.52
CA THR F 129 19.86 2.74 53.65
C THR F 129 18.91 2.71 54.84
N GLY F 130 17.73 3.31 54.69
CA GLY F 130 16.76 3.36 55.76
C GLY F 130 17.36 3.89 57.05
N SER F 131 16.87 3.37 58.18
CA SER F 131 17.52 3.67 59.44
C SER F 131 18.91 3.04 59.52
N ALA F 132 19.78 3.64 60.32
CA ALA F 132 21.13 3.13 60.45
C ALA F 132 21.15 1.70 60.97
N ALA F 133 20.13 1.32 61.75
CA ALA F 133 20.08 -0.05 62.27
C ALA F 133 20.10 -1.05 61.13
N PHE F 134 19.38 -0.75 60.04
CA PHE F 134 19.35 -1.65 58.90
C PHE F 134 20.74 -1.78 58.29
N ALA F 135 21.49 -0.68 58.22
CA ALA F 135 22.78 -0.72 57.58
C ALA F 135 23.78 -1.49 58.45
N GLN F 136 23.84 -1.14 59.74
CA GLN F 136 24.80 -1.78 60.64
C GLN F 136 24.53 -3.27 60.73
N ARG F 137 23.27 -3.68 60.80
CA ARG F 137 22.96 -5.09 60.79
C ARG F 137 23.18 -5.70 59.41
N LEU F 138 23.11 -4.88 58.36
CA LEU F 138 23.06 -5.40 57.00
C LEU F 138 24.45 -5.81 56.49
N CYS F 139 25.38 -4.85 56.40
CA CYS F 139 26.63 -5.15 55.72
C CYS F 139 27.49 -6.09 56.54
N LEU F 140 28.24 -6.94 55.84
CA LEU F 140 29.08 -7.94 56.48
C LEU F 140 30.25 -7.34 57.25
N GLY F 141 30.44 -6.03 57.21
CA GLY F 141 31.54 -5.43 57.92
C GLY F 141 32.86 -5.56 57.20
N ARG F 142 32.85 -5.85 55.91
CA ARG F 142 34.08 -6.08 55.17
C ARG F 142 34.85 -4.77 54.98
N ASN F 143 34.23 -3.80 54.31
CA ASN F 143 34.95 -2.56 54.02
C ASN F 143 35.15 -1.72 55.26
N ARG F 144 34.39 -1.99 56.33
CA ARG F 144 34.38 -1.26 57.60
C ARG F 144 33.96 0.18 57.37
N SER F 145 33.63 0.52 56.13
CA SER F 145 33.19 1.87 55.76
C SER F 145 31.80 1.86 55.16
N CYS F 146 30.94 0.94 55.59
CA CYS F 146 29.61 0.84 54.98
C CYS F 146 28.87 2.14 55.24
N ALA F 147 28.54 2.40 56.51
CA ALA F 147 27.59 3.44 56.85
C ALA F 147 28.02 4.81 56.33
N ALA F 148 29.33 5.01 56.15
CA ALA F 148 29.83 6.30 55.71
C ALA F 148 29.27 6.69 54.35
N GLU F 149 29.47 5.84 53.35
CA GLU F 149 29.02 6.14 51.99
C GLU F 149 28.40 4.92 51.37
N LEU F 150 27.66 4.15 52.17
CA LEU F 150 26.78 3.14 51.58
C LEU F 150 25.78 3.72 50.61
N PRO F 151 25.09 4.85 50.89
CA PRO F 151 24.06 5.35 49.95
C PRO F 151 24.51 5.43 48.51
N LEU F 152 25.82 5.38 48.28
CA LEU F 152 26.34 5.38 46.92
C LEU F 152 26.17 4.05 46.22
N VAL F 153 25.67 3.03 46.90
CA VAL F 153 25.73 1.68 46.33
C VAL F 153 24.74 1.49 45.18
N PRO F 154 23.51 2.03 45.20
CA PRO F 154 22.71 1.98 43.97
C PRO F 154 23.11 3.08 43.01
N CYS F 155 23.87 4.05 43.51
CA CYS F 155 24.36 5.18 42.74
C CYS F 155 25.55 4.78 41.89
N ASN F 156 26.11 3.59 42.14
CA ASN F 156 27.21 3.00 41.39
C ASN F 156 28.51 3.79 41.52
N GLN F 157 28.54 4.79 42.40
CA GLN F 157 29.72 5.62 42.56
C GLN F 157 30.72 5.01 43.54
N ALA F 158 30.23 4.30 44.54
CA ALA F 158 31.13 3.59 45.45
C ALA F 158 31.81 2.46 44.70
N LYS F 159 33.08 2.23 45.03
CA LYS F 159 33.90 1.25 44.32
C LYS F 159 34.37 0.10 45.19
N ALA F 160 33.93 0.03 46.45
CA ALA F 160 34.26 -1.12 47.28
C ALA F 160 33.57 -2.37 46.75
N SER F 161 34.34 -3.44 46.61
CA SER F 161 33.80 -4.66 46.00
C SER F 161 32.62 -5.19 46.80
N ASP F 162 32.68 -5.06 48.13
CA ASP F 162 31.65 -5.65 48.99
C ASP F 162 30.28 -5.07 48.66
N VAL F 163 30.20 -3.75 48.57
CA VAL F 163 28.91 -3.12 48.33
C VAL F 163 28.51 -3.26 46.87
N GLN F 164 29.47 -3.30 45.95
CA GLN F 164 29.10 -3.52 44.55
C GLN F 164 28.42 -4.88 44.37
N ASP F 165 28.77 -5.87 45.20
CA ASP F 165 28.01 -7.10 45.24
C ASP F 165 26.77 -7.01 46.13
N LEU F 166 26.79 -6.11 47.11
CA LEU F 166 25.69 -6.02 48.05
C LEU F 166 24.46 -5.38 47.43
N LEU F 167 24.66 -4.48 46.48
CA LEU F 167 23.53 -3.88 45.78
C LEU F 167 22.70 -4.96 45.11
N LYS F 168 23.37 -5.97 44.58
CA LYS F 168 22.68 -7.06 43.90
C LYS F 168 21.81 -7.82 44.91
N ASP F 169 22.38 -8.14 46.06
CA ASP F 169 21.61 -8.81 47.11
C ASP F 169 20.44 -7.97 47.56
N LEU F 170 20.60 -6.65 47.60
CA LEU F 170 19.48 -5.80 47.98
C LEU F 170 18.39 -5.84 46.94
N LYS F 171 18.78 -5.80 45.66
CA LYS F 171 17.81 -5.98 44.58
C LYS F 171 17.08 -7.29 44.76
N ALA F 172 17.82 -8.33 45.13
CA ALA F 172 17.22 -9.63 45.38
C ALA F 172 16.20 -9.55 46.49
N GLN F 173 16.58 -8.95 47.61
CA GLN F 173 15.66 -8.85 48.73
C GLN F 173 14.41 -8.09 48.34
N SER F 174 14.54 -7.10 47.45
CA SER F 174 13.38 -6.35 47.01
C SER F 174 12.46 -7.25 46.21
N GLN F 175 13.00 -7.92 45.19
CA GLN F 175 12.17 -8.74 44.32
C GLN F 175 11.53 -9.88 45.11
N VAL F 176 12.31 -10.48 46.01
CA VAL F 176 11.83 -11.61 46.79
C VAL F 176 10.71 -11.14 47.71
N LEU F 177 10.91 -10.02 48.39
CA LEU F 177 9.86 -9.52 49.27
C LEU F 177 8.61 -9.24 48.45
N GLY F 178 8.78 -8.69 47.26
CA GLY F 178 7.64 -8.43 46.39
C GLY F 178 6.88 -9.71 46.09
N TRP F 179 7.60 -10.77 45.75
CA TRP F 179 6.95 -12.02 45.40
C TRP F 179 6.27 -12.61 46.63
N ILE F 180 6.89 -12.46 47.80
CA ILE F 180 6.28 -12.93 49.04
C ILE F 180 5.00 -12.18 49.30
N LEU F 181 5.00 -10.88 49.02
CA LEU F 181 3.79 -10.08 49.22
C LEU F 181 2.70 -10.49 48.25
N ILE F 182 3.06 -10.73 46.99
CA ILE F 182 2.04 -11.09 46.03
C ILE F 182 1.52 -12.48 46.30
N ALA F 183 2.27 -13.29 47.04
CA ALA F 183 1.74 -14.56 47.49
C ALA F 183 0.81 -14.37 48.69
N VAL F 184 1.23 -13.53 49.64
CA VAL F 184 0.42 -13.31 50.83
C VAL F 184 -0.92 -12.70 50.45
N VAL F 185 -0.91 -11.79 49.47
CA VAL F 185 -2.15 -11.14 49.07
C VAL F 185 -3.12 -12.12 48.44
N ILE F 186 -2.61 -13.01 47.57
CA ILE F 186 -3.51 -13.98 46.96
C ILE F 186 -4.02 -14.95 48.01
N ILE F 187 -3.16 -15.34 48.95
CA ILE F 187 -3.59 -16.23 50.03
C ILE F 187 -4.73 -15.58 50.81
N ILE F 188 -4.55 -14.31 51.17
CA ILE F 188 -5.56 -13.60 51.94
C ILE F 188 -6.85 -13.51 51.13
N LEU F 189 -6.73 -13.24 49.83
CA LEU F 189 -7.92 -13.20 48.98
C LEU F 189 -8.63 -14.54 48.99
N LEU F 190 -7.87 -15.62 48.90
CA LEU F 190 -8.43 -16.95 48.97
C LEU F 190 -9.22 -17.14 50.25
N ILE F 191 -8.58 -16.90 51.38
CA ILE F 191 -9.22 -17.17 52.67
C ILE F 191 -10.46 -16.30 52.82
N PHE F 192 -10.36 -15.03 52.43
CA PHE F 192 -11.48 -14.11 52.52
C PHE F 192 -12.66 -14.60 51.71
N THR F 193 -12.45 -14.82 50.41
CA THR F 193 -13.56 -15.21 49.55
C THR F 193 -14.08 -16.59 49.90
N SER F 194 -13.24 -17.47 50.41
CA SER F 194 -13.69 -18.81 50.77
C SER F 194 -14.58 -18.78 51.99
N VAL F 195 -14.15 -18.08 53.04
CA VAL F 195 -14.98 -17.97 54.24
C VAL F 195 -16.27 -17.24 53.92
N THR F 196 -16.19 -16.16 53.14
CA THR F 196 -17.40 -15.45 52.77
C THR F 196 -18.31 -16.33 51.94
N ARG F 197 -17.73 -17.25 51.17
CA ARG F 197 -18.50 -18.23 50.41
C ARG F 197 -18.85 -19.47 51.21
N CYS F 198 -18.25 -19.66 52.39
CA CYS F 198 -18.49 -20.90 53.13
C CYS F 198 -19.67 -20.83 54.08
N LEU F 199 -19.77 -19.74 54.83
CA LEU F 199 -20.74 -19.64 55.93
C LEU F 199 -22.06 -19.00 55.52
N SER F 200 -22.22 -18.59 54.27
CA SER F 200 -23.47 -17.99 53.87
C SER F 200 -24.58 -19.04 53.87
N PRO F 201 -25.80 -18.66 54.28
CA PRO F 201 -26.89 -19.64 54.31
C PRO F 201 -27.39 -20.04 52.94
N VAL F 202 -27.44 -19.08 52.00
CA VAL F 202 -27.97 -19.36 50.68
C VAL F 202 -27.00 -20.25 49.91
N SER F 203 -27.52 -21.01 48.97
CA SER F 203 -26.68 -21.87 48.15
C SER F 203 -25.99 -21.07 47.05
N PHE F 204 -25.19 -21.80 46.26
CA PHE F 204 -24.43 -21.19 45.19
C PHE F 204 -25.33 -20.83 44.02
N LEU F 205 -25.95 -21.84 43.42
CA LEU F 205 -26.70 -21.64 42.19
C LEU F 205 -27.80 -20.61 42.37
N GLN F 206 -28.18 -20.33 43.61
CA GLN F 206 -29.09 -19.23 43.86
C GLN F 206 -28.34 -17.92 44.03
N LEU F 207 -27.14 -17.95 44.60
CA LEU F 207 -26.39 -16.71 44.76
C LEU F 207 -26.04 -16.11 43.40
N LYS F 208 -25.68 -16.98 42.45
CA LYS F 208 -25.37 -16.49 41.11
C LYS F 208 -26.59 -15.82 40.52
N PHE F 209 -27.73 -16.48 40.61
CA PHE F 209 -28.98 -15.93 40.12
C PHE F 209 -29.32 -14.62 40.81
N TRP F 210 -29.05 -14.53 42.10
CA TRP F 210 -29.32 -13.30 42.83
C TRP F 210 -28.45 -12.16 42.31
N LYS F 211 -27.18 -12.44 42.05
CA LYS F 211 -26.32 -11.38 41.53
C LYS F 211 -26.76 -10.95 40.13
N ILE F 212 -27.17 -11.92 39.30
CA ILE F 212 -27.75 -11.58 38.01
C ILE F 212 -28.96 -10.69 38.20
N TYR F 213 -29.77 -11.03 39.21
CA TYR F 213 -30.96 -10.26 39.52
C TYR F 213 -30.60 -8.81 39.85
N LEU F 214 -29.62 -8.63 40.73
CA LEU F 214 -29.24 -7.27 41.11
C LEU F 214 -28.69 -6.51 39.92
N GLU F 215 -27.94 -7.18 39.05
CA GLU F 215 -27.44 -6.54 37.85
C GLU F 215 -28.59 -6.06 36.97
N GLN F 216 -29.55 -6.95 36.71
CA GLN F 216 -30.69 -6.59 35.87
C GLN F 216 -31.47 -5.46 36.51
N GLU F 217 -31.60 -5.50 37.83
CA GLU F 217 -32.33 -4.46 38.52
C GLU F 217 -31.64 -3.12 38.36
N GLN F 218 -30.31 -3.12 38.46
CA GLN F 218 -29.57 -1.86 38.28
C GLN F 218 -29.76 -1.31 36.89
N GLN F 219 -29.66 -2.16 35.87
CA GLN F 219 -29.79 -1.67 34.50
C GLN F 219 -31.21 -1.17 34.22
N ILE F 220 -32.22 -1.92 34.67
CA ILE F 220 -33.60 -1.52 34.49
C ILE F 220 -33.85 -0.20 35.20
N LEU F 221 -33.33 -0.08 36.42
CA LEU F 221 -33.50 1.15 37.18
C LEU F 221 -32.90 2.32 36.44
N LYS F 222 -31.67 2.15 35.95
CA LYS F 222 -31.05 3.22 35.18
C LYS F 222 -31.96 3.66 34.04
N SER F 223 -32.38 2.71 33.22
CA SER F 223 -33.16 3.07 32.03
C SER F 223 -34.48 3.73 32.40
N LYS F 224 -35.26 3.09 33.26
CA LYS F 224 -36.61 3.59 33.52
C LYS F 224 -36.60 4.87 34.33
N ALA F 225 -35.71 4.96 35.31
CA ALA F 225 -35.56 6.22 36.03
C ALA F 225 -35.15 7.33 35.08
N THR F 226 -34.28 7.01 34.11
CA THR F 226 -33.90 8.01 33.12
C THR F 226 -35.12 8.52 32.38
N GLU F 227 -35.93 7.61 31.85
CA GLU F 227 -37.04 8.07 31.03
C GLU F 227 -38.11 8.75 31.88
N HIS F 228 -38.24 8.34 33.14
CA HIS F 228 -39.22 8.95 34.03
C HIS F 228 -38.80 10.37 34.40
N ALA F 229 -37.53 10.57 34.70
CA ALA F 229 -37.04 11.93 34.90
C ALA F 229 -37.20 12.75 33.63
N THR F 230 -37.03 12.11 32.47
CA THR F 230 -37.21 12.81 31.21
C THR F 230 -38.64 13.31 31.05
N GLU F 231 -39.61 12.45 31.34
CA GLU F 231 -41.00 12.88 31.20
C GLU F 231 -41.36 13.93 32.22
N LEU F 232 -40.84 13.79 33.45
CA LEU F 232 -41.06 14.80 34.47
C LEU F 232 -40.56 16.16 33.99
N ALA F 233 -39.32 16.20 33.51
CA ALA F 233 -38.74 17.44 33.03
C ALA F 233 -39.54 18.01 31.87
N LYS F 234 -39.96 17.14 30.95
CA LYS F 234 -40.73 17.60 29.80
C LYS F 234 -42.01 18.29 30.26
N GLU F 235 -42.74 17.63 31.16
CA GLU F 235 -43.99 18.19 31.65
C GLU F 235 -43.75 19.53 32.32
N ASN F 236 -42.76 19.60 33.21
CA ASN F 236 -42.55 20.82 33.97
C ASN F 236 -42.10 21.96 33.06
N ILE F 237 -41.25 21.67 32.09
CA ILE F 237 -40.76 22.73 31.21
C ILE F 237 -41.84 23.19 30.26
N LYS F 238 -42.76 22.29 29.88
CA LYS F 238 -43.90 22.73 29.09
C LYS F 238 -44.80 23.63 29.90
N CYS F 239 -45.06 23.25 31.15
CA CYS F 239 -45.86 24.09 32.03
C CYS F 239 -45.18 25.43 32.25
N PHE F 240 -43.86 25.47 32.22
CA PHE F 240 -43.17 26.76 32.37
C PHE F 240 -43.32 27.62 31.13
N PHE F 241 -43.09 27.04 29.95
CA PHE F 241 -43.26 27.83 28.73
C PHE F 241 -44.69 28.36 28.64
N GLU F 242 -45.68 27.53 28.95
CA GLU F 242 -47.04 28.01 28.93
C GLU F 242 -47.30 28.94 30.10
N GLY F 243 -46.80 28.59 31.28
CA GLY F 243 -47.08 29.38 32.46
C GLY F 243 -48.39 28.95 33.09
N SER F 244 -48.50 27.67 33.44
CA SER F 244 -49.73 27.17 34.01
C SER F 244 -49.40 26.09 35.04
N HIS F 245 -50.45 25.54 35.63
CA HIS F 245 -50.30 24.57 36.70
C HIS F 245 -49.77 23.26 36.13
N PRO F 246 -48.97 22.53 36.91
CA PRO F 246 -48.46 21.24 36.45
C PRO F 246 -49.52 20.16 36.60
N LYS F 247 -49.14 18.94 36.24
CA LYS F 247 -50.11 17.85 36.19
C LYS F 247 -50.30 17.22 37.55
N GLU F 248 -49.23 17.10 38.33
CA GLU F 248 -49.24 16.36 39.59
C GLU F 248 -49.65 14.90 39.31
N TYR F 249 -48.75 14.22 38.62
CA TYR F 249 -48.99 12.83 38.25
C TYR F 249 -48.76 11.93 39.47
N ASN F 250 -47.59 12.03 40.08
CA ASN F 250 -47.23 11.20 41.22
C ASN F 250 -45.97 11.76 41.84
N THR F 251 -45.64 11.26 43.02
CA THR F 251 -44.51 11.75 43.82
C THR F 251 -43.65 10.59 44.27
N PRO F 252 -42.44 10.44 43.76
CA PRO F 252 -41.52 9.49 44.39
C PRO F 252 -41.12 10.00 45.76
N SER F 253 -41.60 9.34 46.80
CA SER F 253 -41.41 9.83 48.17
C SER F 253 -39.96 9.73 48.60
N MET F 254 -39.44 10.83 49.14
CA MET F 254 -38.05 10.86 49.57
C MET F 254 -37.83 9.93 50.77
N LYS F 255 -38.77 9.93 51.71
CA LYS F 255 -38.69 8.98 52.81
C LYS F 255 -38.71 7.56 52.27
N GLU F 256 -39.49 7.32 51.22
CA GLU F 256 -39.47 6.01 50.57
C GLU F 256 -38.10 5.72 49.99
N TRP F 257 -37.47 6.74 49.38
CA TRP F 257 -36.14 6.57 48.83
C TRP F 257 -35.18 6.12 49.92
N GLN F 258 -35.23 6.80 51.07
CA GLN F 258 -34.37 6.41 52.17
C GLN F 258 -34.73 5.00 52.65
N GLN F 259 -36.02 4.68 52.66
CA GLN F 259 -36.44 3.38 53.14
C GLN F 259 -35.89 2.26 52.27
N ILE F 260 -35.77 2.51 50.97
CA ILE F 260 -35.29 1.49 50.05
C ILE F 260 -33.79 1.51 49.88
N SER F 261 -33.09 2.38 50.59
CA SER F 261 -31.64 2.47 50.53
C SER F 261 -30.95 1.56 51.52
N SER F 262 -31.70 0.74 52.26
CA SER F 262 -31.09 -0.15 53.24
C SER F 262 -30.08 -1.08 52.60
N LEU F 263 -29.23 -1.66 53.45
CA LEU F 263 -28.00 -2.32 53.02
C LEU F 263 -28.03 -3.83 53.12
N TYR F 264 -28.54 -4.38 54.23
CA TYR F 264 -28.26 -5.78 54.56
C TYR F 264 -28.91 -6.73 53.56
N THR F 265 -30.22 -6.59 53.34
CA THR F 265 -30.95 -7.37 52.34
C THR F 265 -30.87 -8.87 52.61
N PHE F 266 -31.10 -9.27 53.85
CA PHE F 266 -31.30 -10.69 54.09
C PHE F 266 -31.96 -10.96 55.44
N ASN F 267 -32.83 -11.97 55.42
CA ASN F 267 -33.45 -12.60 56.57
C ASN F 267 -33.87 -13.98 56.08
N PRO F 268 -33.60 -15.04 56.86
CA PRO F 268 -33.91 -16.39 56.37
C PRO F 268 -35.35 -16.57 55.94
N LYS F 269 -36.30 -15.92 56.63
CA LYS F 269 -37.70 -16.11 56.29
C LYS F 269 -38.09 -15.30 55.08
N GLY F 270 -38.01 -13.98 55.18
CA GLY F 270 -38.39 -13.10 54.10
C GLY F 270 -37.33 -12.88 53.05
N GLN F 271 -37.17 -13.83 52.13
CA GLN F 271 -36.07 -13.84 51.18
C GLN F 271 -35.78 -12.46 50.59
N TYR F 272 -36.75 -11.89 49.89
CA TYR F 272 -36.89 -10.46 49.64
C TYR F 272 -35.57 -9.75 49.39
N TYR F 273 -34.89 -10.15 48.32
CA TYR F 273 -33.65 -9.51 47.95
C TYR F 273 -33.91 -8.04 47.65
N SER F 274 -32.84 -7.25 47.61
CA SER F 274 -32.94 -5.92 47.02
C SER F 274 -34.01 -5.08 47.72
N MET F 275 -33.68 -4.59 48.92
CA MET F 275 -34.63 -4.03 49.89
C MET F 275 -35.85 -3.38 49.26
N LEU F 276 -35.68 -2.71 48.12
CA LEU F 276 -36.82 -2.25 47.36
C LEU F 276 -37.84 -3.38 47.20
N HIS F 277 -37.35 -4.55 46.78
CA HIS F 277 -38.24 -5.70 46.65
C HIS F 277 -38.77 -6.17 47.99
N LYS F 278 -37.97 -6.07 49.05
CA LYS F 278 -38.50 -6.42 50.37
C LYS F 278 -39.67 -5.51 50.74
N TYR F 279 -39.63 -4.27 50.30
CA TYR F 279 -40.69 -3.29 50.54
C TYR F 279 -41.72 -3.37 49.42
N VAL F 280 -42.42 -4.51 49.38
CA VAL F 280 -43.61 -4.64 48.56
C VAL F 280 -44.78 -5.24 49.32
N ASN F 281 -44.60 -5.57 50.60
CA ASN F 281 -45.72 -6.10 51.37
C ASN F 281 -46.63 -4.99 51.88
N ARG F 282 -46.06 -3.83 52.22
CA ARG F 282 -46.84 -2.69 52.69
C ARG F 282 -46.14 -1.38 52.33
N TYR G 20 -6.17 3.87 20.24
CA TYR G 20 -4.74 3.57 20.22
C TYR G 20 -4.12 3.74 21.60
N GLY G 21 -4.79 4.52 22.45
CA GLY G 21 -4.27 4.74 23.79
C GLY G 21 -4.16 3.47 24.59
N LEU G 22 -5.20 2.63 24.55
CA LEU G 22 -5.16 1.36 25.26
C LEU G 22 -4.01 0.49 24.75
N VAL G 23 -3.85 0.43 23.43
CA VAL G 23 -2.81 -0.39 22.82
C VAL G 23 -1.43 0.09 23.28
N THR G 24 -1.20 1.40 23.22
CA THR G 24 0.10 1.94 23.59
C THR G 24 0.39 1.73 25.07
N LEU G 25 -0.62 1.94 25.92
CA LEU G 25 -0.40 1.74 27.34
C LEU G 25 -0.13 0.27 27.64
N LEU G 26 -0.82 -0.64 26.96
CA LEU G 26 -0.58 -2.06 27.19
C LEU G 26 0.81 -2.48 26.75
N THR G 27 1.27 -2.03 25.57
CA THR G 27 2.62 -2.42 25.15
C THR G 27 3.67 -1.81 26.07
N ALA G 28 3.48 -0.55 26.51
CA ALA G 28 4.44 0.05 27.43
C ALA G 28 4.46 -0.70 28.75
N GLY G 29 3.28 -1.08 29.26
CA GLY G 29 3.22 -1.82 30.51
C GLY G 29 3.88 -3.17 30.38
N GLY G 30 3.63 -3.87 29.27
CA GLY G 30 4.25 -5.17 29.07
C GLY G 30 5.76 -5.08 29.00
N GLU G 31 6.27 -4.09 28.27
CA GLU G 31 7.72 -3.94 28.19
C GLU G 31 8.32 -3.64 29.55
N ARG G 32 7.69 -2.74 30.30
CA ARG G 32 8.17 -2.42 31.64
C ARG G 32 8.12 -3.66 32.53
N ILE G 33 7.03 -4.42 32.46
CA ILE G 33 6.85 -5.61 33.28
C ILE G 33 7.96 -6.62 33.00
N PHE G 34 8.23 -6.86 31.72
CA PHE G 34 9.19 -7.89 31.36
C PHE G 34 10.60 -7.42 31.67
N SER G 35 10.90 -6.14 31.43
CA SER G 35 12.21 -5.63 31.79
C SER G 35 12.41 -5.72 33.30
N ALA G 36 11.31 -5.67 34.06
CA ALA G 36 11.39 -5.75 35.52
C ALA G 36 11.52 -7.19 36.01
N VAL G 37 10.99 -8.16 35.27
CA VAL G 37 11.07 -9.56 35.69
C VAL G 37 12.41 -10.14 35.23
N ALA G 38 13.30 -9.26 34.75
CA ALA G 38 14.66 -9.68 34.45
C ALA G 38 15.25 -10.48 35.60
N PHE G 39 15.83 -11.62 35.27
CA PHE G 39 16.27 -12.59 36.27
C PHE G 39 17.78 -12.60 36.31
N GLN G 40 18.36 -11.99 37.34
CA GLN G 40 19.80 -11.89 37.41
C GLN G 40 20.46 -13.05 38.15
N CYS G 41 19.71 -13.77 38.98
CA CYS G 41 20.27 -14.77 39.87
C CYS G 41 21.46 -14.19 40.63
N PRO G 42 21.23 -13.32 41.60
CA PRO G 42 22.33 -12.70 42.34
C PRO G 42 23.22 -13.77 42.98
N CYS G 43 24.51 -13.70 42.69
CA CYS G 43 25.44 -14.65 43.29
C CYS G 43 25.72 -14.20 44.72
N SER G 44 25.14 -14.92 45.69
CA SER G 44 25.30 -14.61 47.09
C SER G 44 25.47 -15.92 47.84
N ALA G 45 26.27 -15.86 48.92
CA ALA G 45 26.63 -17.08 49.63
C ALA G 45 25.41 -17.76 50.26
N ALA G 46 24.51 -16.97 50.84
CA ALA G 46 23.39 -17.53 51.58
C ALA G 46 22.04 -16.98 51.16
N TRP G 47 21.97 -15.80 50.57
CA TRP G 47 20.69 -15.22 50.22
C TRP G 47 20.21 -15.63 48.82
N ASN G 48 20.93 -16.51 48.14
CA ASN G 48 20.63 -16.88 46.77
C ASN G 48 19.62 -18.02 46.71
N LEU G 49 19.75 -18.97 47.63
CA LEU G 49 18.88 -20.14 47.69
C LEU G 49 17.44 -19.65 47.73
N PRO G 50 17.06 -18.78 48.67
CA PRO G 50 15.67 -18.31 48.66
C PRO G 50 15.32 -17.58 47.38
N TYR G 51 16.29 -16.90 46.76
CA TYR G 51 16.02 -16.23 45.50
C TYR G 51 15.50 -17.20 44.47
N GLY G 52 16.16 -18.35 44.35
CA GLY G 52 15.67 -19.36 43.43
C GLY G 52 14.39 -20.00 43.95
N LEU G 53 14.29 -20.20 45.26
CA LEU G 53 13.17 -20.94 45.81
C LEU G 53 11.86 -20.20 45.60
N VAL G 54 11.88 -18.88 45.74
CA VAL G 54 10.64 -18.13 45.56
C VAL G 54 10.22 -18.12 44.10
N PHE G 55 11.19 -17.95 43.20
CA PHE G 55 10.90 -17.98 41.78
C PHE G 55 10.45 -19.36 41.33
N LEU G 56 10.75 -20.38 42.12
CA LEU G 56 10.20 -21.70 41.84
C LEU G 56 8.79 -21.83 42.37
N LEU G 57 8.60 -21.59 43.67
CA LEU G 57 7.36 -21.97 44.32
C LEU G 57 6.24 -20.96 44.14
N VAL G 58 6.54 -19.67 44.31
CA VAL G 58 5.49 -18.68 44.42
C VAL G 58 4.62 -18.58 43.18
N PRO G 59 5.17 -18.43 41.96
CA PRO G 59 4.28 -18.45 40.80
C PRO G 59 3.54 -19.76 40.61
N ALA G 60 4.21 -20.87 40.94
CA ALA G 60 3.54 -22.16 40.90
C ALA G 60 2.39 -22.23 41.89
N LEU G 61 2.65 -21.81 43.14
CA LEU G 61 1.59 -21.76 44.13
C LEU G 61 0.47 -20.84 43.70
N ALA G 62 0.82 -19.74 43.03
CA ALA G 62 -0.20 -18.80 42.59
C ALA G 62 -1.14 -19.44 41.59
N LEU G 63 -0.58 -20.08 40.57
CA LEU G 63 -1.43 -20.70 39.57
C LEU G 63 -2.20 -21.87 40.16
N PHE G 64 -1.60 -22.59 41.12
CA PHE G 64 -2.30 -23.65 41.82
C PHE G 64 -3.51 -23.09 42.54
N LEU G 65 -3.34 -21.97 43.22
CA LEU G 65 -4.43 -21.35 43.94
C LEU G 65 -5.52 -20.88 42.98
N LEU G 66 -5.12 -20.27 41.87
CA LEU G 66 -6.12 -19.82 40.91
C LEU G 66 -6.93 -20.99 40.38
N GLY G 67 -6.28 -22.11 40.14
CA GLY G 67 -7.02 -23.31 39.76
C GLY G 67 -7.95 -23.78 40.86
N TYR G 68 -7.45 -23.84 42.09
CA TYR G 68 -8.24 -24.21 43.25
C TYR G 68 -9.44 -23.30 43.45
N VAL G 69 -9.38 -22.09 42.92
CA VAL G 69 -10.47 -21.14 43.06
C VAL G 69 -11.47 -21.28 41.92
N LEU G 70 -10.98 -21.38 40.70
CA LEU G 70 -11.81 -21.10 39.53
C LEU G 70 -12.93 -22.12 39.36
N SER G 71 -12.66 -23.41 39.60
CA SER G 71 -13.65 -24.42 39.24
C SER G 71 -14.89 -24.28 40.11
N ALA G 72 -16.05 -24.22 39.45
CA ALA G 72 -17.30 -24.11 40.18
C ALA G 72 -17.72 -25.41 40.87
N ARG G 73 -17.07 -26.53 40.58
CA ARG G 73 -17.52 -27.78 41.21
C ARG G 73 -17.20 -27.76 42.69
N THR G 74 -16.08 -27.15 43.07
CA THR G 74 -15.69 -27.18 44.47
C THR G 74 -16.54 -26.16 45.24
N TRP G 75 -16.82 -25.03 44.59
CA TRP G 75 -17.62 -23.99 45.22
C TRP G 75 -18.99 -24.56 45.56
N ARG G 76 -19.51 -25.41 44.67
CA ARG G 76 -20.79 -26.07 44.87
C ARG G 76 -20.80 -26.84 46.19
N LEU G 77 -19.67 -27.46 46.53
CA LEU G 77 -19.52 -28.19 47.77
C LEU G 77 -19.28 -27.24 48.95
N LEU G 78 -18.61 -26.12 48.70
CA LEU G 78 -18.12 -25.31 49.81
C LEU G 78 -19.22 -24.47 50.44
N THR G 79 -20.10 -23.90 49.62
CA THR G 79 -21.08 -22.98 50.16
C THR G 79 -22.06 -23.69 51.09
N GLY G 80 -22.70 -22.90 51.95
CA GLY G 80 -23.66 -23.42 52.90
C GLY G 80 -23.10 -24.05 54.15
N CYS G 81 -22.37 -23.29 54.96
CA CYS G 81 -21.89 -23.77 56.27
C CYS G 81 -21.08 -25.05 56.10
N CYS G 82 -20.15 -25.02 55.14
CA CYS G 82 -19.28 -26.16 54.80
C CYS G 82 -19.98 -27.52 54.91
N ARG G 94 -16.68 -39.89 52.44
CA ARG G 94 -17.06 -39.65 51.04
C ARG G 94 -16.40 -38.38 50.53
N GLY G 95 -16.18 -37.42 51.44
CA GLY G 95 -15.61 -36.15 51.07
C GLY G 95 -14.20 -36.23 50.53
N SER G 96 -13.51 -37.35 50.77
CA SER G 96 -12.14 -37.50 50.29
C SER G 96 -12.08 -37.60 48.77
N LEU G 97 -12.96 -38.40 48.17
CA LEU G 97 -12.86 -38.70 46.75
C LEU G 97 -13.00 -37.42 45.93
N VAL G 98 -14.06 -36.66 46.19
CA VAL G 98 -14.29 -35.41 45.47
C VAL G 98 -13.14 -34.43 45.73
N CYS G 99 -12.61 -34.42 46.96
CA CYS G 99 -11.57 -33.46 47.30
C CYS G 99 -10.29 -33.75 46.56
N THR G 100 -9.89 -35.03 46.49
CA THR G 100 -8.68 -35.35 45.75
C THR G 100 -8.90 -35.16 44.26
N GLN G 101 -10.12 -35.41 43.78
CA GLN G 101 -10.42 -35.18 42.37
C GLN G 101 -10.24 -33.71 42.01
N ILE G 102 -10.85 -32.82 42.78
CA ILE G 102 -10.76 -31.39 42.47
C ILE G 102 -9.33 -30.92 42.66
N SER G 103 -8.65 -31.41 43.71
CA SER G 103 -7.27 -30.96 43.95
C SER G 103 -6.36 -31.34 42.79
N ALA G 104 -6.53 -32.54 42.23
CA ALA G 104 -5.69 -32.91 41.10
C ALA G 104 -6.07 -32.13 39.85
N ALA G 105 -7.39 -32.01 39.60
CA ALA G 105 -7.85 -31.26 38.44
C ALA G 105 -7.40 -29.82 38.47
N ALA G 106 -7.17 -29.26 39.67
CA ALA G 106 -6.65 -27.91 39.75
C ALA G 106 -5.13 -27.87 39.77
N ALA G 107 -4.48 -28.91 40.30
CA ALA G 107 -3.03 -28.88 40.36
C ALA G 107 -2.41 -29.24 39.03
N LEU G 108 -3.24 -29.65 38.07
CA LEU G 108 -2.79 -29.81 36.69
C LEU G 108 -1.90 -28.66 36.21
N ALA G 109 -2.43 -27.43 36.28
CA ALA G 109 -1.76 -26.31 35.63
C ALA G 109 -0.49 -25.86 36.35
N PRO G 110 -0.50 -25.74 37.69
CA PRO G 110 0.72 -25.28 38.36
C PRO G 110 1.89 -26.18 38.09
N LEU G 111 1.62 -27.48 37.98
CA LEU G 111 2.67 -28.40 37.60
C LEU G 111 3.18 -28.09 36.20
N THR G 112 2.30 -27.63 35.31
CA THR G 112 2.78 -27.24 33.99
C THR G 112 3.68 -26.02 34.07
N TRP G 113 3.30 -25.03 34.87
CA TRP G 113 4.15 -23.86 35.05
C TRP G 113 5.51 -24.24 35.63
N VAL G 114 5.51 -25.03 36.71
CA VAL G 114 6.77 -25.36 37.34
C VAL G 114 7.62 -26.22 36.42
N ALA G 115 6.98 -27.04 35.58
CA ALA G 115 7.73 -27.84 34.64
C ALA G 115 8.38 -26.97 33.59
N VAL G 116 7.62 -26.02 33.05
CA VAL G 116 8.17 -25.11 32.06
C VAL G 116 9.33 -24.33 32.65
N ALA G 117 9.17 -23.86 33.90
CA ALA G 117 10.22 -23.07 34.53
C ALA G 117 11.46 -23.93 34.76
N LEU G 118 11.28 -25.11 35.33
CA LEU G 118 12.39 -26.02 35.57
C LEU G 118 13.08 -26.39 34.27
N LEU G 119 12.32 -26.48 33.18
CA LEU G 119 12.94 -26.69 31.89
C LEU G 119 13.65 -25.43 31.41
N GLY G 120 13.26 -24.28 31.94
CA GLY G 120 13.99 -23.07 31.66
C GLY G 120 15.41 -23.14 32.17
N GLY G 121 15.63 -23.88 33.27
CA GLY G 121 16.95 -24.12 33.78
C GLY G 121 17.51 -23.06 34.68
N ALA G 122 17.13 -21.79 34.47
CA ALA G 122 17.71 -20.70 35.23
C ALA G 122 17.38 -20.81 36.71
N PHE G 123 16.13 -21.13 37.04
CA PHE G 123 15.72 -21.12 38.44
C PHE G 123 16.50 -22.15 39.24
N TYR G 124 16.48 -23.40 38.80
CA TYR G 124 17.21 -24.45 39.52
C TYR G 124 18.70 -24.19 39.46
N GLU G 125 19.20 -23.71 38.33
CA GLU G 125 20.60 -23.30 38.26
C GLU G 125 20.91 -22.33 39.38
N CYS G 126 19.97 -21.46 39.71
CA CYS G 126 20.18 -20.57 40.84
C CYS G 126 20.04 -21.32 42.15
N ALA G 127 19.24 -22.40 42.14
CA ALA G 127 19.04 -23.24 43.31
C ALA G 127 20.20 -24.19 43.54
N ALA G 128 21.24 -24.11 42.72
CA ALA G 128 22.40 -24.98 42.83
C ALA G 128 22.91 -25.06 44.26
N THR G 129 23.17 -23.89 44.87
CA THR G 129 23.75 -23.81 46.20
C THR G 129 22.91 -24.56 47.22
N GLY G 130 21.67 -24.10 47.44
CA GLY G 130 20.79 -24.74 48.41
C GLY G 130 21.45 -24.90 49.76
N SER G 131 21.10 -25.97 50.46
CA SER G 131 21.83 -26.32 51.67
C SER G 131 23.25 -26.74 51.34
N ALA G 132 24.13 -26.56 52.33
CA ALA G 132 25.54 -26.92 52.13
C ALA G 132 25.71 -28.39 51.82
N ALA G 133 24.78 -29.24 52.29
CA ALA G 133 24.88 -30.66 52.01
C ALA G 133 24.89 -30.91 50.51
N PHE G 134 24.06 -30.16 49.77
CA PHE G 134 24.01 -30.32 48.33
C PHE G 134 25.35 -29.97 47.71
N ALA G 135 26.00 -28.92 48.21
CA ALA G 135 27.25 -28.48 47.62
C ALA G 135 28.36 -29.48 47.91
N GLN G 136 28.51 -29.84 49.19
CA GLN G 136 29.57 -30.75 49.57
C GLN G 136 29.44 -32.10 48.87
N ARG G 137 28.21 -32.61 48.75
CA ARG G 137 28.01 -33.83 48.00
C ARG G 137 28.17 -33.59 46.50
N LEU G 138 27.95 -32.35 46.06
CA LEU G 138 27.83 -32.08 44.63
C LEU G 138 29.20 -32.01 43.94
N CYS G 139 30.04 -31.06 44.34
CA CYS G 139 31.25 -30.81 43.57
C CYS G 139 32.26 -31.94 43.75
N LEU G 140 33.01 -32.21 42.69
CA LEU G 140 33.98 -33.30 42.66
C LEU G 140 35.15 -33.07 43.60
N GLY G 141 35.23 -31.92 44.26
CA GLY G 141 36.34 -31.66 45.15
C GLY G 141 37.61 -31.26 44.44
N ARG G 142 37.51 -30.82 43.18
CA ARG G 142 38.70 -30.49 42.41
C ARG G 142 39.33 -29.21 42.91
N ASN G 143 38.58 -28.10 42.89
CA ASN G 143 39.18 -26.83 43.27
C ASN G 143 39.43 -26.75 44.77
N ARG G 144 38.78 -27.62 45.55
CA ARG G 144 38.81 -27.67 47.00
C ARG G 144 38.26 -26.38 47.60
N SER G 145 37.80 -25.48 46.75
CA SER G 145 37.24 -24.20 47.15
C SER G 145 35.80 -24.04 46.67
N CYS G 146 35.05 -25.14 46.59
CA CYS G 146 33.70 -25.04 46.05
C CYS G 146 32.87 -24.16 46.98
N ALA G 147 32.64 -24.64 48.20
CA ALA G 147 31.63 -24.04 49.06
C ALA G 147 31.91 -22.58 49.34
N ALA G 148 33.18 -22.17 49.27
CA ALA G 148 33.55 -20.79 49.56
C ALA G 148 32.84 -19.82 48.63
N GLU G 149 33.04 -19.97 47.33
CA GLU G 149 32.46 -19.07 46.36
C GLU G 149 31.88 -19.83 45.19
N LEU G 150 31.27 -20.98 45.49
CA LEU G 150 30.44 -21.63 44.48
C LEU G 150 29.31 -20.73 43.98
N PRO G 151 28.56 -19.99 44.84
CA PRO G 151 27.43 -19.21 44.34
C PRO G 151 27.74 -18.33 43.14
N LEU G 152 29.03 -18.10 42.88
CA LEU G 152 29.44 -17.33 41.73
C LEU G 152 29.31 -18.10 40.42
N VAL G 153 28.95 -19.37 40.47
CA VAL G 153 29.06 -20.21 39.28
C VAL G 153 28.01 -19.87 38.23
N PRO G 154 26.74 -19.56 38.57
CA PRO G 154 25.85 -19.04 37.53
C PRO G 154 26.09 -17.57 37.28
N CYS G 155 26.80 -16.92 38.19
CA CYS G 155 27.14 -15.53 38.14
C CYS G 155 28.29 -15.28 37.16
N ASN G 156 28.96 -16.35 36.73
CA ASN G 156 30.03 -16.35 35.75
C ASN G 156 31.27 -15.60 36.25
N GLN G 157 31.30 -15.22 37.52
CA GLN G 157 32.42 -14.47 38.07
C GLN G 157 33.53 -15.38 38.54
N ALA G 158 33.19 -16.58 39.02
CA ALA G 158 34.21 -17.55 39.39
C ALA G 158 34.92 -18.04 38.14
N LYS G 159 36.23 -18.26 38.25
CA LYS G 159 37.05 -18.63 37.12
C LYS G 159 37.68 -20.01 37.23
N ALA G 160 37.36 -20.78 38.27
CA ALA G 160 37.83 -22.14 38.36
C ALA G 160 37.20 -23.00 37.27
N SER G 161 38.04 -23.75 36.56
CA SER G 161 37.55 -24.51 35.41
C SER G 161 36.48 -25.50 35.83
N ASP G 162 36.64 -26.09 37.02
CA ASP G 162 35.74 -27.15 37.47
C ASP G 162 34.31 -26.64 37.54
N VAL G 163 34.12 -25.48 38.17
CA VAL G 163 32.77 -24.97 38.33
C VAL G 163 32.26 -24.36 37.03
N GLN G 164 33.13 -23.81 36.20
CA GLN G 164 32.67 -23.30 34.91
C GLN G 164 32.09 -24.42 34.06
N ASP G 165 32.59 -25.65 34.22
CA ASP G 165 31.93 -26.80 33.63
C ASP G 165 30.76 -27.32 34.46
N LEU G 166 30.79 -27.07 35.77
CA LEU G 166 29.76 -27.62 36.64
C LEU G 166 28.44 -26.89 36.49
N LEU G 167 28.49 -25.59 36.16
CA LEU G 167 27.27 -24.85 35.92
C LEU G 167 26.48 -25.50 34.80
N LYS G 168 27.18 -26.01 33.79
CA LYS G 168 26.52 -26.65 32.67
C LYS G 168 25.80 -27.90 33.13
N ASP G 169 26.48 -28.72 33.92
CA ASP G 169 25.86 -29.92 34.47
C ASP G 169 24.66 -29.57 35.34
N LEU G 170 24.73 -28.47 36.06
CA LEU G 170 23.58 -28.08 36.88
C LEU G 170 22.40 -27.67 36.00
N LYS G 171 22.68 -26.92 34.93
CA LYS G 171 21.66 -26.61 33.94
C LYS G 171 21.04 -27.90 33.41
N ALA G 172 21.89 -28.89 33.15
CA ALA G 172 21.42 -30.18 32.70
C ALA G 172 20.48 -30.80 33.71
N GLN G 173 20.90 -30.85 34.97
CA GLN G 173 20.07 -31.45 36.00
C GLN G 173 18.74 -30.74 36.09
N SER G 174 18.73 -29.43 35.86
CA SER G 174 17.48 -28.70 35.92
C SER G 174 16.56 -29.13 34.79
N GLN G 175 17.07 -29.10 33.56
CA GLN G 175 16.23 -29.42 32.42
C GLN G 175 15.76 -30.86 32.51
N VAL G 176 16.66 -31.77 32.91
CA VAL G 176 16.32 -33.18 33.00
C VAL G 176 15.24 -33.40 34.05
N LEU G 177 15.41 -32.78 35.22
CA LEU G 177 14.41 -32.93 36.26
C LEU G 177 13.08 -32.40 35.75
N GLY G 178 13.10 -31.29 35.02
CA GLY G 178 11.87 -30.75 34.45
C GLY G 178 11.20 -31.75 33.54
N TRP G 179 11.98 -32.38 32.68
CA TRP G 179 11.40 -33.33 31.74
C TRP G 179 10.86 -34.55 32.48
N ILE G 180 11.57 -34.97 33.52
CA ILE G 180 11.11 -36.08 34.35
C ILE G 180 9.78 -35.72 35.00
N LEU G 181 9.66 -34.48 35.46
CA LEU G 181 8.42 -34.05 36.09
C LEU G 181 7.28 -33.99 35.08
N ILE G 182 7.56 -33.50 33.88
CA ILE G 182 6.49 -33.41 32.89
C ILE G 182 6.10 -34.79 32.40
N ALA G 183 6.98 -35.77 32.58
CA ALA G 183 6.59 -37.13 32.31
C ALA G 183 5.75 -37.70 33.45
N VAL G 184 6.18 -37.46 34.68
CA VAL G 184 5.45 -37.98 35.82
C VAL G 184 4.04 -37.41 35.87
N VAL G 185 3.89 -36.13 35.51
CA VAL G 185 2.58 -35.50 35.56
C VAL G 185 1.65 -36.10 34.52
N ILE G 186 2.14 -36.34 33.32
CA ILE G 186 1.28 -36.94 32.30
C ILE G 186 0.93 -38.38 32.69
N ILE G 187 1.89 -39.10 33.26
CA ILE G 187 1.62 -40.46 33.71
C ILE G 187 0.52 -40.44 34.75
N ILE G 188 0.61 -39.55 35.73
CA ILE G 188 -0.39 -39.46 36.78
C ILE G 188 -1.74 -39.10 36.18
N LEU G 189 -1.76 -38.18 35.22
CA LEU G 189 -3.00 -37.82 34.55
C LEU G 189 -3.60 -39.03 33.87
N LEU G 190 -2.76 -39.82 33.20
CA LEU G 190 -3.22 -41.04 32.56
C LEU G 190 -3.89 -41.96 33.57
N ILE G 191 -3.17 -42.28 34.64
CA ILE G 191 -3.68 -43.25 35.60
C ILE G 191 -4.98 -42.74 36.23
N PHE G 192 -5.00 -41.45 36.57
CA PHE G 192 -6.17 -40.84 37.17
C PHE G 192 -7.38 -40.96 36.25
N THR G 193 -7.25 -40.45 35.02
CA THR G 193 -8.39 -40.43 34.12
C THR G 193 -8.79 -41.84 33.70
N SER G 194 -7.83 -42.76 33.64
CA SER G 194 -8.15 -44.12 33.24
C SER G 194 -8.94 -44.83 34.32
N VAL G 195 -8.48 -44.76 35.57
CA VAL G 195 -9.22 -45.39 36.67
C VAL G 195 -10.58 -44.74 36.81
N THR G 196 -10.65 -43.41 36.73
CA THR G 196 -11.94 -42.75 36.82
C THR G 196 -12.84 -43.15 35.67
N ARG G 197 -12.26 -43.47 34.52
CA ARG G 197 -12.99 -43.97 33.38
C ARG G 197 -13.18 -45.48 33.42
N CYS G 198 -12.49 -46.20 34.29
CA CYS G 198 -12.56 -47.66 34.27
C CYS G 198 -13.66 -48.22 35.14
N LEU G 199 -13.79 -47.71 36.36
CA LEU G 199 -14.67 -48.30 37.36
C LEU G 199 -16.06 -47.69 37.40
N SER G 200 -16.35 -46.71 36.57
CA SER G 200 -17.68 -46.13 36.59
C SER G 200 -18.71 -47.14 36.06
N PRO G 201 -19.90 -47.16 36.64
CA PRO G 201 -20.91 -48.13 36.18
C PRO G 201 -21.48 -47.80 34.82
N VAL G 202 -21.69 -46.52 34.53
CA VAL G 202 -22.31 -46.11 33.27
C VAL G 202 -21.33 -46.34 32.13
N SER G 203 -21.87 -46.56 30.94
CA SER G 203 -21.03 -46.75 29.77
C SER G 203 -20.50 -45.42 29.24
N PHE G 204 -19.72 -45.54 28.16
CA PHE G 204 -19.09 -44.37 27.55
C PHE G 204 -20.11 -43.55 26.78
N LEU G 205 -20.70 -44.16 25.76
CA LEU G 205 -21.56 -43.43 24.84
C LEU G 205 -22.71 -42.77 25.57
N GLN G 206 -23.01 -43.24 26.78
CA GLN G 206 -23.97 -42.53 27.61
C GLN G 206 -23.33 -41.43 28.43
N LEU G 207 -22.08 -41.62 28.85
CA LEU G 207 -21.42 -40.58 29.63
C LEU G 207 -21.23 -39.33 28.78
N LYS G 208 -20.88 -39.52 27.50
CA LYS G 208 -20.72 -38.37 26.62
C LYS G 208 -22.04 -37.62 26.52
N PHE G 209 -23.11 -38.35 26.27
CA PHE G 209 -24.43 -37.76 26.18
C PHE G 209 -24.82 -37.06 27.47
N TRP G 210 -24.45 -37.64 28.61
CA TRP G 210 -24.75 -37.01 29.89
C TRP G 210 -24.03 -35.68 30.02
N LYS G 211 -22.75 -35.63 29.62
CA LYS G 211 -22.03 -34.38 29.72
C LYS G 211 -22.61 -33.33 28.78
N ILE G 212 -23.01 -33.76 27.58
CA ILE G 212 -23.71 -32.85 26.67
C ILE G 212 -24.98 -32.34 27.34
N TYR G 213 -25.67 -33.24 28.04
CA TYR G 213 -26.89 -32.88 28.75
C TYR G 213 -26.61 -31.80 29.78
N LEU G 214 -25.58 -31.99 30.59
CA LEU G 214 -25.29 -31.02 31.62
C LEU G 214 -24.90 -29.68 31.01
N GLU G 215 -24.16 -29.71 29.91
CA GLU G 215 -23.81 -28.47 29.20
C GLU G 215 -25.07 -27.74 28.74
N GLN G 216 -25.97 -28.45 28.08
CA GLN G 216 -27.19 -27.83 27.59
C GLN G 216 -28.01 -27.30 28.75
N GLU G 217 -28.03 -28.04 29.85
CA GLU G 217 -28.78 -27.62 31.02
C GLU G 217 -28.21 -26.32 31.57
N GLN G 218 -26.88 -26.22 31.62
CA GLN G 218 -26.26 -25.00 32.12
C GLN G 218 -26.61 -23.81 31.24
N GLN G 219 -26.52 -23.99 29.92
CA GLN G 219 -26.81 -22.87 29.03
C GLN G 219 -28.28 -22.46 29.09
N ILE G 220 -29.18 -23.43 29.10
CA ILE G 220 -30.60 -23.14 29.20
C ILE G 220 -30.90 -22.45 30.52
N LEU G 221 -30.30 -22.92 31.60
CA LEU G 221 -30.49 -22.31 32.89
C LEU G 221 -30.04 -20.86 32.87
N LYS G 222 -28.85 -20.61 32.34
CA LYS G 222 -28.37 -19.24 32.22
C LYS G 222 -29.40 -18.37 31.53
N SER G 223 -29.83 -18.78 30.33
CA SER G 223 -30.72 -17.95 29.54
C SER G 223 -32.06 -17.72 30.24
N LYS G 224 -32.71 -18.80 30.66
CA LYS G 224 -34.07 -18.66 31.17
C LYS G 224 -34.10 -18.01 32.54
N ALA G 225 -33.13 -18.35 33.40
CA ALA G 225 -33.02 -17.64 34.67
C ALA G 225 -32.78 -16.17 34.44
N THR G 226 -31.97 -15.83 33.43
CA THR G 226 -31.75 -14.42 33.11
C THR G 226 -33.06 -13.73 32.79
N GLU G 227 -33.84 -14.31 31.88
CA GLU G 227 -35.05 -13.61 31.46
C GLU G 227 -36.09 -13.61 32.57
N HIS G 228 -36.08 -14.63 33.43
CA HIS G 228 -37.03 -14.68 34.52
C HIS G 228 -36.71 -13.65 35.58
N ALA G 229 -35.42 -13.49 35.91
CA ALA G 229 -35.03 -12.40 36.79
C ALA G 229 -35.36 -11.06 36.15
N THR G 230 -35.23 -10.96 34.82
CA THR G 230 -35.56 -9.74 34.13
C THR G 230 -37.03 -9.38 34.31
N GLU G 231 -37.91 -10.35 34.12
CA GLU G 231 -39.34 -10.08 34.26
C GLU G 231 -39.69 -9.78 35.71
N LEU G 232 -39.07 -10.48 36.66
CA LEU G 232 -39.27 -10.19 38.07
C LEU G 232 -38.93 -8.73 38.36
N ALA G 233 -37.75 -8.31 37.94
CA ALA G 233 -37.29 -6.94 38.19
C ALA G 233 -38.23 -5.95 37.52
N LYS G 234 -38.66 -6.24 36.29
CA LYS G 234 -39.56 -5.34 35.58
C LYS G 234 -40.84 -5.14 36.37
N GLU G 235 -41.45 -6.24 36.81
CA GLU G 235 -42.69 -6.16 37.55
C GLU G 235 -42.50 -5.36 38.83
N ASN G 236 -41.45 -5.67 39.59
CA ASN G 236 -41.27 -5.00 40.87
C ASN G 236 -40.99 -3.52 40.70
N ILE G 237 -40.19 -3.16 39.69
CA ILE G 237 -39.86 -1.76 39.50
C ILE G 237 -41.06 -0.99 38.97
N LYS G 238 -41.93 -1.64 38.21
CA LYS G 238 -43.16 -0.97 37.79
C LYS G 238 -44.06 -0.74 38.99
N CYS G 239 -44.19 -1.75 39.85
CA CYS G 239 -44.97 -1.58 41.06
C CYS G 239 -44.39 -0.50 41.95
N PHE G 240 -43.07 -0.30 41.90
CA PHE G 240 -42.48 0.77 42.69
C PHE G 240 -42.79 2.14 42.10
N PHE G 241 -42.61 2.30 40.79
CA PHE G 241 -42.95 3.59 40.18
C PHE G 241 -44.41 3.93 40.42
N GLU G 242 -45.30 2.94 40.27
CA GLU G 242 -46.70 3.22 40.55
C GLU G 242 -46.94 3.36 42.05
N GLY G 243 -46.31 2.50 42.84
CA GLY G 243 -46.56 2.51 44.27
C GLY G 243 -47.78 1.68 44.61
N SER G 244 -47.76 0.41 44.22
CA SER G 244 -48.89 -0.46 44.49
C SER G 244 -48.41 -1.87 44.78
N HIS G 245 -49.36 -2.76 45.01
CA HIS G 245 -49.05 -4.12 45.40
C HIS G 245 -48.45 -4.88 44.20
N PRO G 246 -47.55 -5.81 44.46
CA PRO G 246 -46.98 -6.60 43.37
C PRO G 246 -47.94 -7.70 42.94
N LYS G 247 -47.49 -8.50 41.97
CA LYS G 247 -48.38 -9.50 41.39
C LYS G 247 -48.41 -10.78 42.21
N GLU G 248 -47.26 -11.16 42.78
CA GLU G 248 -47.12 -12.46 43.45
C GLU G 248 -47.43 -13.58 42.45
N TYR G 249 -46.54 -13.70 41.48
CA TYR G 249 -46.70 -14.70 40.44
C TYR G 249 -46.31 -16.07 40.98
N ASN G 250 -45.10 -16.18 41.52
CA ASN G 250 -44.58 -17.44 42.03
C ASN G 250 -43.32 -17.16 42.82
N THR G 251 -42.87 -18.17 43.54
CA THR G 251 -41.72 -18.05 44.45
C THR G 251 -40.74 -19.18 44.19
N PRO G 252 -39.56 -18.90 43.65
CA PRO G 252 -38.52 -19.93 43.64
C PRO G 252 -38.05 -20.17 45.07
N SER G 253 -38.39 -21.33 45.62
CA SER G 253 -38.14 -21.62 47.02
C SER G 253 -36.65 -21.77 47.29
N MET G 254 -36.18 -21.07 48.32
CA MET G 254 -34.75 -21.12 48.67
C MET G 254 -34.38 -22.51 49.17
N LYS G 255 -35.23 -23.11 50.01
CA LYS G 255 -34.99 -24.47 50.43
C LYS G 255 -34.93 -25.40 49.22
N GLU G 256 -35.78 -25.14 48.23
CA GLU G 256 -35.71 -25.89 46.99
C GLU G 256 -34.37 -25.68 46.30
N TRP G 257 -33.88 -24.45 46.30
CA TRP G 257 -32.58 -24.14 45.71
C TRP G 257 -31.50 -24.98 46.37
N GLN G 258 -31.51 -25.02 47.69
CA GLN G 258 -30.54 -25.84 48.39
C GLN G 258 -30.74 -27.31 48.08
N GLN G 259 -32.00 -27.74 47.94
CA GLN G 259 -32.29 -29.14 47.67
C GLN G 259 -31.72 -29.56 46.33
N ILE G 260 -31.72 -28.65 45.36
CA ILE G 260 -31.25 -28.98 44.01
C ILE G 260 -29.77 -28.71 43.84
N SER G 261 -29.09 -28.28 44.89
CA SER G 261 -27.66 -28.00 44.84
C SER G 261 -26.81 -29.22 45.19
N SER G 262 -27.43 -30.38 45.38
CA SER G 262 -26.69 -31.59 45.74
C SER G 262 -25.66 -31.92 44.67
N LEU G 263 -24.71 -32.76 45.06
CA LEU G 263 -23.46 -32.95 44.31
C LEU G 263 -23.37 -34.29 43.60
N TYR G 264 -23.75 -35.39 44.25
CA TYR G 264 -23.33 -36.71 43.78
C TYR G 264 -23.98 -37.06 42.45
N THR G 265 -25.31 -36.97 42.37
CA THR G 265 -26.07 -37.18 41.13
C THR G 265 -25.84 -38.58 40.56
N PHE G 266 -25.95 -39.60 41.41
CA PHE G 266 -26.01 -40.95 40.87
C PHE G 266 -26.54 -41.95 41.88
N ASN G 267 -27.31 -42.89 41.36
CA ASN G 267 -27.79 -44.09 42.00
C ASN G 267 -28.14 -45.05 40.87
N PRO G 268 -27.73 -46.32 40.96
CA PRO G 268 -27.98 -47.23 39.84
C PRO G 268 -29.42 -47.32 39.42
N LYS G 269 -30.36 -47.24 40.37
CA LYS G 269 -31.77 -47.38 40.02
C LYS G 269 -32.32 -46.09 39.44
N GLY G 270 -32.33 -45.02 40.22
CA GLY G 270 -32.87 -43.75 39.78
C GLY G 270 -31.91 -42.89 38.99
N GLN G 271 -31.76 -43.20 37.69
CA GLN G 271 -30.73 -42.59 36.85
C GLN G 271 -30.61 -41.09 37.09
N TYR G 272 -31.67 -40.35 36.82
CA TYR G 272 -31.95 -39.02 37.36
C TYR G 272 -30.71 -38.14 37.50
N TYR G 273 -30.09 -37.85 36.36
CA TYR G 273 -28.93 -36.98 36.35
C TYR G 273 -29.33 -35.61 36.89
N SER G 274 -28.33 -34.79 37.25
CA SER G 274 -28.59 -33.38 37.46
C SER G 274 -29.65 -33.16 38.53
N MET G 275 -29.27 -33.33 39.79
CA MET G 275 -30.17 -33.48 40.93
C MET G 275 -31.48 -32.72 40.79
N LEU G 276 -31.45 -31.55 40.17
CA LEU G 276 -32.70 -30.88 39.80
C LEU G 276 -33.63 -31.87 39.10
N HIS G 277 -33.10 -32.58 38.11
CA HIS G 277 -33.89 -33.58 37.40
C HIS G 277 -34.27 -34.73 38.31
N LYS G 278 -33.41 -35.12 39.24
CA LYS G 278 -33.80 -36.16 40.19
C LYS G 278 -35.01 -35.72 41.00
N TYR G 279 -35.09 -34.44 41.30
CA TYR G 279 -36.20 -33.86 42.06
C TYR G 279 -37.31 -33.45 41.08
N VAL G 280 -37.92 -34.46 40.47
CA VAL G 280 -39.15 -34.29 39.73
C VAL G 280 -40.22 -35.31 40.10
N ASN G 281 -39.91 -36.24 41.00
CA ASN G 281 -40.91 -37.21 41.40
C ASN G 281 -41.87 -36.63 42.45
N ARG G 282 -41.36 -35.78 43.33
CA ARG G 282 -42.18 -35.14 44.36
C ARG G 282 -41.62 -33.78 44.74
N TYR H 20 -4.50 -8.07 19.51
CA TYR H 20 -3.07 -8.15 19.29
C TYR H 20 -2.36 -8.68 20.54
N GLY H 21 -3.02 -8.56 21.69
CA GLY H 21 -2.42 -9.02 22.93
C GLY H 21 -2.15 -10.51 22.91
N LEU H 22 -3.12 -11.29 22.45
CA LEU H 22 -2.92 -12.74 22.37
C LEU H 22 -1.77 -13.08 21.44
N VAL H 23 -1.70 -12.41 20.29
CA VAL H 23 -0.65 -12.66 19.31
C VAL H 23 0.72 -12.37 19.91
N THR H 24 0.84 -11.21 20.58
CA THR H 24 2.12 -10.81 21.14
C THR H 24 2.53 -11.74 22.27
N LEU H 25 1.59 -12.12 23.12
CA LEU H 25 1.93 -13.02 24.21
C LEU H 25 2.33 -14.39 23.67
N LEU H 26 1.66 -14.86 22.62
CA LEU H 26 2.02 -16.16 22.05
C LEU H 26 3.40 -16.14 21.41
N THR H 27 3.73 -15.08 20.65
CA THR H 27 5.08 -15.04 20.06
C THR H 27 6.15 -14.91 21.14
N ALA H 28 5.89 -14.11 22.18
CA ALA H 28 6.87 -13.99 23.27
C ALA H 28 7.05 -15.32 23.97
N GLY H 29 5.95 -16.03 24.23
CA GLY H 29 6.04 -17.32 24.88
C GLY H 29 6.78 -18.33 24.03
N GLY H 30 6.50 -18.35 22.73
CA GLY H 30 7.19 -19.28 21.86
C GLY H 30 8.69 -19.01 21.80
N GLU H 31 9.08 -17.73 21.71
CA GLU H 31 10.50 -17.40 21.67
C GLU H 31 11.17 -17.81 22.97
N ARG H 32 10.53 -17.53 24.11
CA ARG H 32 11.08 -17.93 25.40
C ARG H 32 11.20 -19.44 25.48
N ILE H 33 10.17 -20.16 25.04
CA ILE H 33 10.15 -21.61 25.11
C ILE H 33 11.29 -22.19 24.29
N PHE H 34 11.48 -21.68 23.07
CA PHE H 34 12.50 -22.26 22.20
C PHE H 34 13.89 -21.89 22.67
N SER H 35 14.06 -20.65 23.15
CA SER H 35 15.35 -20.26 23.71
C SER H 35 15.68 -21.13 24.92
N ALA H 36 14.65 -21.61 25.62
CA ALA H 36 14.84 -22.44 26.80
C ALA H 36 15.11 -23.90 26.45
N VAL H 37 14.61 -24.38 25.30
CA VAL H 37 14.81 -25.77 24.91
C VAL H 37 16.15 -25.87 24.18
N ALA H 38 16.94 -24.79 24.23
CA ALA H 38 18.29 -24.84 23.71
C ALA H 38 19.03 -26.06 24.23
N PHE H 39 19.67 -26.78 23.33
CA PHE H 39 20.25 -28.09 23.64
C PHE H 39 21.77 -27.95 23.64
N GLN H 40 22.36 -27.93 24.83
CA GLN H 40 23.80 -27.74 24.89
C GLN H 40 24.59 -29.03 24.89
N CYS H 41 23.97 -30.16 25.21
CA CYS H 41 24.68 -31.42 25.41
C CYS H 41 25.87 -31.21 26.33
N PRO H 42 25.64 -31.01 27.63
CA PRO H 42 26.76 -30.78 28.55
C PRO H 42 27.76 -31.92 28.50
N CYS H 43 29.03 -31.58 28.26
CA CYS H 43 30.07 -32.60 28.24
C CYS H 43 30.41 -32.95 29.68
N SER H 44 29.96 -34.12 30.12
CA SER H 44 30.22 -34.60 31.48
C SER H 44 30.54 -36.09 31.40
N ALA H 45 31.41 -36.53 32.30
CA ALA H 45 31.91 -37.90 32.25
C ALA H 45 30.80 -38.92 32.46
N ALA H 46 29.89 -38.66 33.39
CA ALA H 46 28.87 -39.64 33.72
C ALA H 46 27.45 -39.10 33.70
N TRP H 47 27.25 -37.79 33.84
CA TRP H 47 25.91 -37.25 33.89
C TRP H 47 25.36 -36.91 32.51
N ASN H 48 26.10 -37.21 31.44
CA ASN H 48 25.71 -36.82 30.10
C ASN H 48 24.78 -37.85 29.46
N LEU H 49 25.06 -39.12 29.71
CA LEU H 49 24.29 -40.23 29.16
C LEU H 49 22.82 -39.99 29.49
N PRO H 50 22.45 -39.79 30.76
CA PRO H 50 21.03 -39.55 31.03
C PRO H 50 20.54 -38.29 30.36
N TYR H 51 21.40 -37.29 30.17
CA TYR H 51 20.99 -36.08 29.49
C TYR H 51 20.46 -36.41 28.10
N GLY H 52 21.20 -37.23 27.37
CA GLY H 52 20.71 -37.65 26.07
C GLY H 52 19.53 -38.59 26.18
N LEU H 53 19.55 -39.46 27.19
CA LEU H 53 18.53 -40.50 27.28
C LEU H 53 17.15 -39.91 27.54
N VAL H 54 17.07 -38.86 28.37
CA VAL H 54 15.78 -38.27 28.64
C VAL H 54 15.26 -37.53 27.43
N PHE H 55 16.14 -36.80 26.74
CA PHE H 55 15.74 -36.11 25.52
C PHE H 55 15.37 -37.07 24.42
N LEU H 56 15.80 -38.32 24.53
CA LEU H 56 15.33 -39.34 23.61
C LEU H 56 13.97 -39.89 24.01
N LEU H 57 13.87 -40.38 25.24
CA LEU H 57 12.71 -41.18 25.60
C LEU H 57 11.52 -40.35 26.03
N VAL H 58 11.73 -39.33 26.86
CA VAL H 58 10.62 -38.66 27.51
C VAL H 58 9.65 -38.00 26.53
N PRO H 59 10.09 -37.18 25.57
CA PRO H 59 9.10 -36.66 24.61
C PRO H 59 8.47 -37.74 23.76
N ALA H 60 9.23 -38.78 23.42
CA ALA H 60 8.67 -39.92 22.72
C ALA H 60 7.61 -40.62 23.55
N LEU H 61 7.93 -40.90 24.82
CA LEU H 61 6.96 -41.50 25.71
C LEU H 61 5.73 -40.61 25.87
N ALA H 62 5.94 -39.30 25.88
CA ALA H 62 4.83 -38.38 26.04
C ALA H 62 3.87 -38.49 24.88
N LEU H 63 4.40 -38.42 23.66
CA LEU H 63 3.51 -38.51 22.50
C LEU H 63 2.88 -39.88 22.38
N PHE H 64 3.61 -40.92 22.80
CA PHE H 64 3.05 -42.26 22.84
C PHE H 64 1.85 -42.31 23.78
N LEU H 65 2.00 -41.71 24.95
CA LEU H 65 0.91 -41.68 25.91
C LEU H 65 -0.28 -40.89 25.38
N LEU H 66 -0.01 -39.74 24.76
CA LEU H 66 -1.12 -38.95 24.22
C LEU H 66 -1.87 -39.74 23.16
N GLY H 67 -1.16 -40.49 22.33
CA GLY H 67 -1.83 -41.38 21.40
C GLY H 67 -2.64 -42.46 22.09
N TYR H 68 -2.04 -43.10 23.08
CA TYR H 68 -2.71 -44.12 23.89
C TYR H 68 -3.95 -43.59 24.58
N VAL H 69 -4.03 -42.28 24.77
CA VAL H 69 -5.17 -41.67 25.42
C VAL H 69 -6.25 -41.28 24.42
N LEU H 70 -5.84 -40.66 23.32
CA LEU H 70 -6.77 -39.90 22.51
C LEU H 70 -7.82 -40.78 21.84
N SER H 71 -7.44 -41.96 21.34
CA SER H 71 -8.37 -42.72 20.53
C SER H 71 -9.56 -43.20 21.36
N ALA H 72 -10.77 -42.91 20.87
CA ALA H 72 -11.97 -43.35 21.57
C ALA H 72 -12.24 -44.84 21.46
N ARG H 73 -11.53 -45.57 20.60
CA ARG H 73 -11.81 -46.99 20.47
C ARG H 73 -11.40 -47.73 21.72
N THR H 74 -10.30 -47.31 22.35
CA THR H 74 -9.81 -48.03 23.51
C THR H 74 -10.65 -47.68 24.71
N TRP H 75 -11.09 -46.42 24.78
CA TRP H 75 -11.90 -45.96 25.89
C TRP H 75 -13.19 -46.76 25.91
N ARG H 76 -13.71 -47.05 24.72
CA ARG H 76 -14.93 -47.84 24.57
C ARG H 76 -14.78 -49.19 25.26
N LEU H 77 -13.59 -49.77 25.18
CA LEU H 77 -13.28 -51.03 25.84
C LEU H 77 -13.03 -50.84 27.33
N LEU H 78 -12.46 -49.70 27.71
CA LEU H 78 -11.94 -49.56 29.06
C LEU H 78 -13.06 -49.31 30.07
N THR H 79 -14.04 -48.47 29.72
CA THR H 79 -15.04 -48.09 30.69
C THR H 79 -15.90 -49.28 31.12
N GLY H 80 -16.53 -49.14 32.27
CA GLY H 80 -17.36 -50.18 32.82
C GLY H 80 -16.67 -51.33 33.53
N CYS H 81 -15.94 -51.04 34.60
CA CYS H 81 -15.32 -52.09 35.43
C CYS H 81 -14.42 -52.99 34.59
N CYS H 82 -13.59 -52.37 33.76
CA CYS H 82 -12.66 -53.05 32.85
C CYS H 82 -13.25 -54.32 32.23
N ARG H 94 -9.23 -63.05 23.42
CA ARG H 94 -9.73 -62.15 22.39
C ARG H 94 -9.20 -60.74 22.62
N GLY H 95 -8.99 -60.40 23.90
CA GLY H 95 -8.55 -59.06 24.26
C GLY H 95 -7.18 -58.71 23.72
N SER H 96 -6.39 -59.70 23.31
CA SER H 96 -5.06 -59.44 22.79
C SER H 96 -5.11 -58.70 21.46
N LEU H 97 -5.97 -59.16 20.53
CA LEU H 97 -5.95 -58.63 19.18
C LEU H 97 -6.25 -57.13 19.17
N VAL H 98 -7.34 -56.74 19.83
CA VAL H 98 -7.71 -55.34 19.90
C VAL H 98 -6.63 -54.54 20.61
N CYS H 99 -6.02 -55.13 21.65
CA CYS H 99 -5.02 -54.39 22.42
C CYS H 99 -3.78 -54.12 21.60
N THR H 100 -3.29 -55.11 20.87
CA THR H 100 -2.13 -54.85 20.03
C THR H 100 -2.47 -53.92 18.88
N GLN H 101 -3.70 -54.00 18.37
CA GLN H 101 -4.12 -53.09 17.31
C GLN H 101 -4.08 -51.65 17.79
N ILE H 102 -4.71 -51.38 18.93
CA ILE H 102 -4.74 -50.00 19.44
C ILE H 102 -3.33 -49.55 19.82
N SER H 103 -2.54 -50.45 20.42
CA SER H 103 -1.19 -50.06 20.82
C SER H 103 -0.35 -49.67 19.63
N ALA H 104 -0.46 -50.40 18.52
CA ALA H 104 0.32 -50.02 17.34
C ALA H 104 -0.22 -48.74 16.71
N ALA H 105 -1.55 -48.64 16.60
CA ALA H 105 -2.16 -47.45 16.04
C ALA H 105 -1.82 -46.20 16.83
N ALA H 106 -1.55 -46.35 18.12
CA ALA H 106 -1.12 -45.20 18.91
C ALA H 106 0.39 -45.02 18.92
N ALA H 107 1.16 -46.11 18.79
CA ALA H 107 2.59 -45.96 18.82
C ALA H 107 3.14 -45.49 17.48
N LEU H 108 2.27 -45.40 16.47
CA LEU H 108 2.63 -44.75 15.22
C LEU H 108 3.38 -43.45 15.41
N ALA H 109 2.79 -42.51 16.15
CA ALA H 109 3.31 -41.14 16.18
C ALA H 109 4.59 -41.02 17.00
N PRO H 110 4.68 -41.63 18.19
CA PRO H 110 5.91 -41.48 18.97
C PRO H 110 7.11 -41.97 18.23
N LEU H 111 6.94 -43.03 17.44
CA LEU H 111 8.02 -43.50 16.61
C LEU H 111 8.40 -42.44 15.59
N THR H 112 7.42 -41.67 15.10
CA THR H 112 7.76 -40.58 14.18
C THR H 112 8.58 -39.51 14.89
N TRP H 113 8.19 -39.14 16.11
CA TRP H 113 8.96 -38.17 16.86
C TRP H 113 10.38 -38.65 17.11
N VAL H 114 10.53 -39.89 17.59
CA VAL H 114 11.85 -40.38 17.92
C VAL H 114 12.69 -40.53 16.67
N ALA H 115 12.04 -40.82 15.54
CA ALA H 115 12.78 -40.93 14.28
C ALA H 115 13.28 -39.56 13.85
N VAL H 116 12.41 -38.56 13.92
CA VAL H 116 12.82 -37.21 13.57
C VAL H 116 13.96 -36.75 14.47
N ALA H 117 13.85 -37.02 15.76
CA ALA H 117 14.89 -36.60 16.69
C ALA H 117 16.21 -37.30 16.40
N LEU H 118 16.16 -38.62 16.25
CA LEU H 118 17.36 -39.39 15.94
C LEU H 118 17.97 -38.95 14.62
N LEU H 119 17.14 -38.52 13.69
CA LEU H 119 17.67 -37.95 12.46
C LEU H 119 18.24 -36.57 12.72
N GLY H 120 17.80 -35.92 13.79
CA GLY H 120 18.43 -34.67 14.18
C GLY H 120 19.88 -34.86 14.54
N GLY H 121 20.24 -36.04 15.06
CA GLY H 121 21.60 -36.38 15.33
C GLY H 121 22.15 -35.91 16.66
N ALA H 122 21.67 -34.77 17.16
CA ALA H 122 22.22 -34.19 18.39
C ALA H 122 22.02 -35.11 19.58
N PHE H 123 20.82 -35.69 19.71
CA PHE H 123 20.51 -36.46 20.90
C PHE H 123 21.43 -37.67 21.01
N TYR H 124 21.47 -38.49 19.96
CA TYR H 124 22.32 -39.68 20.00
C TYR H 124 23.78 -39.27 20.05
N GLU H 125 24.16 -38.22 19.34
CA GLU H 125 25.51 -37.70 19.47
C GLU H 125 25.85 -37.44 20.92
N CYS H 126 24.86 -36.99 21.70
CA CYS H 126 25.10 -36.81 23.12
C CYS H 126 25.11 -38.15 23.82
N ALA H 127 24.40 -39.14 23.26
CA ALA H 127 24.35 -40.49 23.81
C ALA H 127 25.59 -41.29 23.46
N ALA H 128 26.55 -40.67 22.79
CA ALA H 128 27.78 -41.35 22.38
C ALA H 128 28.41 -42.11 23.54
N THR H 129 28.62 -41.44 24.65
CA THR H 129 29.29 -42.01 25.81
C THR H 129 28.59 -43.28 26.29
N GLY H 130 27.35 -43.14 26.76
CA GLY H 130 26.59 -44.28 27.25
C GLY H 130 27.36 -45.06 28.29
N SER H 131 27.15 -46.37 28.30
CA SER H 131 27.98 -47.24 29.13
C SER H 131 29.41 -47.27 28.60
N ALA H 132 30.35 -47.54 29.50
CA ALA H 132 31.75 -47.59 29.11
C ALA H 132 32.01 -48.65 28.05
N ALA H 133 31.19 -49.71 28.02
CA ALA H 133 31.37 -50.74 27.01
C ALA H 133 31.28 -50.16 25.62
N PHE H 134 30.36 -49.22 25.41
CA PHE H 134 30.21 -48.59 24.11
C PHE H 134 31.46 -47.82 23.74
N ALA H 135 32.06 -47.14 24.72
CA ALA H 135 33.22 -46.32 24.41
C ALA H 135 34.42 -47.21 24.11
N GLN H 136 34.69 -48.18 24.98
CA GLN H 136 35.86 -49.04 24.80
C GLN H 136 35.77 -49.80 23.48
N ARG H 137 34.58 -50.30 23.13
CA ARG H 137 34.42 -50.94 21.84
C ARG H 137 34.44 -49.93 20.72
N LEU H 138 34.11 -48.68 21.00
CA LEU H 138 33.86 -47.71 19.95
C LEU H 138 35.15 -47.14 19.38
N CYS H 139 35.94 -46.46 20.20
CA CYS H 139 37.07 -45.72 19.66
C CYS H 139 38.17 -46.66 19.17
N LEU H 140 38.86 -46.24 18.12
CA LEU H 140 39.90 -47.04 17.49
C LEU H 140 41.13 -47.23 18.37
N GLY H 141 41.17 -46.60 19.54
CA GLY H 141 42.32 -46.75 20.41
C GLY H 141 43.50 -45.90 20.00
N ARG H 142 43.26 -44.88 19.17
CA ARG H 142 44.36 -44.06 18.66
C ARG H 142 44.94 -43.18 19.77
N ASN H 143 44.11 -42.31 20.37
CA ASN H 143 44.64 -41.38 21.35
C ASN H 143 44.98 -42.09 22.65
N ARG H 144 44.47 -43.31 22.86
CA ARG H 144 44.61 -44.12 24.05
C ARG H 144 44.01 -43.42 25.26
N SER H 145 43.43 -42.24 25.03
CA SER H 145 42.81 -41.45 26.08
C SER H 145 41.32 -41.20 25.80
N CYS H 146 40.65 -42.16 25.15
CA CYS H 146 39.26 -41.93 24.78
C CYS H 146 38.45 -41.78 26.07
N ALA H 147 38.34 -42.86 26.83
CA ALA H 147 37.36 -42.92 27.91
C ALA H 147 37.56 -41.81 28.93
N ALA H 148 38.78 -41.29 29.04
CA ALA H 148 39.07 -40.26 30.04
C ALA H 148 38.21 -39.01 29.80
N GLU H 149 38.32 -38.44 28.60
CA GLU H 149 37.61 -37.20 28.28
C GLU H 149 37.00 -37.30 26.90
N LEU H 150 36.50 -38.48 26.54
CA LEU H 150 35.64 -38.57 25.37
C LEU H 150 34.42 -37.67 25.46
N PRO H 151 33.69 -37.59 26.60
CA PRO H 151 32.45 -36.78 26.63
C PRO H 151 32.61 -35.37 26.07
N LEU H 152 33.85 -34.90 25.95
CA LEU H 152 34.12 -33.60 25.38
C LEU H 152 33.96 -33.57 23.87
N VAL H 153 33.68 -34.70 23.24
CA VAL H 153 33.78 -34.76 21.78
C VAL H 153 32.62 -34.02 21.10
N PRO H 154 31.36 -34.08 21.59
CA PRO H 154 30.37 -33.18 21.01
C PRO H 154 30.47 -31.79 21.58
N CYS H 155 31.20 -31.66 22.68
CA CYS H 155 31.43 -30.41 23.38
C CYS H 155 32.48 -29.58 22.66
N ASN H 156 33.19 -30.17 21.71
CA ASN H 156 34.19 -29.53 20.87
C ASN H 156 35.39 -29.04 21.65
N GLN H 157 35.49 -29.40 22.92
CA GLN H 157 36.59 -28.94 23.76
C GLN H 157 37.81 -29.85 23.65
N ALA H 158 37.60 -31.14 23.42
CA ALA H 158 38.71 -32.04 23.18
C ALA H 158 39.36 -31.71 21.84
N LYS H 159 40.67 -31.83 21.78
CA LYS H 159 41.44 -31.44 20.61
C LYS H 159 42.18 -32.60 19.95
N ALA H 160 41.98 -33.83 20.43
CA ALA H 160 42.58 -34.97 19.76
C ALA H 160 41.93 -35.18 18.39
N SER H 161 42.76 -35.35 17.37
CA SER H 161 42.24 -35.43 16.01
C SER H 161 41.29 -36.60 15.85
N ASP H 162 41.58 -37.71 16.54
CA ASP H 162 40.80 -38.92 16.37
C ASP H 162 39.34 -38.68 16.73
N VAL H 163 39.11 -38.07 17.89
CA VAL H 163 37.75 -37.87 18.34
C VAL H 163 37.09 -36.71 17.58
N GLN H 164 37.86 -35.72 17.15
CA GLN H 164 37.26 -34.66 16.35
C GLN H 164 36.71 -35.21 15.05
N ASP H 165 37.30 -36.27 14.51
CA ASP H 165 36.69 -37.00 13.41
C ASP H 165 35.64 -37.99 13.86
N LEU H 166 35.75 -38.48 15.10
CA LEU H 166 34.83 -39.52 15.57
C LEU H 166 33.45 -38.95 15.85
N LEU H 167 33.38 -37.69 16.28
CA LEU H 167 32.08 -37.06 16.50
C LEU H 167 31.25 -37.09 15.23
N LYS H 168 31.92 -36.90 14.09
CA LYS H 168 31.22 -36.91 12.81
C LYS H 168 30.63 -38.28 12.54
N ASP H 169 31.44 -39.33 12.76
CA ASP H 169 30.96 -40.70 12.59
C ASP H 169 29.80 -40.99 13.53
N LEU H 170 29.83 -40.44 14.75
CA LEU H 170 28.73 -40.66 15.66
C LEU H 170 27.47 -39.97 15.17
N LYS H 171 27.61 -38.75 14.67
CA LYS H 171 26.48 -38.07 14.02
C LYS H 171 25.92 -38.94 12.91
N ALA H 172 26.82 -39.54 12.13
CA ALA H 172 26.42 -40.43 11.06
C ALA H 172 25.61 -41.59 11.60
N GLN H 173 26.13 -42.26 12.63
CA GLN H 173 25.43 -43.40 13.21
C GLN H 173 24.06 -42.99 13.69
N SER H 174 23.93 -41.76 14.20
CA SER H 174 22.64 -41.30 14.67
C SER H 174 21.68 -41.17 13.51
N GLN H 175 22.09 -40.43 12.49
CA GLN H 175 21.19 -40.19 11.36
C GLN H 175 20.83 -41.50 10.67
N VAL H 176 21.82 -42.37 10.51
CA VAL H 176 21.60 -43.64 9.83
C VAL H 176 20.63 -44.50 10.62
N LEU H 177 20.84 -44.59 11.94
CA LEU H 177 19.93 -45.36 12.76
C LEU H 177 18.52 -44.79 12.65
N GLY H 178 18.42 -43.47 12.63
CA GLY H 178 17.11 -42.84 12.47
C GLY H 178 16.44 -43.26 11.18
N TRP H 179 17.20 -43.25 10.09
CA TRP H 179 16.61 -43.62 8.81
C TRP H 179 16.23 -45.09 8.79
N ILE H 180 17.05 -45.93 9.43
CA ILE H 180 16.73 -47.33 9.54
C ILE H 180 15.45 -47.53 10.32
N LEU H 181 15.26 -46.74 11.37
CA LEU H 181 14.05 -46.84 12.16
C LEU H 181 12.84 -46.38 11.37
N ILE H 182 12.98 -45.28 10.61
CA ILE H 182 11.84 -44.80 9.86
C ILE H 182 11.52 -45.74 8.71
N ALA H 183 12.47 -46.57 8.32
CA ALA H 183 12.16 -47.61 7.35
C ALA H 183 11.46 -48.78 8.03
N VAL H 184 11.96 -49.18 9.20
CA VAL H 184 11.36 -50.31 9.90
C VAL H 184 9.93 -50.00 10.27
N VAL H 185 9.65 -48.75 10.67
CA VAL H 185 8.30 -48.40 11.08
C VAL H 185 7.35 -48.44 9.90
N ILE H 186 7.77 -47.94 8.74
CA ILE H 186 6.87 -48.00 7.59
C ILE H 186 6.67 -49.44 7.16
N ILE H 187 7.73 -50.25 7.23
CA ILE H 187 7.59 -51.67 6.89
C ILE H 187 6.56 -52.33 7.79
N ILE H 188 6.68 -52.07 9.10
CA ILE H 188 5.74 -52.67 10.06
C ILE H 188 4.33 -52.19 9.77
N LEU H 189 4.17 -50.90 9.46
CA LEU H 189 2.85 -50.38 9.12
C LEU H 189 2.30 -51.09 7.90
N LEU H 190 3.14 -51.31 6.89
CA LEU H 190 2.73 -52.05 5.71
C LEU H 190 2.21 -53.42 6.10
N ILE H 191 3.03 -54.19 6.80
CA ILE H 191 2.66 -55.58 7.10
C ILE H 191 1.39 -55.61 7.94
N PHE H 192 1.30 -54.71 8.92
CA PHE H 192 0.12 -54.64 9.78
C PHE H 192 -1.13 -54.38 8.97
N THR H 193 -1.14 -53.28 8.21
CA THR H 193 -2.34 -52.91 7.49
C THR H 193 -2.66 -53.91 6.38
N SER H 194 -1.65 -54.55 5.81
CA SER H 194 -1.89 -55.52 4.75
C SER H 194 -2.54 -56.77 5.30
N VAL H 195 -1.99 -57.33 6.39
CA VAL H 195 -2.59 -58.50 6.99
C VAL H 195 -3.99 -58.19 7.50
N THR H 196 -4.16 -57.03 8.14
CA THR H 196 -5.49 -56.66 8.61
C THR H 196 -6.45 -56.48 7.44
N ARG H 197 -5.92 -56.07 6.29
CA ARG H 197 -6.71 -55.97 5.07
C ARG H 197 -6.78 -57.27 4.29
N CYS H 198 -5.96 -58.27 4.64
CA CYS H 198 -5.94 -59.48 3.83
C CYS H 198 -6.92 -60.55 4.29
N LEU H 199 -7.00 -60.78 5.60
CA LEU H 199 -7.74 -61.90 6.15
C LEU H 199 -9.16 -61.55 6.53
N SER H 200 -9.60 -60.31 6.37
CA SER H 200 -10.96 -59.98 6.73
C SER H 200 -11.95 -60.64 5.77
N PRO H 201 -13.10 -61.10 6.27
CA PRO H 201 -14.06 -61.77 5.39
C PRO H 201 -14.76 -60.82 4.43
N VAL H 202 -15.09 -59.61 4.89
CA VAL H 202 -15.82 -58.67 4.06
C VAL H 202 -14.92 -58.16 2.94
N SER H 203 -15.53 -57.76 1.84
CA SER H 203 -14.77 -57.22 0.73
C SER H 203 -14.38 -55.76 0.98
N PHE H 204 -13.67 -55.20 0.00
CA PHE H 204 -13.18 -53.84 0.08
C PHE H 204 -14.31 -52.85 -0.10
N LEU H 205 -14.93 -52.87 -1.28
CA LEU H 205 -15.91 -51.86 -1.63
C LEU H 205 -17.06 -51.82 -0.63
N GLN H 206 -17.23 -52.88 0.15
CA GLN H 206 -18.18 -52.83 1.24
C GLN H 206 -17.55 -52.27 2.50
N LEU H 207 -16.26 -52.54 2.74
CA LEU H 207 -15.63 -51.99 3.92
C LEU H 207 -15.59 -50.48 3.88
N LYS H 208 -15.32 -49.92 2.70
CA LYS H 208 -15.33 -48.47 2.55
C LYS H 208 -16.69 -47.92 2.91
N PHE H 209 -17.73 -48.53 2.33
CA PHE H 209 -19.10 -48.11 2.61
C PHE H 209 -19.43 -48.24 4.09
N TRP H 210 -18.94 -49.29 4.72
CA TRP H 210 -19.19 -49.48 6.15
C TRP H 210 -18.56 -48.36 6.95
N LYS H 211 -17.33 -47.97 6.62
CA LYS H 211 -16.68 -46.90 7.35
C LYS H 211 -17.42 -45.58 7.13
N ILE H 212 -17.88 -45.34 5.90
CA ILE H 212 -18.71 -44.17 5.65
C ILE H 212 -19.95 -44.23 6.51
N TYR H 213 -20.53 -45.42 6.63
CA TYR H 213 -21.71 -45.63 7.46
C TYR H 213 -21.44 -45.24 8.90
N LEU H 214 -20.33 -45.72 9.45
CA LEU H 214 -20.03 -45.43 10.84
C LEU H 214 -19.79 -43.94 11.04
N GLU H 215 -19.14 -43.29 10.06
CA GLU H 215 -18.95 -41.84 10.12
C GLU H 215 -20.28 -41.12 10.17
N GLN H 216 -21.18 -41.45 9.24
CA GLN H 216 -22.48 -40.80 9.20
C GLN H 216 -23.25 -41.07 10.48
N GLU H 217 -23.13 -42.27 11.01
CA GLU H 217 -23.81 -42.61 12.24
C GLU H 217 -23.30 -41.76 13.38
N GLN H 218 -21.99 -41.56 13.46
CA GLN H 218 -21.42 -40.73 14.51
C GLN H 218 -21.92 -39.31 14.41
N GLN H 219 -21.92 -38.74 13.21
CA GLN H 219 -22.36 -37.36 13.06
C GLN H 219 -23.84 -37.20 13.37
N ILE H 220 -24.67 -38.11 12.88
CA ILE H 220 -26.10 -38.07 13.16
C ILE H 220 -26.35 -38.21 14.64
N LEU H 221 -25.62 -39.13 15.28
CA LEU H 221 -25.77 -39.32 16.71
C LEU H 221 -25.43 -38.05 17.46
N LYS H 222 -24.30 -37.43 17.12
CA LYS H 222 -23.94 -36.16 17.74
C LYS H 222 -25.08 -35.17 17.64
N SER H 223 -25.57 -34.94 16.43
CA SER H 223 -26.58 -33.90 16.23
C SER H 223 -27.87 -34.22 16.97
N LYS H 224 -28.41 -35.42 16.76
CA LYS H 224 -29.73 -35.71 17.30
C LYS H 224 -29.70 -35.90 18.81
N ALA H 225 -28.65 -36.53 19.33
CA ALA H 225 -28.50 -36.61 20.77
C ALA H 225 -28.39 -35.22 21.37
N THR H 226 -27.68 -34.31 20.68
CA THR H 226 -27.59 -32.95 21.15
C THR H 226 -28.97 -32.33 21.29
N GLU H 227 -29.77 -32.41 20.24
CA GLU H 227 -31.06 -31.73 20.29
C GLU H 227 -32.01 -32.42 21.25
N HIS H 228 -31.86 -33.73 21.42
CA HIS H 228 -32.72 -34.46 22.35
C HIS H 228 -32.38 -34.12 23.78
N ALA H 229 -31.10 -34.03 24.11
CA ALA H 229 -30.73 -33.54 25.43
C ALA H 229 -31.20 -32.11 25.62
N THR H 230 -31.18 -31.31 24.54
CA THR H 230 -31.66 -29.94 24.63
C THR H 230 -33.13 -29.89 25.01
N GLU H 231 -33.95 -30.71 24.34
CA GLU H 231 -35.38 -30.70 24.64
C GLU H 231 -35.65 -31.25 26.04
N LEU H 232 -34.90 -32.27 26.45
CA LEU H 232 -35.01 -32.80 27.80
C LEU H 232 -34.76 -31.70 28.81
N ALA H 233 -33.64 -31.00 28.66
CA ALA H 233 -33.28 -29.94 29.59
C ALA H 233 -34.34 -28.84 29.59
N LYS H 234 -34.83 -28.48 28.41
CA LYS H 234 -35.85 -27.43 28.32
C LYS H 234 -37.08 -27.82 29.12
N GLU H 235 -37.55 -29.04 28.91
CA GLU H 235 -38.75 -29.51 29.61
C GLU H 235 -38.52 -29.49 31.12
N ASN H 236 -37.39 -30.04 31.56
CA ASN H 236 -37.17 -30.15 32.99
C ASN H 236 -37.02 -28.78 33.63
N ILE H 237 -36.32 -27.86 32.97
CA ILE H 237 -36.12 -26.55 33.55
C ILE H 237 -37.41 -25.73 33.54
N LYS H 238 -38.29 -25.97 32.57
CA LYS H 238 -39.58 -25.32 32.61
C LYS H 238 -40.41 -25.86 33.75
N CYS H 239 -40.39 -27.17 33.94
CA CYS H 239 -41.09 -27.76 35.07
C CYS H 239 -40.53 -27.26 36.39
N PHE H 240 -39.24 -26.93 36.43
CA PHE H 240 -38.67 -26.39 37.66
C PHE H 240 -39.13 -24.95 37.90
N PHE H 241 -39.06 -24.11 36.87
CA PHE H 241 -39.54 -22.74 37.06
C PHE H 241 -41.00 -22.73 37.48
N GLU H 242 -41.82 -23.57 36.85
CA GLU H 242 -43.22 -23.63 37.27
C GLU H 242 -43.35 -24.34 38.60
N GLY H 243 -42.60 -25.41 38.80
CA GLY H 243 -42.74 -26.18 40.03
C GLY H 243 -43.86 -27.19 39.88
N SER H 244 -43.77 -28.06 38.88
CA SER H 244 -44.82 -29.05 38.66
C SER H 244 -44.20 -30.33 38.14
N HIS H 245 -45.06 -31.30 37.89
CA HIS H 245 -44.62 -32.62 37.47
C HIS H 245 -44.07 -32.56 36.05
N PRO H 246 -43.09 -33.39 35.73
CA PRO H 246 -42.53 -33.41 34.37
C PRO H 246 -43.44 -34.21 33.45
N LYS H 247 -43.00 -34.32 32.19
CA LYS H 247 -43.86 -34.94 31.18
C LYS H 247 -43.73 -36.45 31.20
N GLU H 248 -42.53 -36.97 31.43
CA GLU H 248 -42.23 -38.39 31.30
C GLU H 248 -42.54 -38.83 29.87
N TYR H 249 -41.71 -38.32 28.96
CA TYR H 249 -41.88 -38.63 27.54
C TYR H 249 -41.34 -40.04 27.26
N ASN H 250 -40.09 -40.29 27.63
CA ASN H 250 -39.44 -41.57 27.37
C ASN H 250 -38.15 -41.61 28.16
N THR H 251 -37.56 -42.80 28.23
CA THR H 251 -36.37 -43.06 29.02
C THR H 251 -35.33 -43.77 28.17
N PRO H 252 -34.21 -43.12 27.83
CA PRO H 252 -33.10 -43.89 27.25
C PRO H 252 -32.51 -44.79 28.31
N SER H 253 -32.73 -46.10 28.16
CA SER H 253 -32.34 -47.06 29.19
C SER H 253 -30.83 -47.17 29.30
N MET H 254 -30.33 -47.08 30.53
CA MET H 254 -28.89 -47.16 30.76
C MET H 254 -28.37 -48.55 30.43
N LYS H 255 -29.11 -49.59 30.84
CA LYS H 255 -28.74 -50.94 30.45
C LYS H 255 -28.71 -51.07 28.93
N GLU H 256 -29.64 -50.40 28.25
CA GLU H 256 -29.61 -50.37 26.80
C GLU H 256 -28.35 -49.69 26.30
N TRP H 257 -27.96 -48.60 26.96
CA TRP H 257 -26.73 -47.90 26.59
C TRP H 257 -25.55 -48.85 26.67
N GLN H 258 -25.45 -49.58 27.77
CA GLN H 258 -24.37 -50.55 27.89
C GLN H 258 -24.49 -51.63 26.83
N GLN H 259 -25.72 -52.05 26.53
CA GLN H 259 -25.91 -53.12 25.55
C GLN H 259 -25.41 -52.70 24.18
N ILE H 260 -25.56 -51.41 23.84
CA ILE H 260 -25.18 -50.92 22.53
C ILE H 260 -23.73 -50.44 22.50
N SER H 261 -23.01 -50.57 23.60
CA SER H 261 -21.61 -50.17 23.66
C SER H 261 -20.65 -51.29 23.27
N SER H 262 -21.17 -52.43 22.84
CA SER H 262 -20.32 -53.56 22.47
C SER H 262 -19.34 -53.16 21.37
N LEU H 263 -18.30 -53.97 21.22
CA LEU H 263 -17.11 -53.61 20.46
C LEU H 263 -16.97 -54.35 19.13
N TYR H 264 -17.21 -55.66 19.10
CA TYR H 264 -16.74 -56.48 17.99
C TYR H 264 -17.46 -56.12 16.69
N THR H 265 -18.80 -56.15 16.71
CA THR H 265 -19.62 -55.74 15.57
C THR H 265 -19.33 -56.59 14.33
N PHE H 266 -19.30 -57.91 14.51
CA PHE H 266 -19.30 -58.76 13.32
C PHE H 266 -19.67 -60.20 13.65
N ASN H 267 -20.43 -60.79 12.73
CA ASN H 267 -20.76 -62.19 12.64
C ASN H 267 -21.11 -62.43 11.17
N PRO H 268 -20.61 -63.51 10.56
CA PRO H 268 -20.87 -63.70 9.12
C PRO H 268 -22.34 -63.70 8.77
N LYS H 269 -23.20 -64.23 9.63
CA LYS H 269 -24.61 -64.32 9.30
C LYS H 269 -25.30 -62.97 9.51
N GLY H 270 -25.34 -62.50 10.75
CA GLY H 270 -26.01 -61.26 11.07
C GLY H 270 -25.17 -60.02 10.83
N GLN H 271 -25.09 -59.57 9.58
CA GLN H 271 -24.19 -58.50 9.17
C GLN H 271 -24.15 -57.35 10.18
N TYR H 272 -25.30 -56.69 10.36
CA TYR H 272 -25.62 -55.89 11.55
C TYR H 272 -24.44 -55.10 12.11
N TYR H 273 -23.94 -54.19 11.29
CA TYR H 273 -22.86 -53.33 11.72
C TYR H 273 -23.31 -52.50 12.92
N SER H 274 -22.35 -51.91 13.63
CA SER H 274 -22.70 -50.86 14.57
C SER H 274 -23.68 -51.35 15.61
N MET H 275 -23.21 -52.13 16.59
CA MET H 275 -24.00 -52.95 17.49
C MET H 275 -25.38 -52.38 17.80
N LEU H 276 -25.48 -51.05 17.91
CA LEU H 276 -26.80 -50.44 17.98
C LEU H 276 -27.69 -50.98 16.89
N HIS H 277 -27.19 -51.00 15.66
CA HIS H 277 -27.96 -51.55 14.54
C HIS H 277 -28.18 -53.04 14.70
N LYS H 278 -27.22 -53.77 15.26
CA LYS H 278 -27.46 -55.19 15.51
C LYS H 278 -28.63 -55.39 16.46
N TYR H 279 -28.79 -54.46 17.40
CA TYR H 279 -29.88 -54.50 18.38
C TYR H 279 -31.09 -53.75 17.80
N VAL H 280 -31.66 -54.34 16.76
CA VAL H 280 -32.96 -53.93 16.26
C VAL H 280 -33.91 -55.09 16.05
N ASN H 281 -33.47 -56.32 16.29
CA ASN H 281 -34.37 -57.46 16.14
C ASN H 281 -35.28 -57.62 17.36
N ARG H 282 -34.77 -57.32 18.55
CA ARG H 282 -35.55 -57.42 19.77
C ARG H 282 -35.06 -56.42 20.81
N TYR I 20 -2.45 -17.56 12.19
CA TYR I 20 -1.03 -17.36 11.93
C TYR I 20 -0.18 -18.37 12.69
N GLY I 21 -0.76 -18.94 13.75
CA GLY I 21 -0.02 -19.92 14.53
C GLY I 21 0.36 -21.15 13.73
N LEU I 22 -0.58 -21.67 12.94
CA LEU I 22 -0.28 -22.83 12.11
C LEU I 22 0.83 -22.49 11.11
N VAL I 23 0.75 -21.33 10.48
CA VAL I 23 1.74 -20.92 9.49
C VAL I 23 3.12 -20.83 10.14
N THR I 24 3.20 -20.18 11.31
CA THR I 24 4.49 -20.01 11.96
C THR I 24 5.05 -21.34 12.41
N LEU I 25 4.21 -22.21 12.96
CA LEU I 25 4.70 -23.51 13.39
C LEU I 25 5.18 -24.33 12.21
N LEU I 26 4.47 -24.25 11.08
CA LEU I 26 4.88 -25.01 9.91
C LEU I 26 6.20 -24.51 9.35
N THR I 27 6.39 -23.18 9.25
CA THR I 27 7.67 -22.69 8.74
C THR I 27 8.81 -23.03 9.70
N ALA I 28 8.58 -22.92 11.01
CA ALA I 28 9.63 -23.28 11.97
C ALA I 28 9.97 -24.77 11.85
N GLY I 29 8.95 -25.61 11.73
CA GLY I 29 9.20 -27.04 11.60
C GLY I 29 9.94 -27.37 10.32
N GLY I 30 9.57 -26.73 9.22
CA GLY I 30 10.27 -26.98 7.96
C GLY I 30 11.72 -26.56 8.03
N GLU I 31 11.99 -25.39 8.62
CA GLU I 31 13.37 -24.94 8.72
C GLU I 31 14.18 -25.89 9.60
N ARG I 32 13.61 -26.31 10.72
CA ARG I 32 14.29 -27.26 11.59
C ARG I 32 14.55 -28.58 10.85
N ILE I 33 13.54 -29.06 10.13
CA ILE I 33 13.63 -30.33 9.42
C ILE I 33 14.76 -30.27 8.40
N PHE I 34 14.82 -29.19 7.63
CA PHE I 34 15.79 -29.11 6.55
C PHE I 34 17.19 -28.87 7.11
N SER I 35 17.29 -28.07 8.17
CA SER I 35 18.59 -27.90 8.81
C SER I 35 19.07 -29.22 9.38
N ALA I 36 18.14 -30.11 9.75
CA ALA I 36 18.50 -31.41 10.30
C ALA I 36 18.86 -32.42 9.22
N VAL I 37 18.30 -32.29 8.02
CA VAL I 37 18.59 -33.23 6.93
C VAL I 37 19.87 -32.78 6.23
N ALA I 38 20.57 -31.82 6.82
CA ALA I 38 21.88 -31.43 6.33
C ALA I 38 22.76 -32.66 6.11
N PHE I 39 23.38 -32.73 4.95
CA PHE I 39 24.08 -33.93 4.50
C PHE I 39 25.57 -33.65 4.54
N GLN I 40 26.26 -34.19 5.54
CA GLN I 40 27.69 -33.90 5.66
C GLN I 40 28.57 -34.91 4.95
N CYS I 41 28.06 -36.10 4.65
CA CYS I 41 28.88 -37.19 4.13
C CYS I 41 30.12 -37.37 5.00
N PRO I 42 29.99 -37.90 6.21
CA PRO I 42 31.15 -38.07 7.08
C PRO I 42 32.23 -38.90 6.41
N CYS I 43 33.43 -38.35 6.36
CA CYS I 43 34.55 -39.08 5.78
C CYS I 43 35.04 -40.09 6.81
N SER I 44 34.72 -41.36 6.57
CA SER I 44 35.12 -42.45 7.46
C SER I 44 35.56 -43.63 6.60
N ALA I 45 36.52 -44.39 7.12
CA ALA I 45 37.12 -45.46 6.33
C ALA I 45 36.11 -46.54 5.99
N ALA I 46 35.26 -46.92 6.94
CA ALA I 46 34.36 -48.03 6.74
C ALA I 46 32.90 -47.72 7.03
N TRP I 47 32.61 -46.71 7.84
CA TRP I 47 31.23 -46.42 8.20
C TRP I 47 30.55 -45.47 7.24
N ASN I 48 31.22 -45.10 6.15
CA ASN I 48 30.70 -44.10 5.22
C ASN I 48 29.81 -44.73 4.16
N LEU I 49 30.21 -45.91 3.69
CA LEU I 49 29.50 -46.64 2.66
C LEU I 49 28.05 -46.77 3.10
N PRO I 50 27.75 -47.32 4.29
CA PRO I 50 26.35 -47.40 4.69
C PRO I 50 25.69 -46.04 4.80
N TYR I 51 26.47 -45.00 5.14
CA TYR I 51 25.91 -43.66 5.21
C TYR I 51 25.30 -43.28 3.87
N GLY I 52 26.04 -43.51 2.79
CA GLY I 52 25.49 -43.23 1.49
C GLY I 52 24.40 -44.21 1.12
N LEU I 53 24.56 -45.47 1.51
CA LEU I 53 23.64 -46.51 1.06
C LEU I 53 22.25 -46.29 1.63
N VAL I 54 22.15 -45.85 2.87
CA VAL I 54 20.84 -45.65 3.46
C VAL I 54 20.17 -44.44 2.83
N PHE I 55 20.93 -43.36 2.61
CA PHE I 55 20.39 -42.18 1.96
C PHE I 55 20.01 -42.46 0.53
N LEU I 56 20.54 -43.53 -0.05
CA LEU I 56 20.09 -43.95 -1.36
C LEU I 56 18.81 -44.77 -1.27
N LEU I 57 18.84 -45.84 -0.50
CA LEU I 57 17.79 -46.84 -0.58
C LEU I 57 16.56 -46.49 0.24
N VAL I 58 16.76 -46.04 1.48
CA VAL I 58 15.65 -45.94 2.41
C VAL I 58 14.57 -44.98 1.96
N PRO I 59 14.86 -43.73 1.57
CA PRO I 59 13.76 -42.90 1.05
C PRO I 59 13.15 -43.43 -0.22
N ALA I 60 13.97 -44.05 -1.08
CA ALA I 60 13.45 -44.70 -2.27
C ALA I 60 12.51 -45.85 -1.90
N LEU I 61 12.96 -46.71 -0.99
CA LEU I 61 12.10 -47.80 -0.53
C LEU I 61 10.82 -47.26 0.11
N ALA I 62 10.94 -46.14 0.81
CA ALA I 62 9.77 -45.56 1.47
C ALA I 62 8.72 -45.16 0.44
N LEU I 63 9.15 -44.40 -0.57
CA LEU I 63 8.19 -43.95 -1.58
C LEU I 63 7.67 -45.12 -2.39
N PHE I 64 8.51 -46.14 -2.61
CA PHE I 64 8.05 -47.36 -3.27
C PHE I 64 6.94 -48.02 -2.47
N LEU I 65 7.13 -48.11 -1.16
CA LEU I 65 6.12 -48.71 -0.30
C LEU I 65 4.84 -47.89 -0.31
N LEU I 66 4.96 -46.57 -0.23
CA LEU I 66 3.76 -45.74 -0.25
C LEU I 66 2.98 -45.93 -1.54
N GLY I 67 3.70 -46.06 -2.65
CA GLY I 67 3.02 -46.39 -3.91
C GLY I 67 2.36 -47.75 -3.88
N TYR I 68 3.09 -48.76 -3.38
CA TYR I 68 2.56 -50.10 -3.22
C TYR I 68 1.33 -50.15 -2.33
N VAL I 69 1.18 -49.15 -1.46
CA VAL I 69 0.04 -49.10 -0.57
C VAL I 69 -1.14 -48.38 -1.19
N LEU I 70 -0.87 -47.22 -1.79
CA LEU I 70 -1.92 -46.25 -2.06
C LEU I 70 -2.94 -46.77 -3.07
N SER I 71 -2.51 -47.46 -4.12
CA SER I 71 -3.43 -47.79 -5.20
C SER I 71 -4.51 -48.75 -4.72
N ALA I 72 -5.78 -48.39 -4.96
CA ALA I 72 -6.88 -49.25 -4.56
C ALA I 72 -7.03 -50.48 -5.43
N ARG I 73 -6.34 -50.56 -6.57
CA ARG I 73 -6.52 -51.72 -7.43
C ARG I 73 -5.95 -52.97 -6.76
N THR I 74 -4.85 -52.82 -6.04
CA THR I 74 -4.20 -53.99 -5.45
C THR I 74 -4.98 -54.41 -4.22
N TRP I 75 -5.50 -53.42 -3.48
CA TRP I 75 -6.27 -53.71 -2.28
C TRP I 75 -7.49 -54.53 -2.65
N ARG I 76 -8.08 -54.21 -3.81
CA ARG I 76 -9.23 -54.94 -4.33
C ARG I 76 -8.91 -56.43 -4.45
N LEU I 77 -7.69 -56.74 -4.86
CA LEU I 77 -7.24 -58.12 -4.97
C LEU I 77 -6.88 -58.72 -3.62
N LEU I 78 -6.38 -57.88 -2.70
CA LEU I 78 -5.77 -58.41 -1.49
C LEU I 78 -6.82 -58.85 -0.48
N THR I 79 -7.89 -58.08 -0.32
CA THR I 79 -8.84 -58.37 0.73
C THR I 79 -9.57 -59.69 0.49
N GLY I 80 -10.11 -60.25 1.56
CA GLY I 80 -10.83 -61.51 1.50
C GLY I 80 -9.98 -62.77 1.47
N CYS I 81 -9.19 -63.01 2.52
CA CYS I 81 -8.44 -64.26 2.64
C CYS I 81 -7.54 -64.48 1.43
N CYS I 82 -6.82 -63.43 1.05
CA CYS I 82 -5.92 -63.42 -0.12
C CYS I 82 -6.44 -64.24 -1.30
N ARG I 94 -2.44 -66.56 -13.49
CA ARG I 94 -3.09 -65.32 -13.87
C ARG I 94 -2.66 -64.18 -12.94
N GLY I 95 -2.37 -64.54 -11.69
CA GLY I 95 -2.01 -63.56 -10.68
C GLY I 95 -0.73 -62.82 -10.99
N SER I 96 0.10 -63.36 -11.88
CA SER I 96 1.37 -62.72 -12.21
C SER I 96 1.15 -61.40 -12.95
N LEU I 97 0.27 -61.40 -13.94
CA LEU I 97 0.13 -60.24 -14.82
C LEU I 97 -0.28 -59.01 -14.03
N VAL I 98 -1.35 -59.14 -13.24
CA VAL I 98 -1.82 -58.04 -12.42
C VAL I 98 -0.76 -57.62 -11.42
N CYS I 99 -0.02 -58.58 -10.87
CA CYS I 99 0.97 -58.26 -9.85
C CYS I 99 2.12 -57.47 -10.43
N THR I 100 2.63 -57.86 -11.59
CA THR I 100 3.70 -57.08 -12.19
C THR I 100 3.19 -55.73 -12.66
N GLN I 101 1.93 -55.66 -13.11
CA GLN I 101 1.36 -54.38 -13.52
C GLN I 101 1.33 -53.41 -12.35
N ILE I 102 0.77 -53.85 -11.22
CA ILE I 102 0.67 -52.96 -10.06
C ILE I 102 2.06 -52.63 -9.54
N SER I 103 2.97 -53.61 -9.52
CA SER I 103 4.30 -53.35 -9.01
C SER I 103 5.02 -52.30 -9.83
N ALA I 104 4.88 -52.34 -11.15
CA ALA I 104 5.52 -51.33 -11.98
C ALA I 104 4.84 -49.98 -11.81
N ALA I 105 3.51 -49.98 -11.82
CA ALA I 105 2.76 -48.73 -11.66
C ALA I 105 3.06 -48.06 -10.33
N ALA I 106 3.45 -48.83 -9.32
CA ALA I 106 3.85 -48.23 -8.06
C ALA I 106 5.32 -47.92 -8.00
N ALA I 107 6.16 -48.69 -8.69
CA ALA I 107 7.59 -48.42 -8.63
C ALA I 107 7.98 -47.26 -9.52
N LEU I 108 7.04 -46.76 -10.32
CA LEU I 108 7.24 -45.51 -11.04
C LEU I 108 7.90 -44.43 -10.21
N ALA I 109 7.29 -44.08 -9.07
CA ALA I 109 7.71 -42.90 -8.33
C ALA I 109 9.04 -43.07 -7.60
N PRO I 110 9.26 -44.21 -6.92
CA PRO I 110 10.53 -44.36 -6.20
C PRO I 110 11.71 -44.26 -7.12
N LEU I 111 11.55 -44.76 -8.33
CA LEU I 111 12.60 -44.59 -9.32
C LEU I 111 12.82 -43.12 -9.64
N THR I 112 11.75 -42.32 -9.62
CA THR I 112 11.93 -40.89 -9.84
C THR I 112 12.71 -40.26 -8.69
N TRP I 113 12.38 -40.64 -7.45
CA TRP I 113 13.14 -40.13 -6.32
C TRP I 113 14.61 -40.50 -6.40
N VAL I 114 14.88 -41.79 -6.64
CA VAL I 114 16.27 -42.23 -6.64
C VAL I 114 17.01 -41.60 -7.82
N ALA I 115 16.31 -41.34 -8.92
CA ALA I 115 16.95 -40.69 -10.05
C ALA I 115 17.31 -39.25 -9.70
N VAL I 116 16.37 -38.53 -9.10
CA VAL I 116 16.64 -37.16 -8.69
C VAL I 116 17.81 -37.12 -7.70
N ALA I 117 17.82 -38.04 -6.75
CA ALA I 117 18.89 -38.06 -5.77
C ALA I 117 20.24 -38.36 -6.42
N LEU I 118 20.28 -39.40 -7.24
CA LEU I 118 21.50 -39.76 -7.95
C LEU I 118 21.97 -38.62 -8.84
N LEU I 119 21.05 -37.86 -9.40
CA LEU I 119 21.44 -36.68 -10.14
C LEU I 119 21.91 -35.58 -9.20
N GLY I 120 21.51 -35.65 -7.94
CA GLY I 120 22.06 -34.73 -6.96
C GLY I 120 23.55 -34.93 -6.79
N GLY I 121 24.03 -36.16 -6.98
CA GLY I 121 25.44 -36.44 -6.97
C GLY I 121 26.04 -36.67 -5.60
N ALA I 122 25.52 -36.03 -4.56
CA ALA I 122 26.11 -36.12 -3.23
C ALA I 122 26.07 -37.54 -2.70
N PHE I 123 24.94 -38.23 -2.87
CA PHE I 123 24.79 -39.55 -2.26
C PHE I 123 25.81 -40.52 -2.84
N TYR I 124 25.83 -40.66 -4.15
CA TYR I 124 26.77 -41.58 -4.77
C TYR I 124 28.21 -41.12 -4.55
N GLU I 125 28.43 -39.80 -4.60
CA GLU I 125 29.75 -39.28 -4.24
C GLU I 125 30.18 -39.80 -2.88
N CYS I 126 29.21 -39.92 -1.97
CA CYS I 126 29.55 -40.49 -0.67
C CYS I 126 29.73 -42.00 -0.79
N ALA I 127 29.05 -42.61 -1.77
CA ALA I 127 29.15 -44.04 -2.02
C ALA I 127 30.42 -44.41 -2.77
N ALA I 128 31.28 -43.43 -3.04
CA ALA I 128 32.53 -43.64 -3.77
C ALA I 128 33.29 -44.83 -3.21
N THR I 129 33.54 -44.83 -1.90
CA THR I 129 34.34 -45.85 -1.24
C THR I 129 33.78 -47.24 -1.49
N GLY I 130 32.58 -47.51 -0.99
CA GLY I 130 31.95 -48.81 -1.15
C GLY I 130 32.87 -49.93 -0.71
N SER I 131 32.76 -51.06 -1.39
CA SER I 131 33.71 -52.14 -1.17
C SER I 131 35.10 -51.73 -1.67
N ALA I 132 36.12 -52.34 -1.08
CA ALA I 132 37.49 -52.01 -1.46
C ALA I 132 37.75 -52.33 -2.93
N ALA I 133 37.01 -53.29 -3.50
CA ALA I 133 37.21 -53.63 -4.90
C ALA I 133 36.96 -52.40 -5.78
N PHE I 134 35.95 -51.61 -5.42
CA PHE I 134 35.64 -50.41 -6.19
C PHE I 134 36.80 -49.43 -6.13
N ALA I 135 37.42 -49.30 -4.96
CA ALA I 135 38.49 -48.33 -4.81
C ALA I 135 39.73 -48.78 -5.56
N GLN I 136 40.14 -50.03 -5.34
CA GLN I 136 41.35 -50.54 -5.99
C GLN I 136 41.22 -50.49 -7.50
N ARG I 137 40.05 -50.87 -8.02
CA ARG I 137 39.84 -50.75 -9.46
C ARG I 137 39.70 -49.30 -9.88
N LEU I 138 39.28 -48.43 -8.97
CA LEU I 138 38.88 -47.08 -9.34
C LEU I 138 40.08 -46.17 -9.56
N CYS I 139 40.88 -45.94 -8.52
CA CYS I 139 41.89 -44.90 -8.61
C CYS I 139 43.02 -45.33 -9.55
N LEU I 140 43.58 -44.34 -10.24
CA LEU I 140 44.64 -44.57 -11.22
C LEU I 140 45.94 -45.06 -10.60
N GLY I 141 46.02 -45.14 -9.27
CA GLY I 141 47.25 -45.59 -8.65
C GLY I 141 48.31 -44.53 -8.57
N ARG I 142 47.94 -43.26 -8.73
CA ARG I 142 48.92 -42.19 -8.74
C ARG I 142 49.52 -41.95 -7.36
N ASN I 143 48.67 -41.63 -6.38
CA ASN I 143 49.20 -41.31 -5.06
C ASN I 143 49.71 -42.54 -4.34
N ARG I 144 49.30 -43.73 -4.80
CA ARG I 144 49.60 -45.04 -4.22
C ARG I 144 49.05 -45.13 -2.81
N SER I 145 48.36 -44.09 -2.36
CA SER I 145 47.75 -44.03 -1.04
C SER I 145 46.24 -43.84 -1.12
N CYS I 146 45.60 -44.38 -2.16
CA CYS I 146 44.16 -44.15 -2.31
C CYS I 146 43.45 -44.78 -1.13
N ALA I 147 43.48 -46.10 -1.03
CA ALA I 147 42.59 -46.83 -0.14
C ALA I 147 42.79 -46.40 1.31
N ALA I 148 43.96 -45.89 1.66
CA ALA I 148 44.25 -45.50 3.04
C ALA I 148 43.28 -44.42 3.51
N GLU I 149 43.26 -43.30 2.80
CA GLU I 149 42.42 -42.17 3.20
C GLU I 149 41.71 -41.59 1.99
N LEU I 150 41.28 -42.45 1.08
CA LEU I 150 40.34 -42.01 0.05
C LEU I 150 39.06 -41.44 0.63
N PRO I 151 38.42 -42.04 1.66
CA PRO I 151 37.13 -41.50 2.15
C PRO I 151 37.14 -40.00 2.42
N LEU I 152 38.33 -39.41 2.53
CA LEU I 152 38.44 -37.99 2.72
C LEU I 152 38.15 -37.18 1.47
N VAL I 153 37.93 -37.84 0.34
CA VAL I 153 37.91 -37.11 -0.93
C VAL I 153 36.65 -36.27 -1.10
N PRO I 154 35.44 -36.69 -0.67
CA PRO I 154 34.33 -35.75 -0.67
C PRO I 154 34.36 -34.86 0.56
N CYS I 155 35.17 -35.25 1.54
CA CYS I 155 35.35 -34.53 2.78
C CYS I 155 36.27 -33.33 2.60
N ASN I 156 36.95 -33.26 1.45
CA ASN I 156 37.83 -32.17 1.05
C ASN I 156 39.04 -32.04 1.95
N GLN I 157 39.27 -32.99 2.83
CA GLN I 157 40.40 -32.93 3.76
C GLN I 157 41.66 -33.50 3.15
N ALA I 158 41.55 -34.50 2.28
CA ALA I 158 42.70 -35.02 1.57
C ALA I 158 43.21 -33.97 0.60
N LYS I 159 44.53 -33.90 0.45
CA LYS I 159 45.16 -32.87 -0.35
C LYS I 159 45.93 -33.42 -1.54
N ALA I 160 45.89 -34.72 -1.78
CA ALA I 160 46.51 -35.28 -2.97
C ALA I 160 45.78 -34.81 -4.22
N SER I 161 46.54 -34.32 -5.20
CA SER I 161 45.92 -33.72 -6.38
C SER I 161 45.06 -34.75 -7.12
N ASP I 162 45.49 -36.01 -7.12
CA ASP I 162 44.80 -37.04 -7.89
C ASP I 162 43.35 -37.18 -7.42
N VAL I 163 43.17 -37.29 -6.11
CA VAL I 163 41.83 -37.51 -5.59
C VAL I 163 41.03 -36.21 -5.61
N GLN I 164 41.68 -35.05 -5.46
CA GLN I 164 40.95 -33.80 -5.56
C GLN I 164 40.32 -33.65 -6.94
N ASP I 165 40.97 -34.20 -7.98
CA ASP I 165 40.32 -34.29 -9.28
C ASP I 165 39.40 -35.49 -9.40
N LEU I 166 39.63 -36.54 -8.61
CA LEU I 166 38.85 -37.76 -8.74
C LEU I 166 37.46 -37.59 -8.16
N LEU I 167 37.32 -36.75 -7.14
CA LEU I 167 36.00 -36.48 -6.58
C LEU I 167 35.09 -35.92 -7.66
N LYS I 168 35.64 -35.10 -8.54
CA LYS I 168 34.84 -34.51 -9.61
C LYS I 168 34.35 -35.60 -10.56
N ASP I 169 35.25 -36.50 -10.94
CA ASP I 169 34.86 -37.62 -11.80
C ASP I 169 33.81 -38.50 -11.13
N LEU I 170 33.89 -38.65 -9.81
CA LEU I 170 32.89 -39.44 -9.12
C LEU I 170 31.54 -38.75 -9.14
N LYS I 171 31.54 -37.43 -8.93
CA LYS I 171 30.32 -36.65 -9.09
C LYS I 171 29.75 -36.84 -10.48
N ALA I 172 30.63 -36.85 -11.48
CA ALA I 172 30.21 -37.09 -12.85
C ALA I 172 29.55 -38.44 -12.98
N GLN I 173 30.19 -39.49 -12.48
CA GLN I 173 29.63 -40.82 -12.57
C GLN I 173 28.28 -40.89 -11.91
N SER I 174 28.10 -40.13 -10.83
CA SER I 174 26.81 -40.14 -10.16
C SER I 174 25.75 -39.52 -11.05
N GLN I 175 26.02 -38.31 -11.53
CA GLN I 175 25.02 -37.62 -12.34
C GLN I 175 24.71 -38.39 -13.61
N VAL I 176 25.75 -38.94 -14.23
CA VAL I 176 25.59 -39.68 -15.47
C VAL I 176 24.74 -40.92 -15.23
N LEU I 177 25.06 -41.66 -14.17
CA LEU I 177 24.29 -42.85 -13.86
C LEU I 177 22.83 -42.47 -13.62
N GLY I 178 22.62 -41.35 -12.93
CA GLY I 178 21.27 -40.88 -12.70
C GLY I 178 20.54 -40.63 -14.00
N TRP I 179 21.21 -39.97 -14.95
CA TRP I 179 20.56 -39.66 -16.21
C TRP I 179 20.29 -40.94 -16.99
N ILE I 180 21.22 -41.89 -16.91
CA ILE I 180 21.02 -43.18 -17.56
C ILE I 180 19.81 -43.89 -16.97
N LEU I 181 19.66 -43.80 -15.65
CA LEU I 181 18.52 -44.43 -15.01
C LEU I 181 17.21 -43.75 -15.40
N ILE I 182 17.21 -42.42 -15.48
CA ILE I 182 15.98 -41.74 -15.83
C ILE I 182 15.65 -41.97 -17.29
N ALA I 183 16.63 -42.36 -18.09
CA ALA I 183 16.34 -42.77 -19.45
C ALA I 183 15.78 -44.18 -19.48
N VAL I 184 16.40 -45.08 -18.72
CA VAL I 184 15.95 -46.47 -18.70
C VAL I 184 14.53 -46.55 -18.18
N VAL I 185 14.19 -45.74 -17.19
CA VAL I 185 12.85 -45.80 -16.62
C VAL I 185 11.81 -45.33 -17.62
N ILE I 186 12.09 -44.26 -18.34
CA ILE I 186 11.13 -43.79 -19.33
C ILE I 186 11.00 -44.81 -20.46
N ILE I 187 12.12 -45.42 -20.85
CA ILE I 187 12.08 -46.45 -21.89
C ILE I 187 11.17 -47.59 -21.44
N ILE I 188 11.37 -48.05 -20.21
CA ILE I 188 10.57 -49.16 -19.69
C ILE I 188 9.10 -48.75 -19.64
N LEU I 189 8.82 -47.52 -19.21
CA LEU I 189 7.44 -47.04 -19.20
C LEU I 189 6.85 -47.07 -20.60
N LEU I 190 7.63 -46.63 -21.58
CA LEU I 190 7.19 -46.68 -22.97
C LEU I 190 6.80 -48.10 -23.36
N ILE I 191 7.73 -49.03 -23.19
CA ILE I 191 7.51 -50.40 -23.65
C ILE I 191 6.31 -51.00 -22.93
N PHE I 192 6.22 -50.76 -21.62
CA PHE I 192 5.12 -51.28 -20.83
C PHE I 192 3.78 -50.78 -21.34
N THR I 193 3.63 -49.45 -21.41
CA THR I 193 2.35 -48.89 -21.80
C THR I 193 2.03 -49.19 -23.25
N SER I 194 3.05 -49.32 -24.10
CA SER I 194 2.80 -49.61 -25.50
C SER I 194 2.30 -51.03 -25.68
N VAL I 195 2.97 -52.01 -25.07
CA VAL I 195 2.51 -53.38 -25.18
C VAL I 195 1.14 -53.54 -24.55
N THR I 196 0.92 -52.92 -23.38
CA THR I 196 -0.39 -52.99 -22.76
C THR I 196 -1.45 -52.33 -23.62
N ARG I 197 -1.05 -51.33 -24.40
CA ARG I 197 -1.93 -50.69 -25.36
C ARG I 197 -1.96 -51.38 -26.71
N CYS I 198 -1.05 -52.32 -26.97
CA CYS I 198 -0.98 -52.93 -28.29
C CYS I 198 -1.83 -54.17 -28.43
N LEU I 199 -1.79 -55.05 -27.44
CA LEU I 199 -2.40 -56.37 -27.56
C LEU I 199 -3.82 -56.44 -27.02
N SER I 200 -4.35 -55.35 -26.49
CA SER I 200 -5.71 -55.41 -25.97
C SER I 200 -6.71 -55.57 -27.12
N PRO I 201 -7.77 -56.35 -26.90
CA PRO I 201 -8.75 -56.56 -27.99
C PRO I 201 -9.59 -55.33 -28.28
N VAL I 202 -9.98 -54.58 -27.25
CA VAL I 202 -10.85 -53.42 -27.43
C VAL I 202 -10.07 -52.32 -28.12
N SER I 203 -10.81 -51.47 -28.84
CA SER I 203 -10.18 -50.34 -29.51
C SER I 203 -9.88 -49.20 -28.54
N PHE I 204 -9.31 -48.14 -29.09
CA PHE I 204 -8.92 -46.98 -28.31
C PHE I 204 -10.14 -46.17 -27.91
N LEU I 205 -10.84 -45.64 -28.91
CA LEU I 205 -11.93 -44.70 -28.64
C LEU I 205 -12.99 -45.32 -27.75
N GLN I 206 -13.02 -46.64 -27.65
CA GLN I 206 -13.88 -47.27 -26.67
C GLN I 206 -13.21 -47.40 -25.32
N LEU I 207 -11.89 -47.60 -25.29
CA LEU I 207 -11.20 -47.70 -24.01
C LEU I 207 -11.29 -46.39 -23.24
N LYS I 208 -11.17 -45.27 -23.96
CA LYS I 208 -11.29 -43.98 -23.32
C LYS I 208 -12.67 -43.84 -22.69
N PHE I 209 -13.69 -44.16 -23.47
CA PHE I 209 -15.06 -44.10 -22.98
C PHE I 209 -15.27 -45.03 -21.80
N TRP I 210 -14.64 -46.20 -21.82
CA TRP I 210 -14.77 -47.13 -20.71
C TRP I 210 -14.16 -46.54 -19.45
N LYS I 211 -13.00 -45.90 -19.56
CA LYS I 211 -12.39 -45.30 -18.38
C LYS I 211 -13.24 -44.16 -17.85
N ILE I 212 -13.81 -43.36 -18.76
CA ILE I 212 -14.75 -42.32 -18.34
C ILE I 212 -15.92 -42.97 -17.60
N TYR I 213 -16.39 -44.11 -18.12
CA TYR I 213 -17.48 -44.84 -17.50
C TYR I 213 -17.13 -45.23 -16.08
N LEU I 214 -15.95 -45.81 -15.89
CA LEU I 214 -15.57 -46.26 -14.57
C LEU I 214 -15.43 -45.08 -13.62
N GLU I 215 -14.91 -43.96 -14.12
CA GLU I 215 -14.84 -42.74 -13.30
C GLU I 215 -16.22 -42.29 -12.84
N GLN I 216 -17.14 -42.19 -13.79
CA GLN I 216 -18.49 -41.76 -13.45
C GLN I 216 -19.13 -42.74 -12.49
N GLU I 217 -18.87 -44.02 -12.67
CA GLU I 217 -19.44 -45.03 -11.79
C GLU I 217 -18.91 -44.85 -10.39
N GLN I 218 -17.61 -44.57 -10.25
CA GLN I 218 -17.03 -44.37 -8.94
C GLN I 218 -17.65 -43.16 -8.24
N GLN I 219 -17.79 -42.06 -8.98
CA GLN I 219 -18.35 -40.85 -8.36
C GLN I 219 -19.81 -41.04 -7.97
N ILE I 220 -20.60 -41.66 -8.86
CA ILE I 220 -22.00 -41.92 -8.57
C ILE I 220 -22.12 -42.85 -7.37
N LEU I 221 -21.28 -43.88 -7.33
CA LEU I 221 -21.29 -44.80 -6.22
C LEU I 221 -21.00 -44.08 -4.91
N LYS I 222 -19.96 -43.26 -4.91
CA LYS I 222 -19.65 -42.49 -3.71
C LYS I 222 -20.87 -41.71 -3.25
N SER I 223 -21.47 -40.93 -4.13
CA SER I 223 -22.57 -40.06 -3.74
C SER I 223 -23.77 -40.87 -3.24
N LYS I 224 -24.23 -41.82 -4.04
CA LYS I 224 -25.47 -42.49 -3.71
C LYS I 224 -25.31 -43.44 -2.53
N ALA I 225 -24.18 -44.14 -2.46
CA ALA I 225 -23.91 -44.94 -1.28
C ALA I 225 -23.86 -44.06 -0.04
N THR I 226 -23.29 -42.87 -0.16
CA THR I 226 -23.27 -41.95 0.97
C THR I 226 -24.68 -41.65 1.45
N GLU I 227 -25.55 -41.26 0.52
CA GLU I 227 -26.88 -40.84 0.96
C GLU I 227 -27.69 -42.03 1.43
N HIS I 228 -27.43 -43.21 0.88
CA HIS I 228 -28.15 -44.41 1.30
C HIS I 228 -27.74 -44.84 2.70
N ALA I 229 -26.43 -44.79 2.98
CA ALA I 229 -26.01 -45.03 4.35
C ALA I 229 -26.58 -43.97 5.28
N THR I 230 -26.70 -42.74 4.79
CA THR I 230 -27.28 -41.67 5.61
C THR I 230 -28.72 -42.00 5.98
N GLU I 231 -29.52 -42.42 5.01
CA GLU I 231 -30.92 -42.73 5.31
C GLU I 231 -31.03 -43.95 6.20
N LEU I 232 -30.17 -44.95 5.99
CA LEU I 232 -30.14 -46.12 6.86
C LEU I 232 -29.90 -45.70 8.30
N ALA I 233 -28.85 -44.89 8.51
CA ALA I 233 -28.50 -44.45 9.85
C ALA I 233 -29.64 -43.64 10.45
N LYS I 234 -30.26 -42.76 9.66
CA LYS I 234 -31.35 -41.94 10.16
C LYS I 234 -32.48 -42.83 10.67
N GLU I 235 -32.88 -43.80 9.84
CA GLU I 235 -33.98 -44.69 10.22
C GLU I 235 -33.63 -45.44 11.50
N ASN I 236 -32.44 -46.02 11.57
CA ASN I 236 -32.10 -46.84 12.72
C ASN I 236 -32.00 -46.00 13.99
N ILE I 237 -31.44 -44.79 13.89
CA ILE I 237 -31.29 -43.96 15.06
C ILE I 237 -32.63 -43.42 15.53
N LYS I 238 -33.56 -43.21 14.59
CA LYS I 238 -34.90 -42.81 15.00
C LYS I 238 -35.59 -43.96 15.71
N CYS I 239 -35.46 -45.17 15.18
CA CYS I 239 -36.02 -46.34 15.84
C CYS I 239 -35.39 -46.54 17.22
N PHE I 240 -34.13 -46.14 17.39
CA PHE I 240 -33.51 -46.27 18.70
C PHE I 240 -34.07 -45.24 19.68
N PHE I 241 -34.15 -43.97 19.26
CA PHE I 241 -34.72 -42.97 20.16
C PHE I 241 -36.14 -43.34 20.54
N GLU I 242 -36.94 -43.80 19.59
CA GLU I 242 -38.28 -44.23 19.94
C GLU I 242 -38.26 -45.54 20.71
N GLY I 243 -37.42 -46.47 20.28
CA GLY I 243 -37.40 -47.78 20.92
C GLY I 243 -38.43 -48.68 20.29
N SER I 244 -38.36 -48.87 18.98
CA SER I 244 -39.33 -49.71 18.29
C SER I 244 -38.66 -50.45 17.15
N HIS I 245 -39.46 -51.24 16.44
CA HIS I 245 -38.95 -52.08 15.38
C HIS I 245 -38.51 -51.23 14.20
N PRO I 246 -37.49 -51.65 13.47
CA PRO I 246 -37.05 -50.90 12.29
C PRO I 246 -37.96 -51.18 11.10
N LYS I 247 -37.62 -50.58 9.97
CA LYS I 247 -38.49 -50.66 8.81
C LYS I 247 -38.25 -51.93 8.01
N GLU I 248 -36.99 -52.36 7.92
CA GLU I 248 -36.60 -53.46 7.04
C GLU I 248 -36.97 -53.12 5.60
N TYR I 249 -36.27 -52.11 5.08
CA TYR I 249 -36.52 -51.66 3.72
C TYR I 249 -35.89 -52.63 2.73
N ASN I 250 -34.60 -52.91 2.87
CA ASN I 250 -33.88 -53.78 1.96
C ASN I 250 -32.52 -54.09 2.58
N THR I 251 -31.84 -55.05 1.99
CA THR I 251 -30.57 -55.56 2.49
C THR I 251 -29.54 -55.60 1.38
N PRO I 252 -28.52 -54.77 1.40
CA PRO I 252 -27.40 -54.98 0.48
C PRO I 252 -26.65 -56.24 0.88
N SER I 253 -26.77 -57.29 0.07
CA SER I 253 -26.24 -58.59 0.42
C SER I 253 -24.72 -58.58 0.42
N MET I 254 -24.13 -59.10 1.50
CA MET I 254 -22.68 -59.13 1.62
C MET I 254 -22.08 -60.09 0.59
N LYS I 255 -22.70 -61.25 0.40
CA LYS I 255 -22.24 -62.14 -0.65
C LYS I 255 -22.32 -61.45 -2.00
N GLU I 256 -23.35 -60.64 -2.21
CA GLU I 256 -23.45 -59.85 -3.42
C GLU I 256 -22.29 -58.87 -3.51
N TRP I 257 -21.93 -58.25 -2.39
CA TRP I 257 -20.80 -57.33 -2.36
C TRP I 257 -19.54 -58.04 -2.83
N GLN I 258 -19.30 -59.24 -2.29
CA GLN I 258 -18.14 -60.00 -2.72
C GLN I 258 -18.25 -60.37 -4.18
N GLN I 259 -19.46 -60.69 -4.63
CA GLN I 259 -19.64 -61.10 -6.02
C GLN I 259 -19.29 -59.97 -6.97
N ILE I 260 -19.57 -58.73 -6.57
CA ILE I 260 -19.33 -57.59 -7.44
C ILE I 260 -17.94 -57.01 -7.25
N SER I 261 -17.12 -57.62 -6.40
CA SER I 261 -15.75 -57.15 -6.17
C SER I 261 -14.74 -57.79 -7.10
N SER I 262 -15.20 -58.59 -8.07
CA SER I 262 -14.29 -59.25 -9.00
C SER I 262 -13.44 -58.23 -9.75
N LEU I 263 -12.35 -58.73 -10.33
CA LEU I 263 -11.26 -57.89 -10.81
C LEU I 263 -11.16 -57.81 -12.33
N TYR I 264 -11.30 -58.93 -13.04
CA TYR I 264 -10.85 -58.97 -14.43
C TYR I 264 -11.70 -58.09 -15.33
N THR I 265 -13.02 -58.25 -15.29
CA THR I 265 -13.96 -57.40 -16.03
C THR I 265 -13.71 -57.44 -17.53
N PHE I 266 -13.55 -58.64 -18.09
CA PHE I 266 -13.58 -58.74 -19.53
C PHE I 266 -13.82 -60.16 -20.02
N ASN I 267 -14.58 -60.26 -21.10
CA ASN I 267 -14.81 -61.44 -21.91
C ASN I 267 -15.25 -60.91 -23.25
N PRO I 268 -14.71 -61.45 -24.36
CA PRO I 268 -15.07 -60.89 -25.67
C PRO I 268 -16.56 -60.86 -25.94
N LYS I 269 -17.29 -61.86 -25.47
CA LYS I 269 -18.73 -61.91 -25.76
C LYS I 269 -19.51 -60.96 -24.86
N GLY I 270 -19.48 -61.21 -23.55
CA GLY I 270 -20.22 -60.40 -22.61
C GLY I 270 -19.50 -59.13 -22.17
N GLN I 271 -19.56 -58.09 -23.00
CA GLN I 271 -18.78 -56.88 -22.80
C GLN I 271 -18.76 -56.43 -21.34
N TYR I 272 -19.94 -56.10 -20.81
CA TYR I 272 -20.23 -56.07 -19.37
C TYR I 272 -19.07 -55.57 -18.50
N TYR I 273 -18.71 -54.32 -18.73
CA TYR I 273 -17.67 -53.70 -17.94
C TYR I 273 -18.10 -53.68 -16.47
N SER I 274 -17.14 -53.44 -15.58
CA SER I 274 -17.49 -53.09 -14.21
C SER I 274 -18.35 -54.16 -13.56
N MET I 275 -17.73 -55.27 -13.16
CA MET I 275 -18.39 -56.54 -12.82
C MET I 275 -19.77 -56.36 -12.22
N LEU I 276 -19.98 -55.31 -11.42
CA LEU I 276 -21.33 -54.97 -10.99
C LEU I 276 -22.26 -54.95 -12.19
N HIS I 277 -21.86 -54.26 -13.26
CA HIS I 277 -22.66 -54.24 -14.47
C HIS I 277 -22.76 -55.60 -15.13
N LYS I 278 -21.69 -56.40 -15.07
CA LYS I 278 -21.80 -57.76 -15.60
C LYS I 278 -22.87 -58.56 -14.87
N TYR I 279 -23.04 -58.29 -13.57
CA TYR I 279 -24.04 -58.94 -12.74
C TYR I 279 -25.34 -58.14 -12.81
N VAL I 280 -25.95 -58.15 -14.00
CA VAL I 280 -27.31 -57.69 -14.15
C VAL I 280 -28.17 -58.66 -14.93
N ASN I 281 -27.63 -59.79 -15.38
CA ASN I 281 -28.44 -60.76 -16.09
C ASN I 281 -29.23 -61.64 -15.13
N ARG I 282 -28.65 -61.95 -13.98
CA ARG I 282 -29.33 -62.76 -12.97
C ARG I 282 -28.85 -62.41 -11.57
N TYR J 20 0.00 -21.56 1.08
CA TYR J 20 1.37 -21.10 0.91
C TYR J 20 2.35 -22.27 0.99
N GLY J 21 1.91 -23.37 1.59
CA GLY J 21 2.77 -24.53 1.72
C GLY J 21 3.17 -25.09 0.37
N LEU J 22 2.22 -25.21 -0.56
CA LEU J 22 2.54 -25.71 -1.88
C LEU J 22 3.53 -24.80 -2.58
N VAL J 23 3.31 -23.48 -2.48
CA VAL J 23 4.20 -22.51 -3.12
C VAL J 23 5.61 -22.64 -2.58
N THR J 24 5.74 -22.69 -1.25
CA THR J 24 7.05 -22.76 -0.64
C THR J 24 7.75 -24.06 -0.99
N LEU J 25 7.02 -25.18 -0.97
CA LEU J 25 7.65 -26.45 -1.31
C LEU J 25 8.08 -26.46 -2.76
N LEU J 26 7.28 -25.87 -3.65
CA LEU J 26 7.65 -25.84 -5.06
C LEU J 26 8.89 -24.97 -5.31
N THR J 27 8.97 -23.80 -4.68
CA THR J 27 10.15 -22.97 -4.88
C THR J 27 11.39 -23.64 -4.30
N ALA J 28 11.26 -24.27 -3.12
CA ALA J 28 12.40 -24.97 -2.54
C ALA J 28 12.85 -26.13 -3.43
N GLY J 29 11.88 -26.89 -3.97
CA GLY J 29 12.22 -27.98 -4.85
C GLY J 29 12.89 -27.50 -6.12
N GLY J 30 12.38 -26.42 -6.70
CA GLY J 30 12.99 -25.89 -7.91
C GLY J 30 14.41 -25.42 -7.67
N GLU J 31 14.64 -24.71 -6.57
CA GLU J 31 15.99 -24.25 -6.27
C GLU J 31 16.93 -25.43 -6.07
N ARG J 32 16.49 -26.44 -5.33
CA ARG J 32 17.31 -27.63 -5.12
C ARG J 32 17.59 -28.32 -6.46
N ILE J 33 16.57 -28.44 -7.30
CA ILE J 33 16.70 -29.13 -8.58
C ILE J 33 17.73 -28.41 -9.45
N PHE J 34 17.64 -27.08 -9.51
CA PHE J 34 18.53 -26.34 -10.40
C PHE J 34 19.94 -26.31 -9.85
N SER J 35 20.07 -26.17 -8.53
CA SER J 35 21.41 -26.24 -7.93
C SER J 35 22.02 -27.60 -8.17
N ALA J 36 21.19 -28.64 -8.31
CA ALA J 36 21.69 -29.98 -8.56
C ALA J 36 22.03 -30.23 -10.02
N VAL J 37 21.38 -29.53 -10.96
CA VAL J 37 21.64 -29.73 -12.38
C VAL J 37 22.82 -28.84 -12.77
N ALA J 38 23.49 -28.27 -11.77
CA ALA J 38 24.73 -27.54 -12.02
C ALA J 38 25.66 -28.37 -12.88
N PHE J 39 26.20 -27.74 -13.93
CA PHE J 39 26.95 -28.44 -14.97
C PHE J 39 28.42 -28.06 -14.82
N GLN J 40 29.22 -28.97 -14.29
CA GLN J 40 30.62 -28.65 -14.07
C GLN J 40 31.52 -29.02 -15.24
N CYS J 41 31.08 -29.92 -16.11
CA CYS J 41 31.93 -30.48 -17.15
C CYS J 41 33.26 -30.95 -16.56
N PRO J 42 33.26 -32.06 -15.82
CA PRO J 42 34.49 -32.54 -15.20
C PRO J 42 35.57 -32.77 -16.25
N CYS J 43 36.73 -32.15 -16.03
CA CYS J 43 37.84 -32.34 -16.95
C CYS J 43 38.49 -33.69 -16.64
N SER J 44 38.24 -34.66 -17.51
CA SER J 44 38.79 -36.01 -17.36
C SER J 44 39.24 -36.49 -18.71
N ALA J 45 40.30 -37.31 -18.71
CA ALA J 45 40.92 -37.72 -19.98
C ALA J 45 39.97 -38.56 -20.82
N ALA J 46 39.22 -39.47 -20.19
CA ALA J 46 38.38 -40.40 -20.93
C ALA J 46 36.94 -40.44 -20.47
N TRP J 47 36.65 -40.06 -19.24
CA TRP J 47 35.29 -40.15 -18.74
C TRP J 47 34.46 -38.91 -19.03
N ASN J 48 35.01 -37.94 -19.76
CA ASN J 48 34.34 -36.67 -20.00
C ASN J 48 33.43 -36.74 -21.20
N LEU J 49 33.86 -37.44 -22.24
CA LEU J 49 33.13 -37.58 -23.49
C LEU J 49 31.73 -38.07 -23.14
N PRO J 50 31.58 -39.20 -22.42
CA PRO J 50 30.22 -39.63 -22.08
C PRO J 50 29.48 -38.61 -21.25
N TYR J 51 30.19 -37.84 -20.41
CA TYR J 51 29.54 -36.80 -19.62
C TYR J 51 28.81 -35.84 -20.53
N GLY J 52 29.47 -35.38 -21.59
CA GLY J 52 28.79 -34.51 -22.54
C GLY J 52 27.75 -35.26 -23.34
N LEU J 53 28.04 -36.51 -23.69
CA LEU J 53 27.16 -37.24 -24.59
C LEU J 53 25.81 -37.51 -23.96
N VAL J 54 25.78 -37.81 -22.67
CA VAL J 54 24.51 -38.08 -22.03
C VAL J 54 23.70 -36.81 -21.89
N PHE J 55 24.37 -35.71 -21.52
CA PHE J 55 23.69 -34.43 -21.41
C PHE J 55 23.21 -33.94 -22.77
N LEU J 56 23.78 -34.47 -23.84
CA LEU J 56 23.25 -34.18 -25.16
C LEU J 56 22.04 -35.05 -25.50
N LEU J 57 22.22 -36.37 -25.42
CA LEU J 57 21.24 -37.28 -25.98
C LEU J 57 20.06 -37.55 -25.06
N VAL J 58 20.33 -37.81 -23.79
CA VAL J 58 19.29 -38.33 -22.91
C VAL J 58 18.11 -37.40 -22.74
N PRO J 59 18.28 -36.11 -22.42
CA PRO J 59 17.09 -35.24 -22.38
C PRO J 59 16.41 -35.09 -23.72
N ALA J 60 17.20 -35.07 -24.80
CA ALA J 60 16.63 -35.04 -26.14
C ALA J 60 15.81 -36.30 -26.41
N LEU J 61 16.39 -37.46 -26.12
CA LEU J 61 15.66 -38.71 -26.28
C LEU J 61 14.41 -38.73 -25.42
N ALA J 62 14.48 -38.14 -24.23
CA ALA J 62 13.34 -38.13 -23.33
C ALA J 62 12.19 -37.35 -23.96
N LEU J 63 12.47 -36.14 -24.42
CA LEU J 63 11.41 -35.34 -25.00
C LEU J 63 10.90 -35.95 -26.30
N PHE J 64 11.80 -36.60 -27.05
CA PHE J 64 11.38 -37.32 -28.25
C PHE J 64 10.39 -38.40 -27.89
N LEU J 65 10.69 -39.16 -26.85
CA LEU J 65 9.80 -40.23 -26.40
C LEU J 65 8.47 -39.68 -25.93
N LEU J 66 8.50 -38.59 -25.17
CA LEU J 66 7.24 -38.02 -24.70
C LEU J 66 6.38 -37.57 -25.88
N GLY J 67 7.00 -37.01 -26.91
CA GLY J 67 6.26 -36.69 -28.11
C GLY J 67 5.71 -37.93 -28.80
N TYR J 68 6.55 -38.95 -28.94
CA TYR J 68 6.13 -40.23 -29.52
C TYR J 68 4.99 -40.87 -28.75
N VAL J 69 4.83 -40.52 -27.49
CA VAL J 69 3.76 -41.07 -26.66
C VAL J 69 2.50 -40.24 -26.77
N LEU J 70 2.62 -38.93 -26.67
CA LEU J 70 1.49 -38.08 -26.35
C LEU J 70 0.42 -38.09 -27.44
N SER J 71 0.82 -38.07 -28.71
CA SER J 71 -0.17 -37.87 -29.77
C SER J 71 -1.12 -39.04 -29.84
N ALA J 72 -2.43 -38.75 -29.82
CA ALA J 72 -3.43 -39.80 -29.91
C ALA J 72 -3.56 -40.39 -31.30
N ARG J 73 -2.95 -39.79 -32.33
CA ARG J 73 -3.12 -40.34 -33.67
C ARG J 73 -2.41 -41.67 -33.79
N THR J 74 -1.25 -41.81 -33.13
CA THR J 74 -0.49 -43.03 -33.28
C THR J 74 -1.14 -44.12 -32.44
N TRP J 75 -1.66 -43.74 -31.28
CA TRP J 75 -2.31 -44.70 -30.40
C TRP J 75 -3.49 -45.33 -31.12
N ARG J 76 -4.19 -44.51 -31.91
CA ARG J 76 -5.32 -44.96 -32.69
C ARG J 76 -4.91 -46.11 -33.60
N LEU J 77 -3.70 -46.04 -34.16
CA LEU J 77 -3.15 -47.08 -35.00
C LEU J 77 -2.64 -48.26 -34.19
N LEU J 78 -2.14 -48.00 -32.99
CA LEU J 78 -1.40 -49.03 -32.26
C LEU J 78 -2.32 -50.04 -31.61
N THR J 79 -3.43 -49.59 -31.03
CA THR J 79 -4.27 -50.49 -30.27
C THR J 79 -4.91 -51.55 -31.17
N GLY J 80 -5.32 -52.65 -30.54
CA GLY J 80 -5.94 -53.74 -31.25
C GLY J 80 -5.02 -54.70 -31.98
N CYS J 81 -4.13 -55.38 -31.25
CA CYS J 81 -3.28 -56.41 -31.82
C CYS J 81 -2.46 -55.87 -33.00
N CYS J 82 -1.85 -54.70 -32.78
CA CYS J 82 -1.06 -53.98 -33.78
C CYS J 82 -1.62 -54.09 -35.21
N ARG J 94 1.54 -49.16 -46.86
CA ARG J 94 0.78 -47.98 -46.48
C ARG J 94 1.19 -47.48 -45.11
N GLY J 95 1.61 -48.41 -44.25
CA GLY J 95 1.97 -48.08 -42.89
C GLY J 95 3.17 -47.16 -42.79
N SER J 96 3.96 -47.06 -43.85
CA SER J 96 5.15 -46.21 -43.82
C SER J 96 4.77 -44.73 -43.74
N LEU J 97 3.81 -44.29 -44.56
CA LEU J 97 3.53 -42.86 -44.67
C LEU J 97 3.08 -42.29 -43.33
N VAL J 98 2.09 -42.93 -42.70
CA VAL J 98 1.61 -42.49 -41.40
C VAL J 98 2.72 -42.56 -40.37
N CYS J 99 3.57 -43.58 -40.44
CA CYS J 99 4.60 -43.74 -39.43
C CYS J 99 5.65 -42.65 -39.53
N THR J 100 6.08 -42.31 -40.74
CA THR J 100 7.05 -41.22 -40.86
C THR J 100 6.41 -39.89 -40.52
N GLN J 101 5.11 -39.73 -40.82
CA GLN J 101 4.43 -38.50 -40.46
C GLN J 101 4.41 -38.31 -38.96
N ILE J 102 3.98 -39.33 -38.22
CA ILE J 102 3.91 -39.21 -36.76
C ILE J 102 5.30 -39.07 -36.18
N SER J 103 6.28 -39.80 -36.72
CA SER J 103 7.63 -39.71 -36.18
C SER J 103 8.20 -38.31 -36.33
N ALA J 104 7.96 -37.67 -37.48
CA ALA J 104 8.45 -36.30 -37.65
C ALA J 104 7.69 -35.32 -36.76
N ALA J 105 6.36 -35.46 -36.73
CA ALA J 105 5.54 -34.58 -35.91
C ALA J 105 5.90 -34.69 -34.43
N ALA J 106 6.42 -35.85 -34.01
CA ALA J 106 6.88 -35.96 -32.63
C ALA J 106 8.33 -35.57 -32.45
N ALA J 107 9.17 -35.75 -33.48
CA ALA J 107 10.56 -35.42 -33.33
C ALA J 107 10.80 -33.92 -33.47
N LEU J 108 9.76 -33.18 -33.84
CA LEU J 108 9.80 -31.73 -33.80
C LEU J 108 10.45 -31.19 -32.53
N ALA J 109 9.91 -31.56 -31.37
CA ALA J 109 10.30 -30.91 -30.11
C ALA J 109 11.69 -31.31 -29.64
N PRO J 110 12.05 -32.60 -29.68
CA PRO J 110 13.39 -32.98 -29.19
C PRO J 110 14.48 -32.27 -29.93
N LEU J 111 14.27 -32.07 -31.24
CA LEU J 111 15.21 -31.30 -32.00
C LEU J 111 15.28 -29.86 -31.49
N THR J 112 14.17 -29.31 -31.02
CA THR J 112 14.22 -27.98 -30.44
C THR J 112 15.04 -27.98 -29.15
N TRP J 113 14.85 -28.99 -28.30
CA TRP J 113 15.66 -29.07 -27.08
C TRP J 113 17.13 -29.20 -27.41
N VAL J 114 17.49 -30.12 -28.31
CA VAL J 114 18.90 -30.34 -28.59
C VAL J 114 19.49 -29.11 -29.27
N ALA J 115 18.69 -28.38 -30.03
CA ALA J 115 19.19 -27.16 -30.66
C ALA J 115 19.46 -26.10 -29.60
N VAL J 116 18.53 -25.92 -28.67
CA VAL J 116 18.72 -24.95 -27.61
C VAL J 116 19.96 -25.31 -26.79
N ALA J 117 20.12 -26.60 -26.48
CA ALA J 117 21.27 -27.02 -25.69
C ALA J 117 22.57 -26.78 -26.44
N LEU J 118 22.63 -27.23 -27.70
CA LEU J 118 23.82 -27.02 -28.51
C LEU J 118 24.13 -25.54 -28.67
N LEU J 119 23.09 -24.70 -28.70
CA LEU J 119 23.34 -23.27 -28.72
C LEU J 119 23.80 -22.79 -27.36
N GLY J 120 23.51 -23.57 -26.31
CA GLY J 120 24.06 -23.24 -25.01
C GLY J 120 25.57 -23.35 -25.01
N GLY J 121 26.13 -24.23 -25.84
CA GLY J 121 27.55 -24.32 -26.02
C GLY J 121 28.28 -25.18 -25.01
N ALA J 122 27.79 -25.25 -23.77
CA ALA J 122 28.50 -25.96 -22.72
C ALA J 122 28.61 -27.45 -23.03
N PHE J 123 27.53 -28.05 -23.51
CA PHE J 123 27.52 -29.50 -23.70
C PHE J 123 28.56 -29.91 -24.73
N TYR J 124 28.48 -29.33 -25.92
CA TYR J 124 29.44 -29.67 -26.96
C TYR J 124 30.85 -29.25 -26.57
N GLU J 125 30.98 -28.09 -25.92
CA GLU J 125 32.28 -27.70 -25.38
C GLU J 125 32.84 -28.81 -24.52
N CYS J 126 31.97 -29.50 -23.78
CA CYS J 126 32.45 -30.64 -23.01
C CYS J 126 32.73 -31.82 -23.93
N ALA J 127 32.02 -31.89 -25.05
CA ALA J 127 32.21 -32.94 -26.03
C ALA J 127 33.43 -32.72 -26.90
N ALA J 128 34.20 -31.66 -26.63
CA ALA J 128 35.39 -31.33 -27.39
C ALA J 128 36.29 -32.55 -27.58
N THR J 129 36.64 -33.21 -26.48
CA THR J 129 37.56 -34.33 -26.49
C THR J 129 37.09 -35.43 -27.43
N GLY J 130 35.95 -36.05 -27.13
CA GLY J 130 35.41 -37.12 -27.93
C GLY J 130 36.44 -38.21 -28.18
N SER J 131 36.36 -38.82 -29.37
CA SER J 131 37.42 -39.72 -29.78
C SER J 131 38.71 -38.97 -30.03
N ALA J 132 39.83 -39.69 -29.88
CA ALA J 132 41.14 -39.07 -30.08
C ALA J 132 41.30 -38.52 -31.48
N ALA J 133 40.60 -39.11 -32.45
CA ALA J 133 40.69 -38.63 -33.83
C ALA J 133 40.29 -37.16 -33.91
N PHE J 134 39.24 -36.79 -33.16
CA PHE J 134 38.80 -35.41 -33.16
C PHE J 134 39.88 -34.49 -32.61
N ALA J 135 40.58 -34.94 -31.57
CA ALA J 135 41.58 -34.08 -30.96
C ALA J 135 42.78 -33.93 -31.86
N GLN J 136 43.31 -35.05 -32.37
CA GLN J 136 44.49 -35.01 -33.22
C GLN J 136 44.24 -34.19 -34.47
N ARG J 137 43.06 -34.34 -35.07
CA ARG J 137 42.73 -33.51 -36.21
C ARG J 137 42.44 -32.08 -35.79
N LEU J 138 42.03 -31.88 -34.54
CA LEU J 138 41.51 -30.60 -34.12
C LEU J 138 42.61 -29.57 -33.85
N CYS J 139 43.47 -29.85 -32.87
CA CYS J 139 44.40 -28.82 -32.42
C CYS J 139 45.48 -28.57 -33.48
N LEU J 140 45.92 -27.31 -33.55
CA LEU J 140 46.90 -26.88 -34.53
C LEU J 140 48.27 -27.48 -34.31
N GLY J 141 48.47 -28.24 -33.24
CA GLY J 141 49.77 -28.82 -32.98
C GLY J 141 50.76 -27.85 -32.39
N ARG J 142 50.28 -26.74 -31.82
CA ARG J 142 51.18 -25.72 -31.28
C ARG J 142 51.86 -26.21 -30.01
N ASN J 143 51.08 -26.54 -28.99
CA ASN J 143 51.69 -26.91 -27.72
C ASN J 143 52.34 -28.28 -27.78
N ARG J 144 51.99 -29.08 -28.80
CA ARG J 144 52.43 -30.45 -29.02
C ARG J 144 52.00 -31.34 -27.86
N SER J 145 51.27 -30.77 -26.91
CA SER J 145 50.77 -31.48 -25.74
C SER J 145 49.26 -31.45 -25.66
N CYS J 146 48.57 -31.42 -26.81
CA CYS J 146 47.12 -31.29 -26.77
C CYS J 146 46.55 -32.52 -26.09
N ALA J 147 46.69 -33.68 -26.73
CA ALA J 147 45.94 -34.86 -26.33
C ALA J 147 46.20 -35.26 -24.88
N ALA J 148 47.37 -34.89 -24.35
CA ALA J 148 47.73 -35.26 -22.99
C ALA J 148 46.74 -34.69 -21.98
N GLU J 149 46.57 -33.38 -21.98
CA GLU J 149 45.68 -32.73 -21.02
C GLU J 149 44.83 -31.69 -21.70
N LEU J 150 44.40 -31.97 -22.93
CA LEU J 150 43.35 -31.15 -23.53
C LEU J 150 42.08 -31.11 -22.69
N PRO J 151 41.57 -32.24 -22.12
CA PRO J 151 40.30 -32.18 -21.39
C PRO J 151 40.20 -31.07 -20.36
N LEU J 152 41.36 -30.50 -19.99
CA LEU J 152 41.37 -29.39 -19.05
C LEU J 152 40.93 -28.08 -19.68
N VAL J 153 40.67 -28.05 -20.98
CA VAL J 153 40.49 -26.77 -21.66
C VAL J 153 39.16 -26.10 -21.30
N PRO J 154 38.03 -26.82 -21.15
CA PRO J 154 36.85 -26.14 -20.59
C PRO J 154 36.92 -26.04 -19.09
N CYS J 155 37.83 -26.80 -18.50
CA CYS J 155 38.06 -26.84 -17.07
C CYS J 155 38.87 -25.64 -16.61
N ASN J 156 39.45 -24.90 -17.56
CA ASN J 156 40.20 -23.67 -17.34
C ASN J 156 41.48 -23.90 -16.54
N GLN J 157 41.85 -25.15 -16.31
CA GLN J 157 43.04 -25.48 -15.53
C GLN J 157 44.29 -25.51 -16.38
N ALA J 158 44.17 -25.89 -17.65
CA ALA J 158 45.30 -25.84 -18.56
C ALA J 158 45.65 -24.37 -18.83
N LYS J 159 46.95 -24.09 -18.95
CA LYS J 159 47.43 -22.74 -19.11
C LYS J 159 48.15 -22.49 -20.43
N ALA J 160 48.17 -23.46 -21.33
CA ALA J 160 48.74 -23.23 -22.65
C ALA J 160 47.88 -22.25 -23.43
N SER J 161 48.52 -21.24 -24.01
CA SER J 161 47.76 -20.17 -24.68
C SER J 161 46.93 -20.75 -25.81
N ASP J 162 47.44 -21.76 -26.51
CA ASP J 162 46.76 -22.28 -27.69
C ASP J 162 45.38 -22.80 -27.33
N VAL J 163 45.31 -23.61 -26.27
CA VAL J 163 44.03 -24.22 -25.91
C VAL J 163 43.14 -23.20 -25.21
N GLN J 164 43.72 -22.23 -24.48
CA GLN J 164 42.89 -21.21 -23.89
C GLN J 164 42.14 -20.41 -24.95
N ASP J 165 42.73 -20.26 -26.13
CA ASP J 165 42.00 -19.72 -27.27
C ASP J 165 41.15 -20.76 -27.98
N LEU J 166 41.54 -22.03 -27.89
CA LEU J 166 40.83 -23.07 -28.63
C LEU J 166 39.48 -23.38 -28.00
N LEU J 167 39.37 -23.23 -26.68
CA LEU J 167 38.08 -23.43 -26.03
C LEU J 167 37.04 -22.51 -26.62
N LYS J 168 37.46 -21.28 -26.93
CA LYS J 168 36.55 -20.30 -27.50
C LYS J 168 36.06 -20.77 -28.86
N ASP J 169 36.99 -21.23 -29.70
CA ASP J 169 36.62 -21.76 -31.01
C ASP J 169 35.69 -22.96 -30.88
N LEU J 170 35.89 -23.78 -29.86
CA LEU J 170 35.01 -24.92 -29.67
C LEU J 170 33.61 -24.46 -29.28
N LYS J 171 33.53 -23.47 -28.39
CA LYS J 171 32.25 -22.86 -28.07
C LYS J 171 31.58 -22.35 -29.33
N ALA J 172 32.38 -21.73 -30.21
CA ALA J 172 31.86 -21.24 -31.48
C ALA J 172 31.29 -22.38 -32.29
N GLN J 173 32.06 -23.46 -32.45
CA GLN J 173 31.59 -24.59 -33.23
C GLN J 173 30.29 -25.14 -32.66
N SER J 174 30.15 -25.10 -31.34
CA SER J 174 28.92 -25.59 -30.73
C SER J 174 27.75 -24.72 -31.12
N GLN J 175 27.89 -23.41 -30.90
CA GLN J 175 26.79 -22.50 -31.17
C GLN J 175 26.44 -22.53 -32.65
N VAL J 176 27.46 -22.54 -33.51
CA VAL J 176 27.25 -22.52 -34.95
C VAL J 176 26.53 -23.78 -35.38
N LEU J 177 26.98 -24.94 -34.89
CA LEU J 177 26.33 -26.18 -35.24
C LEU J 177 24.88 -26.14 -34.79
N GLY J 178 24.63 -25.59 -33.60
CA GLY J 178 23.27 -25.46 -33.12
C GLY J 178 22.42 -24.64 -34.06
N TRP J 179 22.96 -23.51 -34.52
CA TRP J 179 22.18 -22.65 -35.41
C TRP J 179 21.95 -23.35 -36.74
N ILE J 180 22.95 -24.08 -37.22
CA ILE J 180 22.80 -24.84 -38.45
C ILE J 180 21.71 -25.89 -38.30
N LEU J 181 21.64 -26.51 -37.13
CA LEU J 181 20.61 -27.52 -36.89
C LEU J 181 19.24 -26.88 -36.83
N ILE J 182 19.13 -25.72 -36.17
CA ILE J 182 17.83 -25.09 -36.07
C ILE J 182 17.39 -24.54 -37.41
N ALA J 183 18.33 -24.34 -38.32
CA ALA J 183 17.95 -23.99 -39.68
C ALA J 183 17.51 -25.23 -40.46
N VAL J 184 18.25 -26.32 -40.31
CA VAL J 184 17.91 -27.54 -41.02
C VAL J 184 16.55 -28.04 -40.59
N VAL J 185 16.23 -27.92 -39.30
CA VAL J 185 14.95 -28.42 -38.81
C VAL J 185 13.80 -27.60 -39.37
N ILE J 186 13.95 -26.28 -39.42
CA ILE J 186 12.86 -25.48 -39.98
C ILE J 186 12.73 -25.74 -41.47
N ILE J 187 13.85 -25.93 -42.16
CA ILE J 187 13.80 -26.24 -43.59
C ILE J 187 13.02 -27.54 -43.80
N ILE J 188 13.35 -28.57 -43.01
CA ILE J 188 12.68 -29.85 -43.13
C ILE J 188 11.19 -29.70 -42.84
N LEU J 189 10.86 -28.91 -41.82
CA LEU J 189 9.45 -28.67 -41.51
C LEU J 189 8.76 -28.01 -42.68
N LEU J 190 9.41 -27.03 -43.30
CA LEU J 190 8.87 -26.39 -44.48
C LEU J 190 8.56 -27.41 -45.56
N ILE J 191 9.57 -28.20 -45.94
CA ILE J 191 9.41 -29.12 -47.06
C ILE J 191 8.32 -30.14 -46.74
N PHE J 192 8.32 -30.64 -45.51
CA PHE J 192 7.33 -31.62 -45.08
C PHE J 192 5.92 -31.05 -45.20
N THR J 193 5.67 -29.92 -44.54
CA THR J 193 4.32 -29.38 -44.54
C THR J 193 3.91 -28.90 -45.91
N SER J 194 4.86 -28.46 -46.73
CA SER J 194 4.51 -27.98 -48.07
C SER J 194 4.10 -29.12 -48.97
N VAL J 195 4.90 -30.20 -48.98
CA VAL J 195 4.54 -31.35 -49.79
C VAL J 195 3.23 -31.97 -49.31
N THR J 196 3.07 -32.08 -47.99
CA THR J 196 1.82 -32.61 -47.47
C THR J 196 0.65 -31.71 -47.82
N ARG J 197 0.91 -30.41 -47.95
CA ARG J 197 -0.09 -29.46 -48.38
C ARG J 197 -0.17 -29.34 -49.89
N CYS J 198 0.78 -29.88 -50.63
CA CYS J 198 0.78 -29.69 -52.08
C CYS J 198 0.02 -30.75 -52.85
N LEU J 199 0.20 -32.01 -52.48
CA LEU J 199 -0.32 -33.12 -53.27
C LEU J 199 -1.67 -33.62 -52.80
N SER J 200 -2.25 -33.03 -51.76
CA SER J 200 -3.54 -33.50 -51.31
C SER J 200 -4.62 -33.14 -52.34
N PRO J 201 -5.60 -34.02 -52.55
CA PRO J 201 -6.64 -33.73 -53.54
C PRO J 201 -7.60 -32.63 -53.10
N VAL J 202 -7.95 -32.58 -51.82
CA VAL J 202 -8.92 -31.61 -51.34
C VAL J 202 -8.29 -30.22 -51.34
N SER J 203 -9.13 -29.21 -51.47
CA SER J 203 -8.66 -27.84 -51.45
C SER J 203 -8.37 -27.37 -50.03
N PHE J 204 -7.92 -26.12 -49.95
CA PHE J 204 -7.55 -25.52 -48.67
C PHE J 204 -8.80 -25.18 -47.87
N LEU J 205 -9.62 -24.27 -48.40
CA LEU J 205 -10.74 -23.75 -47.65
C LEU J 205 -11.68 -24.84 -47.20
N GLN J 206 -11.60 -26.02 -47.82
CA GLN J 206 -12.33 -27.15 -47.30
C GLN J 206 -11.54 -27.92 -46.25
N LEU J 207 -10.21 -27.96 -46.38
CA LEU J 207 -9.42 -28.65 -45.37
C LEU J 207 -9.55 -27.96 -44.02
N LYS J 208 -9.55 -26.63 -44.02
CA LYS J 208 -9.73 -25.89 -42.78
C LYS J 208 -11.05 -26.25 -42.15
N PHE J 209 -12.11 -26.22 -42.95
CA PHE J 209 -13.44 -26.57 -42.47
C PHE J 209 -13.48 -28.00 -41.96
N TRP J 210 -12.77 -28.90 -42.63
CA TRP J 210 -12.73 -30.29 -42.17
C TRP J 210 -12.08 -30.40 -40.81
N LYS J 211 -10.98 -29.67 -40.60
CA LYS J 211 -10.32 -29.73 -39.30
C LYS J 211 -11.21 -29.14 -38.22
N ILE J 212 -11.91 -28.06 -38.54
CA ILE J 212 -12.89 -27.51 -37.60
C ILE J 212 -13.94 -28.57 -37.29
N TYR J 213 -14.35 -29.30 -38.32
CA TYR J 213 -15.34 -30.35 -38.16
C TYR J 213 -14.85 -31.41 -37.18
N LEU J 214 -13.62 -31.87 -37.37
CA LEU J 214 -13.09 -32.91 -36.50
C LEU J 214 -12.97 -32.40 -35.07
N GLU J 215 -12.58 -31.14 -34.90
CA GLU J 215 -12.52 -30.54 -33.57
C GLU J 215 -13.89 -30.54 -32.91
N GLN J 216 -14.91 -30.06 -33.62
CA GLN J 216 -16.25 -30.03 -33.07
C GLN J 216 -16.73 -31.42 -32.75
N GLU J 217 -16.39 -32.37 -33.61
CA GLU J 217 -16.80 -33.75 -33.39
C GLU J 217 -16.17 -34.29 -32.12
N GLN J 218 -14.90 -33.99 -31.90
CA GLN J 218 -14.23 -34.46 -30.70
C GLN J 218 -14.88 -33.87 -29.45
N GLN J 219 -15.15 -32.57 -29.46
CA GLN J 219 -15.75 -31.95 -28.28
C GLN J 219 -17.16 -32.47 -28.02
N ILE J 220 -17.97 -32.60 -29.08
CA ILE J 220 -19.32 -33.12 -28.92
C ILE J 220 -19.28 -34.55 -28.41
N LEU J 221 -18.36 -35.35 -28.95
CA LEU J 221 -18.22 -36.72 -28.50
C LEU J 221 -17.87 -36.77 -27.03
N LYS J 222 -16.90 -35.96 -26.62
CA LYS J 222 -16.55 -35.91 -25.21
C LYS J 222 -17.78 -35.65 -24.35
N SER J 223 -18.51 -34.57 -24.67
CA SER J 223 -19.63 -34.18 -23.84
C SER J 223 -20.72 -35.25 -23.81
N LYS J 224 -21.18 -35.67 -24.99
CA LYS J 224 -22.34 -36.55 -25.03
C LYS J 224 -22.00 -37.95 -24.56
N ALA J 225 -20.82 -38.46 -24.90
CA ALA J 225 -20.40 -39.73 -24.34
C ALA J 225 -20.32 -39.65 -22.83
N THR J 226 -19.84 -38.51 -22.29
CA THR J 226 -19.80 -38.33 -20.86
C THR J 226 -21.19 -38.49 -20.25
N GLU J 227 -22.16 -37.76 -20.79
CA GLU J 227 -23.47 -37.78 -20.17
C GLU J 227 -24.16 -39.12 -20.38
N HIS J 228 -23.85 -39.79 -21.49
CA HIS J 228 -24.45 -41.09 -21.76
C HIS J 228 -23.89 -42.15 -20.82
N ALA J 229 -22.58 -42.14 -20.59
CA ALA J 229 -22.02 -43.01 -19.58
C ALA J 229 -22.59 -42.68 -18.20
N THR J 230 -22.85 -41.39 -17.96
CA THR J 230 -23.43 -40.98 -16.68
C THR J 230 -24.81 -41.61 -16.49
N GLU J 231 -25.65 -41.53 -17.51
CA GLU J 231 -26.99 -42.10 -17.39
C GLU J 231 -26.94 -43.61 -17.28
N LEU J 232 -26.04 -44.25 -18.03
CA LEU J 232 -25.85 -45.69 -17.92
C LEU J 232 -25.51 -46.07 -16.49
N ALA J 233 -24.52 -45.40 -15.91
CA ALA J 233 -24.10 -45.70 -14.55
C ALA J 233 -25.24 -45.46 -13.57
N LYS J 234 -25.98 -44.37 -13.76
CA LYS J 234 -27.09 -44.06 -12.87
C LYS J 234 -28.11 -45.19 -12.88
N GLU J 235 -28.50 -45.62 -14.07
CA GLU J 235 -29.49 -46.67 -14.20
C GLU J 235 -28.99 -47.95 -13.54
N ASN J 236 -27.75 -48.34 -13.83
CA ASN J 236 -27.26 -49.61 -13.30
C ASN J 236 -27.12 -49.56 -11.78
N ILE J 237 -26.66 -48.44 -11.24
CA ILE J 237 -26.48 -48.35 -9.80
C ILE J 237 -27.82 -48.28 -9.09
N LYS J 238 -28.83 -47.70 -9.74
CA LYS J 238 -30.16 -47.74 -9.14
C LYS J 238 -30.71 -49.16 -9.13
N CYS J 239 -30.53 -49.87 -10.24
CA CYS J 239 -30.93 -51.26 -10.28
C CYS J 239 -30.19 -52.10 -9.26
N PHE J 240 -28.96 -51.72 -8.93
CA PHE J 240 -28.23 -52.45 -7.91
C PHE J 240 -28.77 -52.17 -6.52
N PHE J 241 -28.99 -50.88 -6.19
CA PHE J 241 -29.55 -50.58 -4.88
C PHE J 241 -30.90 -51.25 -4.71
N GLU J 242 -31.73 -51.21 -5.74
CA GLU J 242 -33.01 -51.90 -5.63
C GLU J 242 -32.83 -53.41 -5.69
N GLY J 243 -31.95 -53.88 -6.56
CA GLY J 243 -31.79 -55.31 -6.73
C GLY J 243 -32.81 -55.85 -7.71
N SER J 244 -32.83 -55.32 -8.93
CA SER J 244 -33.79 -55.75 -9.92
C SER J 244 -33.15 -55.70 -11.30
N HIS J 245 -33.95 -56.07 -12.30
CA HIS J 245 -33.46 -56.16 -13.66
C HIS J 245 -33.19 -54.77 -14.21
N PRO J 246 -32.20 -54.63 -15.09
CA PRO J 246 -31.92 -53.33 -15.70
C PRO J 246 -32.90 -53.03 -16.83
N LYS J 247 -32.70 -51.88 -17.47
CA LYS J 247 -33.66 -51.43 -18.46
C LYS J 247 -33.38 -52.05 -19.82
N GLU J 248 -32.11 -52.23 -20.16
CA GLU J 248 -31.70 -52.65 -21.51
C GLU J 248 -32.22 -51.64 -22.53
N TYR J 249 -31.63 -50.45 -22.45
CA TYR J 249 -32.03 -49.37 -23.35
C TYR J 249 -31.42 -49.59 -24.72
N ASN J 250 -30.10 -49.76 -24.79
CA ASN J 250 -29.39 -49.93 -26.05
C ASN J 250 -27.97 -50.38 -25.73
N THR J 251 -27.27 -50.81 -26.77
CA THR J 251 -25.93 -51.37 -26.65
C THR J 251 -25.00 -50.70 -27.65
N PRO J 252 -24.03 -49.91 -27.20
CA PRO J 252 -22.99 -49.48 -28.14
C PRO J 252 -22.11 -50.67 -28.49
N SER J 253 -22.23 -51.13 -29.73
CA SER J 253 -21.57 -52.36 -30.14
C SER J 253 -20.06 -52.19 -30.19
N MET J 254 -19.35 -53.13 -29.57
CA MET J 254 -17.89 -53.07 -29.53
C MET J 254 -17.31 -53.26 -30.92
N LYS J 255 -17.85 -54.21 -31.69
CA LYS J 255 -17.42 -54.35 -33.07
C LYS J 255 -17.67 -53.06 -33.84
N GLU J 256 -18.77 -52.38 -33.54
CA GLU J 256 -19.02 -51.08 -34.14
C GLU J 256 -17.94 -50.08 -33.74
N TRP J 257 -17.54 -50.12 -32.47
CA TRP J 257 -16.48 -49.24 -31.98
C TRP J 257 -15.22 -49.46 -32.79
N GLN J 258 -14.84 -50.73 -32.99
CA GLN J 258 -13.67 -51.01 -33.78
C GLN J 258 -13.87 -50.57 -35.22
N GLN J 259 -15.09 -50.72 -35.73
CA GLN J 259 -15.35 -50.35 -37.12
C GLN J 259 -15.16 -48.86 -37.34
N ILE J 260 -15.50 -48.06 -36.32
CA ILE J 260 -15.41 -46.61 -36.45
C ILE J 260 -14.06 -46.08 -36.02
N SER J 261 -13.13 -46.96 -35.65
CA SER J 261 -11.79 -46.54 -35.24
C SER J 261 -10.82 -46.48 -36.41
N SER J 262 -11.29 -46.68 -37.64
CA SER J 262 -10.41 -46.64 -38.80
C SER J 262 -9.70 -45.30 -38.91
N LEU J 263 -8.62 -45.30 -39.70
CA LEU J 263 -7.64 -44.22 -39.69
C LEU J 263 -7.68 -43.34 -40.92
N TYR J 264 -7.79 -43.91 -42.12
CA TYR J 264 -7.45 -43.17 -43.33
C TYR J 264 -8.44 -42.04 -43.59
N THR J 265 -9.74 -42.34 -43.61
CA THR J 265 -10.80 -41.33 -43.74
C THR J 265 -10.66 -40.54 -45.05
N PHE J 266 -10.46 -41.24 -46.16
CA PHE J 266 -10.60 -40.56 -47.44
C PHE J 266 -10.76 -41.53 -48.60
N ASN J 267 -11.61 -41.12 -49.54
CA ASN J 267 -11.82 -41.70 -50.84
C ASN J 267 -12.40 -40.59 -51.70
N PRO J 268 -11.92 -40.39 -52.93
CA PRO J 268 -12.42 -39.26 -53.73
C PRO J 268 -13.93 -39.26 -53.90
N LYS J 269 -14.55 -40.42 -54.00
CA LYS J 269 -15.99 -40.47 -54.24
C LYS J 269 -16.76 -40.23 -52.95
N GLY J 270 -16.61 -41.13 -51.98
CA GLY J 270 -17.32 -41.03 -50.72
C GLY J 270 -16.68 -40.12 -49.70
N GLN J 271 -16.87 -38.81 -49.84
CA GLN J 271 -16.17 -37.81 -49.05
C GLN J 271 -16.06 -38.20 -47.57
N TYR J 272 -17.21 -38.34 -46.91
CA TYR J 272 -17.39 -39.11 -45.68
C TYR J 272 -16.21 -39.02 -44.72
N TYR J 273 -15.96 -37.81 -44.25
CA TYR J 273 -14.91 -37.60 -43.27
C TYR J 273 -15.22 -38.41 -42.01
N SER J 274 -14.21 -38.58 -41.16
CA SER J 274 -14.47 -39.04 -39.81
C SER J 274 -15.20 -40.38 -39.81
N MET J 275 -14.46 -41.46 -40.09
CA MET J 275 -14.99 -42.78 -40.45
C MET J 275 -16.34 -43.10 -39.81
N LEU J 276 -16.56 -42.65 -38.57
CA LEU J 276 -17.88 -42.74 -37.99
C LEU J 276 -18.92 -42.19 -38.96
N HIS J 277 -18.65 -41.00 -39.50
CA HIS J 277 -19.55 -40.41 -40.48
C HIS J 277 -19.60 -41.23 -41.77
N LYS J 278 -18.48 -41.82 -42.19
CA LYS J 278 -18.53 -42.69 -43.35
C LYS J 278 -19.47 -43.86 -43.13
N TYR J 279 -19.56 -44.34 -41.89
CA TYR J 279 -20.43 -45.45 -41.51
C TYR J 279 -21.78 -44.86 -41.09
N VAL J 280 -22.48 -44.31 -42.08
CA VAL J 280 -23.89 -43.98 -41.93
C VAL J 280 -24.74 -44.48 -43.09
N ASN J 281 -24.14 -45.13 -44.09
CA ASN J 281 -24.93 -45.66 -45.18
C ASN J 281 -25.58 -46.99 -44.83
N ARG J 282 -24.89 -47.81 -44.03
CA ARG J 282 -25.43 -49.09 -43.59
C ARG J 282 -24.86 -49.49 -42.24
N TYR K 20 1.64 -18.66 -10.55
CA TYR K 20 2.96 -18.03 -10.47
C TYR K 20 4.03 -18.94 -11.05
N GLY K 21 3.71 -20.25 -11.13
CA GLY K 21 4.67 -21.20 -11.66
C GLY K 21 5.02 -20.92 -13.10
N LEU K 22 4.00 -20.64 -13.92
CA LEU K 22 4.25 -20.32 -15.33
C LEU K 22 5.12 -19.08 -15.45
N VAL K 23 4.81 -18.05 -14.66
CA VAL K 23 5.55 -16.79 -14.72
C VAL K 23 7.01 -17.03 -14.36
N THR K 24 7.25 -17.77 -13.26
CA THR K 24 8.62 -18.01 -12.81
C THR K 24 9.38 -18.85 -13.82
N LEU K 25 8.74 -19.87 -14.37
CA LEU K 25 9.44 -20.70 -15.35
C LEU K 25 9.76 -19.90 -16.60
N LEU K 26 8.84 -19.01 -17.02
CA LEU K 26 9.10 -18.21 -18.20
C LEU K 26 10.24 -17.23 -17.98
N THR K 27 10.28 -16.55 -16.82
CA THR K 27 11.39 -15.62 -16.59
C THR K 27 12.71 -16.36 -16.49
N ALA K 28 12.72 -17.53 -15.82
CA ALA K 28 13.95 -18.30 -15.73
C ALA K 28 14.41 -18.76 -17.11
N GLY K 29 13.48 -19.21 -17.93
CA GLY K 29 13.83 -19.64 -19.28
C GLY K 29 14.35 -18.49 -20.12
N GLY K 30 13.72 -17.32 -20.02
CA GLY K 30 14.19 -16.18 -20.78
C GLY K 30 15.58 -15.75 -20.36
N GLU K 31 15.84 -15.72 -19.06
CA GLU K 31 17.17 -15.34 -18.59
C GLU K 31 18.21 -16.34 -19.08
N ARG K 32 17.90 -17.63 -18.98
CA ARG K 32 18.83 -18.65 -19.45
C ARG K 32 19.07 -18.50 -20.95
N ILE K 33 17.99 -18.28 -21.71
CA ILE K 33 18.08 -18.16 -23.16
C ILE K 33 18.98 -16.99 -23.54
N PHE K 34 18.79 -15.85 -22.88
CA PHE K 34 19.53 -14.65 -23.27
C PHE K 34 20.98 -14.77 -22.81
N SER K 35 21.20 -15.34 -21.63
CA SER K 35 22.58 -15.56 -21.18
C SER K 35 23.29 -16.52 -22.14
N ALA K 36 22.53 -17.40 -22.78
CA ALA K 36 23.11 -18.36 -23.71
C ALA K 36 23.35 -17.76 -25.10
N VAL K 37 22.57 -16.76 -25.50
CA VAL K 37 22.74 -16.14 -26.81
C VAL K 37 23.82 -15.06 -26.69
N ALA K 38 24.52 -15.03 -25.57
CA ALA K 38 25.67 -14.16 -25.42
C ALA K 38 26.59 -14.29 -26.62
N PHE K 39 27.00 -13.16 -27.18
CA PHE K 39 27.71 -13.13 -28.45
C PHE K 39 29.15 -12.72 -28.18
N GLN K 40 30.07 -13.69 -28.22
CA GLN K 40 31.45 -13.37 -27.90
C GLN K 40 32.29 -12.98 -29.10
N CYS K 41 31.85 -13.32 -30.32
CA CYS K 41 32.66 -13.16 -31.52
C CYS K 41 34.05 -13.73 -31.29
N PRO K 42 34.20 -15.04 -31.26
CA PRO K 42 35.51 -15.65 -31.02
C PRO K 42 36.52 -15.17 -32.05
N CYS K 43 37.64 -14.64 -31.57
CA CYS K 43 38.70 -14.20 -32.47
C CYS K 43 39.46 -15.43 -32.94
N SER K 44 39.23 -15.82 -34.19
CA SER K 44 39.88 -16.98 -34.78
C SER K 44 40.27 -16.63 -36.21
N ALA K 45 41.38 -17.20 -36.66
CA ALA K 45 41.93 -16.82 -37.97
C ALA K 45 40.99 -17.19 -39.10
N ALA K 46 40.37 -18.36 -39.03
CA ALA K 46 39.55 -18.84 -40.14
C ALA K 46 38.15 -19.28 -39.74
N TRP K 47 37.92 -19.64 -38.48
CA TRP K 47 36.63 -20.12 -38.08
C TRP K 47 35.67 -19.01 -37.63
N ASN K 48 36.09 -17.75 -37.76
CA ASN K 48 35.31 -16.62 -37.27
C ASN K 48 34.31 -16.15 -38.30
N LEU K 49 34.73 -16.15 -39.57
CA LEU K 49 33.90 -15.68 -40.68
C LEU K 49 32.58 -16.44 -40.61
N PRO K 50 32.58 -17.78 -40.60
CA PRO K 50 31.27 -18.47 -40.51
C PRO K 50 30.53 -18.13 -39.24
N TYR K 51 31.25 -17.84 -38.15
CA TYR K 51 30.58 -17.45 -36.90
C TYR K 51 29.70 -16.24 -37.14
N GLY K 52 30.24 -15.23 -37.81
CA GLY K 52 29.43 -14.07 -38.13
C GLY K 52 28.39 -14.38 -39.18
N LEU K 53 28.75 -15.22 -40.15
CA LEU K 53 27.87 -15.46 -41.28
C LEU K 53 26.59 -16.17 -40.86
N VAL K 54 26.69 -17.11 -39.92
CA VAL K 54 25.50 -17.81 -39.49
C VAL K 54 24.60 -16.89 -38.68
N PHE K 55 25.21 -16.09 -37.80
CA PHE K 55 24.44 -15.13 -37.01
C PHE K 55 23.82 -14.06 -37.89
N LEU K 56 24.34 -13.89 -39.10
CA LEU K 56 23.69 -13.00 -40.05
C LEU K 56 22.53 -13.70 -40.76
N LEU K 57 22.82 -14.82 -41.39
CA LEU K 57 21.87 -15.39 -42.34
C LEU K 57 20.79 -16.23 -41.68
N VAL K 58 21.18 -17.09 -40.73
CA VAL K 58 20.25 -18.11 -40.25
C VAL K 58 19.02 -17.54 -39.57
N PRO K 59 19.11 -16.60 -38.62
CA PRO K 59 17.86 -16.03 -38.11
C PRO K 59 17.08 -15.26 -39.14
N ALA K 60 17.77 -14.59 -40.06
CA ALA K 60 17.10 -13.92 -41.16
C ALA K 60 16.36 -14.93 -42.04
N LEU K 61 17.06 -16.00 -42.43
CA LEU K 61 16.41 -17.04 -43.22
C LEU K 61 15.24 -17.64 -42.46
N ALA K 62 15.36 -17.78 -41.14
CA ALA K 62 14.29 -18.36 -40.36
C ALA K 62 13.04 -17.50 -40.43
N LEU K 63 13.19 -16.20 -40.19
CA LEU K 63 12.02 -15.33 -40.23
C LEU K 63 11.47 -15.22 -41.64
N PHE K 64 12.35 -15.28 -42.64
CA PHE K 64 11.90 -15.30 -44.03
C PHE K 64 11.02 -16.51 -44.28
N LEU K 65 11.46 -17.67 -43.80
CA LEU K 65 10.70 -18.89 -43.99
C LEU K 65 9.37 -18.81 -43.25
N LEU K 66 9.37 -18.30 -42.03
CA LEU K 66 8.12 -18.20 -41.30
C LEU K 66 7.13 -17.29 -42.03
N GLY K 67 7.63 -16.21 -42.63
CA GLY K 67 6.77 -15.39 -43.46
C GLY K 67 6.26 -16.13 -44.68
N TYR K 68 7.16 -16.83 -45.37
CA TYR K 68 6.81 -17.65 -46.52
C TYR K 68 5.79 -18.72 -46.19
N VAL K 69 5.69 -19.10 -44.93
CA VAL K 69 4.74 -20.12 -44.50
C VAL K 69 3.41 -19.51 -44.11
N LEU K 70 3.44 -18.42 -43.34
CA LEU K 70 2.27 -18.01 -42.58
C LEU K 70 1.13 -17.55 -43.49
N SER K 71 1.43 -16.81 -44.56
CA SER K 71 0.35 -16.21 -45.33
C SER K 71 -0.52 -17.26 -46.00
N ALA K 72 -1.83 -17.16 -45.78
CA ALA K 72 -2.76 -18.11 -46.39
C ALA K 72 -2.95 -17.89 -47.88
N ARG K 73 -2.47 -16.78 -48.45
CA ARG K 73 -2.70 -16.55 -49.86
C ARG K 73 -1.90 -17.53 -50.70
N THR K 74 -0.69 -17.87 -50.24
CA THR K 74 0.16 -18.75 -51.04
C THR K 74 -0.34 -20.18 -50.89
N TRP K 75 -0.80 -20.52 -49.69
CA TRP K 75 -1.29 -21.87 -49.44
C TRP K 75 -2.47 -22.15 -50.35
N ARG K 76 -3.30 -21.11 -50.56
CA ARG K 76 -4.45 -21.20 -51.45
C ARG K 76 -4.03 -21.65 -52.84
N LEU K 77 -2.87 -21.16 -53.29
CA LEU K 77 -2.32 -21.55 -54.59
C LEU K 77 -1.65 -22.92 -54.53
N LEU K 78 -1.08 -23.27 -53.39
CA LEU K 78 -0.21 -24.43 -53.34
C LEU K 78 -0.99 -25.74 -53.30
N THR K 79 -2.08 -25.78 -52.54
CA THR K 79 -2.79 -27.03 -52.35
C THR K 79 -3.42 -27.52 -53.66
N GLY K 80 -3.69 -28.82 -53.71
CA GLY K 80 -4.28 -29.43 -54.88
C GLY K 80 -3.34 -29.76 -56.02
N CYS K 81 -2.34 -30.63 -55.78
CA CYS K 81 -1.46 -31.10 -56.85
C CYS K 81 -0.79 -29.94 -57.57
N CYS K 82 -0.25 -29.00 -56.78
CA CYS K 82 0.41 -27.78 -57.26
C CYS K 82 -0.25 -27.19 -58.51
N ARG K 94 1.59 -16.56 -65.84
CA ARG K 94 0.77 -15.84 -64.88
C ARG K 94 1.24 -16.09 -63.45
N GLY K 95 1.80 -17.28 -63.24
CA GLY K 95 2.25 -17.69 -61.92
C GLY K 95 3.38 -16.84 -61.38
N SER K 96 4.06 -16.10 -62.24
CA SER K 96 5.19 -15.27 -61.79
C SER K 96 4.70 -14.11 -60.93
N LEU K 97 3.66 -13.42 -61.36
CA LEU K 97 3.24 -12.18 -60.69
C LEU K 97 2.86 -12.46 -59.23
N VAL K 98 1.98 -13.43 -59.04
CA VAL K 98 1.57 -13.79 -57.68
C VAL K 98 2.76 -14.27 -56.86
N CYS K 99 3.67 -15.01 -57.49
CA CYS K 99 4.80 -15.57 -56.75
C CYS K 99 5.75 -14.48 -56.27
N THR K 100 6.05 -13.51 -57.12
CA THR K 100 6.92 -12.43 -56.68
C THR K 100 6.20 -11.55 -55.67
N GLN K 101 4.88 -11.40 -55.81
CA GLN K 101 4.13 -10.62 -54.84
C GLN K 101 4.21 -11.25 -53.45
N ILE K 102 3.92 -12.55 -53.37
CA ILE K 102 3.96 -13.21 -52.07
C ILE K 102 5.38 -13.25 -51.53
N SER K 103 6.36 -13.47 -52.40
CA SER K 103 7.74 -13.55 -51.93
C SER K 103 8.19 -12.22 -51.33
N ALA K 104 7.80 -11.10 -51.94
CA ALA K 104 8.18 -9.82 -51.38
C ALA K 104 7.41 -9.53 -50.10
N ALA K 105 6.10 -9.81 -50.11
CA ALA K 105 5.29 -9.59 -48.92
C ALA K 105 5.77 -10.41 -47.75
N ALA K 106 6.40 -11.56 -48.00
CA ALA K 106 6.97 -12.33 -46.91
C ALA K 106 8.40 -11.95 -46.59
N ALA K 107 9.17 -11.47 -47.57
CA ALA K 107 10.54 -11.12 -47.30
C ALA K 107 10.65 -9.75 -46.64
N LEU K 108 9.53 -9.04 -46.53
CA LEU K 108 9.47 -7.83 -45.73
C LEU K 108 10.16 -7.98 -44.37
N ALA K 109 9.75 -8.96 -43.58
CA ALA K 109 10.17 -9.03 -42.19
C ALA K 109 11.63 -9.46 -42.02
N PRO K 110 12.09 -10.50 -42.75
CA PRO K 110 13.48 -10.93 -42.57
C PRO K 110 14.45 -9.82 -42.86
N LEU K 111 14.12 -8.99 -43.84
CA LEU K 111 14.95 -7.83 -44.11
C LEU K 111 14.94 -6.89 -42.92
N THR K 112 13.83 -6.79 -42.20
CA THR K 112 13.83 -5.96 -41.00
C THR K 112 14.74 -6.54 -39.93
N TRP K 113 14.69 -7.87 -39.74
CA TRP K 113 15.59 -8.49 -38.78
C TRP K 113 17.05 -8.28 -39.15
N VAL K 114 17.40 -8.53 -40.41
CA VAL K 114 18.80 -8.42 -40.80
C VAL K 114 19.24 -6.97 -40.74
N ALA K 115 18.32 -6.03 -40.97
CA ALA K 115 18.68 -4.63 -40.87
C ALA K 115 18.95 -4.25 -39.42
N VAL K 116 18.07 -4.69 -38.52
CA VAL K 116 18.28 -4.41 -37.10
C VAL K 116 19.59 -5.02 -36.63
N ALA K 117 19.88 -6.24 -37.06
CA ALA K 117 21.12 -6.89 -36.64
C ALA K 117 22.33 -6.16 -37.18
N LEU K 118 22.33 -5.87 -38.48
CA LEU K 118 23.43 -5.13 -39.09
C LEU K 118 23.61 -3.77 -38.46
N LEU K 119 22.52 -3.15 -38.00
CA LEU K 119 22.65 -1.92 -37.26
C LEU K 119 23.18 -2.18 -35.86
N GLY K 120 23.03 -3.42 -35.38
CA GLY K 120 23.66 -3.77 -34.13
C GLY K 120 25.17 -3.69 -34.22
N GLY K 121 25.72 -3.94 -35.40
CA GLY K 121 27.13 -3.77 -35.64
C GLY K 121 28.01 -4.95 -35.26
N ALA K 122 27.62 -5.70 -34.24
CA ALA K 122 28.46 -6.78 -33.74
C ALA K 122 28.66 -7.86 -34.79
N PHE K 123 27.60 -8.24 -35.50
CA PHE K 123 27.69 -9.36 -36.42
C PHE K 123 28.68 -9.05 -37.54
N TYR K 124 28.46 -7.94 -38.24
CA TYR K 124 29.35 -7.58 -39.33
C TYR K 124 30.75 -7.28 -38.81
N GLU K 125 30.84 -6.64 -37.64
CA GLU K 125 32.14 -6.45 -37.01
C GLU K 125 32.85 -7.77 -36.88
N CYS K 126 32.10 -8.84 -36.61
CA CYS K 126 32.73 -10.15 -36.57
C CYS K 126 33.02 -10.64 -37.98
N ALA K 127 32.24 -10.18 -38.96
CA ALA K 127 32.43 -10.54 -40.35
C ALA K 127 33.56 -9.76 -40.99
N ALA K 128 34.27 -8.94 -40.22
CA ALA K 128 35.36 -8.12 -40.72
C ALA K 128 36.33 -8.95 -41.55
N THR K 129 36.82 -10.04 -40.98
CA THR K 129 37.83 -10.89 -41.61
C THR K 129 37.37 -11.38 -42.97
N GLY K 130 36.31 -12.18 -43.01
CA GLY K 130 35.80 -12.71 -44.25
C GLY K 130 36.88 -13.39 -45.07
N SER K 131 36.75 -13.29 -46.39
CA SER K 131 37.84 -13.73 -47.25
C SER K 131 39.06 -12.82 -47.09
N ALA K 132 40.24 -13.39 -47.37
CA ALA K 132 41.46 -12.62 -47.24
C ALA K 132 41.47 -11.40 -48.16
N ALA K 133 40.74 -11.46 -49.27
CA ALA K 133 40.69 -10.32 -50.18
C ALA K 133 40.17 -9.09 -49.46
N PHE K 134 39.18 -9.28 -48.60
CA PHE K 134 38.62 -8.16 -47.86
C PHE K 134 39.66 -7.56 -46.92
N ALA K 135 40.48 -8.41 -46.30
CA ALA K 135 41.46 -7.90 -45.35
C ALA K 135 42.57 -7.16 -46.07
N GLN K 136 43.13 -7.80 -47.11
CA GLN K 136 44.25 -7.19 -47.83
C GLN K 136 43.83 -5.86 -48.46
N ARG K 137 42.62 -5.80 -49.02
CA ARG K 137 42.14 -4.53 -49.53
C ARG K 137 41.78 -3.58 -48.41
N LEU K 138 41.45 -4.11 -47.23
CA LEU K 138 40.86 -3.30 -46.18
C LEU K 138 41.90 -2.47 -45.43
N CYS K 139 42.85 -3.12 -44.77
CA CYS K 139 43.73 -2.39 -43.87
C CYS K 139 44.70 -1.50 -44.65
N LEU K 140 45.02 -0.36 -44.06
CA LEU K 140 45.90 0.63 -44.69
C LEU K 140 47.33 0.15 -44.85
N GLY K 141 47.67 -1.04 -44.35
CA GLY K 141 49.02 -1.52 -44.48
C GLY K 141 49.97 -0.90 -43.48
N ARG K 142 49.46 -0.32 -42.40
CA ARG K 142 50.31 0.36 -41.43
C ARG K 142 51.12 -0.64 -40.62
N ASN K 143 50.46 -1.55 -39.91
CA ASN K 143 51.19 -2.46 -39.05
C ASN K 143 51.94 -3.52 -39.85
N ARG K 144 51.57 -3.69 -41.13
CA ARG K 144 52.10 -4.70 -42.05
C ARG K 144 51.83 -6.10 -41.53
N SER K 145 51.14 -6.20 -40.41
CA SER K 145 50.79 -7.47 -39.78
C SER K 145 49.29 -7.65 -39.66
N CYS K 146 48.51 -7.08 -40.59
CA CYS K 146 47.06 -7.15 -40.47
C CYS K 146 46.65 -8.61 -40.52
N ALA K 147 46.83 -9.24 -41.69
CA ALA K 147 46.20 -10.53 -41.96
C ALA K 147 46.62 -11.59 -40.95
N ALA K 148 47.79 -11.43 -40.32
CA ALA K 148 48.28 -12.42 -39.38
C ALA K 148 47.32 -12.59 -38.21
N GLU K 149 47.05 -11.50 -37.49
CA GLU K 149 46.20 -11.55 -36.32
C GLU K 149 45.22 -10.39 -36.32
N LEU K 150 44.71 -10.04 -37.50
CA LEU K 150 43.56 -9.15 -37.55
C LEU K 150 42.36 -9.69 -36.78
N PRO K 151 41.99 -10.99 -36.89
CA PRO K 151 40.77 -11.46 -36.21
C PRO K 151 40.68 -11.07 -34.74
N LEU K 152 41.80 -10.67 -34.15
CA LEU K 152 41.80 -10.22 -32.77
C LEU K 152 41.22 -8.84 -32.60
N VAL K 153 40.85 -8.16 -33.68
CA VAL K 153 40.53 -6.74 -33.57
C VAL K 153 39.17 -6.51 -32.88
N PRO K 154 38.13 -7.31 -33.09
CA PRO K 154 36.93 -7.16 -32.25
C PRO K 154 37.12 -7.86 -30.92
N CYS K 155 38.13 -8.72 -30.84
CA CYS K 155 38.47 -9.47 -29.66
C CYS K 155 39.22 -8.61 -28.65
N ASN K 156 39.65 -7.43 -29.08
CA ASN K 156 40.33 -6.43 -28.26
C ASN K 156 41.68 -6.91 -27.73
N GLN K 157 42.17 -8.05 -28.21
CA GLN K 157 43.43 -8.60 -27.75
C GLN K 157 44.61 -8.03 -28.53
N ALA K 158 44.42 -7.71 -29.80
CA ALA K 158 45.47 -7.06 -30.56
C ALA K 158 45.68 -5.66 -30.03
N LYS K 159 46.94 -5.21 -30.01
CA LYS K 159 47.30 -3.93 -29.43
C LYS K 159 47.89 -2.95 -30.44
N ALA K 160 47.92 -3.30 -31.72
CA ALA K 160 48.37 -2.35 -32.73
C ALA K 160 47.37 -1.21 -32.85
N SER K 161 47.88 0.03 -32.82
CA SER K 161 47.00 1.19 -32.80
C SER K 161 46.12 1.23 -34.04
N ASP K 162 46.67 0.79 -35.18
CA ASP K 162 45.94 0.90 -36.45
C ASP K 162 44.64 0.11 -36.38
N VAL K 163 44.71 -1.13 -35.91
CA VAL K 163 43.51 -1.96 -35.89
C VAL K 163 42.60 -1.57 -34.75
N GLN K 164 43.16 -1.08 -33.63
CA GLN K 164 42.29 -0.62 -32.55
C GLN K 164 41.41 0.54 -33.01
N ASP K 165 41.89 1.35 -33.96
CA ASP K 165 41.03 2.33 -34.61
C ASP K 165 40.23 1.73 -35.75
N LEU K 166 40.71 0.65 -36.35
CA LEU K 166 40.03 0.08 -37.50
C LEU K 166 38.76 -0.65 -37.11
N LEU K 167 38.74 -1.23 -35.91
CA LEU K 167 37.53 -1.89 -35.44
C LEU K 167 36.37 -0.90 -35.41
N LYS K 168 36.67 0.34 -35.04
CA LYS K 168 35.64 1.36 -34.98
C LYS K 168 35.08 1.64 -36.37
N ASP K 169 35.98 1.79 -37.35
CA ASP K 169 35.55 1.99 -38.72
C ASP K 169 34.73 0.82 -39.23
N LEU K 170 35.08 -0.39 -38.81
CA LEU K 170 34.30 -1.56 -39.23
C LEU K 170 32.91 -1.53 -38.62
N LYS K 171 32.83 -1.16 -37.34
CA LYS K 171 31.52 -0.95 -36.71
C LYS K 171 30.72 0.07 -37.49
N ALA K 172 31.39 1.13 -37.93
CA ALA K 172 30.76 2.16 -38.73
C ALA K 172 30.21 1.57 -40.02
N GLN K 173 31.05 0.81 -40.74
CA GLN K 173 30.61 0.23 -42.00
C GLN K 173 29.40 -0.68 -41.77
N SER K 174 29.36 -1.35 -40.63
CA SER K 174 28.23 -2.21 -40.34
C SER K 174 26.97 -1.40 -40.18
N GLN K 175 27.02 -0.39 -39.30
CA GLN K 175 25.83 0.40 -39.02
C GLN K 175 25.37 1.12 -40.27
N VAL K 176 26.32 1.66 -41.04
CA VAL K 176 26.00 2.40 -42.24
C VAL K 176 25.35 1.50 -43.26
N LEU K 177 25.93 0.31 -43.47
CA LEU K 177 25.34 -0.62 -44.41
C LEU K 177 23.93 -0.98 -43.97
N GLY K 178 23.73 -1.16 -42.67
CA GLY K 178 22.41 -1.45 -42.16
C GLY K 178 21.42 -0.36 -42.50
N TRP K 179 21.83 0.90 -42.30
CA TRP K 179 20.94 2.00 -42.57
C TRP K 179 20.65 2.10 -44.06
N ILE K 180 21.67 1.83 -44.89
CA ILE K 180 21.48 1.82 -46.33
C ILE K 180 20.48 0.74 -46.73
N LEU K 181 20.57 -0.42 -46.07
CA LEU K 181 19.63 -1.50 -46.37
C LEU K 181 18.23 -1.13 -45.94
N ILE K 182 18.08 -0.51 -44.78
CA ILE K 182 16.74 -0.18 -44.32
C ILE K 182 16.16 0.95 -45.15
N ALA K 183 17.01 1.70 -45.83
CA ALA K 183 16.50 2.66 -46.80
C ALA K 183 16.10 1.97 -48.10
N VAL K 184 16.94 1.06 -48.58
CA VAL K 184 16.63 0.38 -49.82
C VAL K 184 15.35 -0.43 -49.69
N VAL K 185 15.13 -1.04 -48.52
CA VAL K 185 13.93 -1.84 -48.34
C VAL K 185 12.68 -0.99 -48.35
N ILE K 186 12.71 0.17 -47.69
CA ILE K 186 11.53 1.02 -47.71
C ILE K 186 11.30 1.56 -49.12
N ILE K 187 12.38 1.90 -49.82
CA ILE K 187 12.24 2.37 -51.20
C ILE K 187 11.56 1.30 -52.05
N ILE K 188 12.03 0.06 -51.93
CA ILE K 188 11.45 -1.03 -52.70
C ILE K 188 9.98 -1.22 -52.34
N LEU K 189 9.67 -1.13 -51.04
CA LEU K 189 8.28 -1.24 -50.62
C LEU K 189 7.45 -0.14 -51.25
N LEU K 190 7.97 1.08 -51.27
CA LEU K 190 7.29 2.19 -51.92
C LEU K 190 6.98 1.86 -53.37
N ILE K 191 8.01 1.51 -54.13
CA ILE K 191 7.83 1.30 -55.56
C ILE K 191 6.86 0.16 -55.81
N PHE K 192 6.99 -0.91 -55.03
CA PHE K 192 6.12 -2.07 -55.16
C PHE K 192 4.67 -1.68 -54.93
N THR K 193 4.38 -1.11 -53.77
CA THR K 193 2.99 -0.80 -53.43
C THR K 193 2.44 0.30 -54.33
N SER K 194 3.28 1.21 -54.82
CA SER K 194 2.80 2.27 -55.69
C SER K 194 2.41 1.73 -57.05
N VAL K 195 3.29 0.92 -57.65
CA VAL K 195 2.96 0.33 -58.94
C VAL K 195 1.74 -0.58 -58.82
N THR K 196 1.69 -1.39 -57.76
CA THR K 196 0.54 -2.25 -57.57
C THR K 196 -0.72 -1.43 -57.36
N ARG K 197 -0.58 -0.24 -56.78
CA ARG K 197 -1.68 0.69 -56.63
C ARG K 197 -1.89 1.58 -57.84
N CYS K 198 -0.96 1.61 -58.78
CA CYS K 198 -1.08 2.54 -59.90
C CYS K 198 -1.83 1.96 -61.09
N LEU K 199 -1.52 0.73 -61.46
CA LEU K 199 -2.00 0.15 -62.71
C LEU K 199 -3.28 -0.67 -62.54
N SER K 200 -3.81 -0.78 -61.34
CA SER K 200 -5.04 -1.55 -61.17
C SER K 200 -6.21 -0.82 -61.82
N PRO K 201 -7.14 -1.56 -62.44
CA PRO K 201 -8.28 -0.89 -63.10
C PRO K 201 -9.27 -0.30 -62.13
N VAL K 202 -9.53 -0.98 -61.00
CA VAL K 202 -10.52 -0.52 -60.06
C VAL K 202 -10.00 0.73 -59.34
N SER K 203 -10.93 1.55 -58.89
CA SER K 203 -10.56 2.75 -58.16
C SER K 203 -10.20 2.43 -56.71
N PHE K 204 -9.85 3.50 -55.99
CA PHE K 204 -9.43 3.37 -54.60
C PHE K 204 -10.63 3.10 -53.70
N LEU K 205 -11.56 4.06 -53.66
CA LEU K 205 -12.66 3.98 -52.71
C LEU K 205 -13.47 2.72 -52.89
N GLN K 206 -13.35 2.06 -54.04
CA GLN K 206 -13.94 0.75 -54.20
C GLN K 206 -13.01 -0.35 -53.72
N LEU K 207 -11.70 -0.19 -53.88
CA LEU K 207 -10.78 -1.21 -53.41
C LEU K 207 -10.85 -1.36 -51.91
N LYS K 208 -10.97 -0.23 -51.20
CA LYS K 208 -11.10 -0.28 -49.76
C LYS K 208 -12.35 -1.07 -49.37
N PHE K 209 -13.46 -0.72 -50.00
CA PHE K 209 -14.71 -1.42 -49.75
C PHE K 209 -14.60 -2.90 -50.08
N TRP K 210 -13.88 -3.23 -51.14
CA TRP K 210 -13.70 -4.63 -51.50
C TRP K 210 -12.93 -5.38 -50.42
N LYS K 211 -11.88 -4.76 -49.89
CA LYS K 211 -11.12 -5.42 -48.84
C LYS K 211 -11.96 -5.59 -47.57
N ILE K 212 -12.77 -4.58 -47.25
CA ILE K 212 -13.71 -4.71 -46.15
C ILE K 212 -14.65 -5.88 -46.42
N TYR K 213 -15.09 -6.00 -47.66
CA TYR K 213 -15.97 -7.08 -48.07
C TYR K 213 -15.33 -8.43 -47.81
N LEU K 214 -14.09 -8.59 -48.26
CA LEU K 214 -13.41 -9.87 -48.07
C LEU K 214 -13.22 -10.18 -46.60
N GLU K 215 -12.92 -9.16 -45.79
CA GLU K 215 -12.80 -9.35 -44.35
C GLU K 215 -14.11 -9.85 -43.76
N GLN K 216 -15.21 -9.17 -44.08
CA GLN K 216 -16.51 -9.58 -43.55
C GLN K 216 -16.86 -10.97 -44.02
N GLU K 217 -16.51 -11.29 -45.26
CA GLU K 217 -16.80 -12.61 -45.79
C GLU K 217 -16.03 -13.67 -45.02
N GLN K 218 -14.76 -13.39 -44.71
CA GLN K 218 -13.98 -14.34 -43.95
C GLN K 218 -14.57 -14.58 -42.57
N GLN K 219 -14.94 -13.50 -41.88
CA GLN K 219 -15.49 -13.66 -40.54
C GLN K 219 -16.83 -14.40 -40.56
N ILE K 220 -17.70 -14.03 -41.50
CA ILE K 220 -18.99 -14.70 -41.61
C ILE K 220 -18.80 -16.16 -41.94
N LEU K 221 -17.87 -16.45 -42.85
CA LEU K 221 -17.58 -17.84 -43.20
C LEU K 221 -17.12 -18.61 -41.99
N LYS K 222 -16.18 -18.06 -41.23
CA LYS K 222 -15.73 -18.72 -40.02
C LYS K 222 -16.92 -19.07 -39.13
N SER K 223 -17.74 -18.08 -38.81
CA SER K 223 -18.83 -18.30 -37.87
C SER K 223 -19.83 -19.33 -38.38
N LYS K 224 -20.33 -19.13 -39.60
CA LYS K 224 -21.42 -19.95 -40.07
C LYS K 224 -20.95 -21.36 -40.41
N ALA K 225 -19.76 -21.48 -41.01
CA ALA K 225 -19.20 -22.81 -41.22
C ALA K 225 -19.00 -23.51 -39.89
N THR K 226 -18.58 -22.79 -38.86
CA THR K 226 -18.44 -23.38 -37.54
C THR K 226 -19.75 -23.99 -37.08
N GLU K 227 -20.83 -23.19 -37.12
CA GLU K 227 -22.08 -23.68 -36.57
C GLU K 227 -22.67 -24.77 -37.45
N HIS K 228 -22.40 -24.73 -38.75
CA HIS K 228 -22.91 -25.74 -39.65
C HIS K 228 -22.20 -27.07 -39.44
N ALA K 229 -20.89 -27.04 -39.26
CA ALA K 229 -20.17 -28.24 -38.88
C ALA K 229 -20.66 -28.75 -37.53
N THR K 230 -21.00 -27.83 -36.63
CA THR K 230 -21.51 -28.22 -35.33
C THR K 230 -22.82 -28.99 -35.46
N GLU K 231 -23.74 -28.48 -36.27
CA GLU K 231 -25.02 -29.16 -36.43
C GLU K 231 -24.85 -30.49 -37.15
N LEU K 232 -23.96 -30.54 -38.14
CA LEU K 232 -23.65 -31.80 -38.82
C LEU K 232 -23.18 -32.84 -37.82
N ALA K 233 -22.19 -32.47 -37.00
CA ALA K 233 -21.65 -33.39 -36.00
C ALA K 233 -22.72 -33.83 -35.02
N LYS K 234 -23.56 -32.88 -34.59
CA LYS K 234 -24.62 -33.21 -33.64
C LYS K 234 -25.54 -34.26 -34.22
N GLU K 235 -25.99 -34.04 -35.46
CA GLU K 235 -26.90 -34.98 -36.10
C GLU K 235 -26.25 -36.35 -36.23
N ASN K 236 -25.01 -36.39 -36.71
CA ASN K 236 -24.39 -37.68 -36.95
C ASN K 236 -24.13 -38.43 -35.64
N ILE K 237 -23.72 -37.71 -34.60
CA ILE K 237 -23.43 -38.38 -33.34
C ILE K 237 -24.72 -38.84 -32.66
N LYS K 238 -25.82 -38.12 -32.88
CA LYS K 238 -27.09 -38.60 -32.36
C LYS K 238 -27.52 -39.86 -33.09
N CYS K 239 -27.37 -39.86 -34.41
CA CYS K 239 -27.68 -41.06 -35.18
C CYS K 239 -26.79 -42.23 -34.77
N PHE K 240 -25.57 -41.94 -34.33
CA PHE K 240 -24.70 -43.02 -33.87
C PHE K 240 -25.16 -43.57 -32.52
N PHE K 241 -25.44 -42.68 -31.57
CA PHE K 241 -25.93 -43.17 -30.28
C PHE K 241 -27.21 -43.98 -30.45
N GLU K 242 -28.12 -43.49 -31.29
CA GLU K 242 -29.33 -44.27 -31.53
C GLU K 242 -29.03 -45.49 -32.38
N GLY K 243 -28.19 -45.34 -33.40
CA GLY K 243 -27.93 -46.44 -34.31
C GLY K 243 -28.97 -46.48 -35.39
N SER K 244 -29.13 -45.39 -36.13
CA SER K 244 -30.13 -45.34 -37.19
C SER K 244 -29.62 -44.50 -38.35
N HIS K 245 -30.45 -44.37 -39.36
CA HIS K 245 -30.08 -43.69 -40.58
C HIS K 245 -29.95 -42.19 -40.32
N PRO K 246 -29.04 -41.51 -41.01
CA PRO K 246 -28.91 -40.06 -40.83
C PRO K 246 -29.99 -39.32 -41.62
N LYS K 247 -29.93 -37.99 -41.55
CA LYS K 247 -31.00 -37.19 -42.14
C LYS K 247 -30.79 -36.97 -43.62
N GLU K 248 -29.53 -36.80 -44.03
CA GLU K 248 -29.20 -36.41 -45.40
C GLU K 248 -29.88 -35.07 -45.72
N TYR K 249 -29.38 -34.05 -45.03
CA TYR K 249 -29.92 -32.70 -45.21
C TYR K 249 -29.41 -32.10 -46.51
N ASN K 250 -28.09 -32.07 -46.69
CA ASN K 250 -27.47 -31.48 -47.86
C ASN K 250 -26.00 -31.87 -47.86
N THR K 251 -25.35 -31.61 -49.00
CA THR K 251 -23.97 -32.00 -49.23
C THR K 251 -23.17 -30.81 -49.74
N PRO K 252 -22.24 -30.27 -48.96
CA PRO K 252 -21.30 -29.31 -49.55
C PRO K 252 -20.37 -30.04 -50.50
N SER K 253 -20.54 -29.78 -51.79
CA SER K 253 -19.82 -30.53 -52.81
C SER K 253 -18.34 -30.20 -52.80
N MET K 254 -17.51 -31.24 -52.79
CA MET K 254 -16.07 -31.05 -52.76
C MET K 254 -15.58 -30.42 -54.06
N LYS K 255 -16.11 -30.88 -55.19
CA LYS K 255 -15.78 -30.23 -56.46
C LYS K 255 -16.17 -28.76 -56.42
N GLU K 256 -17.30 -28.46 -55.77
CA GLU K 256 -17.70 -27.07 -55.59
C GLU K 256 -16.67 -26.33 -54.74
N TRP K 257 -16.18 -26.99 -53.69
CA TRP K 257 -15.15 -26.39 -52.85
C TRP K 257 -13.94 -26.02 -53.67
N GLN K 258 -13.49 -26.94 -54.52
CA GLN K 258 -12.36 -26.63 -55.37
C GLN K 258 -12.71 -25.52 -56.35
N GLN K 259 -13.95 -25.51 -56.85
CA GLN K 259 -14.34 -24.51 -57.81
C GLN K 259 -14.29 -23.11 -57.20
N ILE K 260 -14.61 -23.00 -55.91
CA ILE K 260 -14.65 -21.71 -55.25
C ILE K 260 -13.31 -21.33 -54.64
N SER K 261 -12.28 -22.16 -54.81
CA SER K 261 -10.96 -21.89 -54.29
C SER K 261 -10.08 -21.11 -55.26
N SER K 262 -10.63 -20.70 -56.41
CA SER K 262 -9.85 -19.97 -57.39
C SER K 262 -9.27 -18.69 -56.79
N LEU K 263 -8.26 -18.16 -57.48
CA LEU K 263 -7.37 -17.15 -56.92
C LEU K 263 -7.57 -15.76 -57.50
N TYR K 264 -7.73 -15.62 -58.82
CA TYR K 264 -7.54 -14.32 -59.46
C TYR K 264 -8.62 -13.34 -59.04
N THR K 265 -9.89 -13.72 -59.19
CA THR K 265 -11.03 -12.92 -58.74
C THR K 265 -11.07 -11.54 -59.43
N PHE K 266 -10.90 -11.53 -60.75
CA PHE K 266 -11.20 -10.30 -61.46
C PHE K 266 -11.36 -10.53 -62.96
N ASN K 267 -12.31 -9.77 -63.51
CA ASN K 267 -12.57 -9.60 -64.93
C ASN K 267 -13.32 -8.28 -65.04
N PRO K 268 -12.94 -7.41 -65.99
CA PRO K 268 -13.59 -6.10 -66.06
C PRO K 268 -15.10 -6.16 -66.15
N LYS K 269 -15.64 -7.16 -66.86
CA LYS K 269 -17.08 -7.22 -67.04
C LYS K 269 -17.76 -7.78 -65.80
N GLY K 270 -17.47 -9.03 -65.47
CA GLY K 270 -18.09 -9.68 -64.33
C GLY K 270 -17.43 -9.39 -63.00
N GLN K 271 -17.75 -8.23 -62.42
CA GLN K 271 -17.07 -7.73 -61.23
C GLN K 271 -16.81 -8.83 -60.19
N TYR K 272 -17.89 -9.41 -59.67
CA TYR K 272 -17.92 -10.73 -59.03
C TYR K 272 -16.67 -11.03 -58.21
N TYR K 273 -16.48 -10.23 -57.16
CA TYR K 273 -15.37 -10.46 -56.26
C TYR K 273 -15.52 -11.82 -55.61
N SER K 274 -14.44 -12.31 -55.01
CA SER K 274 -14.55 -13.45 -54.09
C SER K 274 -15.18 -14.66 -54.79
N MET K 275 -14.39 -15.34 -55.62
CA MET K 275 -14.84 -16.32 -56.61
C MET K 275 -16.10 -17.07 -56.21
N LEU K 276 -16.26 -17.37 -54.92
CA LEU K 276 -17.52 -17.89 -54.44
C LEU K 276 -18.67 -17.03 -54.95
N HIS K 277 -18.53 -15.71 -54.78
CA HIS K 277 -19.56 -14.80 -55.28
C HIS K 277 -19.64 -14.81 -56.80
N LYS K 278 -18.52 -14.98 -57.49
CA LYS K 278 -18.58 -15.10 -58.94
C LYS K 278 -19.42 -16.30 -59.35
N TYR K 279 -19.36 -17.36 -58.55
CA TYR K 279 -20.11 -18.59 -58.79
C TYR K 279 -21.48 -18.48 -58.10
N VAL K 280 -22.29 -17.56 -58.63
CA VAL K 280 -23.70 -17.50 -58.29
C VAL K 280 -24.59 -17.42 -59.52
N ASN K 281 -24.03 -17.36 -60.72
CA ASN K 281 -24.87 -17.32 -61.91
C ASN K 281 -25.37 -18.71 -62.29
N ARG K 282 -24.56 -19.74 -62.08
CA ARG K 282 -24.96 -21.11 -62.38
C ARG K 282 -24.26 -22.10 -61.45
#